data_3HAE
#
_entry.id   3HAE
#
_cell.length_a   70.794
_cell.length_b   105.596
_cell.length_c   256.451
_cell.angle_alpha   90.00
_cell.angle_beta   92.26
_cell.angle_gamma   90.00
#
_symmetry.space_group_name_H-M   'P 1 21 1'
#
loop_
_entity.id
_entity.type
_entity.pdbx_description
1 polymer 'HLA class I histocompatibility antigen, A-2 alpha chain'
2 polymer Beta-2-microglobulin
3 polymer 'NYESO-1 peptide'
4 polymer 'Antibody light chain'
5 polymer 'Antibody heavy chain'
#
loop_
_entity_poly.entity_id
_entity_poly.type
_entity_poly.pdbx_seq_one_letter_code
_entity_poly.pdbx_strand_id
1 'polypeptide(L)'
;GSHSMRYFFTSVSRPGRGEPRFIAVGYVDDTQFVRFDSDAASQRMEPRAPWIEQEGPEYWDGETRKVKAHSQTHRVDLGT
LRGYYNQSEAGSHTVQRMYGCDVGSDWRFLRGYHQYAYDGKDYIALKEDLRSWTAADMAAQTTKHKWEAAHVAEQLRAYL
EGTCVEWLRRYLENGKETLQRTDAPKTHMTHHAVSDHEATLRCWALSFYPAEITLTWQRDGEDQTQDTELVETRPAGDGT
FQKWAAVVVPSGQEQRYTCHVQHEGLPKPLTLRWEP
;
A,D,J,P
2 'polypeptide(L)'
;MIQRTPKIQVYSRHPAENGKSNFLNCYVSGFHPSDIEVDLLKNGERIEKVEHSDLSFSKDWSFYLLYYTEFTPTEKDEYA
CRVNHVTLSQPKIVKWDRDM
;
B,E,K,Q
3 'polypeptide(L)' SLLMWITQV C,F,M,R
4 'polypeptide(L)'
;QSELTQPRSVSGSPGQSVTISCTGTSRDVGGYNYVSWYQQHPGKAPKLIIHDVIIRPSGVPDRFSGSKSGNTASLTISGL
QAEDEAHYYCWSFAGSYYVFGTGTDVTVLGQPKANPTVTLFPPSSEELQANKATLVCLISDFYPGAVTVAWKADGSPVKA
GVETTKPSKQSNNKYAASSYLSLTPEQWKSHRSYSCQVTHEGNTVEKTVAPT
;
L,G,N,S
5 'polypeptide(L)'
;EVQLLESGGGLVQPGGSLRLSCAASGFTFSAYGMGWVRQAPGKGLEWVSSIGSSGGGTAYADSVKGRFTISRDNSKNTLY
LQMNSLRAEDTAVYYCAGELLPYYGMDVWGQGTTVTVSSASTKGPSVFPLAPSSKSTSGGTAALGCLVKDYFPEPVTVSW
NSGALTSGVHTFPAVLQSSGLYSLSSVVTVPSSSLGTQTYICNVNHKPSNTKVDKKVEPK
;
H,I,O,T
#
# COMPACT_ATOMS: atom_id res chain seq x y z
N GLY A 1 29.34 -31.88 -14.03
CA GLY A 1 28.00 -31.23 -13.92
C GLY A 1 27.64 -31.10 -12.46
N SER A 2 26.51 -30.46 -12.18
CA SER A 2 26.10 -30.16 -10.79
C SER A 2 25.68 -31.38 -9.97
N HIS A 3 25.52 -31.23 -8.66
CA HIS A 3 25.19 -32.35 -7.77
C HIS A 3 24.36 -31.88 -6.62
N SER A 4 23.66 -32.81 -5.96
CA SER A 4 22.79 -32.51 -4.83
C SER A 4 22.79 -33.61 -3.78
N MET A 5 22.28 -33.24 -2.61
CA MET A 5 21.96 -34.21 -1.59
C MET A 5 20.64 -33.79 -1.00
N ARG A 6 19.74 -34.76 -0.89
CA ARG A 6 18.40 -34.50 -0.38
C ARG A 6 17.96 -35.62 0.55
N TYR A 7 17.37 -35.27 1.68
CA TYR A 7 16.63 -36.24 2.42
C TYR A 7 15.13 -36.01 2.30
N PHE A 8 14.39 -37.11 2.26
CA PHE A 8 12.96 -37.10 2.24
C PHE A 8 12.39 -37.87 3.40
N PHE A 9 11.38 -37.32 4.04
CA PHE A 9 10.78 -37.99 5.16
C PHE A 9 9.27 -38.01 5.00
N THR A 10 8.63 -39.07 5.44
CA THR A 10 7.20 -39.17 5.30
C THR A 10 6.57 -39.79 6.50
N SER A 11 5.65 -39.12 7.18
CA SER A 11 4.83 -39.91 8.10
C SER A 11 3.35 -39.88 7.87
N VAL A 12 2.73 -41.00 8.21
CA VAL A 12 1.37 -41.24 7.88
C VAL A 12 0.73 -41.75 9.16
N SER A 13 -0.29 -41.03 9.66
CA SER A 13 -0.99 -41.43 10.88
C SER A 13 -1.72 -42.70 10.56
N ARG A 14 -1.95 -43.52 11.56
CA ARG A 14 -2.84 -44.64 11.39
C ARG A 14 -3.58 -44.85 12.68
N PRO A 15 -4.56 -43.95 12.99
CA PRO A 15 -5.29 -44.09 14.23
C PRO A 15 -5.96 -45.46 14.34
N GLY A 16 -5.86 -46.07 15.52
CA GLY A 16 -6.35 -47.43 15.73
C GLY A 16 -5.25 -48.49 15.67
N ARG A 17 -4.42 -48.48 14.62
CA ARG A 17 -3.19 -49.25 14.67
C ARG A 17 -2.21 -48.40 15.50
N GLY A 18 -0.99 -48.90 15.73
CA GLY A 18 0.07 -48.15 16.46
C GLY A 18 0.38 -46.67 16.19
N GLU A 19 1.65 -46.40 15.99
CA GLU A 19 2.17 -45.09 15.77
C GLU A 19 2.28 -44.86 14.27
N PRO A 20 2.48 -43.59 13.84
CA PRO A 20 2.62 -43.31 12.42
C PRO A 20 3.74 -44.12 11.76
N ARG A 21 3.51 -44.51 10.50
CA ARG A 21 4.54 -45.09 9.68
C ARG A 21 5.50 -44.01 9.33
N PHE A 22 6.78 -44.23 9.59
CA PHE A 22 7.78 -43.24 9.23
C PHE A 22 8.80 -43.80 8.24
N ILE A 23 8.95 -43.12 7.12
CA ILE A 23 9.85 -43.55 6.08
C ILE A 23 10.78 -42.41 5.67
N ALA A 24 12.07 -42.65 5.72
CA ALA A 24 13.07 -41.63 5.40
C ALA A 24 14.05 -42.21 4.40
N VAL A 25 14.42 -41.40 3.40
CA VAL A 25 15.49 -41.81 2.48
C VAL A 25 16.41 -40.63 2.19
N GLY A 26 17.70 -40.89 1.93
CA GLY A 26 18.62 -39.84 1.52
C GLY A 26 19.14 -40.14 0.14
N TYR A 27 19.35 -39.10 -0.67
CA TYR A 27 19.86 -39.32 -2.05
C TYR A 27 21.06 -38.43 -2.27
N VAL A 28 21.93 -38.84 -3.17
CA VAL A 28 22.96 -37.95 -3.71
C VAL A 28 22.76 -37.97 -5.22
N ASP A 29 22.46 -36.81 -5.81
CA ASP A 29 21.85 -36.79 -7.13
C ASP A 29 20.74 -37.85 -7.17
N ASP A 30 20.81 -38.80 -8.09
CA ASP A 30 19.76 -39.80 -8.28
C ASP A 30 20.05 -41.19 -7.72
N THR A 31 20.81 -41.26 -6.63
CA THR A 31 21.27 -42.49 -6.03
C THR A 31 20.89 -42.45 -4.59
N GLN A 32 20.00 -43.35 -4.20
CA GLN A 32 19.52 -43.39 -2.81
C GLN A 32 20.64 -44.08 -2.05
N PHE A 33 20.98 -43.59 -0.88
CA PHE A 33 22.09 -44.18 -0.18
C PHE A 33 21.78 -44.62 1.26
N VAL A 34 20.75 -44.02 1.86
CA VAL A 34 20.28 -44.46 3.14
C VAL A 34 18.75 -44.57 3.13
N ARG A 35 18.23 -45.38 4.05
CA ARG A 35 16.80 -45.54 4.23
C ARG A 35 16.59 -45.80 5.72
N PHE A 36 15.42 -45.45 6.20
CA PHE A 36 14.91 -45.92 7.48
C PHE A 36 13.42 -46.10 7.35
N ASP A 37 12.90 -47.21 7.89
CA ASP A 37 11.48 -47.53 7.83
C ASP A 37 11.00 -47.97 9.18
N SER A 38 10.14 -47.16 9.82
CA SER A 38 9.62 -47.48 11.15
C SER A 38 9.07 -48.89 11.23
N ASP A 39 8.51 -49.39 10.14
CA ASP A 39 7.95 -50.74 10.16
C ASP A 39 8.90 -51.88 9.95
N ALA A 40 10.14 -51.60 9.59
CA ALA A 40 11.09 -52.68 9.37
C ALA A 40 11.65 -53.21 10.70
N ALA A 41 12.26 -54.39 10.62
CA ALA A 41 12.76 -55.16 11.76
C ALA A 41 13.87 -54.46 12.54
N SER A 42 14.84 -53.95 11.79
CA SER A 42 16.12 -53.59 12.38
C SER A 42 16.10 -52.29 13.19
N GLN A 43 15.12 -51.42 12.94
CA GLN A 43 15.02 -50.16 13.67
C GLN A 43 16.27 -49.31 13.57
N ARG A 44 16.89 -49.37 12.40
CA ARG A 44 18.17 -48.73 12.13
C ARG A 44 18.18 -47.97 10.79
N MET A 45 19.01 -46.95 10.67
CA MET A 45 19.31 -46.37 9.37
C MET A 45 20.16 -47.38 8.67
N GLU A 46 19.82 -47.71 7.43
CA GLU A 46 20.50 -48.81 6.73
C GLU A 46 21.15 -48.31 5.49
N PRO A 47 22.30 -48.90 5.11
CA PRO A 47 23.03 -48.54 3.89
C PRO A 47 22.29 -49.00 2.64
N ARG A 48 22.45 -48.29 1.52
CA ARG A 48 21.72 -48.62 0.27
C ARG A 48 22.56 -48.32 -0.96
N ALA A 49 23.80 -47.93 -0.71
CA ALA A 49 24.78 -47.85 -1.78
C ALA A 49 26.08 -48.28 -1.15
N PRO A 50 26.88 -49.08 -1.86
CA PRO A 50 28.17 -49.60 -1.35
C PRO A 50 28.98 -48.55 -0.59
N TRP A 51 29.19 -47.38 -1.22
CA TRP A 51 30.09 -46.32 -0.68
C TRP A 51 29.74 -45.71 0.67
N ILE A 52 28.53 -45.91 1.15
CA ILE A 52 28.20 -45.36 2.47
C ILE A 52 28.52 -46.41 3.49
N GLU A 53 28.65 -47.65 3.05
CA GLU A 53 28.97 -48.77 3.91
C GLU A 53 30.31 -48.60 4.62
N GLN A 54 31.22 -47.85 3.98
CA GLN A 54 32.53 -47.44 4.56
C GLN A 54 32.45 -46.73 5.87
N GLU A 55 31.38 -45.97 6.11
CA GLU A 55 31.27 -45.19 7.34
C GLU A 55 31.26 -46.08 8.58
N GLY A 56 31.97 -45.64 9.61
CA GLY A 56 32.14 -46.47 10.79
C GLY A 56 30.93 -46.49 11.72
N PRO A 57 30.99 -47.34 12.76
CA PRO A 57 29.90 -47.56 13.70
C PRO A 57 29.26 -46.29 14.20
N GLU A 58 30.07 -45.28 14.52
CA GLU A 58 29.56 -44.05 15.11
C GLU A 58 28.59 -43.29 14.14
N TYR A 59 28.91 -43.24 12.85
CA TYR A 59 27.97 -42.84 11.80
C TYR A 59 26.60 -43.52 11.93
N TRP A 60 26.54 -44.84 11.77
CA TRP A 60 25.29 -45.57 11.93
C TRP A 60 24.56 -45.33 13.25
N ASP A 61 25.24 -45.49 14.38
CA ASP A 61 24.62 -45.09 15.66
C ASP A 61 24.03 -43.68 15.61
N GLY A 62 24.79 -42.71 15.12
CA GLY A 62 24.40 -41.30 15.12
C GLY A 62 23.25 -41.03 14.16
N GLU A 63 23.36 -41.53 12.95
CA GLU A 63 22.33 -41.29 11.97
C GLU A 63 21.06 -41.98 12.44
N THR A 64 21.16 -43.20 12.98
CA THR A 64 19.97 -43.86 13.50
C THR A 64 19.27 -42.99 14.52
N ARG A 65 20.05 -42.36 15.40
CA ARG A 65 19.50 -41.57 16.46
C ARG A 65 18.82 -40.31 15.93
N LYS A 66 19.47 -39.64 14.99
CA LYS A 66 18.94 -38.46 14.40
C LYS A 66 17.66 -38.72 13.60
N VAL A 67 17.63 -39.85 12.88
CA VAL A 67 16.46 -40.15 12.06
C VAL A 67 15.31 -40.51 12.99
N LYS A 68 15.63 -41.17 14.09
CA LYS A 68 14.60 -41.46 15.06
C LYS A 68 13.95 -40.17 15.53
N ALA A 69 14.78 -39.15 15.82
CA ALA A 69 14.30 -37.91 16.38
C ALA A 69 13.45 -37.18 15.36
N HIS A 70 13.86 -37.24 14.09
CA HIS A 70 12.99 -36.74 13.05
C HIS A 70 11.63 -37.40 13.21
N SER A 71 11.60 -38.73 13.26
CA SER A 71 10.29 -39.40 13.29
C SER A 71 9.47 -38.95 14.50
N GLN A 72 10.10 -38.90 15.67
CA GLN A 72 9.43 -38.50 16.86
C GLN A 72 8.94 -37.07 16.76
N THR A 73 9.64 -36.21 16.03
CA THR A 73 9.19 -34.83 15.83
C THR A 73 7.95 -34.77 14.93
N HIS A 74 7.95 -35.56 13.85
CA HIS A 74 6.79 -35.70 12.97
C HIS A 74 5.58 -36.18 13.77
N ARG A 75 5.85 -37.07 14.72
CA ARG A 75 4.80 -37.61 15.57
C ARG A 75 4.13 -36.47 16.30
N VAL A 76 4.91 -35.54 16.82
CA VAL A 76 4.35 -34.42 17.55
C VAL A 76 3.65 -33.52 16.55
N ASP A 77 4.25 -33.45 15.36
CA ASP A 77 3.76 -32.54 14.34
C ASP A 77 2.37 -32.94 13.87
N LEU A 78 2.19 -34.22 13.63
CA LEU A 78 0.87 -34.70 13.28
C LEU A 78 -0.18 -34.13 14.24
N GLY A 79 0.06 -34.27 15.53
CA GLY A 79 -0.86 -33.80 16.52
C GLY A 79 -1.04 -32.30 16.44
N THR A 80 0.05 -31.56 16.37
CA THR A 80 -0.11 -30.12 16.46
C THR A 80 -0.92 -29.69 15.25
N LEU A 81 -0.73 -30.38 14.15
CA LEU A 81 -1.43 -30.01 12.94
C LEU A 81 -2.94 -30.29 13.04
N ARG A 82 -3.29 -31.54 13.36
CA ARG A 82 -4.63 -31.95 13.65
C ARG A 82 -5.33 -30.80 14.39
N GLY A 83 -4.64 -30.29 15.41
CA GLY A 83 -5.14 -29.20 16.24
C GLY A 83 -5.36 -27.92 15.47
N TYR A 84 -4.33 -27.40 14.79
CA TYR A 84 -4.46 -26.14 14.04
C TYR A 84 -5.57 -26.20 12.99
N TYR A 85 -5.82 -27.37 12.42
CA TYR A 85 -6.84 -27.51 11.37
C TYR A 85 -8.22 -28.03 11.87
N ASN A 86 -8.50 -27.91 13.18
CA ASN A 86 -9.59 -28.67 13.88
C ASN A 86 -10.06 -29.92 13.19
N GLN A 87 -9.20 -30.92 13.10
CA GLN A 87 -9.51 -32.21 12.48
C GLN A 87 -9.71 -33.25 13.58
N SER A 88 -10.59 -34.22 13.36
CA SER A 88 -10.83 -35.22 14.40
C SER A 88 -9.73 -36.28 14.40
N GLU A 89 -9.52 -36.87 15.58
CA GLU A 89 -8.51 -37.91 15.81
C GLU A 89 -8.71 -39.10 14.87
N ALA A 90 -9.89 -39.17 14.25
CA ALA A 90 -10.33 -40.30 13.43
C ALA A 90 -9.58 -40.52 12.13
N GLY A 91 -9.37 -39.46 11.35
CA GLY A 91 -8.76 -39.58 10.02
C GLY A 91 -7.25 -39.80 10.01
N SER A 92 -6.76 -40.37 8.91
CA SER A 92 -5.32 -40.50 8.68
C SER A 92 -4.77 -39.28 7.93
N HIS A 93 -3.59 -38.80 8.33
CA HIS A 93 -3.01 -37.60 7.72
C HIS A 93 -1.51 -37.82 7.43
N THR A 94 -0.94 -36.98 6.57
CA THR A 94 0.43 -37.16 6.19
C THR A 94 1.22 -35.89 6.31
N VAL A 95 2.36 -35.95 6.96
CA VAL A 95 3.38 -34.91 6.89
C VAL A 95 4.52 -35.38 6.00
N GLN A 96 5.09 -34.45 5.22
CA GLN A 96 6.21 -34.76 4.32
C GLN A 96 7.22 -33.67 4.46
N ARG A 97 8.49 -34.03 4.60
CA ARG A 97 9.56 -33.07 4.77
C ARG A 97 10.66 -33.39 3.81
N MET A 98 11.24 -32.37 3.20
CA MET A 98 12.40 -32.57 2.36
C MET A 98 13.32 -31.41 2.51
N TYR A 99 14.61 -31.69 2.66
CA TYR A 99 15.59 -30.64 2.65
C TYR A 99 16.93 -31.13 2.09
N GLY A 100 17.84 -30.22 1.82
CA GLY A 100 19.13 -30.58 1.25
C GLY A 100 19.76 -29.43 0.52
N CYS A 101 20.75 -29.72 -0.33
CA CYS A 101 21.48 -28.65 -1.01
C CYS A 101 22.04 -29.03 -2.35
N ASP A 102 22.23 -28.05 -3.24
CA ASP A 102 22.87 -28.24 -4.53
C ASP A 102 24.19 -27.50 -4.56
N VAL A 103 25.15 -28.06 -5.30
CA VAL A 103 26.42 -27.40 -5.60
C VAL A 103 26.66 -27.46 -7.09
N GLY A 104 27.49 -26.57 -7.60
CA GLY A 104 27.86 -26.55 -9.03
C GLY A 104 28.96 -27.55 -9.37
N SER A 105 29.45 -27.51 -10.60
CA SER A 105 30.53 -28.40 -11.09
C SER A 105 31.84 -28.32 -10.31
N ASP A 106 32.01 -27.21 -9.59
CA ASP A 106 33.16 -26.98 -8.71
C ASP A 106 32.89 -27.40 -7.27
N TRP A 107 31.67 -27.90 -7.01
CA TRP A 107 31.22 -28.35 -5.68
C TRP A 107 31.06 -27.22 -4.70
N ARG A 108 31.06 -26.00 -5.22
CA ARG A 108 30.80 -24.86 -4.38
C ARG A 108 29.28 -24.72 -4.21
N PHE A 109 28.85 -24.27 -3.05
CA PHE A 109 27.42 -24.17 -2.74
C PHE A 109 26.64 -23.38 -3.78
N LEU A 110 25.42 -23.83 -4.03
CA LEU A 110 24.58 -23.27 -5.07
C LEU A 110 23.16 -22.85 -4.59
N ARG A 111 22.46 -23.78 -3.92
CA ARG A 111 21.10 -23.57 -3.45
C ARG A 111 20.81 -24.44 -2.24
N GLY A 112 19.95 -23.96 -1.36
CA GLY A 112 19.48 -24.79 -0.26
C GLY A 112 17.97 -24.98 -0.24
N TYR A 113 17.53 -26.11 0.32
CA TYR A 113 16.12 -26.43 0.40
C TYR A 113 15.66 -26.80 1.79
N HIS A 114 14.44 -26.40 2.14
CA HIS A 114 13.74 -27.04 3.25
C HIS A 114 12.25 -26.79 3.21
N GLN A 115 11.48 -27.86 3.08
CA GLN A 115 10.06 -27.67 2.98
C GLN A 115 9.22 -28.78 3.56
N TYR A 116 7.94 -28.49 3.68
CA TYR A 116 7.10 -29.21 4.56
C TYR A 116 5.69 -29.20 4.06
N ALA A 117 5.13 -30.39 3.87
CA ALA A 117 3.77 -30.49 3.35
C ALA A 117 2.90 -31.12 4.40
N TYR A 118 1.64 -30.70 4.42
CA TYR A 118 0.59 -31.38 5.19
C TYR A 118 -0.50 -31.83 4.24
N ASP A 119 -1.02 -33.05 4.46
CA ASP A 119 -1.89 -33.79 3.54
C ASP A 119 -1.74 -33.43 2.04
N GLY A 120 -0.52 -33.53 1.53
CA GLY A 120 -0.31 -33.33 0.10
C GLY A 120 -0.39 -31.93 -0.47
N LYS A 121 -0.32 -30.92 0.39
CA LYS A 121 -0.29 -29.51 -0.03
C LYS A 121 0.88 -28.88 0.72
N ASP A 122 1.46 -27.79 0.21
CA ASP A 122 2.50 -27.11 1.01
C ASP A 122 1.96 -26.75 2.34
N TYR A 123 2.87 -26.52 3.28
CA TYR A 123 2.52 -25.94 4.55
C TYR A 123 3.50 -24.85 4.88
N ILE A 124 4.79 -25.18 4.92
CA ILE A 124 5.76 -24.16 5.14
C ILE A 124 7.06 -24.50 4.43
N ALA A 125 7.76 -23.47 3.95
CA ALA A 125 8.99 -23.68 3.17
C ALA A 125 9.94 -22.55 3.42
N LEU A 126 11.20 -22.87 3.43
CA LEU A 126 12.21 -21.88 3.63
C LEU A 126 12.46 -21.27 2.26
N LYS A 127 12.25 -19.96 2.12
CA LYS A 127 12.49 -19.27 0.84
C LYS A 127 13.92 -19.46 0.30
N GLU A 128 14.14 -19.07 -0.95
CA GLU A 128 15.45 -19.31 -1.56
C GLU A 128 16.62 -18.61 -0.86
N ASP A 129 16.37 -17.48 -0.20
CA ASP A 129 17.40 -16.73 0.47
C ASP A 129 17.81 -17.34 1.83
N LEU A 130 17.20 -18.47 2.18
CA LEU A 130 17.41 -19.13 3.45
C LEU A 130 17.37 -18.18 4.64
N ARG A 131 16.52 -17.17 4.56
CA ARG A 131 16.43 -16.15 5.61
C ARG A 131 14.99 -15.88 6.02
N SER A 132 14.04 -16.15 5.14
CA SER A 132 12.61 -16.00 5.43
C SER A 132 11.77 -17.24 5.04
N TRP A 133 10.50 -17.23 5.47
CA TRP A 133 9.58 -18.34 5.21
C TRP A 133 8.41 -17.99 4.29
N THR A 134 7.84 -19.02 3.68
CA THR A 134 6.56 -18.95 2.97
C THR A 134 5.63 -19.86 3.71
N ALA A 135 4.57 -19.28 4.23
CA ALA A 135 3.52 -20.09 4.82
C ALA A 135 2.48 -20.27 3.76
N ALA A 136 2.00 -21.50 3.56
CA ALA A 136 1.07 -21.78 2.46
C ALA A 136 -0.33 -21.20 2.70
N ASP A 137 -0.68 -21.01 3.95
CA ASP A 137 -2.00 -20.56 4.33
C ASP A 137 -1.99 -19.98 5.76
N MET A 138 -3.16 -19.74 6.28
CA MET A 138 -3.31 -19.04 7.51
C MET A 138 -2.78 -19.86 8.69
N ALA A 139 -3.08 -21.15 8.70
CA ALA A 139 -2.63 -21.98 9.82
C ALA A 139 -1.09 -21.92 9.93
N ALA A 140 -0.42 -22.06 8.78
CA ALA A 140 1.03 -22.04 8.71
C ALA A 140 1.64 -20.72 9.22
N GLN A 141 0.84 -19.65 9.25
CA GLN A 141 1.32 -18.35 9.72
C GLN A 141 1.75 -18.46 11.18
N THR A 142 1.03 -19.27 11.94
CA THR A 142 1.36 -19.54 13.33
C THR A 142 2.74 -20.17 13.42
N THR A 143 3.00 -21.19 12.60
CA THR A 143 4.34 -21.74 12.56
C THR A 143 5.35 -20.66 12.16
N LYS A 144 5.13 -20.03 11.02
CA LYS A 144 6.11 -19.04 10.54
C LYS A 144 6.46 -18.04 11.66
N HIS A 145 5.46 -17.53 12.37
CA HIS A 145 5.73 -16.60 13.46
C HIS A 145 6.56 -17.24 14.61
N LYS A 146 6.21 -18.47 14.98
CA LYS A 146 6.96 -19.27 15.96
C LYS A 146 8.41 -19.35 15.52
N TRP A 147 8.65 -19.94 14.35
CA TRP A 147 9.99 -20.15 13.80
C TRP A 147 10.77 -18.90 13.49
N GLU A 148 10.08 -17.76 13.34
CA GLU A 148 10.76 -16.49 13.17
C GLU A 148 11.37 -16.04 14.50
N ALA A 149 10.52 -15.97 15.52
CA ALA A 149 10.94 -15.71 16.89
C ALA A 149 12.06 -16.63 17.39
N ALA A 150 11.91 -17.93 17.10
CA ALA A 150 12.84 -18.95 17.47
C ALA A 150 14.17 -18.94 16.65
N HIS A 151 14.31 -18.01 15.70
CA HIS A 151 15.48 -17.93 14.80
C HIS A 151 15.85 -19.20 14.07
N VAL A 152 14.85 -20.03 13.83
CA VAL A 152 15.01 -21.29 13.15
C VAL A 152 15.86 -21.23 11.88
N ALA A 153 15.63 -20.21 11.03
CA ALA A 153 16.26 -20.15 9.70
C ALA A 153 17.77 -20.10 9.83
N GLU A 154 18.24 -19.21 10.69
CA GLU A 154 19.63 -19.07 11.03
C GLU A 154 20.30 -20.47 11.16
N GLN A 155 19.71 -21.35 11.98
CA GLN A 155 20.27 -22.70 12.11
C GLN A 155 20.21 -23.49 10.85
N LEU A 156 19.03 -23.56 10.24
CA LEU A 156 18.86 -24.18 8.93
C LEU A 156 19.93 -23.71 7.93
N ARG A 157 20.12 -22.38 7.88
CA ARG A 157 21.01 -21.85 6.88
C ARG A 157 22.42 -22.40 7.07
N ALA A 158 22.93 -22.34 8.31
CA ALA A 158 24.26 -22.80 8.58
C ALA A 158 24.40 -24.26 8.12
N TYR A 159 23.37 -25.07 8.34
CA TYR A 159 23.46 -26.44 7.93
C TYR A 159 23.54 -26.55 6.42
N LEU A 160 22.53 -25.99 5.77
CA LEU A 160 22.46 -26.06 4.32
C LEU A 160 23.65 -25.43 3.60
N GLU A 161 24.07 -24.24 3.99
CA GLU A 161 25.24 -23.62 3.38
C GLU A 161 26.57 -24.34 3.66
N GLY A 162 26.66 -25.01 4.81
CA GLY A 162 27.92 -25.54 5.30
C GLY A 162 27.90 -27.05 5.39
N THR A 163 27.44 -27.55 6.53
CA THR A 163 27.40 -28.98 6.84
C THR A 163 26.85 -29.78 5.70
N CYS A 164 25.73 -29.36 5.15
CA CYS A 164 25.14 -30.08 4.02
C CYS A 164 26.17 -30.26 2.94
N VAL A 165 26.81 -29.18 2.52
CA VAL A 165 27.66 -29.29 1.35
C VAL A 165 28.96 -30.04 1.63
N GLU A 166 29.42 -29.99 2.90
CA GLU A 166 30.68 -30.65 3.27
C GLU A 166 30.46 -32.15 3.18
N TRP A 167 29.27 -32.59 3.59
CA TRP A 167 29.01 -34.02 3.60
C TRP A 167 28.78 -34.53 2.21
N LEU A 168 28.08 -33.73 1.41
CA LEU A 168 27.89 -34.03 0.04
C LEU A 168 29.28 -34.19 -0.64
N ARG A 169 30.18 -33.22 -0.40
CA ARG A 169 31.57 -33.33 -0.87
C ARG A 169 32.22 -34.66 -0.49
N ARG A 170 32.15 -35.00 0.79
CA ARG A 170 32.70 -36.27 1.27
C ARG A 170 32.12 -37.45 0.49
N TYR A 171 30.80 -37.53 0.47
CA TYR A 171 30.13 -38.58 -0.22
C TYR A 171 30.64 -38.70 -1.65
N LEU A 172 30.68 -37.60 -2.37
CA LEU A 172 31.07 -37.65 -3.77
C LEU A 172 32.46 -38.20 -3.91
N GLU A 173 33.36 -37.73 -3.06
CA GLU A 173 34.72 -38.19 -3.08
C GLU A 173 34.74 -39.69 -2.82
N ASN A 174 34.09 -40.12 -1.74
CA ASN A 174 34.15 -41.54 -1.40
C ASN A 174 33.48 -42.41 -2.46
N GLY A 175 32.43 -41.85 -3.07
CA GLY A 175 31.66 -42.55 -4.09
C GLY A 175 32.07 -42.26 -5.52
N LYS A 176 33.24 -41.66 -5.69
CA LYS A 176 33.80 -41.30 -7.00
C LYS A 176 33.49 -42.32 -8.09
N GLU A 177 33.85 -43.57 -7.83
CA GLU A 177 33.68 -44.65 -8.79
C GLU A 177 32.28 -44.67 -9.43
N THR A 178 31.24 -44.51 -8.61
CA THR A 178 29.87 -44.64 -9.09
C THR A 178 29.19 -43.29 -9.30
N LEU A 179 29.34 -42.37 -8.35
CA LEU A 179 28.54 -41.17 -8.36
C LEU A 179 28.95 -40.14 -9.38
N GLN A 180 30.23 -40.13 -9.79
CA GLN A 180 30.64 -39.16 -10.79
C GLN A 180 30.97 -39.82 -12.11
N ARG A 181 30.52 -41.06 -12.24
CA ARG A 181 30.41 -41.67 -13.57
C ARG A 181 29.30 -40.92 -14.29
N THR A 182 29.37 -40.92 -15.61
CA THR A 182 28.22 -40.56 -16.45
C THR A 182 28.06 -41.64 -17.48
N ASP A 183 26.85 -42.20 -17.52
CA ASP A 183 26.50 -43.23 -18.47
C ASP A 183 25.72 -42.63 -19.62
N ALA A 184 26.36 -42.54 -20.79
CA ALA A 184 25.73 -42.07 -22.01
C ALA A 184 24.52 -42.96 -22.28
N PRO A 185 23.44 -42.41 -22.86
CA PRO A 185 22.29 -43.25 -23.19
C PRO A 185 22.56 -44.18 -24.37
N LYS A 186 22.08 -45.42 -24.30
CA LYS A 186 22.00 -46.21 -25.52
C LYS A 186 20.69 -45.85 -26.24
N THR A 187 20.77 -45.49 -27.52
CA THR A 187 19.61 -44.92 -28.21
C THR A 187 19.28 -45.70 -29.46
N HIS A 188 17.99 -45.84 -29.73
CA HIS A 188 17.53 -46.43 -30.99
C HIS A 188 16.10 -45.94 -31.28
N MET A 189 15.60 -46.19 -32.49
CA MET A 189 14.24 -45.77 -32.86
C MET A 189 13.45 -46.92 -33.39
N THR A 190 12.19 -47.01 -32.99
CA THR A 190 11.29 -48.04 -33.47
C THR A 190 10.19 -47.41 -34.29
N HIS A 191 9.47 -48.22 -35.05
CA HIS A 191 8.46 -47.75 -35.97
C HIS A 191 7.29 -48.72 -35.97
N HIS A 192 6.09 -48.24 -35.68
CA HIS A 192 4.91 -49.09 -35.82
C HIS A 192 3.81 -48.47 -36.67
N ALA A 193 3.39 -49.19 -37.71
CA ALA A 193 2.31 -48.70 -38.54
C ALA A 193 1.02 -48.77 -37.72
N VAL A 194 0.55 -47.59 -37.27
CA VAL A 194 -0.77 -47.43 -36.63
C VAL A 194 -2.04 -47.68 -37.55
N SER A 195 -1.93 -47.37 -38.85
CA SER A 195 -2.95 -47.69 -39.87
C SER A 195 -2.31 -47.54 -41.25
N ASP A 196 -3.12 -47.64 -42.29
CA ASP A 196 -2.70 -47.33 -43.65
C ASP A 196 -2.07 -45.95 -43.77
N HIS A 197 -2.56 -45.01 -42.94
CA HIS A 197 -2.32 -43.56 -43.13
C HIS A 197 -1.35 -42.95 -42.14
N GLU A 198 -1.13 -43.59 -40.96
CA GLU A 198 -0.27 -43.04 -39.87
C GLU A 198 0.78 -44.08 -39.34
N ALA A 199 1.88 -43.60 -38.74
CA ALA A 199 2.80 -44.51 -38.04
C ALA A 199 3.47 -43.81 -36.88
N THR A 200 3.70 -44.54 -35.78
CA THR A 200 4.40 -43.98 -34.61
C THR A 200 5.89 -44.20 -34.72
N LEU A 201 6.65 -43.13 -34.45
CA LEU A 201 8.10 -43.19 -34.41
C LEU A 201 8.44 -43.00 -32.97
N ARG A 202 9.07 -44.01 -32.38
CA ARG A 202 9.43 -43.93 -30.96
C ARG A 202 10.93 -43.94 -30.78
N CYS A 203 11.39 -42.96 -30.04
CA CYS A 203 12.81 -42.69 -29.81
C CYS A 203 13.15 -43.09 -28.37
N TRP A 204 14.11 -43.99 -28.24
CA TRP A 204 14.45 -44.59 -26.95
C TRP A 204 15.81 -44.19 -26.44
N ALA A 205 15.91 -44.11 -25.14
CA ALA A 205 17.11 -43.70 -24.45
C ALA A 205 17.20 -44.60 -23.20
N LEU A 206 18.04 -45.63 -23.29
CA LEU A 206 18.19 -46.62 -22.21
C LEU A 206 19.51 -46.56 -21.44
N SER A 207 19.51 -47.08 -20.22
CA SER A 207 20.73 -47.27 -19.43
C SER A 207 21.60 -46.01 -19.30
N PHE A 208 21.02 -44.89 -18.88
CA PHE A 208 21.82 -43.68 -18.71
C PHE A 208 21.85 -43.25 -17.27
N TYR A 209 22.86 -42.44 -16.91
CA TYR A 209 23.01 -41.85 -15.60
C TYR A 209 23.89 -40.65 -15.79
N PRO A 210 23.49 -39.49 -15.23
CA PRO A 210 22.33 -39.25 -14.36
C PRO A 210 20.98 -39.31 -15.05
N ALA A 211 19.92 -39.08 -14.29
CA ALA A 211 18.57 -39.13 -14.82
C ALA A 211 18.21 -37.92 -15.66
N GLU A 212 18.95 -36.83 -15.51
CA GLU A 212 18.69 -35.63 -16.29
C GLU A 212 18.92 -35.85 -17.79
N ILE A 213 17.83 -35.82 -18.56
CA ILE A 213 17.89 -36.02 -20.01
C ILE A 213 16.85 -35.19 -20.77
N THR A 214 17.12 -34.92 -22.05
CA THR A 214 16.15 -34.23 -22.90
C THR A 214 15.96 -34.94 -24.23
N LEU A 215 14.73 -35.34 -24.54
CA LEU A 215 14.37 -35.87 -25.86
C LEU A 215 13.36 -34.96 -26.54
N THR A 216 13.71 -34.50 -27.73
CA THR A 216 12.91 -33.56 -28.47
C THR A 216 12.81 -34.11 -29.88
N TRP A 217 11.68 -33.83 -30.51
CA TRP A 217 11.43 -34.15 -31.91
C TRP A 217 11.61 -32.95 -32.80
N GLN A 218 12.06 -33.19 -34.01
CA GLN A 218 12.11 -32.12 -34.99
C GLN A 218 11.52 -32.60 -36.28
N ARG A 219 10.91 -31.71 -37.02
CA ARG A 219 10.52 -32.04 -38.39
C ARG A 219 11.07 -30.96 -39.30
N ASP A 220 11.75 -31.43 -40.34
CA ASP A 220 12.57 -30.58 -41.22
C ASP A 220 13.43 -29.61 -40.42
N GLY A 221 14.01 -30.05 -39.32
CA GLY A 221 14.87 -29.21 -38.53
C GLY A 221 14.17 -28.13 -37.75
N GLU A 222 12.87 -28.26 -37.50
CA GLU A 222 12.20 -27.30 -36.59
C GLU A 222 11.44 -27.99 -35.45
N ASP A 223 11.63 -27.48 -34.24
CA ASP A 223 11.07 -28.05 -33.02
C ASP A 223 9.62 -28.45 -33.25
N GLN A 224 9.32 -29.73 -33.01
CA GLN A 224 8.00 -30.34 -33.23
C GLN A 224 7.34 -30.85 -31.92
N THR A 225 6.23 -30.22 -31.55
CA THR A 225 5.50 -30.50 -30.32
C THR A 225 4.20 -31.30 -30.53
N GLN A 226 3.42 -30.94 -31.54
CA GLN A 226 2.16 -31.61 -31.85
C GLN A 226 2.35 -33.10 -32.04
N ASP A 227 1.33 -33.87 -31.62
CA ASP A 227 1.31 -35.35 -31.79
C ASP A 227 2.55 -36.03 -31.21
N THR A 228 2.88 -35.63 -30.00
CA THR A 228 4.08 -36.07 -29.34
C THR A 228 3.71 -36.63 -27.98
N GLU A 229 4.11 -37.87 -27.72
CA GLU A 229 4.03 -38.44 -26.35
C GLU A 229 5.42 -38.47 -25.83
N LEU A 230 5.57 -38.18 -24.55
CA LEU A 230 6.86 -38.26 -23.90
C LEU A 230 6.62 -38.74 -22.48
N VAL A 231 7.24 -39.85 -22.09
CA VAL A 231 6.99 -40.43 -20.75
C VAL A 231 7.97 -39.98 -19.66
N GLU A 232 7.54 -40.08 -18.41
CA GLU A 232 8.40 -39.81 -17.26
C GLU A 232 9.66 -40.65 -17.32
N THR A 233 10.83 -40.07 -17.03
CA THR A 233 12.07 -40.88 -16.87
C THR A 233 11.85 -41.94 -15.80
N ARG A 234 12.29 -43.17 -16.08
CA ARG A 234 12.02 -44.28 -15.18
C ARG A 234 13.28 -45.03 -14.79
N PRO A 235 13.28 -45.65 -13.57
CA PRO A 235 14.47 -46.36 -13.14
C PRO A 235 14.51 -47.69 -13.82
N ALA A 236 15.68 -48.06 -14.34
CA ALA A 236 15.88 -49.39 -14.92
C ALA A 236 15.82 -50.40 -13.80
N GLY A 237 16.26 -49.97 -12.62
CA GLY A 237 16.34 -50.85 -11.44
C GLY A 237 17.72 -51.40 -11.16
N ASP A 238 18.70 -50.98 -11.96
CA ASP A 238 20.09 -51.34 -11.74
C ASP A 238 20.93 -50.06 -11.66
N GLY A 239 20.32 -49.02 -11.16
CA GLY A 239 21.04 -47.78 -11.00
C GLY A 239 20.97 -46.79 -12.16
N THR A 240 20.61 -47.27 -13.37
CA THR A 240 20.49 -46.42 -14.54
C THR A 240 19.04 -46.13 -14.88
N PHE A 241 18.79 -45.39 -15.96
CA PHE A 241 17.42 -44.89 -16.29
C PHE A 241 17.02 -45.03 -17.75
N GLN A 242 15.71 -44.93 -17.99
CA GLN A 242 15.10 -45.00 -19.31
C GLN A 242 14.15 -43.82 -19.52
N LYS A 243 14.03 -43.38 -20.78
CA LYS A 243 12.95 -42.48 -21.24
C LYS A 243 12.62 -42.83 -22.71
N TRP A 244 11.41 -42.45 -23.16
CA TRP A 244 11.12 -42.41 -24.59
C TRP A 244 10.24 -41.27 -25.03
N ALA A 245 10.36 -40.96 -26.32
CA ALA A 245 9.54 -39.96 -27.00
C ALA A 245 8.92 -40.55 -28.26
N ALA A 246 7.64 -40.28 -28.49
CA ALA A 246 7.03 -40.71 -29.75
C ALA A 246 6.31 -39.56 -30.48
N VAL A 247 6.35 -39.60 -31.82
CA VAL A 247 5.45 -38.84 -32.71
C VAL A 247 4.64 -39.78 -33.61
N VAL A 248 3.42 -39.38 -33.92
CA VAL A 248 2.71 -40.09 -34.96
C VAL A 248 2.88 -39.25 -36.21
N VAL A 249 3.11 -39.88 -37.35
CA VAL A 249 3.49 -39.18 -38.59
C VAL A 249 2.72 -39.75 -39.76
N PRO A 250 2.36 -38.90 -40.74
CA PRO A 250 1.70 -39.47 -41.90
C PRO A 250 2.62 -40.50 -42.57
N SER A 251 2.08 -41.65 -42.98
CA SER A 251 2.93 -42.65 -43.63
C SER A 251 3.56 -42.06 -44.89
N GLY A 252 4.81 -42.44 -45.15
CA GLY A 252 5.58 -41.82 -46.23
C GLY A 252 6.36 -40.56 -45.86
N GLN A 253 6.14 -40.02 -44.67
CA GLN A 253 6.78 -38.77 -44.25
C GLN A 253 7.84 -38.97 -43.19
N GLU A 254 8.03 -40.23 -42.81
CA GLU A 254 8.95 -40.63 -41.78
C GLU A 254 10.35 -39.97 -41.86
N GLN A 255 10.90 -39.86 -43.05
CA GLN A 255 12.19 -39.22 -43.24
C GLN A 255 12.31 -37.74 -42.82
N ARG A 256 11.19 -37.04 -42.67
CA ARG A 256 11.19 -35.63 -42.30
C ARG A 256 11.56 -35.40 -40.84
N TYR A 257 11.34 -36.40 -40.01
CA TYR A 257 11.46 -36.27 -38.56
C TYR A 257 12.77 -36.82 -38.06
N THR A 258 13.32 -36.15 -37.05
CA THR A 258 14.56 -36.54 -36.44
C THR A 258 14.37 -36.38 -34.96
N CYS A 259 14.98 -37.28 -34.20
CA CYS A 259 14.94 -37.20 -32.74
C CYS A 259 16.28 -36.71 -32.17
N HIS A 260 16.19 -35.89 -31.13
CA HIS A 260 17.35 -35.24 -30.58
C HIS A 260 17.50 -35.55 -29.14
N VAL A 261 18.68 -36.05 -28.76
CA VAL A 261 18.93 -36.50 -27.41
C VAL A 261 20.04 -35.65 -26.81
N GLN A 262 19.82 -35.10 -25.64
CA GLN A 262 20.93 -34.47 -24.95
C GLN A 262 21.02 -34.97 -23.54
N HIS A 263 22.26 -35.21 -23.13
CA HIS A 263 22.55 -35.85 -21.84
C HIS A 263 23.98 -35.52 -21.55
N GLU A 264 24.29 -35.32 -20.28
CA GLU A 264 25.63 -34.90 -19.94
C GLU A 264 26.73 -35.89 -20.34
N GLY A 265 26.39 -37.18 -20.37
CA GLY A 265 27.31 -38.21 -20.85
C GLY A 265 27.76 -38.18 -22.31
N LEU A 266 27.10 -37.36 -23.13
CA LEU A 266 27.37 -37.30 -24.54
C LEU A 266 28.19 -36.06 -24.89
N PRO A 267 29.36 -36.26 -25.52
CA PRO A 267 30.17 -35.09 -25.90
C PRO A 267 29.37 -34.09 -26.76
N LYS A 268 28.66 -34.58 -27.77
CA LYS A 268 27.80 -33.74 -28.59
C LYS A 268 26.44 -34.42 -28.66
N PRO A 269 25.32 -33.65 -28.78
CA PRO A 269 24.01 -34.30 -28.70
C PRO A 269 23.75 -35.12 -29.96
N LEU A 270 22.95 -36.16 -29.81
CA LEU A 270 22.70 -37.05 -30.92
C LEU A 270 21.47 -36.65 -31.73
N THR A 271 21.48 -37.05 -32.99
CA THR A 271 20.32 -36.90 -33.81
C THR A 271 20.06 -38.30 -34.35
N LEU A 272 18.85 -38.82 -34.16
CA LEU A 272 18.46 -40.08 -34.78
C LEU A 272 17.39 -39.84 -35.82
N ARG A 273 17.45 -40.56 -36.94
CA ARG A 273 16.47 -40.48 -38.02
C ARG A 273 16.06 -41.90 -38.37
N TRP A 274 14.76 -42.17 -38.47
CA TRP A 274 14.27 -43.52 -38.83
C TRP A 274 15.07 -44.07 -39.95
N GLU A 275 15.50 -45.31 -39.70
CA GLU A 275 16.71 -45.94 -40.19
C GLU A 275 16.22 -47.19 -40.92
N PRO A 276 15.53 -47.00 -42.05
CA PRO A 276 14.42 -47.93 -42.47
C PRO A 276 14.73 -49.40 -42.20
N MET B 1 -7.53 -33.12 1.92
CA MET B 1 -6.45 -33.94 1.26
C MET B 1 -6.42 -33.60 -0.21
N ILE B 2 -5.21 -33.35 -0.74
CA ILE B 2 -5.01 -33.22 -2.18
C ILE B 2 -4.70 -34.59 -2.78
N GLN B 3 -5.56 -35.14 -3.61
CA GLN B 3 -5.26 -36.48 -4.05
C GLN B 3 -4.72 -36.46 -5.48
N ARG B 4 -3.86 -37.41 -5.81
CA ARG B 4 -3.26 -37.43 -7.11
C ARG B 4 -3.23 -38.81 -7.70
N THR B 5 -3.94 -38.94 -8.81
CA THR B 5 -4.04 -40.21 -9.44
C THR B 5 -2.69 -40.62 -10.03
N PRO B 6 -2.21 -41.85 -9.66
CA PRO B 6 -0.96 -42.54 -10.04
C PRO B 6 -0.72 -42.72 -11.54
N LYS B 7 0.43 -42.28 -12.09
CA LYS B 7 0.87 -42.66 -13.46
C LYS B 7 1.67 -43.97 -13.37
N ILE B 8 1.46 -44.88 -14.32
CA ILE B 8 1.96 -46.26 -14.27
C ILE B 8 2.74 -46.73 -15.51
N GLN B 9 4.01 -47.10 -15.38
CA GLN B 9 4.70 -47.73 -16.51
C GLN B 9 5.16 -49.14 -16.15
N VAL B 10 5.19 -50.05 -17.11
CA VAL B 10 5.57 -51.44 -16.88
C VAL B 10 6.50 -51.92 -17.98
N TYR B 11 7.71 -52.29 -17.58
CA TYR B 11 8.79 -52.58 -18.54
C TYR B 11 9.83 -53.55 -17.96
N SER B 12 10.63 -54.14 -18.85
CA SER B 12 11.75 -55.00 -18.48
C SER B 12 12.96 -54.14 -18.19
N ARG B 13 13.82 -54.57 -17.29
CA ARG B 13 14.98 -53.77 -16.96
C ARG B 13 15.99 -53.81 -18.11
N HIS B 14 15.90 -54.88 -18.88
CA HIS B 14 16.82 -55.09 -19.94
C HIS B 14 16.01 -55.37 -21.18
N PRO B 15 16.43 -54.82 -22.32
CA PRO B 15 15.79 -55.27 -23.53
C PRO B 15 15.44 -56.77 -23.36
N ALA B 16 14.18 -57.14 -23.52
CA ALA B 16 13.75 -58.50 -23.20
C ALA B 16 14.15 -59.48 -24.29
N GLU B 17 14.85 -60.54 -23.91
CA GLU B 17 15.27 -61.54 -24.88
C GLU B 17 14.61 -62.90 -24.63
N ASN B 18 13.46 -63.12 -25.25
CA ASN B 18 12.63 -64.34 -25.12
C ASN B 18 13.38 -65.64 -24.76
N GLY B 19 13.28 -66.08 -23.51
CA GLY B 19 14.12 -67.16 -22.97
C GLY B 19 15.06 -66.76 -21.82
N LYS B 20 15.58 -65.52 -21.83
CA LYS B 20 16.70 -65.09 -20.95
C LYS B 20 16.24 -64.26 -19.77
N SER B 21 16.82 -64.54 -18.60
CA SER B 21 16.39 -63.96 -17.33
C SER B 21 16.68 -62.51 -17.25
N ASN B 22 15.74 -61.81 -16.63
CA ASN B 22 15.62 -60.39 -16.67
C ASN B 22 14.81 -59.97 -15.45
N PHE B 23 14.47 -58.69 -15.35
CA PHE B 23 13.59 -58.25 -14.30
C PHE B 23 12.41 -57.59 -14.95
N LEU B 24 11.24 -57.82 -14.39
CA LEU B 24 10.05 -57.10 -14.79
C LEU B 24 9.80 -56.00 -13.79
N ASN B 25 9.58 -54.79 -14.28
CA ASN B 25 9.41 -53.66 -13.40
C ASN B 25 8.06 -53.09 -13.58
N CYS B 26 7.47 -52.62 -12.48
CA CYS B 26 6.43 -51.63 -12.70
C CYS B 26 6.49 -50.36 -11.84
N TYR B 27 6.62 -49.24 -12.54
CA TYR B 27 6.88 -47.90 -11.99
C TYR B 27 5.61 -47.11 -11.69
N VAL B 28 5.32 -46.88 -10.42
CA VAL B 28 4.14 -46.07 -10.16
C VAL B 28 4.58 -44.77 -9.57
N SER B 29 4.20 -43.69 -10.24
CA SER B 29 4.56 -42.37 -9.73
C SER B 29 3.43 -41.37 -9.84
N GLY B 30 3.50 -40.30 -9.05
CA GLY B 30 2.55 -39.19 -9.15
C GLY B 30 1.34 -39.35 -8.26
N PHE B 31 1.43 -40.16 -7.21
CA PHE B 31 0.21 -40.51 -6.47
C PHE B 31 0.14 -39.98 -5.04
N HIS B 32 -1.05 -39.54 -4.60
CA HIS B 32 -1.21 -39.08 -3.24
C HIS B 32 -2.62 -39.42 -2.88
N PRO B 33 -2.85 -40.03 -1.70
CA PRO B 33 -1.88 -40.37 -0.67
C PRO B 33 -1.09 -41.68 -0.93
N SER B 34 -0.11 -41.95 -0.09
CA SER B 34 0.85 -43.02 -0.27
C SER B 34 0.31 -44.43 -0.15
N ASP B 35 -0.74 -44.67 0.62
CA ASP B 35 -1.22 -46.05 0.65
C ASP B 35 -1.64 -46.56 -0.72
N ILE B 36 -1.15 -47.75 -1.05
CA ILE B 36 -1.25 -48.24 -2.46
C ILE B 36 -1.15 -49.78 -2.61
N GLU B 37 -1.79 -50.35 -3.65
CA GLU B 37 -1.69 -51.82 -3.88
C GLU B 37 -1.08 -52.06 -5.20
N VAL B 38 0.10 -52.66 -5.24
CA VAL B 38 0.68 -52.99 -6.53
C VAL B 38 0.91 -54.49 -6.62
N ASP B 39 0.44 -55.05 -7.74
CA ASP B 39 0.65 -56.44 -8.08
C ASP B 39 1.29 -56.48 -9.42
N LEU B 40 2.13 -57.51 -9.59
CA LEU B 40 2.63 -57.89 -10.89
C LEU B 40 2.00 -59.22 -11.20
N LEU B 41 1.48 -59.37 -12.42
CA LEU B 41 0.69 -60.52 -12.77
C LEU B 41 1.29 -61.29 -13.91
N LYS B 42 1.49 -62.59 -13.74
CA LYS B 42 1.79 -63.48 -14.87
C LYS B 42 0.52 -64.22 -15.21
N ASN B 43 0.03 -64.03 -16.43
CA ASN B 43 -1.21 -64.70 -16.90
C ASN B 43 -2.39 -64.32 -16.03
N GLY B 44 -2.47 -63.04 -15.67
CA GLY B 44 -3.48 -62.52 -14.73
C GLY B 44 -3.41 -63.19 -13.36
N GLU B 45 -2.32 -63.90 -13.11
CA GLU B 45 -2.06 -64.49 -11.80
C GLU B 45 -1.05 -63.62 -11.07
N ARG B 46 -1.23 -63.48 -9.76
CA ARG B 46 -0.46 -62.57 -8.93
C ARG B 46 0.88 -63.20 -8.58
N ILE B 47 1.99 -62.74 -9.17
CA ILE B 47 3.33 -63.17 -8.74
C ILE B 47 3.47 -62.68 -7.34
N GLU B 48 4.14 -63.41 -6.45
CA GLU B 48 4.22 -62.88 -5.05
C GLU B 48 5.55 -62.98 -4.29
N LYS B 49 6.66 -63.18 -4.99
CA LYS B 49 7.92 -62.83 -4.32
C LYS B 49 8.33 -61.38 -4.72
N VAL B 50 7.35 -60.58 -5.20
CA VAL B 50 7.62 -59.19 -5.64
C VAL B 50 8.19 -58.32 -4.52
N GLU B 51 9.19 -57.51 -4.87
CA GLU B 51 9.96 -56.70 -3.93
C GLU B 51 9.90 -55.29 -4.40
N HIS B 52 10.01 -54.29 -3.50
CA HIS B 52 9.76 -52.86 -3.89
C HIS B 52 10.76 -51.84 -3.35
N SER B 53 10.82 -50.65 -3.94
CA SER B 53 11.78 -49.65 -3.49
C SER B 53 11.26 -48.87 -2.29
N ASP B 54 12.04 -47.92 -1.80
CA ASP B 54 11.71 -47.17 -0.58
C ASP B 54 10.93 -45.95 -0.91
N LEU B 55 9.81 -45.77 -0.24
CA LEU B 55 8.94 -44.66 -0.60
C LEU B 55 9.65 -43.26 -0.58
N SER B 56 9.53 -42.55 -1.69
CA SER B 56 10.08 -41.20 -1.76
C SER B 56 9.08 -40.33 -2.51
N PHE B 57 9.28 -39.02 -2.50
CA PHE B 57 8.38 -38.14 -3.28
C PHE B 57 9.04 -37.25 -4.30
N SER B 58 8.26 -36.60 -5.15
CA SER B 58 8.81 -35.61 -6.13
C SER B 58 8.49 -34.21 -5.65
N LYS B 59 8.75 -33.21 -6.48
CA LYS B 59 8.64 -31.80 -6.03
C LYS B 59 7.25 -31.33 -5.62
N ASP B 60 6.22 -31.96 -6.20
CA ASP B 60 4.82 -31.59 -5.96
C ASP B 60 4.28 -32.40 -4.81
N TRP B 61 5.19 -33.22 -4.28
CA TRP B 61 4.95 -34.04 -3.11
C TRP B 61 4.32 -35.37 -3.47
N SER B 62 4.23 -35.72 -4.74
CA SER B 62 3.65 -37.00 -5.06
C SER B 62 4.70 -38.06 -4.93
N PHE B 63 4.26 -39.28 -4.73
CA PHE B 63 5.17 -40.32 -4.31
C PHE B 63 5.58 -41.17 -5.46
N TYR B 64 6.67 -41.91 -5.34
CA TYR B 64 6.92 -42.92 -6.35
C TYR B 64 7.56 -44.18 -5.82
N LEU B 65 7.14 -45.34 -6.31
CA LEU B 65 7.76 -46.66 -5.93
C LEU B 65 7.97 -47.49 -7.16
N LEU B 66 9.11 -48.15 -7.22
CA LEU B 66 9.29 -49.16 -8.23
C LEU B 66 8.92 -50.46 -7.57
N TYR B 67 8.03 -51.23 -8.17
CA TYR B 67 7.90 -52.67 -7.83
C TYR B 67 8.63 -53.52 -8.86
N TYR B 68 9.38 -54.53 -8.44
CA TYR B 68 10.17 -55.39 -9.36
C TYR B 68 10.34 -56.83 -8.87
N THR B 69 10.59 -57.72 -9.82
CA THR B 69 10.82 -59.12 -9.56
C THR B 69 11.53 -59.81 -10.72
N GLU B 70 12.35 -60.80 -10.39
CA GLU B 70 13.10 -61.56 -11.38
C GLU B 70 12.11 -62.34 -12.26
N PHE B 71 12.31 -62.31 -13.58
CA PHE B 71 11.52 -63.20 -14.43
C PHE B 71 12.25 -63.75 -15.67
N THR B 72 11.50 -64.41 -16.55
CA THR B 72 12.10 -65.13 -17.67
C THR B 72 11.12 -65.22 -18.84
N PRO B 73 11.09 -64.17 -19.69
CA PRO B 73 10.06 -63.98 -20.73
C PRO B 73 9.94 -65.14 -21.74
N THR B 74 8.70 -65.53 -22.02
CA THR B 74 8.40 -66.54 -23.03
C THR B 74 7.31 -66.02 -23.95
N GLU B 75 7.19 -66.63 -25.14
CA GLU B 75 6.26 -66.21 -26.22
C GLU B 75 4.83 -65.88 -25.79
N LYS B 76 4.24 -66.74 -24.97
CA LYS B 76 2.79 -66.78 -24.78
C LYS B 76 2.32 -66.07 -23.52
N ASP B 77 3.27 -65.55 -22.76
CA ASP B 77 3.00 -65.12 -21.39
C ASP B 77 2.58 -63.66 -21.26
N GLU B 78 1.35 -63.45 -20.79
CA GLU B 78 0.85 -62.13 -20.47
C GLU B 78 1.57 -61.70 -19.22
N TYR B 79 1.91 -60.42 -19.16
CA TYR B 79 2.44 -59.86 -17.92
C TYR B 79 1.86 -58.48 -17.73
N ALA B 80 1.86 -57.99 -16.49
CA ALA B 80 0.92 -56.93 -16.17
C ALA B 80 1.07 -56.34 -14.79
N CYS B 81 1.00 -55.01 -14.71
CA CYS B 81 0.95 -54.34 -13.41
C CYS B 81 -0.51 -54.11 -13.03
N ARG B 82 -0.84 -54.24 -11.74
CA ARG B 82 -2.21 -54.00 -11.29
C ARG B 82 -2.28 -53.15 -10.06
N VAL B 83 -2.78 -51.94 -10.24
CA VAL B 83 -2.70 -50.97 -9.17
C VAL B 83 -4.08 -50.61 -8.65
N ASN B 84 -4.26 -50.49 -7.33
CA ASN B 84 -5.47 -49.90 -6.79
C ASN B 84 -5.03 -48.81 -5.85
N HIS B 85 -5.91 -47.81 -5.68
CA HIS B 85 -5.63 -46.54 -5.01
C HIS B 85 -6.93 -45.74 -4.95
N VAL B 86 -7.15 -45.00 -3.87
CA VAL B 86 -8.35 -44.12 -3.66
C VAL B 86 -8.82 -43.24 -4.84
N THR B 87 -7.88 -42.90 -5.71
CA THR B 87 -8.15 -41.97 -6.77
C THR B 87 -8.66 -42.70 -7.97
N LEU B 88 -8.50 -44.02 -7.99
CA LEU B 88 -9.08 -44.82 -9.05
C LEU B 88 -10.41 -45.36 -8.59
N SER B 89 -11.27 -45.71 -9.55
CA SER B 89 -12.58 -46.26 -9.23
C SER B 89 -12.69 -47.79 -9.47
N GLN B 90 -11.73 -48.34 -10.20
CA GLN B 90 -11.54 -49.80 -10.38
C GLN B 90 -10.05 -49.92 -10.24
N PRO B 91 -9.54 -51.08 -9.82
CA PRO B 91 -8.11 -51.22 -10.00
C PRO B 91 -7.79 -51.15 -11.47
N LYS B 92 -6.70 -50.47 -11.79
CA LYS B 92 -6.20 -50.34 -13.17
C LYS B 92 -5.15 -51.43 -13.50
N ILE B 93 -5.36 -52.14 -14.61
CA ILE B 93 -4.41 -53.14 -15.09
C ILE B 93 -3.68 -52.59 -16.32
N VAL B 94 -2.35 -52.64 -16.33
CA VAL B 94 -1.56 -52.25 -17.53
C VAL B 94 -0.69 -53.40 -18.13
N LYS B 95 -1.15 -53.95 -19.24
CA LYS B 95 -0.41 -55.01 -19.91
C LYS B 95 1.06 -54.63 -20.19
N TRP B 96 1.95 -55.61 -20.08
CA TRP B 96 3.35 -55.37 -20.37
C TRP B 96 3.47 -55.32 -21.88
N ASP B 97 4.48 -54.65 -22.43
CA ASP B 97 4.52 -54.49 -23.91
C ASP B 97 5.93 -54.44 -24.50
N ARG B 98 6.52 -55.62 -24.69
CA ARG B 98 7.86 -55.73 -25.24
C ARG B 98 8.12 -54.68 -26.32
N ASP B 99 7.27 -54.71 -27.35
CA ASP B 99 7.54 -54.08 -28.64
C ASP B 99 7.68 -52.57 -28.65
N MET B 100 7.61 -51.93 -27.49
CA MET B 100 7.53 -50.49 -27.54
C MET B 100 8.69 -49.73 -28.22
N GLY C 1 -11.94 20.40 31.64
CA GLY C 1 -11.48 18.98 31.70
C GLY C 1 -11.57 18.48 30.28
N SER C 2 -11.13 17.26 30.05
CA SER C 2 -11.12 16.67 28.69
C SER C 2 -12.49 16.50 28.01
N HIS C 3 -12.47 16.22 26.72
CA HIS C 3 -13.69 16.04 25.95
C HIS C 3 -13.45 15.03 24.84
N SER C 4 -14.56 14.53 24.29
CA SER C 4 -14.49 13.49 23.25
C SER C 4 -15.67 13.59 22.26
N MET C 5 -15.53 12.94 21.13
CA MET C 5 -16.65 12.78 20.23
C MET C 5 -16.60 11.36 19.71
N ARG C 6 -17.73 10.69 19.76
CA ARG C 6 -17.75 9.29 19.40
C ARG C 6 -18.95 9.00 18.54
N TYR C 7 -18.81 8.17 17.55
CA TYR C 7 -19.96 7.65 16.82
C TYR C 7 -20.07 6.17 17.08
N PHE C 8 -21.30 5.70 17.26
CA PHE C 8 -21.60 4.27 17.41
C PHE C 8 -22.55 3.80 16.35
N PHE C 9 -22.15 2.75 15.65
CA PHE C 9 -23.06 2.16 14.67
C PHE C 9 -23.32 0.69 14.99
N THR C 10 -24.56 0.22 14.80
CA THR C 10 -24.89 -1.20 15.02
C THR C 10 -25.75 -1.72 13.91
N SER C 11 -25.38 -2.86 13.33
CA SER C 11 -26.24 -3.55 12.35
C SER C 11 -26.52 -4.94 12.84
N VAL C 12 -27.79 -5.32 12.73
CA VAL C 12 -28.23 -6.64 13.15
C VAL C 12 -28.99 -7.21 12.00
N SER C 13 -28.53 -8.35 11.50
CA SER C 13 -29.17 -8.95 10.33
C SER C 13 -30.43 -9.69 10.76
N ARG C 14 -31.44 -9.72 9.90
CA ARG C 14 -32.68 -10.43 10.22
C ARG C 14 -33.14 -11.19 9.00
N PRO C 15 -32.55 -12.37 8.78
CA PRO C 15 -32.84 -13.13 7.59
C PRO C 15 -34.32 -13.46 7.63
N GLY C 16 -35.00 -13.28 6.49
CA GLY C 16 -36.44 -13.55 6.44
C GLY C 16 -37.32 -12.30 6.49
N ARG C 17 -37.00 -11.37 7.38
CA ARG C 17 -37.62 -10.05 7.33
C ARG C 17 -36.63 -9.20 6.56
N GLY C 18 -37.01 -7.98 6.12
CA GLY C 18 -36.07 -7.08 5.35
C GLY C 18 -34.53 -7.09 5.40
N GLU C 19 -33.97 -5.88 5.41
CA GLU C 19 -32.54 -5.66 5.48
C GLU C 19 -32.19 -5.50 6.96
N PRO C 20 -30.90 -5.61 7.32
CA PRO C 20 -30.47 -5.35 8.69
C PRO C 20 -30.97 -4.02 9.26
N ARG C 21 -31.32 -4.04 10.56
CA ARG C 21 -31.69 -2.85 11.26
C ARG C 21 -30.40 -2.13 11.56
N PHE C 22 -30.35 -0.85 11.20
CA PHE C 22 -29.14 -0.08 11.38
C PHE C 22 -29.46 1.05 12.34
N ILE C 23 -28.65 1.17 13.39
CA ILE C 23 -28.83 2.23 14.36
C ILE C 23 -27.49 2.89 14.54
N ALA C 24 -27.49 4.22 14.42
CA ALA C 24 -26.28 4.99 14.56
C ALA C 24 -26.55 6.15 15.51
N VAL C 25 -25.57 6.51 16.33
CA VAL C 25 -25.69 7.64 17.24
C VAL C 25 -24.33 8.33 17.38
N GLY C 26 -24.36 9.65 17.56
CA GLY C 26 -23.14 10.42 17.86
C GLY C 26 -23.19 11.10 19.21
N TYR C 27 -22.07 11.09 19.92
CA TYR C 27 -22.03 11.77 21.23
C TYR C 27 -20.90 12.79 21.25
N VAL C 28 -21.05 13.80 22.10
CA VAL C 28 -19.95 14.65 22.53
C VAL C 28 -19.94 14.53 24.05
N ASP C 29 -18.79 14.11 24.61
CA ASP C 29 -18.76 13.61 26.00
C ASP C 29 -19.98 12.71 26.16
N ASP C 30 -20.80 13.03 27.13
CA ASP C 30 -21.94 12.17 27.43
C ASP C 30 -23.32 12.72 26.96
N THR C 31 -23.33 13.48 25.86
CA THR C 31 -24.55 14.01 25.27
C THR C 31 -24.72 13.46 23.89
N GLN C 32 -25.79 12.72 23.71
CA GLN C 32 -26.07 12.20 22.38
C GLN C 32 -26.50 13.42 21.58
N PHE C 33 -26.13 13.57 20.33
CA PHE C 33 -26.62 14.75 19.59
C PHE C 33 -27.19 14.43 18.19
N VAL C 34 -26.82 13.30 17.61
CA VAL C 34 -27.49 12.82 16.41
C VAL C 34 -27.92 11.39 16.56
N ARG C 35 -28.83 10.98 15.69
CA ARG C 35 -29.21 9.61 15.65
C ARG C 35 -29.63 9.32 14.24
N PHE C 36 -29.73 8.03 13.92
CA PHE C 36 -30.34 7.53 12.71
C PHE C 36 -30.75 6.09 13.01
N ASP C 37 -31.96 5.73 12.61
CA ASP C 37 -32.47 4.39 12.78
C ASP C 37 -33.12 4.00 11.49
N SER C 38 -32.55 3.02 10.80
CA SER C 38 -33.11 2.50 9.54
C SER C 38 -34.64 2.19 9.58
N ASP C 39 -35.15 1.82 10.75
CA ASP C 39 -36.55 1.47 10.92
C ASP C 39 -37.50 2.66 11.13
N ALA C 40 -36.94 3.85 11.38
CA ALA C 40 -37.83 5.01 11.62
C ALA C 40 -38.35 5.55 10.30
N ALA C 41 -39.38 6.38 10.41
CA ALA C 41 -40.11 6.88 9.25
C ALA C 41 -39.31 7.85 8.37
N SER C 42 -38.50 8.70 8.99
CA SER C 42 -37.97 9.88 8.28
C SER C 42 -36.78 9.59 7.44
N GLN C 43 -36.03 8.54 7.75
CA GLN C 43 -34.97 8.09 6.86
C GLN C 43 -33.89 9.15 6.82
N ARG C 44 -33.76 9.85 7.95
CA ARG C 44 -32.83 10.97 8.08
C ARG C 44 -31.99 10.94 9.32
N MET C 45 -30.78 11.49 9.26
CA MET C 45 -30.03 11.75 10.47
C MET C 45 -30.77 12.89 11.18
N GLU C 46 -31.14 12.66 12.44
CA GLU C 46 -32.00 13.54 13.22
C GLU C 46 -31.21 14.22 14.37
N PRO C 47 -31.48 15.51 14.65
CA PRO C 47 -30.83 16.19 15.75
C PRO C 47 -31.27 15.61 17.07
N ARG C 48 -30.46 15.72 18.12
CA ARG C 48 -30.84 15.20 19.47
C ARG C 48 -30.34 16.11 20.57
N ALA C 49 -29.77 17.23 20.19
CA ALA C 49 -29.36 18.24 21.15
C ALA C 49 -29.68 19.53 20.49
N PRO C 50 -30.08 20.57 21.25
CA PRO C 50 -30.50 21.79 20.58
C PRO C 50 -29.38 22.35 19.73
N TRP C 51 -28.15 22.39 20.25
CA TRP C 51 -27.05 23.08 19.56
C TRP C 51 -26.68 22.53 18.19
N ILE C 52 -27.11 21.33 17.83
CA ILE C 52 -26.76 20.80 16.52
C ILE C 52 -27.81 21.28 15.54
N GLU C 53 -29.01 21.60 16.05
CA GLU C 53 -30.12 22.14 15.28
C GLU C 53 -29.77 23.34 14.41
N GLN C 54 -28.85 24.18 14.90
CA GLN C 54 -28.24 25.28 14.08
C GLN C 54 -27.64 24.92 12.77
N GLU C 55 -27.19 23.70 12.58
CA GLU C 55 -26.49 23.42 11.34
C GLU C 55 -27.47 23.54 10.17
N GLY C 56 -26.95 24.03 9.06
CA GLY C 56 -27.76 24.30 7.89
C GLY C 56 -28.14 23.06 7.12
N PRO C 57 -29.02 23.22 6.13
CA PRO C 57 -29.50 22.06 5.38
C PRO C 57 -28.40 21.17 4.76
N GLU C 58 -27.25 21.74 4.38
CA GLU C 58 -26.13 20.93 3.83
C GLU C 58 -25.74 19.84 4.82
N TYR C 59 -25.41 20.27 6.02
CA TYR C 59 -25.10 19.37 7.09
C TYR C 59 -26.04 18.20 7.15
N TRP C 60 -27.34 18.43 7.37
CA TRP C 60 -28.32 17.33 7.43
C TRP C 60 -28.37 16.45 6.17
N ASP C 61 -28.44 17.08 4.99
CA ASP C 61 -28.37 16.34 3.75
C ASP C 61 -27.11 15.46 3.75
N GLY C 62 -25.96 16.04 4.09
CA GLY C 62 -24.69 15.35 3.97
C GLY C 62 -24.56 14.23 5.00
N GLU C 63 -24.95 14.51 6.24
CA GLU C 63 -24.80 13.52 7.27
C GLU C 63 -25.75 12.42 6.92
N THR C 64 -26.93 12.75 6.43
CA THR C 64 -27.86 11.69 6.06
C THR C 64 -27.29 10.78 5.01
N ARG C 65 -26.70 11.36 3.99
CA ARG C 65 -26.00 10.53 2.98
C ARG C 65 -24.86 9.69 3.54
N LYS C 66 -24.03 10.26 4.41
CA LYS C 66 -22.88 9.56 4.90
C LYS C 66 -23.34 8.41 5.75
N VAL C 67 -24.36 8.69 6.56
CA VAL C 67 -24.81 7.68 7.53
C VAL C 67 -25.44 6.54 6.77
N LYS C 68 -26.10 6.86 5.67
CA LYS C 68 -26.68 5.81 4.90
C LYS C 68 -25.59 4.91 4.34
N ALA C 69 -24.48 5.50 3.89
CA ALA C 69 -23.40 4.75 3.29
C ALA C 69 -22.73 3.89 4.36
N HIS C 70 -22.65 4.37 5.60
CA HIS C 70 -22.17 3.51 6.69
C HIS C 70 -23.06 2.26 6.68
N SER C 71 -24.35 2.48 6.76
CA SER C 71 -25.34 1.44 6.73
C SER C 71 -25.07 0.40 5.64
N GLN C 72 -24.97 0.85 4.41
CA GLN C 72 -24.85 -0.03 3.29
C GLN C 72 -23.52 -0.75 3.33
N THR C 73 -22.53 -0.14 3.97
CA THR C 73 -21.24 -0.78 4.10
C THR C 73 -21.40 -1.95 5.07
N HIS C 74 -21.95 -1.70 6.25
CA HIS C 74 -22.29 -2.77 7.18
C HIS C 74 -23.03 -3.91 6.57
N ARG C 75 -23.93 -3.58 5.66
CA ARG C 75 -24.75 -4.57 4.98
C ARG C 75 -23.89 -5.50 4.13
N VAL C 76 -22.89 -4.96 3.44
CA VAL C 76 -21.95 -5.81 2.74
C VAL C 76 -21.10 -6.55 3.76
N ASP C 77 -20.77 -5.88 4.85
CA ASP C 77 -19.84 -6.40 5.81
C ASP C 77 -20.43 -7.70 6.39
N LEU C 78 -21.70 -7.65 6.80
CA LEU C 78 -22.36 -8.80 7.34
C LEU C 78 -22.17 -10.02 6.41
N GLY C 79 -22.39 -9.84 5.12
CA GLY C 79 -22.19 -10.91 4.18
C GLY C 79 -20.75 -11.40 4.15
N THR C 80 -19.81 -10.48 4.02
CA THR C 80 -18.44 -10.85 3.94
C THR C 80 -18.02 -11.65 5.19
N LEU C 81 -18.59 -11.31 6.34
CA LEU C 81 -18.21 -12.00 7.54
C LEU C 81 -18.79 -13.39 7.60
N ARG C 82 -20.11 -13.50 7.42
CA ARG C 82 -20.78 -14.78 7.25
C ARG C 82 -19.90 -15.72 6.45
N GLY C 83 -19.36 -15.19 5.35
CA GLY C 83 -18.44 -15.92 4.51
C GLY C 83 -17.19 -16.38 5.26
N TYR C 84 -16.42 -15.43 5.75
CA TYR C 84 -15.15 -15.77 6.40
C TYR C 84 -15.28 -16.76 7.55
N TYR C 85 -16.43 -16.82 8.20
CA TYR C 85 -16.59 -17.68 9.35
C TYR C 85 -17.44 -18.90 9.02
N ASN C 86 -17.57 -19.21 7.72
CA ASN C 86 -18.49 -20.24 7.17
C ASN C 86 -19.76 -20.46 7.99
N GLN C 87 -20.58 -19.41 8.11
CA GLN C 87 -21.85 -19.49 8.82
C GLN C 87 -22.97 -19.52 7.80
N SER C 88 -24.10 -20.12 8.16
CA SER C 88 -25.24 -20.21 7.24
C SER C 88 -25.99 -18.90 7.22
N GLU C 89 -26.70 -18.67 6.10
CA GLU C 89 -27.57 -17.48 5.89
C GLU C 89 -28.72 -17.39 6.90
N ALA C 90 -28.97 -18.50 7.61
CA ALA C 90 -30.09 -18.60 8.55
C ALA C 90 -29.97 -17.71 9.79
N GLY C 91 -28.80 -17.68 10.43
CA GLY C 91 -28.62 -17.00 11.71
C GLY C 91 -28.64 -15.49 11.63
N SER C 92 -29.02 -14.86 12.74
CA SER C 92 -28.91 -13.42 12.91
C SER C 92 -27.52 -13.07 13.42
N HIS C 93 -26.93 -12.01 12.90
CA HIS C 93 -25.56 -11.65 13.24
C HIS C 93 -25.44 -10.15 13.50
N THR C 94 -24.46 -9.72 14.32
CA THR C 94 -24.34 -8.31 14.67
C THR C 94 -22.96 -7.75 14.35
N VAL C 95 -22.94 -6.59 13.70
CA VAL C 95 -21.75 -5.81 13.49
C VAL C 95 -21.83 -4.51 14.31
N GLN C 96 -20.74 -4.12 14.97
CA GLN C 96 -20.75 -2.91 15.76
C GLN C 96 -19.47 -2.19 15.52
N ARG C 97 -19.58 -0.88 15.31
CA ARG C 97 -18.50 -0.04 14.79
C ARG C 97 -18.48 1.19 15.66
N MET C 98 -17.30 1.60 16.09
CA MET C 98 -17.19 2.77 16.93
C MET C 98 -15.92 3.53 16.61
N TYR C 99 -16.01 4.84 16.39
CA TYR C 99 -14.79 5.62 16.25
C TYR C 99 -14.97 7.03 16.80
N GLY C 100 -13.86 7.74 16.94
CA GLY C 100 -13.89 9.09 17.50
C GLY C 100 -12.56 9.58 17.97
N CYS C 101 -12.55 10.66 18.75
CA CYS C 101 -11.30 11.28 19.16
C CYS C 101 -11.44 11.95 20.49
N ASP C 102 -10.38 11.98 21.27
CA ASP C 102 -10.39 12.72 22.52
C ASP C 102 -9.45 13.88 22.44
N VAL C 103 -9.78 14.98 23.12
CA VAL C 103 -8.88 16.11 23.27
C VAL C 103 -8.69 16.43 24.76
N GLY C 104 -7.63 17.16 25.11
CA GLY C 104 -7.36 17.58 26.50
C GLY C 104 -8.08 18.86 26.82
N SER C 105 -7.81 19.43 28.00
CA SER C 105 -8.48 20.62 28.49
C SER C 105 -8.24 21.86 27.59
N ASP C 106 -7.13 21.81 26.84
CA ASP C 106 -6.76 22.79 25.82
C ASP C 106 -7.38 22.51 24.43
N TRP C 107 -8.14 21.43 24.29
CA TRP C 107 -8.77 21.05 23.01
C TRP C 107 -7.81 20.54 21.97
N ARG C 108 -6.58 20.31 22.40
CA ARG C 108 -5.59 19.74 21.50
C ARG C 108 -5.75 18.22 21.46
N PHE C 109 -5.51 17.64 20.30
CA PHE C 109 -5.72 16.20 20.10
C PHE C 109 -5.03 15.36 21.15
N LEU C 110 -5.68 14.26 21.53
CA LEU C 110 -5.21 13.43 22.61
C LEU C 110 -5.10 11.95 22.23
N ARG C 111 -6.15 11.40 21.64
CA ARG C 111 -6.19 9.98 21.36
C ARG C 111 -7.24 9.77 20.31
N GLY C 112 -7.05 8.78 19.46
CA GLY C 112 -8.05 8.44 18.44
C GLY C 112 -8.47 6.99 18.50
N TYR C 113 -9.64 6.68 17.94
CA TYR C 113 -10.27 5.39 18.12
C TYR C 113 -10.93 4.91 16.87
N HIS C 114 -10.85 3.62 16.59
CA HIS C 114 -11.72 2.97 15.57
C HIS C 114 -11.72 1.46 15.76
N GLN C 115 -12.87 0.89 16.02
CA GLN C 115 -12.92 -0.50 16.30
C GLN C 115 -14.17 -1.14 15.83
N TYR C 116 -14.07 -2.46 15.68
CA TYR C 116 -15.07 -3.27 14.98
C TYR C 116 -15.32 -4.57 15.69
N ALA C 117 -16.57 -4.86 16.00
CA ALA C 117 -16.94 -6.10 16.67
C ALA C 117 -17.87 -6.90 15.80
N TYR C 118 -17.68 -8.21 15.81
CA TYR C 118 -18.61 -9.10 15.14
C TYR C 118 -19.12 -10.06 16.19
N ASP C 119 -20.43 -10.34 16.14
CA ASP C 119 -21.14 -11.10 17.15
C ASP C 119 -20.69 -10.85 18.63
N GLY C 120 -20.37 -9.60 18.98
CA GLY C 120 -20.05 -9.27 20.35
C GLY C 120 -18.66 -9.56 20.80
N LYS C 121 -17.78 -9.86 19.87
CA LYS C 121 -16.36 -10.06 20.19
C LYS C 121 -15.59 -9.09 19.34
N ASP C 122 -14.39 -8.70 19.77
CA ASP C 122 -13.54 -7.86 18.92
C ASP C 122 -13.35 -8.51 17.58
N TYR C 123 -13.26 -7.69 16.54
CA TYR C 123 -12.85 -8.20 15.25
C TYR C 123 -11.59 -7.51 14.79
N ILE C 124 -11.64 -6.20 14.66
CA ILE C 124 -10.44 -5.44 14.33
C ILE C 124 -10.50 -4.04 14.89
N ALA C 125 -9.35 -3.59 15.36
CA ALA C 125 -9.24 -2.28 15.99
C ALA C 125 -7.97 -1.57 15.55
N LEU C 126 -8.08 -0.26 15.42
CA LEU C 126 -6.94 0.54 15.07
C LEU C 126 -6.17 0.70 16.36
N LYS C 127 -4.92 0.26 16.39
CA LYS C 127 -4.04 0.46 17.56
C LYS C 127 -3.93 1.94 17.98
N GLU C 128 -3.43 2.16 19.19
CA GLU C 128 -3.25 3.49 19.79
C GLU C 128 -2.52 4.50 18.89
N ASP C 129 -1.56 4.02 18.12
CA ASP C 129 -0.66 4.87 17.35
C ASP C 129 -1.27 5.24 16.01
N LEU C 130 -2.52 4.83 15.79
CA LEU C 130 -3.21 5.07 14.53
C LEU C 130 -2.33 4.79 13.30
N ARG C 131 -1.56 3.71 13.37
CA ARG C 131 -0.65 3.38 12.29
C ARG C 131 -0.67 1.88 11.98
N SER C 132 -1.25 1.11 12.91
CA SER C 132 -1.22 -0.36 12.84
C SER C 132 -2.49 -1.00 13.45
N TRP C 133 -2.78 -2.25 13.08
CA TRP C 133 -4.05 -2.91 13.42
C TRP C 133 -3.92 -4.03 14.44
N THR C 134 -4.98 -4.27 15.20
CA THR C 134 -5.10 -5.47 15.98
C THR C 134 -6.23 -6.31 15.42
N ALA C 135 -5.88 -7.51 14.96
CA ALA C 135 -6.84 -8.46 14.47
C ALA C 135 -7.14 -9.43 15.58
N ALA C 136 -8.42 -9.60 15.88
CA ALA C 136 -8.84 -10.36 17.06
C ALA C 136 -8.53 -11.83 16.93
N ASP C 137 -8.57 -12.32 15.71
CA ASP C 137 -8.38 -13.73 15.43
C ASP C 137 -7.89 -13.96 14.00
N MET C 138 -7.96 -15.22 13.56
CA MET C 138 -7.47 -15.62 12.26
C MET C 138 -8.25 -14.92 11.13
N ALA C 139 -9.57 -15.03 11.18
CA ALA C 139 -10.39 -14.42 10.14
C ALA C 139 -9.95 -12.97 9.95
N ALA C 140 -9.84 -12.25 11.07
CA ALA C 140 -9.51 -10.83 11.07
C ALA C 140 -8.22 -10.51 10.36
N GLN C 141 -7.34 -11.50 10.27
CA GLN C 141 -6.06 -11.28 9.63
C GLN C 141 -6.19 -10.97 8.14
N THR C 142 -7.20 -11.55 7.51
CA THR C 142 -7.48 -11.26 6.12
C THR C 142 -7.90 -9.83 5.97
N THR C 143 -8.71 -9.34 6.91
CA THR C 143 -9.07 -7.95 6.83
C THR C 143 -7.83 -7.06 7.07
N LYS C 144 -7.10 -7.32 8.16
CA LYS C 144 -5.87 -6.57 8.47
C LYS C 144 -4.95 -6.44 7.25
N HIS C 145 -4.68 -7.57 6.62
CA HIS C 145 -3.81 -7.55 5.50
C HIS C 145 -4.37 -6.72 4.34
N LYS C 146 -5.69 -6.74 4.16
CA LYS C 146 -6.38 -6.02 3.11
C LYS C 146 -6.18 -4.55 3.42
N TRP C 147 -6.60 -4.14 4.61
CA TRP C 147 -6.51 -2.74 5.07
C TRP C 147 -5.08 -2.20 5.16
N GLU C 148 -4.11 -3.07 5.37
CA GLU C 148 -2.72 -2.59 5.33
C GLU C 148 -2.30 -2.20 3.90
N ALA C 149 -2.53 -3.09 2.92
CA ALA C 149 -2.23 -2.89 1.51
C ALA C 149 -2.98 -1.69 0.96
N ALA C 150 -4.21 -1.55 1.40
CA ALA C 150 -5.06 -0.49 0.97
C ALA C 150 -4.75 0.85 1.68
N HIS C 151 -3.73 0.89 2.54
CA HIS C 151 -3.33 2.10 3.34
C HIS C 151 -4.48 2.77 4.10
N VAL C 152 -5.46 1.96 4.49
CA VAL C 152 -6.60 2.41 5.30
C VAL C 152 -6.22 3.31 6.47
N ALA C 153 -5.18 2.95 7.24
CA ALA C 153 -4.84 3.66 8.47
C ALA C 153 -4.55 5.13 8.24
N GLU C 154 -3.73 5.43 7.24
CA GLU C 154 -3.40 6.79 6.90
C GLU C 154 -4.67 7.64 6.74
N GLN C 155 -5.70 7.14 6.03
CA GLN C 155 -6.95 7.87 5.90
C GLN C 155 -7.58 8.07 7.26
N LEU C 156 -7.93 6.98 7.96
CA LEU C 156 -8.45 7.11 9.33
C LEU C 156 -7.65 8.10 10.20
N ARG C 157 -6.31 8.01 10.17
CA ARG C 157 -5.52 8.91 11.01
C ARG C 157 -5.86 10.35 10.66
N ALA C 158 -5.77 10.71 9.38
CA ALA C 158 -6.07 12.08 8.97
C ALA C 158 -7.39 12.54 9.58
N TYR C 159 -8.41 11.66 9.56
CA TYR C 159 -9.70 12.07 10.04
C TYR C 159 -9.60 12.25 11.55
N LEU C 160 -9.11 11.23 12.23
CA LEU C 160 -9.11 11.25 13.67
C LEU C 160 -8.21 12.33 14.25
N GLU C 161 -7.07 12.56 13.63
CA GLU C 161 -6.14 13.55 14.17
C GLU C 161 -6.60 14.97 13.81
N GLY C 162 -7.30 15.11 12.69
CA GLY C 162 -7.70 16.42 12.16
C GLY C 162 -9.19 16.73 12.18
N THR C 163 -9.90 16.26 11.17
CA THR C 163 -11.31 16.55 10.98
C THR C 163 -12.12 16.25 12.22
N CYS C 164 -11.84 15.13 12.83
CA CYS C 164 -12.56 14.78 14.05
C CYS C 164 -12.39 15.87 15.10
N VAL C 165 -11.16 16.23 15.44
CA VAL C 165 -10.95 17.24 16.46
C VAL C 165 -11.56 18.57 16.07
N GLU C 166 -11.57 18.88 14.79
CA GLU C 166 -11.94 20.19 14.34
C GLU C 166 -13.44 20.31 14.54
N TRP C 167 -14.17 19.22 14.29
CA TRP C 167 -15.61 19.31 14.44
C TRP C 167 -16.02 19.27 15.89
N LEU C 168 -15.31 18.49 16.68
CA LEU C 168 -15.52 18.49 18.09
C LEU C 168 -15.40 19.93 18.58
N ARG C 169 -14.30 20.61 18.23
CA ARG C 169 -14.08 21.98 18.68
C ARG C 169 -15.25 22.86 18.27
N ARG C 170 -15.74 22.70 17.04
CA ARG C 170 -16.89 23.47 16.64
C ARG C 170 -18.08 23.15 17.53
N TYR C 171 -18.43 21.88 17.61
CA TYR C 171 -19.53 21.46 18.45
C TYR C 171 -19.42 22.10 19.84
N LEU C 172 -18.27 22.00 20.49
CA LEU C 172 -18.14 22.50 21.86
C LEU C 172 -18.35 24.02 21.96
N GLU C 173 -17.85 24.73 20.94
CA GLU C 173 -18.05 26.15 20.83
C GLU C 173 -19.53 26.47 20.75
N ASN C 174 -20.21 25.83 19.79
CA ASN C 174 -21.61 26.11 19.56
C ASN C 174 -22.45 25.68 20.74
N GLY C 175 -22.09 24.55 21.35
CA GLY C 175 -22.82 24.03 22.49
C GLY C 175 -22.36 24.55 23.84
N LYS C 176 -21.63 25.66 23.86
CA LYS C 176 -20.94 26.04 25.08
C LYS C 176 -21.88 26.05 26.25
N GLU C 177 -23.06 26.64 26.09
CA GLU C 177 -24.01 26.81 27.21
C GLU C 177 -24.28 25.45 27.90
N THR C 178 -24.39 24.38 27.11
CA THR C 178 -24.65 23.08 27.71
C THR C 178 -23.42 22.16 27.84
N LEU C 179 -22.64 22.02 26.78
CA LEU C 179 -21.58 21.02 26.80
C LEU C 179 -20.38 21.31 27.70
N GLN C 180 -20.13 22.60 27.97
CA GLN C 180 -19.00 23.01 28.80
C GLN C 180 -19.50 23.32 30.17
N ARG C 181 -20.81 23.05 30.38
CA ARG C 181 -21.39 23.21 31.74
C ARG C 181 -20.85 22.01 32.50
N THR C 182 -20.77 22.17 33.82
CA THR C 182 -20.57 21.03 34.71
C THR C 182 -21.56 21.17 35.83
N ASP C 183 -22.33 20.10 36.03
CA ASP C 183 -23.32 20.06 37.06
C ASP C 183 -22.70 19.32 38.24
N ALA C 184 -22.36 20.05 39.30
CA ALA C 184 -21.90 19.42 40.53
C ALA C 184 -22.95 18.41 41.01
N PRO C 185 -22.52 17.26 41.57
CA PRO C 185 -23.49 16.32 42.19
C PRO C 185 -24.19 16.84 43.41
N LYS C 186 -25.48 16.56 43.51
CA LYS C 186 -26.21 16.79 44.74
C LYS C 186 -26.10 15.48 45.54
N THR C 187 -25.55 15.55 46.75
CA THR C 187 -25.21 14.36 47.54
C THR C 187 -25.92 14.29 48.85
N HIS C 188 -26.35 13.08 49.22
CA HIS C 188 -26.87 12.82 50.57
C HIS C 188 -26.52 11.37 50.97
N MET C 189 -26.77 11.02 52.22
CA MET C 189 -26.49 9.69 52.74
C MET C 189 -27.69 9.12 53.51
N THR C 190 -28.12 7.92 53.15
CA THR C 190 -29.20 7.25 53.88
C THR C 190 -28.68 6.12 54.75
N HIS C 191 -29.53 5.62 55.62
CA HIS C 191 -29.13 4.61 56.59
C HIS C 191 -30.29 3.62 56.76
N HIS C 192 -30.08 2.35 56.45
CA HIS C 192 -31.09 1.32 56.80
C HIS C 192 -30.53 0.28 57.79
N ALA C 193 -31.30 0.01 58.86
CA ALA C 193 -30.94 -1.05 59.80
C ALA C 193 -31.26 -2.42 59.23
N VAL C 194 -30.20 -3.09 58.77
CA VAL C 194 -30.23 -4.49 58.25
C VAL C 194 -30.75 -5.52 59.27
N SER C 195 -30.32 -5.37 60.52
CA SER C 195 -30.68 -6.23 61.66
C SER C 195 -30.28 -5.51 62.96
N ASP C 196 -30.34 -6.20 64.09
CA ASP C 196 -29.84 -5.62 65.34
C ASP C 196 -28.36 -5.31 65.30
N HIS C 197 -27.64 -5.99 64.41
CA HIS C 197 -26.17 -6.04 64.43
C HIS C 197 -25.46 -5.29 63.33
N GLU C 198 -26.15 -4.98 62.22
CA GLU C 198 -25.57 -4.29 61.06
C GLU C 198 -26.47 -3.23 60.45
N ALA C 199 -25.88 -2.37 59.61
CA ALA C 199 -26.61 -1.31 58.90
C ALA C 199 -25.95 -0.99 57.57
N THR C 200 -26.74 -0.68 56.55
CA THR C 200 -26.19 -0.15 55.31
C THR C 200 -26.19 1.37 55.31
N LEU C 201 -25.05 1.94 54.90
CA LEU C 201 -24.98 3.36 54.63
C LEU C 201 -24.84 3.57 53.15
N ARG C 202 -25.78 4.34 52.59
CA ARG C 202 -25.76 4.57 51.14
C ARG C 202 -25.46 6.02 50.84
N CYS C 203 -24.48 6.16 49.99
CA CYS C 203 -23.93 7.42 49.62
C CYS C 203 -24.44 7.74 48.25
N TRP C 204 -25.22 8.80 48.16
CA TRP C 204 -25.91 9.14 46.94
C TRP C 204 -25.30 10.30 46.18
N ALA C 205 -25.24 10.19 44.85
CA ALA C 205 -24.80 11.28 43.98
C ALA C 205 -25.78 11.49 42.82
N LEU C 206 -26.60 12.54 42.93
CA LEU C 206 -27.68 12.81 41.97
C LEU C 206 -27.44 13.99 40.99
N SER C 207 -28.05 13.92 39.80
CA SER C 207 -28.08 15.01 38.81
C SER C 207 -26.72 15.74 38.58
N PHE C 208 -25.75 15.01 38.07
CA PHE C 208 -24.46 15.60 37.80
C PHE C 208 -24.11 15.36 36.33
N TYR C 209 -23.14 16.13 35.85
CA TYR C 209 -22.68 16.06 34.47
C TYR C 209 -21.33 16.74 34.46
N PRO C 210 -20.35 16.09 33.83
CA PRO C 210 -20.47 14.84 33.06
C PRO C 210 -20.62 13.58 33.92
N ALA C 211 -20.76 12.43 33.26
CA ALA C 211 -20.90 11.14 33.90
C ALA C 211 -19.70 10.74 34.74
N GLU C 212 -18.53 11.28 34.42
CA GLU C 212 -17.28 10.92 35.11
C GLU C 212 -17.34 11.24 36.59
N ILE C 213 -17.44 10.22 37.46
CA ILE C 213 -17.49 10.44 38.95
C ILE C 213 -16.78 9.35 39.80
N THR C 214 -16.35 9.68 41.00
CA THR C 214 -15.69 8.67 41.83
C THR C 214 -16.29 8.69 43.22
N LEU C 215 -16.87 7.57 43.64
CA LEU C 215 -17.40 7.42 45.00
C LEU C 215 -16.57 6.40 45.77
N THR C 216 -15.95 6.82 46.86
CA THR C 216 -15.14 5.86 47.62
C THR C 216 -15.61 5.89 49.03
N TRP C 217 -15.40 4.80 49.74
CA TRP C 217 -15.69 4.78 51.15
C TRP C 217 -14.42 4.79 51.96
N GLN C 218 -14.44 5.48 53.09
CA GLN C 218 -13.32 5.45 54.02
C GLN C 218 -13.74 5.09 55.43
N ARG C 219 -12.86 4.38 56.15
CA ARG C 219 -13.09 4.08 57.52
C ARG C 219 -11.92 4.58 58.26
N ASP C 220 -12.18 5.37 59.30
CA ASP C 220 -11.13 6.13 60.05
C ASP C 220 -10.08 6.73 59.13
N GLY C 221 -10.52 7.17 57.95
CA GLY C 221 -9.64 7.84 57.02
C GLY C 221 -8.75 6.89 56.25
N GLU C 222 -9.17 5.64 56.10
CA GLU C 222 -8.41 4.66 55.34
C GLU C 222 -9.32 4.00 54.31
N ASP C 223 -8.89 3.98 53.05
CA ASP C 223 -9.67 3.36 51.96
C ASP C 223 -10.30 2.06 52.41
N GLN C 224 -11.60 1.93 52.19
CA GLN C 224 -12.35 0.78 52.67
C GLN C 224 -13.07 0.12 51.48
N THR C 225 -12.65 -1.12 51.20
CA THR C 225 -13.16 -1.85 50.05
C THR C 225 -14.13 -3.01 50.35
N GLN C 226 -13.86 -3.75 51.40
CA GLN C 226 -14.73 -4.82 51.87
C GLN C 226 -16.14 -4.34 52.13
N ASP C 227 -17.10 -5.22 51.85
CA ASP C 227 -18.47 -4.97 52.26
C ASP C 227 -19.06 -3.69 51.58
N THR C 228 -18.72 -3.52 50.30
CA THR C 228 -18.90 -2.28 49.58
C THR C 228 -19.70 -2.63 48.32
N GLU C 229 -20.89 -2.09 48.15
CA GLU C 229 -21.52 -2.19 46.84
C GLU C 229 -21.47 -0.81 46.18
N LEU C 230 -21.26 -0.83 44.86
CA LEU C 230 -21.20 0.38 44.05
C LEU C 230 -21.90 0.09 42.71
N VAL C 231 -22.96 0.81 42.39
CA VAL C 231 -23.67 0.61 41.10
C VAL C 231 -23.07 1.34 39.88
N GLU C 232 -23.31 0.82 38.67
CA GLU C 232 -22.93 1.59 37.48
C GLU C 232 -23.70 2.93 37.29
N THR C 233 -22.96 3.95 36.87
CA THR C 233 -23.51 5.27 36.78
C THR C 233 -24.65 5.13 35.80
N ARG C 234 -25.79 5.75 36.11
CA ARG C 234 -27.00 5.59 35.31
C ARG C 234 -27.53 6.94 34.87
N PRO C 235 -28.19 6.98 33.70
CA PRO C 235 -28.80 8.24 33.22
C PRO C 235 -30.05 8.65 34.03
N ALA C 236 -30.13 9.89 34.45
CA ALA C 236 -31.35 10.44 35.04
C ALA C 236 -32.47 10.56 34.01
N GLY C 237 -32.06 10.80 32.76
CA GLY C 237 -33.00 10.81 31.67
C GLY C 237 -33.36 12.24 31.27
N ASP C 238 -32.73 13.19 31.93
CA ASP C 238 -32.94 14.61 31.63
C ASP C 238 -31.54 15.17 31.36
N GLY C 239 -30.63 14.32 30.89
CA GLY C 239 -29.31 14.75 30.51
C GLY C 239 -28.32 14.74 31.65
N THR C 240 -28.75 14.53 32.91
CA THR C 240 -27.78 14.27 34.01
C THR C 240 -27.64 12.80 34.41
N PHE C 241 -26.87 12.54 35.47
CA PHE C 241 -26.56 11.18 35.92
C PHE C 241 -26.64 10.95 37.42
N GLN C 242 -26.67 9.68 37.78
CA GLN C 242 -26.78 9.25 39.16
C GLN C 242 -25.89 8.06 39.38
N LYS C 243 -25.43 7.93 40.62
CA LYS C 243 -24.70 6.76 41.12
C LYS C 243 -24.88 6.70 42.59
N TRP C 244 -24.68 5.49 43.17
CA TRP C 244 -24.51 5.33 44.66
C TRP C 244 -23.49 4.26 45.07
N ALA C 245 -23.05 4.39 46.33
CA ALA C 245 -22.15 3.44 46.91
C ALA C 245 -22.64 3.15 48.29
N ALA C 246 -22.51 1.89 48.71
CA ALA C 246 -22.94 1.49 50.06
C ALA C 246 -21.95 0.59 50.81
N VAL C 247 -21.90 0.73 52.13
CA VAL C 247 -21.20 -0.22 53.02
C VAL C 247 -22.14 -0.75 54.03
N VAL C 248 -21.94 -1.98 54.41
CA VAL C 248 -22.59 -2.50 55.59
C VAL C 248 -21.62 -2.35 56.78
N VAL C 249 -22.14 -1.88 57.90
CA VAL C 249 -21.28 -1.53 59.03
C VAL C 249 -21.89 -2.04 60.32
N PRO C 250 -21.05 -2.46 61.28
CA PRO C 250 -21.63 -2.93 62.52
C PRO C 250 -22.37 -1.79 63.22
N SER C 251 -23.55 -2.09 63.75
CA SER C 251 -24.33 -1.12 64.52
C SER C 251 -23.46 -0.39 65.53
N GLY C 252 -23.64 0.91 65.69
CA GLY C 252 -22.85 1.66 66.65
C GLY C 252 -21.53 2.18 66.12
N GLN C 253 -21.17 1.82 64.88
CA GLN C 253 -19.85 2.23 64.34
C GLN C 253 -19.93 3.11 63.11
N GLU C 254 -21.16 3.48 62.77
CA GLU C 254 -21.46 4.39 61.65
C GLU C 254 -20.65 5.67 61.63
N GLN C 255 -20.33 6.26 62.78
CA GLN C 255 -19.42 7.39 62.78
C GLN C 255 -18.02 7.19 62.21
N ARG C 256 -17.42 6.01 62.25
CA ARG C 256 -16.06 5.95 61.71
C ARG C 256 -15.97 5.94 60.18
N TYR C 257 -17.13 5.87 59.52
CA TYR C 257 -17.25 5.81 58.07
C TYR C 257 -17.54 7.16 57.41
N THR C 258 -16.82 7.47 56.34
CA THR C 258 -17.08 8.65 55.54
C THR C 258 -17.16 8.29 54.09
N CYS C 259 -17.99 9.01 53.35
CA CYS C 259 -18.04 8.88 51.90
C CYS C 259 -17.27 10.00 51.22
N HIS C 260 -16.53 9.67 50.16
CA HIS C 260 -15.79 10.69 49.41
C HIS C 260 -16.15 10.80 47.95
N VAL C 261 -16.61 11.99 47.55
CA VAL C 261 -17.14 12.25 46.19
C VAL C 261 -16.20 13.12 45.40
N GLN C 262 -15.84 12.67 44.22
CA GLN C 262 -14.94 13.41 43.34
C GLN C 262 -15.60 13.64 42.01
N HIS C 263 -15.62 14.88 41.56
CA HIS C 263 -16.27 15.21 40.33
C HIS C 263 -15.78 16.51 39.87
N GLU C 264 -15.63 16.63 38.58
CA GLU C 264 -15.04 17.84 38.01
C GLU C 264 -15.81 19.13 38.37
N GLY C 265 -17.12 19.01 38.57
CA GLY C 265 -17.93 20.16 38.95
C GLY C 265 -17.74 20.61 40.38
N LEU C 266 -16.98 19.84 41.16
CA LEU C 266 -16.69 20.18 42.54
C LEU C 266 -15.32 20.86 42.75
N PRO C 267 -15.29 22.08 43.32
CA PRO C 267 -14.00 22.77 43.48
C PRO C 267 -13.02 21.90 44.30
N LYS C 268 -13.53 21.39 45.41
CA LYS C 268 -12.79 20.54 46.35
C LYS C 268 -13.69 19.30 46.49
N PRO C 269 -13.08 18.10 46.67
CA PRO C 269 -13.89 16.86 46.85
C PRO C 269 -14.67 16.90 48.14
N LEU C 270 -15.84 16.28 48.11
CA LEU C 270 -16.73 16.22 49.27
C LEU C 270 -16.44 15.07 50.21
N THR C 271 -16.64 15.32 51.50
CA THR C 271 -16.67 14.24 52.47
C THR C 271 -18.06 14.23 53.08
N LEU C 272 -18.70 13.08 53.12
CA LEU C 272 -19.93 12.94 53.87
C LEU C 272 -19.75 11.99 55.03
N ARG C 273 -20.34 12.31 56.17
CA ARG C 273 -20.48 11.36 57.29
C ARG C 273 -21.92 11.26 57.70
N TRP C 274 -22.41 10.07 58.06
CA TRP C 274 -23.82 9.96 58.42
C TRP C 274 -24.09 10.83 59.62
N GLU C 275 -25.11 11.67 59.52
CA GLU C 275 -25.44 12.56 60.65
C GLU C 275 -26.64 11.94 61.36
N PRO C 276 -26.39 11.33 62.54
CA PRO C 276 -27.38 10.49 63.25
C PRO C 276 -28.84 10.74 62.82
N MET D 1 -22.86 -17.38 19.96
CA MET D 1 -22.20 -16.10 19.55
C MET D 1 -21.17 -15.61 20.62
N ILE D 2 -21.64 -14.80 21.57
CA ILE D 2 -21.02 -14.46 22.87
C ILE D 2 -22.11 -13.68 23.59
N GLN D 3 -22.62 -14.20 24.71
CA GLN D 3 -23.86 -13.65 25.21
C GLN D 3 -23.81 -13.10 26.62
N ARG D 4 -24.20 -11.84 26.78
CA ARG D 4 -24.22 -11.21 28.10
C ARG D 4 -25.63 -10.90 28.58
N THR D 5 -25.95 -11.24 29.84
CA THR D 5 -27.25 -10.85 30.39
C THR D 5 -27.33 -9.40 30.91
N PRO D 6 -28.52 -8.76 30.81
CA PRO D 6 -28.65 -7.37 31.19
C PRO D 6 -28.59 -7.12 32.71
N LYS D 7 -27.96 -6.02 33.11
CA LYS D 7 -28.22 -5.48 34.44
C LYS D 7 -29.35 -4.45 34.29
N ILE D 8 -30.18 -4.41 35.32
CA ILE D 8 -31.41 -3.66 35.34
C ILE D 8 -31.41 -2.73 36.53
N GLN D 9 -31.70 -1.46 36.31
CA GLN D 9 -31.94 -0.60 37.47
C GLN D 9 -33.20 0.12 37.15
N VAL D 10 -34.02 0.32 38.18
CA VAL D 10 -35.24 1.11 38.07
C VAL D 10 -35.30 2.14 39.18
N TYR D 11 -35.64 3.36 38.81
CA TYR D 11 -35.47 4.49 39.66
C TYR D 11 -36.12 5.63 38.91
N SER D 12 -36.30 6.73 39.61
CA SER D 12 -37.08 7.81 39.09
C SER D 12 -36.16 8.96 38.92
N ARG D 13 -36.24 9.60 37.76
CA ARG D 13 -35.48 10.82 37.50
C ARG D 13 -35.33 11.83 38.68
N HIS D 14 -36.39 12.07 39.43
CA HIS D 14 -36.29 12.99 40.54
C HIS D 14 -36.60 12.25 41.84
N PRO D 15 -35.98 12.67 42.95
CA PRO D 15 -36.51 12.20 44.21
C PRO D 15 -38.06 12.24 44.17
N ALA D 16 -38.72 11.25 44.80
CA ALA D 16 -40.15 11.03 44.58
C ALA D 16 -40.96 11.51 45.76
N GLU D 17 -42.00 12.29 45.46
CA GLU D 17 -43.08 12.59 46.43
C GLU D 17 -44.38 12.05 45.91
N ASN D 18 -45.24 11.57 46.80
CA ASN D 18 -46.61 11.33 46.42
C ASN D 18 -47.19 12.65 45.93
N GLY D 19 -47.72 12.66 44.70
CA GLY D 19 -48.40 13.83 44.16
C GLY D 19 -47.70 14.60 43.04
N LYS D 20 -46.39 14.78 43.16
CA LYS D 20 -45.69 15.54 42.14
C LYS D 20 -45.21 14.62 41.00
N SER D 21 -45.73 14.92 39.82
CA SER D 21 -45.34 14.26 38.61
C SER D 21 -43.85 14.14 38.63
N ASN D 22 -43.39 12.97 38.19
CA ASN D 22 -42.00 12.63 38.04
C ASN D 22 -41.80 11.98 36.65
N PHE D 23 -40.63 11.39 36.42
CA PHE D 23 -40.42 10.41 35.33
C PHE D 23 -39.97 9.10 35.97
N LEU D 24 -40.49 7.98 35.48
CA LEU D 24 -40.05 6.68 35.96
C LEU D 24 -39.18 6.00 34.94
N ASN D 25 -37.91 5.78 35.31
CA ASN D 25 -36.94 5.14 34.43
C ASN D 25 -36.75 3.64 34.70
N CYS D 26 -36.22 2.92 33.70
CA CYS D 26 -35.62 1.56 33.92
C CYS D 26 -34.46 1.34 32.97
N TYR D 27 -33.27 1.36 33.57
CA TYR D 27 -32.00 1.25 32.88
C TYR D 27 -31.52 -0.22 32.75
N VAL D 28 -31.38 -0.63 31.50
CA VAL D 28 -30.90 -1.94 31.19
C VAL D 28 -29.61 -1.78 30.41
N SER D 29 -28.55 -2.43 30.90
CA SER D 29 -27.28 -2.34 30.20
C SER D 29 -26.52 -3.68 30.26
N GLY D 30 -25.27 -3.70 29.78
CA GLY D 30 -24.41 -4.85 29.83
C GLY D 30 -24.89 -6.07 29.10
N PHE D 31 -25.69 -5.88 28.06
CA PHE D 31 -26.24 -7.07 27.39
C PHE D 31 -25.89 -7.23 25.92
N HIS D 32 -26.09 -8.45 25.43
CA HIS D 32 -25.74 -8.88 24.08
C HIS D 32 -26.38 -10.24 23.93
N PRO D 33 -27.13 -10.45 22.86
CA PRO D 33 -27.41 -9.52 21.76
C PRO D 33 -28.38 -8.38 22.12
N SER D 34 -28.66 -7.49 21.17
CA SER D 34 -29.35 -6.20 21.39
C SER D 34 -30.84 -6.38 21.54
N ASP D 35 -31.32 -7.50 21.00
CA ASP D 35 -32.71 -7.81 21.05
C ASP D 35 -33.13 -7.98 22.49
N ILE D 36 -34.00 -7.11 22.97
CA ILE D 36 -34.40 -7.17 24.36
C ILE D 36 -35.83 -6.72 24.36
N GLU D 37 -36.59 -7.13 25.36
CA GLU D 37 -37.99 -6.63 25.57
C GLU D 37 -38.05 -6.00 26.94
N VAL D 38 -38.73 -4.85 27.08
CA VAL D 38 -38.76 -4.12 28.36
C VAL D 38 -40.06 -3.42 28.59
N ASP D 39 -40.99 -4.02 29.29
CA ASP D 39 -42.18 -3.27 29.60
C ASP D 39 -41.95 -2.74 31.01
N LEU D 40 -42.64 -1.65 31.38
CA LEU D 40 -42.71 -1.17 32.76
C LEU D 40 -44.14 -1.43 33.23
N LEU D 41 -44.28 -1.57 34.55
CA LEU D 41 -45.52 -2.06 35.12
C LEU D 41 -46.08 -1.15 36.19
N LYS D 42 -47.40 -1.16 36.29
CA LYS D 42 -48.14 -0.45 37.33
C LYS D 42 -49.09 -1.45 37.98
N ASN D 43 -48.91 -1.62 39.28
CA ASN D 43 -49.56 -2.69 40.05
C ASN D 43 -49.60 -4.03 39.29
N GLY D 44 -48.57 -4.27 38.48
CA GLY D 44 -48.46 -5.47 37.67
C GLY D 44 -49.35 -5.49 36.45
N GLU D 45 -49.28 -4.43 35.64
CA GLU D 45 -49.90 -4.42 34.32
C GLU D 45 -49.09 -3.44 33.50
N ARG D 46 -48.97 -3.69 32.20
CA ARG D 46 -48.07 -2.87 31.39
C ARG D 46 -48.57 -1.45 31.26
N ILE D 47 -47.66 -0.48 31.39
CA ILE D 47 -47.91 0.93 31.10
C ILE D 47 -47.97 1.14 29.57
N GLU D 48 -49.04 1.74 29.05
CA GLU D 48 -49.15 1.84 27.61
C GLU D 48 -48.10 2.73 26.95
N LYS D 49 -47.95 3.99 27.33
CA LYS D 49 -46.98 4.78 26.55
C LYS D 49 -45.58 4.91 27.18
N VAL D 50 -44.61 4.22 26.58
CA VAL D 50 -43.26 4.07 27.20
C VAL D 50 -42.25 4.26 26.13
N GLU D 51 -41.37 5.22 26.32
CA GLU D 51 -40.36 5.52 25.31
C GLU D 51 -38.99 5.03 25.69
N HIS D 52 -38.09 4.94 24.73
CA HIS D 52 -36.73 4.51 25.10
C HIS D 52 -35.65 5.23 24.36
N SER D 53 -34.41 5.18 24.90
CA SER D 53 -33.27 5.90 24.33
C SER D 53 -32.82 5.24 23.06
N ASP D 54 -32.15 5.97 22.19
CA ASP D 54 -31.53 5.37 21.00
C ASP D 54 -30.40 4.29 21.29
N LEU D 55 -30.51 3.13 20.67
CA LEU D 55 -29.65 2.00 21.07
C LEU D 55 -28.15 2.31 21.07
N SER D 56 -27.46 1.99 22.13
CA SER D 56 -26.03 2.33 22.15
C SER D 56 -25.22 1.23 22.82
N PHE D 57 -23.89 1.21 22.67
CA PHE D 57 -23.09 0.23 23.44
C PHE D 57 -21.88 0.81 24.15
N SER D 58 -21.26 0.04 25.03
CA SER D 58 -20.09 0.53 25.76
C SER D 58 -18.76 -0.04 25.24
N LYS D 59 -17.66 0.35 25.86
CA LYS D 59 -16.33 -0.13 25.50
C LYS D 59 -16.28 -1.61 25.13
N ASP D 60 -16.96 -2.44 25.92
CA ASP D 60 -16.97 -3.90 25.81
C ASP D 60 -18.02 -4.40 24.85
N TRP D 61 -18.67 -3.48 24.15
CA TRP D 61 -19.69 -3.84 23.16
C TRP D 61 -21.05 -4.25 23.74
N SER D 62 -21.32 -4.07 25.01
CA SER D 62 -22.62 -4.45 25.49
C SER D 62 -23.52 -3.26 25.32
N PHE D 63 -24.80 -3.53 25.15
CA PHE D 63 -25.74 -2.49 24.83
C PHE D 63 -26.35 -1.86 26.07
N TYR D 64 -26.81 -0.64 25.93
CA TYR D 64 -27.59 -0.05 26.97
C TYR D 64 -28.71 0.78 26.38
N LEU D 65 -29.90 0.65 26.97
CA LEU D 65 -31.00 1.55 26.67
C LEU D 65 -31.58 2.10 27.99
N LEU D 66 -32.07 3.34 28.02
CA LEU D 66 -33.02 3.78 29.07
C LEU D 66 -34.47 3.72 28.54
N TYR D 67 -35.39 3.19 29.34
CA TYR D 67 -36.83 3.21 29.04
C TYR D 67 -37.44 3.98 30.14
N TYR D 68 -38.47 4.79 29.83
CA TYR D 68 -39.02 5.75 30.79
C TYR D 68 -40.39 6.25 30.37
N THR D 69 -41.16 6.78 31.33
CA THR D 69 -42.49 7.28 31.13
C THR D 69 -42.83 8.25 32.27
N GLU D 70 -43.45 9.38 31.92
CA GLU D 70 -43.91 10.35 32.87
C GLU D 70 -44.80 9.57 33.82
N PHE D 71 -44.89 9.99 35.07
CA PHE D 71 -45.78 9.32 36.03
C PHE D 71 -45.89 10.04 37.37
N THR D 72 -47.04 9.91 38.04
CA THR D 72 -47.21 10.47 39.38
C THR D 72 -47.25 9.43 40.51
N PRO D 73 -46.16 9.36 41.31
CA PRO D 73 -46.09 8.36 42.38
C PRO D 73 -47.16 8.63 43.43
N THR D 74 -47.72 7.57 44.00
CA THR D 74 -48.71 7.70 45.07
C THR D 74 -48.18 7.07 46.33
N GLU D 75 -49.06 7.00 47.33
CA GLU D 75 -48.80 6.23 48.54
C GLU D 75 -48.49 4.77 48.15
N LYS D 76 -49.52 3.98 47.84
CA LYS D 76 -49.32 2.55 47.70
C LYS D 76 -49.64 2.10 46.30
N ASP D 77 -48.89 2.65 45.34
CA ASP D 77 -48.84 2.14 43.98
C ASP D 77 -47.49 1.48 43.81
N GLU D 78 -47.47 0.21 43.41
CA GLU D 78 -46.20 -0.51 43.16
C GLU D 78 -45.78 -0.33 41.71
N TYR D 79 -44.50 -0.27 41.47
CA TYR D 79 -44.07 -0.07 40.11
C TYR D 79 -42.85 -0.92 39.88
N ALA D 80 -42.76 -1.56 38.72
CA ALA D 80 -41.70 -2.51 38.51
C ALA D 80 -41.20 -2.48 37.08
N CYS D 81 -40.09 -3.18 36.83
CA CYS D 81 -39.54 -3.30 35.49
C CYS D 81 -39.50 -4.77 35.09
N ARG D 82 -39.99 -5.11 33.90
CA ARG D 82 -39.96 -6.49 33.46
C ARG D 82 -39.15 -6.62 32.19
N VAL D 83 -38.21 -7.56 32.18
CA VAL D 83 -37.25 -7.68 31.08
C VAL D 83 -37.10 -9.11 30.65
N ASN D 84 -37.08 -9.35 29.35
CA ASN D 84 -36.82 -10.67 28.80
C ASN D 84 -35.79 -10.61 27.71
N HIS D 85 -35.06 -11.70 27.58
CA HIS D 85 -33.84 -11.77 26.80
C HIS D 85 -33.58 -13.21 26.45
N VAL D 86 -32.57 -13.47 25.63
CA VAL D 86 -32.21 -14.86 25.30
C VAL D 86 -31.39 -15.49 26.42
N THR D 87 -30.79 -14.62 27.23
CA THR D 87 -29.96 -15.08 28.33
C THR D 87 -30.83 -15.49 29.51
N LEU D 88 -32.03 -14.94 29.60
CA LEU D 88 -32.91 -15.30 30.72
C LEU D 88 -33.89 -16.42 30.40
N SER D 89 -33.91 -17.46 31.23
CA SER D 89 -34.94 -18.48 31.11
C SER D 89 -36.31 -17.89 31.46
N GLN D 90 -36.39 -17.24 32.61
CA GLN D 90 -37.57 -16.44 32.94
C GLN D 90 -37.33 -14.95 32.89
N PRO D 91 -38.27 -14.18 32.30
CA PRO D 91 -38.23 -12.71 32.39
C PRO D 91 -37.99 -12.21 33.84
N LYS D 92 -37.06 -11.29 34.01
CA LYS D 92 -36.77 -10.74 35.33
C LYS D 92 -37.65 -9.53 35.68
N ILE D 93 -38.27 -9.54 36.86
CA ILE D 93 -39.12 -8.46 37.35
C ILE D 93 -38.48 -7.74 38.58
N VAL D 94 -38.06 -6.49 38.41
CA VAL D 94 -37.42 -5.74 39.48
C VAL D 94 -38.36 -4.65 39.99
N LYS D 95 -38.57 -4.60 41.30
CA LYS D 95 -39.46 -3.58 41.83
C LYS D 95 -38.72 -2.26 42.00
N TRP D 96 -39.47 -1.18 41.95
CA TRP D 96 -38.91 0.14 42.11
C TRP D 96 -38.89 0.32 43.59
N ASP D 97 -37.71 0.52 44.18
CA ASP D 97 -37.62 0.69 45.64
C ASP D 97 -37.45 2.16 46.02
N ARG D 98 -38.58 2.83 46.18
CA ARG D 98 -38.60 4.27 46.33
C ARG D 98 -37.48 4.68 47.27
N ASP D 99 -37.56 4.17 48.50
CA ASP D 99 -36.68 4.60 49.59
C ASP D 99 -35.26 4.06 49.54
N MET D 100 -34.70 3.88 48.36
CA MET D 100 -33.31 3.43 48.28
C MET D 100 -32.27 4.47 48.74
N GLY E 1 54.49 19.58 2.46
CA GLY E 1 53.60 20.77 2.51
C GLY E 1 52.98 20.89 3.89
N SER E 2 52.21 21.96 4.10
CA SER E 2 51.54 22.26 5.39
C SER E 2 50.52 21.21 5.86
N HIS E 3 50.17 21.26 7.14
CA HIS E 3 49.23 20.34 7.75
C HIS E 3 48.42 21.05 8.79
N SER E 4 47.29 20.45 9.15
CA SER E 4 46.32 21.04 10.05
C SER E 4 45.59 19.97 10.85
N MET E 5 45.01 20.38 11.96
CA MET E 5 44.11 19.52 12.68
C MET E 5 42.98 20.37 13.19
N ARG E 6 41.76 19.93 12.91
CA ARG E 6 40.64 20.76 13.23
C ARG E 6 39.47 19.93 13.73
N TYR E 7 38.80 20.39 14.77
CA TYR E 7 37.60 19.76 15.23
C TYR E 7 36.41 20.67 14.96
N PHE E 8 35.30 20.09 14.50
CA PHE E 8 34.06 20.83 14.29
C PHE E 8 32.91 20.29 15.12
N PHE E 9 32.18 21.17 15.78
CA PHE E 9 31.07 20.80 16.64
C PHE E 9 29.81 21.52 16.23
N THR E 10 28.70 20.80 16.31
CA THR E 10 27.41 21.36 15.93
C THR E 10 26.32 20.99 16.89
N SER E 11 25.64 21.99 17.45
CA SER E 11 24.50 21.77 18.33
C SER E 11 23.24 22.31 17.74
N VAL E 12 22.19 21.52 17.70
CA VAL E 12 20.95 22.00 17.15
C VAL E 12 19.89 21.70 18.21
N SER E 13 19.17 22.72 18.66
CA SER E 13 18.14 22.51 19.66
C SER E 13 16.90 21.97 18.99
N ARG E 14 16.12 21.21 19.75
CA ARG E 14 14.89 20.64 19.24
C ARG E 14 13.86 20.73 20.34
N PRO E 15 13.29 21.91 20.55
CA PRO E 15 12.26 22.03 21.58
C PRO E 15 11.12 21.05 21.31
N GLY E 16 10.68 20.31 22.34
CA GLY E 16 9.60 19.34 22.18
C GLY E 16 10.08 17.89 22.11
N ARG E 17 11.10 17.64 21.30
CA ARG E 17 11.82 16.37 21.37
C ARG E 17 12.89 16.52 22.47
N GLY E 18 13.69 15.48 22.71
CA GLY E 18 14.79 15.53 23.69
C GLY E 18 15.73 16.75 23.85
N GLU E 19 17.03 16.44 23.98
CA GLU E 19 18.10 17.42 24.09
C GLU E 19 18.66 17.68 22.70
N PRO E 20 19.40 18.78 22.54
CA PRO E 20 20.02 19.08 21.26
C PRO E 20 20.78 17.93 20.62
N ARG E 21 20.71 17.84 19.30
CA ARG E 21 21.60 16.99 18.53
C ARG E 21 22.99 17.52 18.70
N PHE E 22 23.94 16.71 19.15
CA PHE E 22 25.35 17.10 19.15
C PHE E 22 26.16 16.24 18.20
N ILE E 23 26.79 16.86 17.21
CA ILE E 23 27.67 16.14 16.30
C ILE E 23 29.05 16.79 16.31
N ALA E 24 30.07 15.97 16.48
CA ALA E 24 31.43 16.50 16.47
C ALA E 24 32.31 15.58 15.69
N VAL E 25 33.27 16.20 15.00
CA VAL E 25 34.18 15.48 14.15
C VAL E 25 35.53 16.14 14.21
N GLY E 26 36.59 15.33 14.07
CA GLY E 26 37.95 15.85 14.01
C GLY E 26 38.63 15.53 12.71
N TYR E 27 39.38 16.48 12.14
CA TYR E 27 40.19 16.26 10.92
C TYR E 27 41.70 16.39 11.15
N VAL E 28 42.49 15.69 10.32
CA VAL E 28 43.87 16.07 10.06
C VAL E 28 43.95 16.30 8.55
N ASP E 29 44.42 17.47 8.16
CA ASP E 29 44.23 17.91 6.81
C ASP E 29 42.78 17.57 6.41
N ASP E 30 42.65 16.79 5.35
CA ASP E 30 41.36 16.48 4.78
C ASP E 30 40.87 15.05 5.10
N THR E 31 41.37 14.43 6.18
CA THR E 31 40.86 13.12 6.56
C THR E 31 40.24 13.22 7.92
N GLN E 32 38.98 12.81 8.00
CA GLN E 32 38.27 12.83 9.29
C GLN E 32 38.77 11.58 10.00
N PHE E 33 39.04 11.70 11.30
CA PHE E 33 39.51 10.53 12.08
C PHE E 33 38.64 10.18 13.31
N VAL E 34 37.91 11.14 13.85
CA VAL E 34 36.98 10.84 14.90
C VAL E 34 35.66 11.46 14.63
N ARG E 35 34.60 10.82 15.13
CA ARG E 35 33.28 11.40 15.20
C ARG E 35 32.68 11.14 16.56
N PHE E 36 31.61 11.86 16.85
CA PHE E 36 30.74 11.56 17.95
C PHE E 36 29.38 12.14 17.57
N ASP E 37 28.32 11.38 17.82
CA ASP E 37 26.98 11.79 17.49
C ASP E 37 26.05 11.43 18.63
N SER E 38 25.46 12.44 19.25
CA SER E 38 24.58 12.23 20.40
C SER E 38 23.45 11.26 20.09
N ASP E 39 22.99 11.21 18.85
CA ASP E 39 21.87 10.35 18.55
C ASP E 39 22.28 8.90 18.16
N ALA E 40 23.59 8.62 18.12
CA ALA E 40 24.10 7.29 17.81
C ALA E 40 23.94 6.39 19.03
N ALA E 41 23.97 5.07 18.82
CA ALA E 41 23.76 4.09 19.90
C ALA E 41 24.90 4.05 20.91
N SER E 42 26.12 4.04 20.40
CA SER E 42 27.32 3.79 21.20
C SER E 42 27.62 4.78 22.31
N GLN E 43 27.23 6.04 22.15
CA GLN E 43 27.55 7.07 23.15
C GLN E 43 29.03 7.25 23.38
N ARG E 44 29.83 6.97 22.36
CA ARG E 44 31.27 7.19 22.46
C ARG E 44 31.90 7.89 21.24
N MET E 45 33.09 8.43 21.48
CA MET E 45 33.91 8.96 20.45
C MET E 45 34.37 7.76 19.67
N GLU E 46 34.20 7.78 18.36
CA GLU E 46 34.48 6.61 17.55
C GLU E 46 35.60 6.89 16.55
N PRO E 47 36.38 5.86 16.19
CA PRO E 47 37.43 5.98 15.18
C PRO E 47 36.85 6.11 13.77
N ARG E 48 37.56 6.82 12.88
CA ARG E 48 37.16 6.97 11.48
C ARG E 48 38.32 6.89 10.51
N ALA E 49 39.51 6.65 11.02
CA ALA E 49 40.68 6.38 10.18
C ALA E 49 41.44 5.27 10.86
N PRO E 50 42.00 4.33 10.09
CA PRO E 50 42.71 3.20 10.70
C PRO E 50 43.68 3.63 11.79
N TRP E 51 44.54 4.60 11.50
CA TRP E 51 45.65 4.93 12.37
C TRP E 51 45.27 5.53 13.71
N ILE E 52 44.01 5.88 13.92
CA ILE E 52 43.58 6.37 15.23
C ILE E 52 43.27 5.17 16.07
N GLU E 53 42.93 4.04 15.41
CA GLU E 53 42.51 2.78 16.10
C GLU E 53 43.61 2.28 17.04
N GLN E 54 44.87 2.60 16.71
CA GLN E 54 46.04 2.30 17.57
C GLN E 54 45.90 2.76 18.99
N GLU E 55 45.16 3.84 19.21
CA GLU E 55 45.19 4.53 20.47
C GLU E 55 44.56 3.63 21.51
N GLY E 56 45.11 3.64 22.72
CA GLY E 56 44.67 2.72 23.78
C GLY E 56 43.38 3.13 24.45
N PRO E 57 42.82 2.24 25.31
CA PRO E 57 41.48 2.53 25.83
C PRO E 57 41.41 3.88 26.57
N GLU E 58 42.51 4.29 27.22
CA GLU E 58 42.58 5.59 27.91
C GLU E 58 42.14 6.71 27.01
N TYR E 59 42.72 6.74 25.81
CA TYR E 59 42.40 7.74 24.80
C TYR E 59 40.89 7.79 24.47
N TRP E 60 40.27 6.65 24.15
CA TRP E 60 38.82 6.65 23.90
C TRP E 60 37.98 7.03 25.14
N ASP E 61 38.26 6.43 26.32
CA ASP E 61 37.61 6.88 27.57
C ASP E 61 37.77 8.41 27.73
N GLY E 62 38.98 8.92 27.54
CA GLY E 62 39.27 10.33 27.73
C GLY E 62 38.59 11.23 26.71
N GLU E 63 38.80 10.97 25.42
CA GLU E 63 38.15 11.78 24.40
C GLU E 63 36.64 11.69 24.54
N THR E 64 36.12 10.51 24.89
CA THR E 64 34.69 10.39 25.06
C THR E 64 34.20 11.36 26.12
N ARG E 65 34.92 11.41 27.23
CA ARG E 65 34.57 12.31 28.32
C ARG E 65 34.62 13.77 27.85
N LYS E 66 35.71 14.14 27.22
CA LYS E 66 35.88 15.51 26.80
C LYS E 66 34.75 15.90 25.81
N VAL E 67 34.50 15.06 24.82
CA VAL E 67 33.46 15.37 23.84
C VAL E 67 32.13 15.54 24.56
N LYS E 68 31.89 14.70 25.56
CA LYS E 68 30.65 14.77 26.30
C LYS E 68 30.56 16.17 26.89
N ALA E 69 31.67 16.63 27.44
CA ALA E 69 31.74 17.93 28.11
C ALA E 69 31.44 19.06 27.14
N HIS E 70 32.07 18.99 25.97
CA HIS E 70 31.78 19.90 24.91
C HIS E 70 30.27 19.92 24.75
N SER E 71 29.66 18.75 24.60
CA SER E 71 28.23 18.61 24.34
C SER E 71 27.41 19.34 25.39
N GLN E 72 27.74 19.08 26.65
CA GLN E 72 26.98 19.67 27.74
C GLN E 72 27.20 21.18 27.82
N THR E 73 28.36 21.61 27.36
CA THR E 73 28.68 23.03 27.36
C THR E 73 27.79 23.74 26.38
N HIS E 74 27.67 23.19 25.18
CA HIS E 74 26.79 23.76 24.18
C HIS E 74 25.35 23.75 24.59
N ARG E 75 24.93 22.69 25.25
CA ARG E 75 23.58 22.64 25.76
C ARG E 75 23.27 23.85 26.64
N VAL E 76 24.19 24.23 27.52
CA VAL E 76 23.96 25.41 28.31
C VAL E 76 24.07 26.64 27.44
N ASP E 77 24.95 26.60 26.44
CA ASP E 77 25.21 27.76 25.65
C ASP E 77 23.95 28.14 24.90
N LEU E 78 23.29 27.16 24.29
CA LEU E 78 22.03 27.38 23.61
C LEU E 78 21.09 28.26 24.45
N GLY E 79 20.89 27.86 25.70
CA GLY E 79 20.04 28.61 26.63
C GLY E 79 20.56 30.00 26.88
N THR E 80 21.85 30.13 27.15
CA THR E 80 22.46 31.42 27.41
C THR E 80 22.19 32.33 26.21
N LEU E 81 22.30 31.77 25.02
CA LEU E 81 22.15 32.57 23.85
C LEU E 81 20.70 33.00 23.60
N ARG E 82 19.77 32.06 23.66
CA ARG E 82 18.36 32.41 23.55
C ARG E 82 18.08 33.58 24.47
N GLY E 83 18.69 33.57 25.66
CA GLY E 83 18.50 34.63 26.65
C GLY E 83 19.05 35.94 26.15
N TYR E 84 20.33 35.93 25.78
CA TYR E 84 20.96 37.15 25.30
C TYR E 84 20.21 37.81 24.12
N TYR E 85 19.62 37.01 23.22
CA TYR E 85 18.90 37.56 22.05
C TYR E 85 17.39 37.63 22.25
N ASN E 86 16.95 37.65 23.51
CA ASN E 86 15.56 37.32 23.89
C ASN E 86 14.64 36.75 22.82
N GLN E 87 14.94 35.48 22.53
CA GLN E 87 14.15 34.62 21.63
C GLN E 87 13.37 33.63 22.48
N SER E 88 12.26 33.14 21.96
CA SER E 88 11.37 32.29 22.73
C SER E 88 11.90 30.86 22.76
N GLU E 89 11.46 30.10 23.76
CA GLU E 89 11.82 28.68 23.93
C GLU E 89 11.39 27.81 22.74
N ALA E 90 10.49 28.32 21.89
CA ALA E 90 9.86 27.51 20.83
C ALA E 90 10.69 27.25 19.58
N GLY E 91 11.52 28.21 19.15
CA GLY E 91 12.37 28.02 17.97
C GLY E 91 13.58 27.09 18.13
N SER E 92 13.98 26.49 17.00
CA SER E 92 15.22 25.71 16.95
C SER E 92 16.38 26.64 16.55
N HIS E 93 17.52 26.50 17.19
CA HIS E 93 18.66 27.35 16.89
C HIS E 93 19.96 26.52 16.88
N THR E 94 20.99 27.00 16.18
CA THR E 94 22.25 26.25 16.03
C THR E 94 23.48 26.95 16.59
N VAL E 95 24.27 26.22 17.36
CA VAL E 95 25.61 26.65 17.68
C VAL E 95 26.67 25.80 16.94
N GLN E 96 27.73 26.48 16.50
CA GLN E 96 28.81 25.85 15.77
C GLN E 96 30.11 26.35 16.31
N ARG E 97 31.02 25.44 16.61
CA ARG E 97 32.31 25.82 17.11
C ARG E 97 33.36 25.07 16.30
N MET E 98 34.47 25.74 16.04
CA MET E 98 35.54 25.13 15.27
C MET E 98 36.87 25.64 15.81
N TYR E 99 37.79 24.74 16.16
CA TYR E 99 39.11 25.16 16.54
C TYR E 99 40.16 24.22 16.00
N GLY E 100 41.43 24.62 16.13
CA GLY E 100 42.54 23.76 15.71
C GLY E 100 43.75 24.56 15.34
N CYS E 101 44.73 23.91 14.70
CA CYS E 101 45.98 24.58 14.42
C CYS E 101 46.60 24.14 13.13
N ASP E 102 47.41 25.02 12.53
CA ASP E 102 48.18 24.74 11.34
C ASP E 102 49.66 24.67 11.66
N VAL E 103 50.39 23.82 10.94
CA VAL E 103 51.86 23.77 11.00
C VAL E 103 52.39 23.84 9.60
N GLY E 104 53.62 24.35 9.45
CA GLY E 104 54.34 24.35 8.16
C GLY E 104 54.96 23.00 7.81
N SER E 105 55.71 22.96 6.72
CA SER E 105 56.27 21.70 6.19
C SER E 105 57.28 21.05 7.15
N ASP E 106 57.79 21.83 8.10
CA ASP E 106 58.68 21.29 9.15
C ASP E 106 57.92 20.99 10.45
N TRP E 107 56.59 21.12 10.40
CA TRP E 107 55.70 20.76 11.52
C TRP E 107 55.85 21.72 12.71
N ARG E 108 56.44 22.88 12.46
CA ARG E 108 56.49 23.92 13.47
C ARG E 108 55.16 24.70 13.42
N PHE E 109 54.65 25.10 14.58
CA PHE E 109 53.42 25.87 14.67
C PHE E 109 53.33 27.05 13.68
N LEU E 110 52.12 27.25 13.14
CA LEU E 110 51.92 28.29 12.15
C LEU E 110 50.79 29.27 12.48
N ARG E 111 49.60 28.73 12.79
CA ARG E 111 48.46 29.57 13.08
C ARG E 111 47.56 28.77 13.99
N GLY E 112 46.77 29.46 14.80
CA GLY E 112 45.73 28.78 15.58
C GLY E 112 44.35 29.38 15.40
N TYR E 113 43.31 28.61 15.66
CA TYR E 113 41.98 29.15 15.48
C TYR E 113 41.01 28.67 16.51
N HIS E 114 39.99 29.49 16.76
CA HIS E 114 38.87 29.08 17.56
C HIS E 114 37.70 30.02 17.30
N GLN E 115 36.62 29.50 16.75
CA GLN E 115 35.50 30.33 16.33
C GLN E 115 34.19 29.77 16.77
N TYR E 116 33.20 30.64 16.89
CA TYR E 116 31.91 30.29 17.41
C TYR E 116 30.83 30.98 16.59
N ALA E 117 29.86 30.22 16.11
CA ALA E 117 28.76 30.78 15.35
C ALA E 117 27.46 30.51 16.07
N TYR E 118 26.53 31.46 15.98
CA TYR E 118 25.17 31.23 16.42
C TYR E 118 24.28 31.45 15.24
N ASP E 119 23.24 30.63 15.11
CA ASP E 119 22.33 30.63 13.94
C ASP E 119 22.95 30.98 12.60
N GLY E 120 24.12 30.43 12.30
CA GLY E 120 24.76 30.64 11.00
C GLY E 120 25.44 31.99 10.77
N LYS E 121 25.72 32.73 11.82
CA LYS E 121 26.45 33.98 11.70
C LYS E 121 27.58 33.87 12.74
N ASP E 122 28.62 34.67 12.58
CA ASP E 122 29.70 34.72 13.54
C ASP E 122 29.10 35.11 14.88
N TYR E 123 29.73 34.67 15.95
CA TYR E 123 29.38 35.14 17.27
C TYR E 123 30.63 35.66 17.97
N ILE E 124 31.61 34.79 18.20
CA ILE E 124 32.84 35.19 18.86
C ILE E 124 34.00 34.42 18.28
N ALA E 125 35.11 35.11 18.08
CA ALA E 125 36.26 34.50 17.43
C ALA E 125 37.53 34.91 18.14
N LEU E 126 38.47 33.98 18.29
CA LEU E 126 39.76 34.34 18.83
C LEU E 126 40.55 34.92 17.69
N LYS E 127 41.08 36.14 17.87
CA LYS E 127 41.82 36.82 16.82
C LYS E 127 43.12 36.09 16.50
N GLU E 128 43.72 36.44 15.36
CA GLU E 128 44.91 35.81 14.82
C GLU E 128 46.06 35.67 15.83
N ASP E 129 46.14 36.64 16.73
CA ASP E 129 47.24 36.72 17.68
C ASP E 129 47.04 35.84 18.88
N LEU E 130 45.92 35.12 18.92
CA LEU E 130 45.53 34.27 20.08
C LEU E 130 45.62 34.97 21.44
N ARG E 131 45.29 36.26 21.47
CA ARG E 131 45.36 37.04 22.71
C ARG E 131 44.16 37.93 22.88
N SER E 132 43.42 38.21 21.81
CA SER E 132 42.22 39.05 21.92
C SER E 132 41.07 38.48 21.11
N TRP E 133 39.87 39.02 21.32
CA TRP E 133 38.65 38.47 20.76
C TRP E 133 37.95 39.38 19.75
N THR E 134 37.22 38.77 18.82
CA THR E 134 36.36 39.51 17.92
C THR E 134 34.92 39.15 18.28
N ALA E 135 34.16 40.15 18.69
CA ALA E 135 32.73 39.96 18.96
C ALA E 135 31.96 40.41 17.74
N ALA E 136 31.16 39.52 17.18
CA ALA E 136 30.39 39.81 15.98
C ALA E 136 29.41 40.99 16.11
N ASP E 137 28.79 41.12 17.27
CA ASP E 137 27.80 42.15 17.49
C ASP E 137 27.71 42.48 18.95
N MET E 138 26.62 43.12 19.32
CA MET E 138 26.40 43.60 20.67
C MET E 138 26.40 42.49 21.72
N ALA E 139 25.56 41.49 21.47
CA ALA E 139 25.39 40.42 22.41
C ALA E 139 26.73 39.82 22.74
N ALA E 140 27.51 39.54 21.72
CA ALA E 140 28.79 38.88 21.89
C ALA E 140 29.74 39.69 22.75
N GLN E 141 29.52 41.00 22.83
CA GLN E 141 30.35 41.85 23.69
C GLN E 141 30.34 41.35 25.14
N THR E 142 29.20 40.82 25.56
CA THR E 142 29.01 40.31 26.90
C THR E 142 29.94 39.13 27.09
N THR E 143 29.95 38.24 26.10
CA THR E 143 30.85 37.09 26.22
C THR E 143 32.31 37.53 26.16
N LYS E 144 32.65 38.43 25.21
CA LYS E 144 34.02 38.94 25.12
C LYS E 144 34.47 39.48 26.49
N HIS E 145 33.64 40.27 27.15
CA HIS E 145 34.06 40.87 28.41
C HIS E 145 34.22 39.81 29.49
N LYS E 146 33.36 38.80 29.44
CA LYS E 146 33.46 37.66 30.35
C LYS E 146 34.79 36.92 30.17
N TRP E 147 34.96 36.34 28.99
CA TRP E 147 36.18 35.59 28.65
C TRP E 147 37.48 36.39 28.74
N GLU E 148 37.38 37.73 28.71
CA GLU E 148 38.53 38.59 28.92
C GLU E 148 38.93 38.48 30.40
N ALA E 149 37.99 38.82 31.29
CA ALA E 149 38.25 38.83 32.74
C ALA E 149 38.54 37.42 33.26
N ALA E 150 37.93 36.41 32.63
CA ALA E 150 38.26 35.01 32.95
C ALA E 150 39.56 34.49 32.31
N HIS E 151 40.27 35.33 31.53
CA HIS E 151 41.58 34.97 30.97
C HIS E 151 41.56 33.75 30.04
N VAL E 152 40.38 33.49 29.49
CA VAL E 152 40.18 32.33 28.63
C VAL E 152 41.22 32.20 27.52
N ALA E 153 41.58 33.33 26.90
CA ALA E 153 42.56 33.39 25.82
C ALA E 153 43.83 32.57 26.15
N GLU E 154 44.48 32.95 27.27
CA GLU E 154 45.74 32.32 27.71
C GLU E 154 45.64 30.81 27.63
N GLN E 155 44.53 30.28 28.15
CA GLN E 155 44.29 28.84 28.15
C GLN E 155 44.18 28.30 26.73
N LEU E 156 43.27 28.84 25.91
CA LEU E 156 43.24 28.47 24.48
C LEU E 156 44.61 28.54 23.81
N ARG E 157 45.36 29.64 24.03
CA ARG E 157 46.66 29.82 23.39
C ARG E 157 47.57 28.66 23.72
N ALA E 158 47.68 28.34 24.99
CA ALA E 158 48.53 27.24 25.43
C ALA E 158 48.19 25.98 24.67
N TYR E 159 46.90 25.69 24.54
CA TYR E 159 46.49 24.49 23.86
C TYR E 159 46.84 24.52 22.37
N LEU E 160 46.46 25.62 21.72
CA LEU E 160 46.65 25.77 20.31
C LEU E 160 48.14 25.81 19.92
N GLU E 161 48.95 26.58 20.64
CA GLU E 161 50.38 26.67 20.33
C GLU E 161 51.15 25.41 20.67
N GLY E 162 50.66 24.65 21.64
CA GLY E 162 51.38 23.51 22.20
C GLY E 162 50.68 22.18 22.00
N THR E 163 49.74 21.85 22.88
CA THR E 163 48.99 20.60 22.83
C THR E 163 48.51 20.24 21.42
N CYS E 164 47.83 21.19 20.79
CA CYS E 164 47.29 20.97 19.46
C CYS E 164 48.37 20.48 18.50
N VAL E 165 49.50 21.19 18.46
CA VAL E 165 50.52 20.82 17.50
C VAL E 165 51.21 19.52 17.90
N GLU E 166 51.33 19.27 19.19
CA GLU E 166 51.99 18.05 19.64
C GLU E 166 51.20 16.82 19.17
N TRP E 167 49.87 16.90 19.25
CA TRP E 167 49.04 15.77 18.88
C TRP E 167 48.98 15.61 17.38
N LEU E 168 48.93 16.73 16.69
CA LEU E 168 48.95 16.67 15.25
C LEU E 168 50.24 15.97 14.83
N ARG E 169 51.40 16.39 15.34
CA ARG E 169 52.67 15.70 15.08
C ARG E 169 52.55 14.19 15.30
N ARG E 170 52.04 13.80 16.47
CA ARG E 170 51.84 12.38 16.74
C ARG E 170 50.96 11.74 15.68
N TYR E 171 49.81 12.32 15.42
CA TYR E 171 48.89 11.71 14.48
C TYR E 171 49.56 11.54 13.13
N LEU E 172 50.25 12.58 12.65
CA LEU E 172 50.92 12.52 11.37
C LEU E 172 51.96 11.41 11.34
N GLU E 173 52.69 11.23 12.43
CA GLU E 173 53.70 10.21 12.48
C GLU E 173 53.05 8.84 12.40
N ASN E 174 52.07 8.60 13.25
CA ASN E 174 51.40 7.30 13.29
C ASN E 174 50.73 7.02 11.97
N GLY E 175 50.19 8.07 11.35
CA GLY E 175 49.44 7.94 10.11
C GLY E 175 50.27 8.11 8.85
N LYS E 176 51.59 8.10 9.00
CA LYS E 176 52.52 8.41 7.92
C LYS E 176 52.06 7.80 6.63
N GLU E 177 51.76 6.51 6.67
CA GLU E 177 51.44 5.73 5.48
C GLU E 177 50.34 6.39 4.64
N THR E 178 49.38 7.00 5.32
CA THR E 178 48.18 7.57 4.71
C THR E 178 48.25 9.08 4.61
N LEU E 179 48.60 9.74 5.71
CA LEU E 179 48.45 11.18 5.81
C LEU E 179 49.48 11.99 5.07
N GLN E 180 50.66 11.41 4.87
CA GLN E 180 51.79 12.11 4.31
C GLN E 180 52.00 11.74 2.86
N ARG E 181 51.07 11.00 2.28
CA ARG E 181 51.13 10.65 0.86
C ARG E 181 50.66 11.88 0.08
N THR E 182 50.98 11.93 -1.21
CA THR E 182 50.34 12.87 -2.11
C THR E 182 49.94 12.10 -3.35
N ASP E 183 48.67 12.11 -3.67
CA ASP E 183 48.20 11.46 -4.87
C ASP E 183 48.05 12.50 -5.95
N ALA E 184 48.95 12.47 -6.94
CA ALA E 184 48.80 13.24 -8.19
C ALA E 184 47.36 13.08 -8.73
N PRO E 185 46.78 14.13 -9.34
CA PRO E 185 45.54 13.99 -10.10
C PRO E 185 45.65 13.15 -11.38
N LYS E 186 44.69 12.27 -11.62
CA LYS E 186 44.53 11.68 -12.98
C LYS E 186 43.63 12.61 -13.75
N THR E 187 44.15 13.11 -14.87
CA THR E 187 43.53 14.19 -15.65
C THR E 187 43.16 13.76 -17.05
N HIS E 188 42.03 14.24 -17.56
CA HIS E 188 41.68 14.06 -18.99
C HIS E 188 40.70 15.17 -19.38
N MET E 189 40.45 15.28 -20.68
CA MET E 189 39.54 16.28 -21.22
C MET E 189 38.39 15.64 -22.03
N THR E 190 37.17 16.12 -21.78
CA THR E 190 35.98 15.67 -22.54
C THR E 190 35.49 16.83 -23.43
N HIS E 191 34.68 16.50 -24.43
CA HIS E 191 34.15 17.51 -25.31
C HIS E 191 32.75 17.16 -25.74
N HIS E 192 31.82 18.10 -25.59
CA HIS E 192 30.43 17.88 -25.99
C HIS E 192 29.96 18.98 -26.92
N ALA E 193 29.38 18.61 -28.05
CA ALA E 193 28.84 19.59 -28.97
C ALA E 193 27.50 20.08 -28.44
N VAL E 194 27.51 21.28 -27.86
CA VAL E 194 26.29 21.98 -27.37
C VAL E 194 25.26 22.32 -28.51
N SER E 195 25.75 22.59 -29.72
CA SER E 195 24.95 22.92 -30.90
C SER E 195 25.91 22.96 -32.11
N ASP E 196 25.44 23.37 -33.29
CA ASP E 196 26.33 23.48 -34.44
C ASP E 196 27.37 24.58 -34.26
N HIS E 197 27.11 25.43 -33.27
CA HIS E 197 27.76 26.71 -33.06
C HIS E 197 28.76 26.74 -31.89
N GLU E 198 28.53 25.90 -30.87
CA GLU E 198 29.32 25.91 -29.63
C GLU E 198 29.72 24.50 -29.12
N ALA E 199 30.72 24.42 -28.23
CA ALA E 199 31.14 23.14 -27.62
C ALA E 199 31.65 23.32 -26.17
N THR E 200 31.33 22.40 -25.27
CA THR E 200 31.93 22.47 -23.94
C THR E 200 33.14 21.58 -23.83
N LEU E 201 34.21 22.13 -23.30
CA LEU E 201 35.40 21.40 -23.05
C LEU E 201 35.54 21.28 -21.54
N ARG E 202 35.49 20.04 -21.03
CA ARG E 202 35.52 19.80 -19.60
C ARG E 202 36.81 19.07 -19.21
N CYS E 203 37.50 19.71 -18.26
CA CYS E 203 38.80 19.35 -17.77
C CYS E 203 38.62 18.69 -16.43
N TRP E 204 38.99 17.44 -16.35
CA TRP E 204 38.79 16.68 -15.15
C TRP E 204 40.05 16.39 -14.38
N ALA E 205 39.94 16.38 -13.06
CA ALA E 205 41.03 15.96 -12.17
C ALA E 205 40.45 15.00 -11.15
N LEU E 206 40.81 13.72 -11.32
CA LEU E 206 40.27 12.64 -10.49
C LEU E 206 41.30 12.03 -9.51
N SER E 207 40.83 11.50 -8.36
CA SER E 207 41.67 10.64 -7.49
C SER E 207 42.88 11.34 -6.88
N PHE E 208 42.70 12.53 -6.33
CA PHE E 208 43.85 13.29 -5.85
C PHE E 208 43.76 13.51 -4.35
N TYR E 209 44.92 13.83 -3.76
CA TYR E 209 45.05 14.06 -2.34
C TYR E 209 46.35 14.79 -2.11
N PRO E 210 46.35 15.90 -1.32
CA PRO E 210 45.19 16.49 -0.67
C PRO E 210 44.23 17.23 -1.59
N ALA E 211 43.21 17.85 -0.99
CA ALA E 211 42.11 18.46 -1.75
C ALA E 211 42.51 19.82 -2.33
N GLU E 212 43.62 20.38 -1.87
CA GLU E 212 44.08 21.65 -2.43
C GLU E 212 44.44 21.46 -3.92
N ILE E 213 43.67 22.08 -4.82
CA ILE E 213 43.94 22.04 -6.26
C ILE E 213 43.54 23.33 -7.01
N THR E 214 44.18 23.59 -8.15
CA THR E 214 43.83 24.73 -9.01
C THR E 214 43.68 24.31 -10.45
N LEU E 215 42.47 24.47 -10.99
CA LEU E 215 42.25 24.30 -12.44
C LEU E 215 41.94 25.66 -13.09
N THR E 216 42.78 26.09 -14.03
CA THR E 216 42.46 27.30 -14.76
C THR E 216 42.43 27.02 -16.23
N TRP E 217 41.68 27.85 -16.93
CA TRP E 217 41.56 27.79 -18.37
C TRP E 217 42.37 28.87 -19.00
N GLN E 218 43.01 28.58 -20.13
CA GLN E 218 43.70 29.61 -20.91
C GLN E 218 43.28 29.57 -22.36
N ARG E 219 43.34 30.74 -23.00
CA ARG E 219 43.14 30.83 -24.44
C ARG E 219 44.29 31.58 -25.06
N ASP E 220 44.90 30.97 -26.08
CA ASP E 220 46.17 31.43 -26.64
C ASP E 220 47.12 31.84 -25.56
N GLY E 221 47.17 31.06 -24.48
CA GLY E 221 48.09 31.33 -23.40
C GLY E 221 47.79 32.53 -22.53
N GLU E 222 46.58 33.06 -22.55
CA GLU E 222 46.24 34.01 -21.47
C GLU E 222 45.01 33.60 -20.67
N ASP E 223 45.03 33.91 -19.38
CA ASP E 223 44.00 33.45 -18.47
C ASP E 223 42.61 33.78 -18.99
N GLN E 224 41.74 32.79 -18.97
CA GLN E 224 40.44 32.86 -19.61
C GLN E 224 39.38 32.56 -18.59
N THR E 225 38.53 33.56 -18.36
CA THR E 225 37.63 33.55 -17.21
C THR E 225 36.14 33.51 -17.61
N GLN E 226 35.84 34.16 -18.73
CA GLN E 226 34.50 34.21 -19.27
C GLN E 226 34.07 32.82 -19.74
N ASP E 227 32.77 32.53 -19.62
CA ASP E 227 32.21 31.28 -20.13
C ASP E 227 32.86 30.06 -19.49
N THR E 228 33.09 30.14 -18.19
CA THR E 228 33.84 29.13 -17.45
C THR E 228 32.98 28.68 -16.29
N GLU E 229 32.77 27.38 -16.17
CA GLU E 229 32.11 26.85 -14.97
C GLU E 229 33.15 26.01 -14.26
N LEU E 230 33.17 26.10 -12.94
CA LEU E 230 34.14 25.36 -12.15
C LEU E 230 33.46 24.94 -10.85
N VAL E 231 33.41 23.63 -10.59
CA VAL E 231 32.70 23.07 -9.45
C VAL E 231 33.52 23.01 -8.16
N GLU E 232 32.88 23.05 -6.99
CA GLU E 232 33.58 22.70 -5.74
C GLU E 232 34.25 21.35 -5.79
N THR E 233 35.44 21.28 -5.19
CA THR E 233 36.13 20.02 -5.02
C THR E 233 35.22 19.09 -4.23
N ARG E 234 35.08 17.86 -4.71
CA ARG E 234 34.19 16.85 -4.13
C ARG E 234 34.94 15.59 -3.63
N PRO E 235 34.45 14.98 -2.55
CA PRO E 235 35.01 13.74 -2.03
C PRO E 235 34.68 12.56 -2.95
N ALA E 236 35.69 11.80 -3.38
CA ALA E 236 35.42 10.56 -4.15
C ALA E 236 34.83 9.49 -3.23
N GLY E 237 35.21 9.54 -1.95
CA GLY E 237 34.60 8.71 -0.91
C GLY E 237 35.46 7.54 -0.58
N ASP E 238 36.67 7.56 -1.09
CA ASP E 238 37.67 6.55 -0.83
C ASP E 238 38.93 7.28 -0.35
N GLY E 239 38.68 8.46 0.24
CA GLY E 239 39.73 9.31 0.75
C GLY E 239 40.33 10.26 -0.27
N THR E 240 40.08 10.05 -1.56
CA THR E 240 40.60 10.95 -2.60
C THR E 240 39.55 11.97 -3.07
N PHE E 241 39.94 12.87 -3.97
CA PHE E 241 39.06 13.96 -4.38
C PHE E 241 38.92 14.17 -5.89
N GLN E 242 37.84 14.86 -6.28
CA GLN E 242 37.59 15.20 -7.66
C GLN E 242 37.24 16.69 -7.79
N LYS E 243 37.61 17.25 -8.94
CA LYS E 243 37.22 18.58 -9.38
C LYS E 243 37.09 18.61 -10.90
N TRP E 244 36.28 19.55 -11.43
CA TRP E 244 36.36 19.85 -12.87
C TRP E 244 36.14 21.29 -13.26
N ALA E 245 36.65 21.64 -14.44
CA ALA E 245 36.50 22.98 -15.02
C ALA E 245 36.02 22.91 -16.46
N ALA E 246 35.09 23.77 -16.86
CA ALA E 246 34.63 23.72 -18.23
C ALA E 246 34.62 25.11 -18.89
N VAL E 247 34.83 25.16 -20.21
CA VAL E 247 34.48 26.34 -20.99
C VAL E 247 33.59 26.00 -22.14
N VAL E 248 32.74 26.95 -22.53
CA VAL E 248 32.09 26.77 -23.83
C VAL E 248 32.86 27.59 -24.86
N VAL E 249 33.05 27.03 -26.03
CA VAL E 249 33.95 27.64 -26.99
C VAL E 249 33.31 27.55 -28.34
N PRO E 250 33.55 28.54 -29.22
CA PRO E 250 32.99 28.43 -30.58
C PRO E 250 33.54 27.23 -31.36
N SER E 251 32.64 26.48 -32.01
CA SER E 251 32.96 25.33 -32.86
C SER E 251 34.17 25.65 -33.72
N GLY E 252 35.17 24.76 -33.79
CA GLY E 252 36.34 25.00 -34.63
C GLY E 252 37.47 25.75 -33.97
N GLN E 253 37.26 26.19 -32.75
CA GLN E 253 38.26 26.99 -32.06
C GLN E 253 38.79 26.27 -30.82
N GLU E 254 38.37 25.02 -30.64
CA GLU E 254 38.79 24.19 -29.54
C GLU E 254 40.34 24.21 -29.33
N GLN E 255 41.11 24.22 -30.40
CA GLN E 255 42.57 24.20 -30.29
C GLN E 255 43.23 25.36 -29.54
N ARG E 256 42.55 26.50 -29.44
CA ARG E 256 43.12 27.68 -28.79
C ARG E 256 43.15 27.52 -27.28
N TYR E 257 42.32 26.62 -26.78
CA TYR E 257 42.14 26.47 -25.32
C TYR E 257 43.02 25.37 -24.72
N THR E 258 43.57 25.69 -23.54
CA THR E 258 44.37 24.74 -22.79
C THR E 258 43.94 24.79 -21.35
N CYS E 259 43.96 23.64 -20.69
CA CYS E 259 43.64 23.57 -19.28
C CYS E 259 44.89 23.37 -18.44
N HIS E 260 45.00 24.12 -17.33
CA HIS E 260 46.21 24.07 -16.48
C HIS E 260 45.88 23.57 -15.11
N VAL E 261 46.56 22.51 -14.71
CA VAL E 261 46.29 21.84 -13.43
C VAL E 261 47.47 22.06 -12.50
N GLN E 262 47.22 22.55 -11.29
CA GLN E 262 48.30 22.61 -10.28
C GLN E 262 47.89 21.85 -9.04
N HIS E 263 48.80 21.04 -8.51
CA HIS E 263 48.55 20.22 -7.31
C HIS E 263 49.91 19.87 -6.76
N GLU E 264 50.00 19.81 -5.44
CA GLU E 264 51.24 19.52 -4.78
C GLU E 264 51.88 18.21 -5.25
N GLY E 265 51.05 17.23 -5.63
CA GLY E 265 51.54 15.93 -6.15
C GLY E 265 52.29 15.95 -7.49
N LEU E 266 52.16 17.02 -8.26
CA LEU E 266 52.74 17.12 -9.58
C LEU E 266 54.03 17.87 -9.56
N PRO E 267 55.10 17.29 -10.14
CA PRO E 267 56.40 17.93 -10.03
C PRO E 267 56.35 19.26 -10.77
N LYS E 268 55.71 19.27 -11.95
CA LYS E 268 55.49 20.47 -12.74
C LYS E 268 54.02 20.49 -13.10
N PRO E 269 53.42 21.68 -13.19
CA PRO E 269 51.99 21.79 -13.51
C PRO E 269 51.69 21.22 -14.89
N LEU E 270 50.51 20.64 -15.07
CA LEU E 270 50.15 20.06 -16.36
C LEU E 270 49.43 21.06 -17.24
N THR E 271 49.57 20.84 -18.54
CA THR E 271 48.83 21.58 -19.53
C THR E 271 48.07 20.55 -20.39
N LEU E 272 46.75 20.61 -20.42
CA LEU E 272 46.05 19.76 -21.36
C LEU E 272 45.36 20.56 -22.43
N ARG E 273 45.35 20.01 -23.64
CA ARG E 273 44.71 20.59 -24.80
C ARG E 273 43.84 19.50 -25.44
N TRP E 274 42.60 19.81 -25.84
CA TRP E 274 41.73 18.82 -26.52
C TRP E 274 42.52 18.07 -27.59
N GLU E 275 42.66 16.74 -27.44
CA GLU E 275 43.16 15.83 -28.51
C GLU E 275 41.97 15.07 -29.05
N PRO E 276 41.39 15.55 -30.20
CA PRO E 276 40.15 15.04 -30.85
C PRO E 276 39.63 13.61 -30.45
N MET F 1 17.27 34.25 11.57
CA MET F 1 18.49 33.50 11.16
C MET F 1 18.75 33.53 9.64
N ILE F 2 19.91 33.01 9.25
CA ILE F 2 20.34 33.04 7.86
C ILE F 2 20.06 31.69 7.34
N GLN F 3 19.60 31.61 6.10
CA GLN F 3 19.46 30.29 5.50
C GLN F 3 20.15 30.29 4.17
N ARG F 4 20.64 29.13 3.75
CA ARG F 4 21.41 29.00 2.51
C ARG F 4 21.09 27.69 1.81
N THR F 5 20.67 27.77 0.53
CA THR F 5 20.15 26.64 -0.22
C THR F 5 21.29 25.74 -0.65
N PRO F 6 21.15 24.42 -0.51
CA PRO F 6 22.30 23.55 -0.73
C PRO F 6 22.75 23.51 -2.19
N LYS F 7 24.06 23.49 -2.46
CA LYS F 7 24.54 23.11 -3.79
C LYS F 7 24.49 21.57 -3.82
N ILE F 8 24.27 21.00 -5.01
CA ILE F 8 24.06 19.59 -5.15
C ILE F 8 24.99 19.13 -6.26
N GLN F 9 25.50 17.90 -6.21
CA GLN F 9 26.44 17.40 -7.22
C GLN F 9 26.38 15.89 -7.22
N VAL F 10 26.01 15.29 -8.33
CA VAL F 10 25.85 13.88 -8.24
C VAL F 10 26.80 13.18 -9.20
N TYR F 11 27.56 12.24 -8.68
CA TYR F 11 28.64 11.63 -9.46
C TYR F 11 28.89 10.18 -9.00
N SER F 12 29.66 9.46 -9.77
CA SER F 12 30.10 8.17 -9.38
C SER F 12 31.46 8.38 -8.74
N ARG F 13 31.82 7.51 -7.79
CA ARG F 13 33.18 7.45 -7.23
C ARG F 13 34.27 7.14 -8.29
N HIS F 14 34.09 6.08 -9.08
CA HIS F 14 35.07 5.72 -10.12
C HIS F 14 34.53 5.92 -11.55
N PRO F 15 35.44 6.05 -12.56
CA PRO F 15 34.95 6.11 -13.93
C PRO F 15 33.86 5.08 -14.14
N ALA F 16 32.69 5.51 -14.60
CA ALA F 16 31.54 4.61 -14.73
C ALA F 16 31.65 3.72 -15.94
N GLU F 17 31.58 2.40 -15.70
CA GLU F 17 31.61 1.43 -16.79
C GLU F 17 30.32 0.59 -16.81
N ASN F 18 29.58 0.67 -17.91
CA ASN F 18 28.34 -0.09 -18.08
C ASN F 18 28.46 -1.55 -17.67
N GLY F 19 27.76 -1.88 -16.60
CA GLY F 19 27.68 -3.25 -16.12
C GLY F 19 28.65 -3.55 -15.00
N LYS F 20 29.44 -2.56 -14.58
CA LYS F 20 30.42 -2.80 -13.52
C LYS F 20 30.17 -1.92 -12.31
N SER F 21 30.26 -2.53 -11.13
CA SER F 21 29.91 -1.92 -9.84
C SER F 21 30.71 -0.67 -9.48
N ASN F 22 30.07 0.19 -8.72
CA ASN F 22 30.61 1.50 -8.49
C ASN F 22 29.91 2.06 -7.28
N PHE F 23 30.28 3.25 -6.86
CA PHE F 23 29.47 3.93 -5.85
C PHE F 23 28.81 5.19 -6.40
N LEU F 24 27.52 5.34 -6.17
CA LEU F 24 26.85 6.55 -6.63
C LEU F 24 26.82 7.59 -5.55
N ASN F 25 27.57 8.68 -5.70
CA ASN F 25 27.57 9.76 -4.68
C ASN F 25 26.64 10.88 -5.02
N CYS F 26 26.12 11.54 -3.98
CA CYS F 26 25.43 12.83 -4.09
C CYS F 26 26.00 13.70 -2.99
N TYR F 27 26.78 14.69 -3.37
CA TYR F 27 27.41 15.58 -2.40
C TYR F 27 26.56 16.84 -2.24
N VAL F 28 26.21 17.22 -1.02
CA VAL F 28 25.49 18.47 -0.90
C VAL F 28 26.14 19.41 0.07
N SER F 29 26.21 20.69 -0.29
CA SER F 29 27.04 21.59 0.49
C SER F 29 26.55 23.04 0.51
N GLY F 30 27.12 23.80 1.45
CA GLY F 30 26.85 25.23 1.53
C GLY F 30 25.43 25.54 1.97
N PHE F 31 24.83 24.65 2.75
CA PHE F 31 23.46 24.85 3.18
C PHE F 31 23.37 25.14 4.65
N HIS F 32 22.35 25.89 5.03
CA HIS F 32 22.11 26.16 6.41
C HIS F 32 20.66 26.47 6.50
N PRO F 33 19.93 25.93 7.51
CA PRO F 33 20.33 25.10 8.65
C PRO F 33 20.66 23.65 8.23
N SER F 34 21.15 22.86 9.20
CA SER F 34 21.76 21.53 8.99
C SER F 34 20.76 20.50 8.58
N ASP F 35 19.54 20.66 9.08
CA ASP F 35 18.44 19.79 8.76
C ASP F 35 18.08 19.68 7.26
N ILE F 36 18.38 18.54 6.65
CA ILE F 36 18.20 18.33 5.20
C ILE F 36 17.76 16.87 4.94
N GLU F 37 17.03 16.56 3.85
CA GLU F 37 16.71 15.18 3.41
C GLU F 37 17.36 14.88 2.07
N VAL F 38 17.96 13.70 1.92
CA VAL F 38 18.69 13.42 0.71
C VAL F 38 18.43 11.96 0.31
N ASP F 39 17.96 11.73 -0.92
CA ASP F 39 17.67 10.40 -1.39
C ASP F 39 18.34 10.17 -2.72
N LEU F 40 18.67 8.92 -3.02
CA LEU F 40 19.22 8.53 -4.28
C LEU F 40 18.18 7.68 -4.93
N LEU F 41 17.91 7.99 -6.21
CA LEU F 41 16.83 7.39 -6.95
C LEU F 41 17.32 6.53 -8.08
N LYS F 42 16.59 5.45 -8.34
CA LYS F 42 16.78 4.59 -9.52
C LYS F 42 15.46 4.64 -10.24
N ASN F 43 15.48 5.11 -11.48
CA ASN F 43 14.26 5.26 -12.28
C ASN F 43 13.17 5.99 -11.51
N GLY F 44 13.60 6.97 -10.73
CA GLY F 44 12.69 7.80 -9.96
C GLY F 44 12.37 7.28 -8.57
N GLU F 45 12.63 5.99 -8.34
CA GLU F 45 12.22 5.32 -7.11
C GLU F 45 13.35 5.40 -6.07
N ARG F 46 13.03 5.24 -4.79
CA ARG F 46 14.00 5.46 -3.71
C ARG F 46 14.91 4.23 -3.46
N ILE F 47 16.23 4.43 -3.61
CA ILE F 47 17.22 3.42 -3.19
C ILE F 47 17.23 3.45 -1.65
N GLU F 48 17.18 2.29 -1.01
CA GLU F 48 16.87 2.23 0.45
C GLU F 48 18.03 1.97 1.41
N LYS F 49 19.15 1.44 0.93
CA LYS F 49 20.31 1.27 1.84
C LYS F 49 21.42 2.30 1.69
N VAL F 50 21.04 3.57 1.73
CA VAL F 50 21.98 4.64 1.43
C VAL F 50 22.69 5.11 2.69
N GLU F 51 24.04 5.16 2.70
CA GLU F 51 24.85 5.75 3.82
C GLU F 51 25.09 7.27 3.68
N HIS F 52 25.80 7.88 4.62
CA HIS F 52 26.08 9.36 4.57
C HIS F 52 27.17 9.73 5.55
N SER F 53 27.93 10.77 5.26
CA SER F 53 29.10 11.08 6.13
C SER F 53 28.61 11.74 7.38
N ASP F 54 29.47 11.82 8.39
CA ASP F 54 29.21 12.65 9.59
C ASP F 54 29.11 14.17 9.26
N LEU F 55 28.32 14.92 10.04
CA LEU F 55 28.05 16.33 9.72
C LEU F 55 29.24 17.27 9.94
N SER F 56 29.65 17.99 8.90
CA SER F 56 30.81 18.89 9.04
C SER F 56 30.52 20.26 8.41
N PHE F 57 31.43 21.23 8.51
CA PHE F 57 31.18 22.50 7.82
C PHE F 57 32.37 23.28 7.24
N SER F 58 32.03 24.15 6.29
CA SER F 58 33.01 24.96 5.59
C SER F 58 33.41 26.18 6.39
N LYS F 59 34.38 26.96 5.90
CA LYS F 59 34.90 28.13 6.64
C LYS F 59 33.88 29.25 6.95
N ASP F 60 32.83 29.31 6.13
CA ASP F 60 31.74 30.30 6.20
C ASP F 60 30.54 29.75 6.95
N TRP F 61 30.74 28.60 7.61
CA TRP F 61 29.73 27.97 8.47
C TRP F 61 28.68 27.09 7.73
N SER F 62 28.70 27.02 6.40
CA SER F 62 27.71 26.14 5.76
C SER F 62 28.07 24.68 5.94
N PHE F 63 27.07 23.81 6.03
CA PHE F 63 27.32 22.38 6.24
C PHE F 63 27.53 21.62 4.97
N TYR F 64 28.39 20.61 4.98
CA TYR F 64 28.48 19.76 3.81
C TYR F 64 28.27 18.34 4.26
N LEU F 65 27.64 17.54 3.41
CA LEU F 65 27.40 16.10 3.67
C LEU F 65 27.48 15.32 2.38
N LEU F 66 27.94 14.08 2.46
CA LEU F 66 28.04 13.23 1.27
C LEU F 66 27.15 12.00 1.47
N TYR F 67 26.24 11.77 0.50
CA TYR F 67 25.40 10.56 0.51
C TYR F 67 25.81 9.54 -0.52
N TYR F 68 25.76 8.25 -0.20
CA TYR F 68 26.26 7.24 -1.15
C TYR F 68 25.70 5.84 -1.01
N THR F 69 25.67 5.12 -2.12
CA THR F 69 25.20 3.74 -2.11
C THR F 69 25.97 2.81 -3.08
N GLU F 70 26.00 1.52 -2.78
CA GLU F 70 26.46 0.53 -3.77
C GLU F 70 25.59 0.75 -5.00
N PHE F 71 26.04 0.40 -6.21
CA PHE F 71 25.19 0.60 -7.43
C PHE F 71 25.81 0.18 -8.72
N THR F 72 24.97 -0.14 -9.70
CA THR F 72 25.47 -0.79 -10.91
C THR F 72 24.89 -0.25 -12.24
N PRO F 73 25.62 0.69 -12.88
CA PRO F 73 25.07 1.48 -14.00
C PRO F 73 24.88 0.62 -15.23
N THR F 74 23.88 0.95 -16.02
CA THR F 74 23.61 0.24 -17.26
C THR F 74 23.43 1.31 -18.29
N GLU F 75 23.50 0.95 -19.57
CA GLU F 75 23.18 1.91 -20.64
C GLU F 75 21.90 2.70 -20.32
N LYS F 76 20.94 2.03 -19.70
CA LYS F 76 19.55 2.48 -19.69
C LYS F 76 19.05 3.17 -18.39
N ASP F 77 19.43 2.64 -17.23
CA ASP F 77 18.88 3.12 -15.97
C ASP F 77 19.31 4.54 -15.69
N GLU F 78 18.32 5.39 -15.37
CA GLU F 78 18.64 6.75 -14.92
C GLU F 78 18.82 6.78 -13.41
N TYR F 79 19.87 7.45 -12.93
CA TYR F 79 19.99 7.72 -11.50
C TYR F 79 19.91 9.21 -11.24
N ALA F 80 19.58 9.58 -10.00
CA ALA F 80 19.34 10.97 -9.66
C ALA F 80 19.71 11.22 -8.21
N CYS F 81 19.83 12.49 -7.87
CA CYS F 81 19.86 12.89 -6.48
C CYS F 81 18.58 13.65 -6.21
N ARG F 82 17.94 13.36 -5.08
CA ARG F 82 16.78 14.18 -4.65
C ARG F 82 16.95 14.73 -3.24
N VAL F 83 16.74 16.04 -3.13
CA VAL F 83 17.13 16.80 -1.97
C VAL F 83 16.01 17.71 -1.57
N ASN F 84 15.75 17.82 -0.28
CA ASN F 84 14.79 18.79 0.13
C ASN F 84 15.18 19.41 1.48
N HIS F 85 14.79 20.67 1.67
CA HIS F 85 15.41 21.54 2.66
C HIS F 85 14.48 22.73 2.76
N VAL F 86 14.55 23.41 3.91
CA VAL F 86 13.73 24.60 4.16
C VAL F 86 13.78 25.60 3.00
N THR F 87 14.95 25.84 2.44
CA THR F 87 15.04 26.86 1.42
C THR F 87 14.23 26.49 0.19
N LEU F 88 13.90 25.21 0.02
CA LEU F 88 13.31 24.72 -1.23
C LEU F 88 11.80 24.50 -1.20
N SER F 89 11.13 24.92 -2.25
CA SER F 89 9.69 24.89 -2.19
C SER F 89 9.24 23.50 -2.47
N GLN F 90 9.94 22.80 -3.37
CA GLN F 90 9.76 21.34 -3.54
C GLN F 90 11.09 20.71 -3.80
N PRO F 91 11.30 19.48 -3.30
CA PRO F 91 12.58 18.76 -3.45
C PRO F 91 13.21 18.95 -4.82
N LYS F 92 14.52 19.11 -4.82
CA LYS F 92 15.26 19.33 -6.04
C LYS F 92 15.77 18.00 -6.62
N ILE F 93 15.59 17.78 -7.92
CA ILE F 93 16.18 16.56 -8.50
C ILE F 93 17.36 16.91 -9.39
N VAL F 94 18.48 16.24 -9.16
CA VAL F 94 19.62 16.44 -10.04
C VAL F 94 20.00 15.11 -10.74
N LYS F 95 19.80 15.06 -12.06
CA LYS F 95 20.11 13.86 -12.82
C LYS F 95 21.57 13.47 -12.60
N TRP F 96 21.86 12.20 -12.29
CA TRP F 96 23.22 11.74 -12.52
C TRP F 96 23.52 11.81 -14.01
N ASP F 97 24.54 12.56 -14.39
CA ASP F 97 25.05 12.44 -15.78
C ASP F 97 26.54 12.06 -15.84
N ARG F 98 26.74 10.83 -16.29
CA ARG F 98 28.04 10.20 -16.42
C ARG F 98 29.03 11.14 -17.09
N ASP F 99 28.69 11.42 -18.35
CA ASP F 99 29.57 12.12 -19.29
C ASP F 99 29.70 13.62 -19.08
N MET F 100 29.56 14.07 -17.83
CA MET F 100 29.98 15.40 -17.43
C MET F 100 31.50 15.57 -17.66
N GLY G 1 -44.18 5.86 -18.32
CA GLY G 1 -44.38 4.38 -18.61
C GLY G 1 -44.41 4.08 -20.10
N SER G 2 -44.36 2.78 -20.41
CA SER G 2 -44.33 2.27 -21.79
C SER G 2 -45.46 2.81 -22.65
N HIS G 3 -45.34 2.64 -23.96
CA HIS G 3 -46.40 3.02 -24.90
C HIS G 3 -46.36 2.11 -26.14
N SER G 4 -47.46 2.13 -26.91
CA SER G 4 -47.62 1.25 -28.05
C SER G 4 -48.49 1.88 -29.12
N MET G 5 -48.32 1.42 -30.35
CA MET G 5 -49.25 1.70 -31.43
C MET G 5 -49.65 0.40 -32.13
N ARG G 6 -50.95 0.19 -32.29
CA ARG G 6 -51.41 -1.02 -32.92
C ARG G 6 -52.58 -0.77 -33.85
N TYR G 7 -52.57 -1.51 -34.94
CA TYR G 7 -53.66 -1.43 -35.86
C TYR G 7 -54.32 -2.77 -35.83
N PHE G 8 -55.65 -2.77 -35.91
CA PHE G 8 -56.44 -3.98 -35.92
C PHE G 8 -57.32 -4.02 -37.15
N PHE G 9 -57.32 -5.11 -37.89
CA PHE G 9 -58.10 -5.21 -39.09
C PHE G 9 -58.94 -6.44 -39.03
N THR G 10 -60.16 -6.39 -39.56
CA THR G 10 -61.07 -7.53 -39.56
C THR G 10 -61.81 -7.64 -40.89
N SER G 11 -61.75 -8.80 -41.53
CA SER G 11 -62.57 -9.02 -42.73
C SER G 11 -63.53 -10.16 -42.49
N VAL G 12 -64.80 -9.96 -42.81
CA VAL G 12 -65.81 -11.00 -42.67
C VAL G 12 -66.47 -11.18 -44.03
N SER G 13 -66.39 -12.37 -44.61
CA SER G 13 -66.99 -12.64 -45.90
C SER G 13 -68.49 -12.78 -45.74
N ARG G 14 -69.26 -12.37 -46.74
CA ARG G 14 -70.71 -12.58 -46.70
C ARG G 14 -71.18 -12.96 -48.09
N PRO G 15 -70.91 -14.21 -48.49
CA PRO G 15 -71.33 -14.59 -49.83
C PRO G 15 -72.85 -14.46 -50.02
N GLY G 16 -73.22 -13.95 -51.20
CA GLY G 16 -74.62 -13.59 -51.43
C GLY G 16 -74.85 -12.06 -51.37
N ARG G 17 -74.49 -11.43 -50.25
CA ARG G 17 -74.40 -9.96 -50.17
C ARG G 17 -73.15 -9.58 -50.91
N GLY G 18 -72.84 -8.29 -50.95
CA GLY G 18 -71.63 -7.78 -51.64
C GLY G 18 -70.23 -8.37 -51.33
N GLU G 19 -69.27 -7.47 -51.07
CA GLU G 19 -67.90 -7.85 -50.75
C GLU G 19 -67.81 -7.99 -49.23
N PRO G 20 -66.70 -8.55 -48.73
CA PRO G 20 -66.52 -8.65 -47.28
C PRO G 20 -66.54 -7.31 -46.51
N ARG G 21 -67.07 -7.33 -45.29
CA ARG G 21 -67.08 -6.18 -44.41
C ARG G 21 -65.67 -5.95 -43.92
N PHE G 22 -65.11 -4.79 -44.16
CA PHE G 22 -63.78 -4.53 -43.65
C PHE G 22 -63.80 -3.43 -42.59
N ILE G 23 -63.31 -3.75 -41.41
CA ILE G 23 -63.20 -2.79 -40.33
C ILE G 23 -61.74 -2.69 -39.89
N ALA G 24 -61.21 -1.47 -39.78
CA ALA G 24 -59.86 -1.25 -39.30
C ALA G 24 -59.89 -0.18 -38.25
N VAL G 25 -59.08 -0.35 -37.23
CA VAL G 25 -58.90 0.70 -36.25
C VAL G 25 -57.45 0.77 -35.85
N GLY G 26 -56.95 1.97 -35.56
CA GLY G 26 -55.61 2.11 -34.98
C GLY G 26 -55.63 2.69 -33.58
N TYR G 27 -54.71 2.23 -32.75
CA TYR G 27 -54.66 2.71 -31.37
C TYR G 27 -53.29 3.20 -31.02
N VAL G 28 -53.25 4.10 -30.04
CA VAL G 28 -52.02 4.49 -29.35
C VAL G 28 -52.32 4.22 -27.88
N ASP G 29 -51.50 3.37 -27.25
CA ASP G 29 -51.88 2.79 -25.95
C ASP G 29 -53.33 2.44 -26.06
N ASP G 30 -54.15 3.07 -25.24
CA ASP G 30 -55.55 2.66 -25.11
C ASP G 30 -56.51 3.63 -25.74
N THR G 31 -56.02 4.47 -26.65
CA THR G 31 -56.88 5.44 -27.32
C THR G 31 -56.95 5.17 -28.79
N GLN G 32 -58.16 4.91 -29.27
CA GLN G 32 -58.40 4.69 -30.67
C GLN G 32 -58.25 6.08 -31.27
N PHE G 33 -57.61 6.19 -32.43
CA PHE G 33 -57.50 7.47 -33.11
C PHE G 33 -57.83 7.47 -34.61
N VAL G 34 -57.91 6.30 -35.23
CA VAL G 34 -58.42 6.19 -36.60
C VAL G 34 -59.33 5.01 -36.74
N ARG G 35 -60.30 5.15 -37.64
CA ARG G 35 -61.17 4.07 -38.02
C ARG G 35 -61.32 4.03 -39.52
N PHE G 36 -61.79 2.90 -40.02
CA PHE G 36 -62.28 2.80 -41.38
C PHE G 36 -63.21 1.61 -41.41
N ASP G 37 -64.39 1.82 -42.00
CA ASP G 37 -65.45 0.81 -42.09
C ASP G 37 -65.97 0.72 -43.52
N SER G 38 -65.74 -0.39 -44.20
CA SER G 38 -66.18 -0.54 -45.58
C SER G 38 -67.67 -0.19 -45.78
N ASP G 39 -68.48 -0.42 -44.76
CA ASP G 39 -69.91 -0.22 -44.87
C ASP G 39 -70.35 1.22 -44.62
N ALA G 40 -69.47 2.08 -44.10
CA ALA G 40 -69.82 3.48 -43.83
C ALA G 40 -69.86 4.28 -45.13
N ALA G 41 -70.57 5.41 -45.05
CA ALA G 41 -70.86 6.26 -46.21
C ALA G 41 -69.60 6.88 -46.84
N SER G 42 -68.69 7.39 -45.99
CA SER G 42 -67.61 8.24 -46.43
C SER G 42 -66.47 7.57 -47.21
N GLN G 43 -66.29 6.25 -47.05
CA GLN G 43 -65.18 5.53 -47.72
C GLN G 43 -63.81 6.17 -47.46
N ARG G 44 -63.63 6.69 -46.26
CA ARG G 44 -62.39 7.33 -45.85
C ARG G 44 -61.91 6.83 -44.49
N MET G 45 -60.61 6.92 -44.28
CA MET G 45 -60.02 6.76 -42.97
C MET G 45 -60.45 8.00 -42.21
N GLU G 46 -61.09 7.81 -41.05
CA GLU G 46 -61.69 8.94 -40.28
C GLU G 46 -60.95 9.13 -38.98
N PRO G 47 -60.79 10.39 -38.53
CA PRO G 47 -60.16 10.66 -37.25
C PRO G 47 -61.06 10.22 -36.12
N ARG G 48 -60.47 9.87 -34.96
CA ARG G 48 -61.26 9.53 -33.77
C ARG G 48 -60.57 9.98 -32.47
N ALA G 49 -59.52 10.78 -32.61
CA ALA G 49 -58.98 11.48 -31.47
C ALA G 49 -58.62 12.90 -31.94
N PRO G 50 -58.71 13.91 -31.05
CA PRO G 50 -58.55 15.29 -31.50
C PRO G 50 -57.23 15.47 -32.22
N TRP G 51 -56.18 14.97 -31.60
CA TRP G 51 -54.81 15.23 -32.02
C TRP G 51 -54.38 14.60 -33.33
N ILE G 52 -55.19 13.74 -33.92
CA ILE G 52 -54.85 13.27 -35.25
C ILE G 52 -55.42 14.21 -36.29
N GLU G 53 -56.45 14.98 -35.92
CA GLU G 53 -57.17 15.85 -36.85
C GLU G 53 -56.22 16.90 -37.43
N GLN G 54 -55.23 17.26 -36.64
CA GLN G 54 -54.16 18.11 -37.04
C GLN G 54 -53.42 17.70 -38.34
N GLU G 55 -53.46 16.42 -38.69
CA GLU G 55 -52.70 15.98 -39.84
C GLU G 55 -53.35 16.52 -41.13
N GLY G 56 -52.51 16.80 -42.13
CA GLY G 56 -52.90 17.48 -43.34
C GLY G 56 -53.56 16.58 -44.37
N PRO G 57 -54.10 17.17 -45.45
CA PRO G 57 -54.93 16.35 -46.34
C PRO G 57 -54.12 15.21 -46.95
N GLU G 58 -52.81 15.39 -47.11
CA GLU G 58 -51.97 14.33 -47.69
C GLU G 58 -52.02 13.06 -46.82
N TYR G 59 -51.99 13.22 -45.49
CA TYR G 59 -52.10 12.07 -44.57
C TYR G 59 -53.45 11.33 -44.77
N TRP G 60 -54.55 12.05 -44.73
CA TRP G 60 -55.84 11.42 -44.91
C TRP G 60 -55.95 10.71 -46.24
N ASP G 61 -55.57 11.40 -47.34
CA ASP G 61 -55.55 10.74 -48.65
C ASP G 61 -54.69 9.48 -48.60
N GLY G 62 -53.49 9.60 -48.05
CA GLY G 62 -52.55 8.51 -48.04
C GLY G 62 -53.05 7.35 -47.23
N GLU G 63 -53.48 7.62 -46.00
CA GLU G 63 -53.94 6.54 -45.14
C GLU G 63 -55.19 5.89 -45.71
N THR G 64 -56.09 6.69 -46.28
CA THR G 64 -57.27 6.14 -46.92
C THR G 64 -56.84 5.14 -47.98
N ARG G 65 -55.79 5.48 -48.71
CA ARG G 65 -55.35 4.65 -49.81
C ARG G 65 -54.76 3.35 -49.29
N LYS G 66 -53.91 3.48 -48.29
CA LYS G 66 -53.29 2.30 -47.73
C LYS G 66 -54.30 1.39 -47.04
N VAL G 67 -55.24 1.95 -46.28
CA VAL G 67 -56.25 1.08 -45.65
C VAL G 67 -57.11 0.36 -46.69
N LYS G 68 -57.42 1.04 -47.80
CA LYS G 68 -58.17 0.41 -48.86
C LYS G 68 -57.39 -0.78 -49.43
N ALA G 69 -56.09 -0.63 -49.55
CA ALA G 69 -55.20 -1.70 -50.02
C ALA G 69 -55.19 -2.87 -49.07
N HIS G 70 -55.14 -2.58 -47.77
CA HIS G 70 -55.28 -3.63 -46.78
C HIS G 70 -56.58 -4.39 -47.02
N SER G 71 -57.67 -3.65 -47.15
CA SER G 71 -58.99 -4.22 -47.39
C SER G 71 -58.99 -5.18 -48.56
N GLN G 72 -58.47 -4.73 -49.70
CA GLN G 72 -58.57 -5.53 -50.90
C GLN G 72 -57.52 -6.69 -50.87
N THR G 73 -56.44 -6.57 -50.10
CA THR G 73 -55.55 -7.74 -49.83
C THR G 73 -56.31 -8.81 -49.06
N HIS G 74 -56.97 -8.44 -47.96
CA HIS G 74 -57.81 -9.35 -47.25
C HIS G 74 -58.88 -9.98 -48.09
N ARG G 75 -59.45 -9.26 -49.03
CA ARG G 75 -60.42 -9.88 -49.91
C ARG G 75 -59.80 -11.04 -50.75
N VAL G 76 -58.57 -10.88 -51.22
CA VAL G 76 -57.95 -11.95 -51.97
C VAL G 76 -57.60 -13.03 -50.98
N ASP G 77 -57.14 -12.63 -49.80
CA ASP G 77 -56.75 -13.56 -48.77
C ASP G 77 -57.88 -14.53 -48.42
N LEU G 78 -59.07 -14.02 -48.18
CA LEU G 78 -60.20 -14.88 -47.89
C LEU G 78 -60.37 -15.97 -48.92
N GLY G 79 -60.28 -15.63 -50.20
CA GLY G 79 -60.32 -16.63 -51.26
C GLY G 79 -59.15 -17.59 -51.16
N THR G 80 -57.93 -17.06 -51.03
CA THR G 80 -56.76 -17.92 -50.98
C THR G 80 -56.95 -18.93 -49.88
N LEU G 81 -57.49 -18.48 -48.75
CA LEU G 81 -57.65 -19.36 -47.60
C LEU G 81 -58.73 -20.43 -47.81
N ARG G 82 -59.90 -20.01 -48.25
CA ARG G 82 -60.99 -20.91 -48.57
C ARG G 82 -60.41 -22.06 -49.37
N GLY G 83 -59.50 -21.72 -50.30
CA GLY G 83 -58.80 -22.69 -51.13
C GLY G 83 -57.91 -23.62 -50.34
N TYR G 84 -56.92 -23.07 -49.67
CA TYR G 84 -56.01 -23.87 -48.90
C TYR G 84 -56.70 -24.82 -47.93
N TYR G 85 -57.89 -24.47 -47.43
CA TYR G 85 -58.60 -25.30 -46.46
C TYR G 85 -59.77 -26.07 -47.09
N ASN G 86 -59.71 -26.29 -48.40
CA ASN G 86 -60.85 -26.82 -49.17
C ASN G 86 -62.25 -26.59 -48.56
N GLN G 87 -62.64 -25.32 -48.39
CA GLN G 87 -63.97 -24.98 -47.90
C GLN G 87 -64.83 -24.48 -49.05
N SER G 88 -66.14 -24.66 -48.96
CA SER G 88 -67.02 -24.22 -50.02
C SER G 88 -67.24 -22.69 -50.01
N GLU G 89 -67.61 -22.12 -51.16
CA GLU G 89 -67.81 -20.64 -51.23
C GLU G 89 -69.07 -20.20 -50.51
N ALA G 90 -69.77 -21.18 -49.93
CA ALA G 90 -71.04 -20.98 -49.21
C ALA G 90 -70.91 -20.32 -47.83
N GLY G 91 -69.95 -20.77 -47.02
CA GLY G 91 -69.78 -20.25 -45.68
C GLY G 91 -69.20 -18.85 -45.56
N SER G 92 -69.47 -18.22 -44.42
CA SER G 92 -68.85 -16.96 -43.98
C SER G 92 -67.60 -17.21 -43.16
N HIS G 93 -66.54 -16.46 -43.38
CA HIS G 93 -65.26 -16.71 -42.74
C HIS G 93 -64.59 -15.41 -42.34
N THR G 94 -63.70 -15.47 -41.36
CA THR G 94 -63.09 -14.25 -40.83
C THR G 94 -61.57 -14.26 -40.88
N VAL G 95 -61.00 -13.18 -41.39
CA VAL G 95 -59.58 -12.93 -41.26
C VAL G 95 -59.39 -11.75 -40.30
N GLN G 96 -58.37 -11.82 -39.46
CA GLN G 96 -58.00 -10.74 -38.55
C GLN G 96 -56.52 -10.54 -38.61
N ARG G 97 -56.12 -9.28 -38.60
CA ARG G 97 -54.73 -8.91 -38.73
C ARG G 97 -54.46 -7.91 -37.64
N MET G 98 -53.31 -8.02 -36.98
CA MET G 98 -52.91 -7.06 -35.98
C MET G 98 -51.43 -6.85 -36.05
N TYR G 99 -50.99 -5.59 -36.10
CA TYR G 99 -49.57 -5.30 -36.00
C TYR G 99 -49.31 -4.00 -35.27
N GLY G 100 -48.06 -3.79 -34.90
CA GLY G 100 -47.69 -2.58 -34.23
C GLY G 100 -46.37 -2.72 -33.49
N CYS G 101 -46.11 -1.78 -32.59
CA CYS G 101 -44.82 -1.74 -31.93
C CYS G 101 -44.96 -1.16 -30.51
N ASP G 102 -44.13 -1.63 -29.58
CA ASP G 102 -44.03 -1.00 -28.27
C ASP G 102 -42.72 -0.29 -28.11
N VAL G 103 -42.74 0.78 -27.35
CA VAL G 103 -41.49 1.43 -26.86
C VAL G 103 -41.51 1.58 -25.35
N GLY G 104 -40.35 1.65 -24.72
CA GLY G 104 -40.22 1.92 -23.26
C GLY G 104 -40.45 3.39 -22.89
N SER G 105 -40.27 3.72 -21.62
CA SER G 105 -40.55 5.08 -21.19
C SER G 105 -39.66 6.18 -21.83
N ASP G 106 -38.52 5.81 -22.41
CA ASP G 106 -37.74 6.80 -23.19
C ASP G 106 -38.07 6.78 -24.70
N TRP G 107 -39.12 6.04 -25.06
CA TRP G 107 -39.57 5.99 -26.45
C TRP G 107 -38.66 5.20 -27.37
N ARG G 108 -37.70 4.47 -26.79
CA ARG G 108 -36.84 3.59 -27.54
C ARG G 108 -37.63 2.34 -27.95
N PHE G 109 -37.40 1.83 -29.15
CA PHE G 109 -38.03 0.56 -29.57
C PHE G 109 -37.83 -0.57 -28.54
N LEU G 110 -38.91 -1.37 -28.36
CA LEU G 110 -38.96 -2.49 -27.42
C LEU G 110 -39.35 -3.83 -28.06
N ARG G 111 -40.44 -3.84 -28.83
CA ARG G 111 -41.00 -5.09 -29.34
C ARG G 111 -41.82 -4.72 -30.57
N GLY G 112 -41.80 -5.61 -31.56
CA GLY G 112 -42.67 -5.48 -32.72
C GLY G 112 -43.59 -6.67 -32.89
N TYR G 113 -44.70 -6.46 -33.56
CA TYR G 113 -45.73 -7.49 -33.68
C TYR G 113 -46.31 -7.53 -35.08
N HIS G 114 -46.65 -8.72 -35.56
CA HIS G 114 -47.55 -8.83 -36.69
C HIS G 114 -48.13 -10.23 -36.75
N GLN G 115 -49.45 -10.32 -36.75
CA GLN G 115 -50.06 -11.62 -36.73
C GLN G 115 -51.37 -11.70 -37.45
N TYR G 116 -51.71 -12.92 -37.82
CA TYR G 116 -52.78 -13.19 -38.73
C TYR G 116 -53.62 -14.35 -38.22
N ALA G 117 -54.92 -14.15 -38.10
CA ALA G 117 -55.81 -15.23 -37.76
C ALA G 117 -56.78 -15.54 -38.89
N TYR G 118 -57.10 -16.83 -39.01
CA TYR G 118 -58.18 -17.26 -39.84
C TYR G 118 -59.22 -17.94 -38.96
N ASP G 119 -60.50 -17.61 -39.16
CA ASP G 119 -61.63 -18.17 -38.43
C ASP G 119 -61.46 -18.23 -36.90
N GLY G 120 -60.84 -17.21 -36.33
CA GLY G 120 -60.58 -17.18 -34.91
C GLY G 120 -59.49 -18.08 -34.33
N LYS G 121 -58.64 -18.67 -35.17
CA LYS G 121 -57.44 -19.34 -34.68
C LYS G 121 -56.25 -18.59 -35.27
N ASP G 122 -55.06 -18.80 -34.70
CA ASP G 122 -53.83 -18.31 -35.29
C ASP G 122 -53.73 -18.90 -36.68
N TYR G 123 -53.05 -18.17 -37.55
CA TYR G 123 -52.62 -18.69 -38.84
C TYR G 123 -51.15 -18.47 -39.05
N ILE G 124 -50.72 -17.23 -39.01
CA ILE G 124 -49.30 -16.92 -39.23
C ILE G 124 -48.92 -15.72 -38.38
N ALA G 125 -47.79 -15.81 -37.68
CA ALA G 125 -47.30 -14.66 -36.94
C ALA G 125 -45.81 -14.51 -37.06
N LEU G 126 -45.39 -13.26 -37.09
CA LEU G 126 -44.00 -12.93 -37.04
C LEU G 126 -43.47 -13.20 -35.64
N LYS G 127 -42.45 -14.05 -35.54
CA LYS G 127 -41.74 -14.34 -34.28
C LYS G 127 -41.21 -13.09 -33.58
N GLU G 128 -40.90 -13.19 -32.28
CA GLU G 128 -40.45 -12.01 -31.51
C GLU G 128 -39.22 -11.32 -32.12
N ASP G 129 -38.32 -12.12 -32.70
CA ASP G 129 -37.06 -11.64 -33.28
C ASP G 129 -37.22 -10.85 -34.60
N LEU G 130 -38.46 -10.76 -35.09
CA LEU G 130 -38.82 -10.15 -36.39
C LEU G 130 -37.92 -10.65 -37.55
N ARG G 131 -37.59 -11.95 -37.50
CA ARG G 131 -36.69 -12.60 -38.47
C ARG G 131 -37.31 -13.87 -39.01
N SER G 132 -38.21 -14.50 -38.26
CA SER G 132 -38.80 -15.78 -38.67
C SER G 132 -40.32 -15.87 -38.42
N TRP G 133 -40.94 -16.92 -38.92
CA TRP G 133 -42.39 -17.05 -38.82
C TRP G 133 -42.85 -18.23 -37.99
N THR G 134 -44.05 -18.10 -37.42
CA THR G 134 -44.75 -19.18 -36.77
C THR G 134 -45.97 -19.51 -37.62
N ALA G 135 -45.98 -20.70 -38.21
CA ALA G 135 -47.15 -21.16 -38.92
C ALA G 135 -47.99 -22.00 -37.97
N ALA G 136 -49.24 -21.61 -37.77
CA ALA G 136 -50.12 -22.32 -36.84
C ALA G 136 -50.35 -23.80 -37.19
N ASP G 137 -50.33 -24.16 -38.46
CA ASP G 137 -50.67 -25.51 -38.86
C ASP G 137 -50.08 -25.78 -40.22
N MET G 138 -50.50 -26.89 -40.85
CA MET G 138 -49.91 -27.26 -42.14
C MET G 138 -50.23 -26.26 -43.24
N ALA G 139 -51.49 -25.84 -43.35
CA ALA G 139 -51.83 -24.92 -44.40
C ALA G 139 -50.95 -23.64 -44.37
N ALA G 140 -50.74 -23.13 -43.16
CA ALA G 140 -49.91 -21.97 -42.96
C ALA G 140 -48.49 -22.17 -43.46
N GLN G 141 -48.03 -23.42 -43.50
CA GLN G 141 -46.66 -23.72 -43.90
C GLN G 141 -46.37 -23.22 -45.32
N THR G 142 -47.39 -23.31 -46.18
CA THR G 142 -47.39 -22.73 -47.53
C THR G 142 -47.11 -21.24 -47.52
N THR G 143 -47.89 -20.50 -46.73
CA THR G 143 -47.62 -19.09 -46.63
C THR G 143 -46.22 -18.87 -46.06
N LYS G 144 -45.86 -19.53 -44.97
CA LYS G 144 -44.50 -19.37 -44.38
C LYS G 144 -43.42 -19.51 -45.48
N HIS G 145 -43.53 -20.59 -46.25
CA HIS G 145 -42.57 -20.87 -47.30
C HIS G 145 -42.53 -19.69 -48.30
N LYS G 146 -43.71 -19.22 -48.68
CA LYS G 146 -43.89 -18.15 -49.65
C LYS G 146 -43.19 -16.88 -49.13
N TRP G 147 -43.67 -16.38 -48.00
CA TRP G 147 -43.15 -15.16 -47.39
C TRP G 147 -41.67 -15.24 -47.02
N GLU G 148 -41.11 -16.44 -46.91
CA GLU G 148 -39.69 -16.54 -46.58
C GLU G 148 -38.89 -16.26 -47.84
N ALA G 149 -39.29 -16.90 -48.92
CA ALA G 149 -38.68 -16.68 -50.24
C ALA G 149 -38.80 -15.25 -50.68
N ALA G 150 -39.97 -14.68 -50.45
CA ALA G 150 -40.20 -13.31 -50.84
C ALA G 150 -39.61 -12.30 -49.83
N HIS G 151 -38.86 -12.76 -48.83
CA HIS G 151 -38.15 -11.83 -47.95
C HIS G 151 -39.01 -10.86 -47.15
N VAL G 152 -40.27 -11.25 -46.91
CA VAL G 152 -41.25 -10.35 -46.34
C VAL G 152 -40.86 -9.88 -44.93
N ALA G 153 -40.16 -10.71 -44.15
CA ALA G 153 -39.76 -10.31 -42.77
C ALA G 153 -39.00 -9.02 -42.76
N GLU G 154 -37.93 -9.02 -43.54
CA GLU G 154 -37.05 -7.86 -43.69
C GLU G 154 -37.84 -6.60 -43.81
N GLN G 155 -38.83 -6.66 -44.69
CA GLN G 155 -39.72 -5.54 -44.96
C GLN G 155 -40.49 -5.10 -43.69
N LEU G 156 -41.28 -6.01 -43.15
CA LEU G 156 -41.99 -5.79 -41.91
C LEU G 156 -41.08 -5.24 -40.79
N ARG G 157 -39.91 -5.89 -40.65
CA ARG G 157 -38.95 -5.54 -39.64
C ARG G 157 -38.59 -4.05 -39.73
N ALA G 158 -38.25 -3.60 -40.92
CA ALA G 158 -37.87 -2.21 -41.10
C ALA G 158 -39.02 -1.27 -40.70
N TYR G 159 -40.24 -1.68 -41.01
CA TYR G 159 -41.42 -0.91 -40.66
C TYR G 159 -41.53 -0.82 -39.14
N LEU G 160 -41.61 -1.99 -38.51
CA LEU G 160 -41.83 -2.08 -37.08
C LEU G 160 -40.75 -1.40 -36.26
N GLU G 161 -39.47 -1.61 -36.61
CA GLU G 161 -38.34 -1.08 -35.82
C GLU G 161 -38.14 0.38 -36.07
N GLY G 162 -38.62 0.84 -37.21
CA GLY G 162 -38.37 2.20 -37.61
C GLY G 162 -39.64 3.01 -37.80
N THR G 163 -40.27 2.86 -38.97
CA THR G 163 -41.42 3.70 -39.32
C THR G 163 -42.51 3.73 -38.27
N CYS G 164 -42.82 2.56 -37.73
CA CYS G 164 -43.80 2.43 -36.67
C CYS G 164 -43.42 3.23 -35.39
N VAL G 165 -42.19 3.06 -34.89
CA VAL G 165 -41.76 3.80 -33.71
C VAL G 165 -41.75 5.31 -33.94
N GLU G 166 -41.43 5.71 -35.19
CA GLU G 166 -41.29 7.12 -35.55
C GLU G 166 -42.62 7.80 -35.52
N TRP G 167 -43.63 7.10 -36.03
CA TRP G 167 -44.94 7.68 -36.08
C TRP G 167 -45.57 7.72 -34.70
N LEU G 168 -45.32 6.67 -33.91
CA LEU G 168 -45.79 6.64 -32.55
C LEU G 168 -45.21 7.83 -31.78
N ARG G 169 -43.89 8.01 -31.88
CA ARG G 169 -43.24 9.15 -31.23
C ARG G 169 -43.89 10.45 -31.64
N ARG G 170 -44.14 10.62 -32.93
CA ARG G 170 -44.78 11.82 -33.39
C ARG G 170 -46.16 11.95 -32.75
N TYR G 171 -46.93 10.89 -32.83
CA TYR G 171 -48.27 10.89 -32.30
C TYR G 171 -48.25 11.34 -30.82
N LEU G 172 -47.39 10.70 -30.03
CA LEU G 172 -47.26 11.01 -28.62
C LEU G 172 -46.93 12.50 -28.34
N GLU G 173 -46.01 13.08 -29.12
CA GLU G 173 -45.69 14.51 -29.03
C GLU G 173 -46.95 15.30 -29.30
N ASN G 174 -47.50 15.13 -30.49
CA ASN G 174 -48.67 15.90 -30.84
C ASN G 174 -49.81 15.76 -29.83
N GLY G 175 -49.96 14.56 -29.31
CA GLY G 175 -51.06 14.27 -28.42
C GLY G 175 -50.68 14.36 -26.95
N LYS G 176 -49.53 14.99 -26.63
CA LYS G 176 -49.05 15.00 -25.22
C LYS G 176 -50.11 15.34 -24.18
N GLU G 177 -50.87 16.43 -24.37
CA GLU G 177 -51.97 16.82 -23.46
C GLU G 177 -52.83 15.62 -23.03
N THR G 178 -53.21 14.74 -23.95
CA THR G 178 -54.07 13.63 -23.57
C THR G 178 -53.34 12.31 -23.44
N LEU G 179 -52.40 12.05 -24.32
CA LEU G 179 -51.80 10.72 -24.35
C LEU G 179 -50.81 10.43 -23.23
N GLN G 180 -50.11 11.45 -22.76
CA GLN G 180 -49.15 11.20 -21.67
C GLN G 180 -49.56 11.71 -20.28
N ARG G 181 -50.79 12.15 -20.09
CA ARG G 181 -51.34 12.36 -18.76
C ARG G 181 -51.33 11.02 -18.01
N THR G 182 -51.48 11.03 -16.70
CA THR G 182 -51.90 9.83 -16.00
C THR G 182 -52.95 10.24 -14.97
N ASP G 183 -54.14 9.65 -15.04
CA ASP G 183 -55.14 9.87 -14.01
C ASP G 183 -55.08 8.76 -13.01
N ALA G 184 -54.62 9.09 -11.81
CA ALA G 184 -54.71 8.17 -10.69
C ALA G 184 -56.17 7.71 -10.47
N PRO G 185 -56.37 6.45 -10.00
CA PRO G 185 -57.74 5.98 -9.77
C PRO G 185 -58.45 6.59 -8.54
N LYS G 186 -59.72 6.88 -8.69
CA LYS G 186 -60.48 7.27 -7.52
C LYS G 186 -61.00 5.99 -6.90
N THR G 187 -60.60 5.71 -5.66
CA THR G 187 -60.90 4.41 -5.01
C THR G 187 -61.91 4.50 -3.87
N HIS G 188 -62.76 3.50 -3.74
CA HIS G 188 -63.58 3.34 -2.51
C HIS G 188 -63.97 1.87 -2.30
N MET G 189 -64.50 1.54 -1.10
CA MET G 189 -64.94 0.17 -0.82
C MET G 189 -66.42 0.14 -0.45
N THR G 190 -67.15 -0.85 -0.97
CA THR G 190 -68.54 -1.01 -0.59
C THR G 190 -68.71 -2.36 0.08
N HIS G 191 -69.87 -2.56 0.71
CA HIS G 191 -70.07 -3.71 1.56
C HIS G 191 -71.53 -4.12 1.52
N HIS G 192 -71.80 -5.39 1.15
CA HIS G 192 -73.17 -5.91 1.19
C HIS G 192 -73.23 -7.16 2.04
N ALA G 193 -74.23 -7.18 2.91
CA ALA G 193 -74.49 -8.36 3.71
C ALA G 193 -75.19 -9.41 2.86
N VAL G 194 -74.41 -10.41 2.39
CA VAL G 194 -74.97 -11.59 1.59
C VAL G 194 -75.92 -12.54 2.37
N SER G 195 -75.72 -12.63 3.71
CA SER G 195 -76.56 -13.43 4.62
C SER G 195 -76.27 -12.94 6.05
N ASP G 196 -76.75 -13.66 7.06
CA ASP G 196 -76.30 -13.36 8.43
C ASP G 196 -74.82 -13.81 8.59
N HIS G 197 -74.39 -14.72 7.72
CA HIS G 197 -73.10 -15.44 7.89
C HIS G 197 -71.95 -14.90 7.03
N GLU G 198 -72.24 -14.23 5.89
CA GLU G 198 -71.20 -13.79 4.94
C GLU G 198 -71.41 -12.32 4.51
N ALA G 199 -70.37 -11.67 3.99
CA ALA G 199 -70.53 -10.35 3.36
C ALA G 199 -69.55 -10.14 2.19
N THR G 200 -69.96 -9.36 1.18
CA THR G 200 -69.09 -9.02 0.06
C THR G 200 -68.44 -7.67 0.25
N LEU G 201 -67.14 -7.65 0.09
CA LEU G 201 -66.40 -6.43 0.14
C LEU G 201 -65.94 -6.12 -1.26
N ARG G 202 -66.46 -5.06 -1.85
CA ARG G 202 -66.09 -4.68 -3.23
C ARG G 202 -65.25 -3.41 -3.29
N CYS G 203 -64.11 -3.56 -3.93
CA CYS G 203 -63.08 -2.57 -3.98
C CYS G 203 -63.06 -1.99 -5.37
N TRP G 204 -63.30 -0.67 -5.45
CA TRP G 204 -63.51 0.02 -6.69
C TRP G 204 -62.35 0.90 -7.08
N ALA G 205 -62.07 0.94 -8.38
CA ALA G 205 -61.10 1.86 -8.97
C ALA G 205 -61.72 2.54 -10.20
N LEU G 206 -62.01 3.83 -10.10
CA LEU G 206 -62.73 4.53 -11.14
C LEU G 206 -61.93 5.65 -11.75
N SER G 207 -62.26 5.95 -13.00
CA SER G 207 -61.76 7.10 -13.72
C SER G 207 -60.23 7.16 -13.74
N PHE G 208 -59.59 6.12 -14.23
CA PHE G 208 -58.13 6.14 -14.31
C PHE G 208 -57.63 5.95 -15.74
N TYR G 209 -56.36 6.26 -15.94
CA TYR G 209 -55.73 6.25 -17.25
C TYR G 209 -54.24 6.27 -17.01
N PRO G 210 -53.48 5.35 -17.64
CA PRO G 210 -53.88 4.27 -18.53
C PRO G 210 -54.72 3.15 -17.89
N ALA G 211 -55.12 2.20 -18.72
CA ALA G 211 -55.90 1.06 -18.28
C ALA G 211 -55.09 -0.01 -17.52
N GLU G 212 -53.75 0.00 -17.60
CA GLU G 212 -52.98 -0.96 -16.79
C GLU G 212 -53.17 -0.68 -15.32
N ILE G 213 -53.86 -1.59 -14.64
CA ILE G 213 -54.05 -1.56 -13.17
C ILE G 213 -53.98 -2.94 -12.46
N THR G 214 -53.62 -2.94 -11.19
CA THR G 214 -53.68 -4.15 -10.39
C THR G 214 -54.47 -3.97 -9.08
N LEU G 215 -55.49 -4.81 -8.90
CA LEU G 215 -56.22 -4.87 -7.63
C LEU G 215 -56.06 -6.26 -6.98
N THR G 216 -55.38 -6.29 -5.82
CA THR G 216 -55.27 -7.53 -5.04
C THR G 216 -55.97 -7.39 -3.70
N TRP G 217 -56.41 -8.52 -3.19
CA TRP G 217 -56.98 -8.58 -1.87
C TRP G 217 -55.97 -9.17 -0.89
N GLN G 218 -55.94 -8.65 0.34
CA GLN G 218 -55.04 -9.21 1.36
C GLN G 218 -55.82 -9.58 2.62
N ARG G 219 -55.38 -10.66 3.28
CA ARG G 219 -55.92 -10.99 4.60
C ARG G 219 -54.80 -11.04 5.62
N ASP G 220 -55.01 -10.27 6.69
CA ASP G 220 -53.95 -9.85 7.62
C ASP G 220 -52.57 -9.89 6.94
N GLY G 221 -52.52 -9.12 5.84
CA GLY G 221 -51.30 -8.90 5.09
C GLY G 221 -50.76 -10.09 4.30
N GLU G 222 -51.58 -11.09 4.01
CA GLU G 222 -51.14 -12.13 3.04
C GLU G 222 -52.07 -12.23 1.84
N ASP G 223 -51.46 -12.37 0.66
CA ASP G 223 -52.20 -12.45 -0.60
C ASP G 223 -53.36 -13.42 -0.46
N GLN G 224 -54.57 -12.92 -0.74
CA GLN G 224 -55.81 -13.68 -0.58
C GLN G 224 -56.43 -13.89 -1.95
N THR G 225 -56.51 -15.15 -2.36
CA THR G 225 -57.04 -15.45 -3.68
C THR G 225 -58.40 -16.22 -3.71
N GLN G 226 -58.67 -17.04 -2.68
CA GLN G 226 -60.00 -17.70 -2.54
C GLN G 226 -61.14 -16.72 -2.47
N ASP G 227 -62.32 -17.12 -2.90
CA ASP G 227 -63.52 -16.28 -2.77
C ASP G 227 -63.34 -14.87 -3.29
N THR G 228 -62.76 -14.75 -4.49
CA THR G 228 -62.35 -13.47 -5.05
C THR G 228 -63.00 -13.38 -6.40
N GLU G 229 -63.77 -12.33 -6.65
CA GLU G 229 -64.19 -12.02 -8.01
C GLU G 229 -63.41 -10.78 -8.44
N LEU G 230 -62.98 -10.77 -9.69
CA LEU G 230 -62.26 -9.63 -10.22
C LEU G 230 -62.68 -9.47 -11.69
N VAL G 231 -63.35 -8.38 -12.04
CA VAL G 231 -63.84 -8.15 -13.41
C VAL G 231 -62.81 -7.54 -14.36
N GLU G 232 -63.05 -7.74 -15.64
CA GLU G 232 -62.16 -7.18 -16.65
C GLU G 232 -62.30 -5.63 -16.70
N THR G 233 -61.15 -4.96 -16.84
CA THR G 233 -61.11 -3.51 -16.91
C THR G 233 -62.04 -3.03 -18.02
N ARG G 234 -62.86 -2.03 -17.73
CA ARG G 234 -63.81 -1.60 -18.74
C ARG G 234 -63.69 -0.13 -19.00
N PRO G 235 -64.15 0.30 -20.18
CA PRO G 235 -64.06 1.71 -20.54
C PRO G 235 -65.18 2.52 -19.91
N ALA G 236 -64.86 3.66 -19.29
CA ALA G 236 -65.88 4.55 -18.75
C ALA G 236 -66.69 5.15 -19.88
N GLY G 237 -66.01 5.45 -20.99
CA GLY G 237 -66.62 5.98 -22.19
C GLY G 237 -66.28 7.44 -22.38
N ASP G 238 -65.36 7.95 -21.58
CA ASP G 238 -64.97 9.33 -21.60
C ASP G 238 -63.45 9.34 -21.60
N GLY G 239 -62.90 8.23 -22.06
CA GLY G 239 -61.44 8.07 -22.15
C GLY G 239 -60.76 7.53 -20.90
N THR G 240 -61.49 7.40 -19.78
CA THR G 240 -60.95 6.78 -18.57
C THR G 240 -61.43 5.35 -18.41
N PHE G 241 -61.00 4.72 -17.32
CA PHE G 241 -61.30 3.31 -17.08
C PHE G 241 -61.78 2.97 -15.67
N GLN G 242 -62.44 1.82 -15.55
CA GLN G 242 -62.97 1.28 -14.31
C GLN G 242 -62.56 -0.19 -14.15
N LYS G 243 -62.37 -0.61 -12.91
CA LYS G 243 -62.18 -2.04 -12.54
C LYS G 243 -62.66 -2.22 -11.09
N TRP G 244 -63.06 -3.44 -10.72
CA TRP G 244 -63.33 -3.75 -9.31
C TRP G 244 -62.97 -5.17 -8.88
N ALA G 245 -62.69 -5.31 -7.58
CA ALA G 245 -62.38 -6.60 -6.97
C ALA G 245 -63.30 -6.87 -5.78
N ALA G 246 -63.73 -8.10 -5.60
CA ALA G 246 -64.52 -8.38 -4.44
C ALA G 246 -64.12 -9.67 -3.74
N VAL G 247 -64.32 -9.70 -2.43
CA VAL G 247 -64.19 -10.91 -1.62
C VAL G 247 -65.45 -11.15 -0.87
N VAL G 248 -65.79 -12.40 -0.64
CA VAL G 248 -66.80 -12.74 0.37
C VAL G 248 -66.08 -13.05 1.67
N VAL G 249 -66.56 -12.49 2.76
CA VAL G 249 -65.92 -12.70 4.04
C VAL G 249 -66.94 -13.13 5.09
N PRO G 250 -66.55 -14.01 6.03
CA PRO G 250 -67.36 -14.21 7.24
C PRO G 250 -67.76 -12.88 7.91
N SER G 251 -69.05 -12.73 8.24
CA SER G 251 -69.51 -11.54 8.99
C SER G 251 -68.72 -11.39 10.26
N GLY G 252 -68.29 -10.16 10.56
CA GLY G 252 -67.42 -9.92 11.72
C GLY G 252 -65.91 -10.02 11.47
N GLN G 253 -65.52 -10.47 10.29
CA GLN G 253 -64.09 -10.56 9.97
C GLN G 253 -63.62 -9.48 8.97
N GLU G 254 -64.55 -8.62 8.54
CA GLU G 254 -64.24 -7.52 7.62
C GLU G 254 -62.88 -6.88 7.85
N GLN G 255 -62.54 -6.64 9.11
CA GLN G 255 -61.37 -5.83 9.36
C GLN G 255 -60.04 -6.53 9.03
N ARG G 256 -60.10 -7.84 8.80
CA ARG G 256 -58.90 -8.63 8.47
C ARG G 256 -58.38 -8.34 7.04
N TYR G 257 -59.28 -7.83 6.21
CA TYR G 257 -59.03 -7.72 4.79
C TYR G 257 -58.75 -6.31 4.36
N THR G 258 -57.75 -6.18 3.48
CA THR G 258 -57.38 -4.94 2.82
C THR G 258 -57.33 -5.10 1.34
N CYS G 259 -57.63 -4.02 0.65
CA CYS G 259 -57.54 -3.97 -0.79
C CYS G 259 -56.28 -3.19 -1.18
N HIS G 260 -55.52 -3.72 -2.14
CA HIS G 260 -54.29 -3.04 -2.56
C HIS G 260 -54.38 -2.66 -4.03
N VAL G 261 -54.20 -1.37 -4.30
CA VAL G 261 -54.33 -0.80 -5.64
C VAL G 261 -52.98 -0.32 -6.18
N GLN G 262 -52.65 -0.72 -7.39
CA GLN G 262 -51.41 -0.29 -8.04
C GLN G 262 -51.72 0.27 -9.38
N HIS G 263 -51.12 1.41 -9.68
CA HIS G 263 -51.38 2.12 -10.92
C HIS G 263 -50.30 3.13 -11.06
N GLU G 264 -49.83 3.31 -12.28
CA GLU G 264 -48.75 4.26 -12.57
C GLU G 264 -48.96 5.67 -12.03
N GLY G 265 -50.21 6.13 -12.03
CA GLY G 265 -50.58 7.46 -11.52
C GLY G 265 -50.45 7.73 -10.02
N LEU G 266 -50.27 6.67 -9.23
CA LEU G 266 -50.15 6.81 -7.79
C LEU G 266 -48.69 6.76 -7.35
N PRO G 267 -48.24 7.77 -6.57
CA PRO G 267 -46.83 7.81 -6.17
C PRO G 267 -46.49 6.54 -5.41
N LYS G 268 -47.38 6.12 -4.51
CA LYS G 268 -47.20 4.88 -3.78
C LYS G 268 -48.52 4.12 -3.87
N PRO G 269 -48.45 2.78 -3.88
CA PRO G 269 -49.68 1.95 -3.89
C PRO G 269 -50.64 2.24 -2.74
N LEU G 270 -51.94 2.19 -3.02
CA LEU G 270 -53.01 2.39 -2.03
C LEU G 270 -53.36 1.13 -1.26
N THR G 271 -53.72 1.30 0.01
CA THR G 271 -54.28 0.21 0.78
C THR G 271 -55.63 0.69 1.31
N LEU G 272 -56.69 -0.07 1.03
CA LEU G 272 -58.00 0.27 1.56
C LEU G 272 -58.52 -0.82 2.50
N ARG G 273 -59.14 -0.40 3.59
CA ARG G 273 -59.74 -1.31 4.56
C ARG G 273 -61.15 -0.81 4.78
N TRP G 274 -62.15 -1.70 4.84
CA TRP G 274 -63.56 -1.27 5.08
C TRP G 274 -63.70 -0.42 6.35
N GLU G 275 -64.49 0.64 6.23
CA GLU G 275 -64.63 1.60 7.35
C GLU G 275 -66.12 1.92 7.67
N PRO G 276 -66.71 1.12 8.58
CA PRO G 276 -68.13 1.15 9.04
C PRO G 276 -68.85 2.52 8.97
N MET H 1 -66.32 -22.03 -36.94
CA MET H 1 -64.97 -21.36 -36.98
C MET H 1 -64.01 -21.81 -35.79
N ILE H 2 -64.13 -21.05 -34.68
CA ILE H 2 -63.75 -21.31 -33.29
C ILE H 2 -64.62 -20.29 -32.51
N GLN H 3 -65.44 -20.75 -31.59
CA GLN H 3 -66.39 -19.85 -30.99
C GLN H 3 -66.03 -19.46 -29.54
N ARG H 4 -66.37 -18.25 -29.14
CA ARG H 4 -66.19 -17.81 -27.75
C ARG H 4 -67.35 -16.96 -27.29
N THR H 5 -67.74 -17.16 -26.04
CA THR H 5 -68.93 -16.55 -25.50
C THR H 5 -68.63 -15.16 -24.97
N PRO H 6 -69.53 -14.20 -25.23
CA PRO H 6 -69.39 -12.84 -24.71
C PRO H 6 -69.47 -12.73 -23.18
N LYS H 7 -68.62 -11.91 -22.57
CA LYS H 7 -68.89 -11.45 -21.22
C LYS H 7 -69.60 -10.08 -21.30
N ILE H 8 -70.77 -9.93 -20.67
CA ILE H 8 -71.52 -8.63 -20.60
C ILE H 8 -71.15 -7.88 -19.35
N GLN H 9 -71.09 -6.56 -19.39
CA GLN H 9 -71.06 -5.79 -18.15
C GLN H 9 -71.89 -4.57 -18.36
N VAL H 10 -72.76 -4.24 -17.43
CA VAL H 10 -73.53 -3.04 -17.64
C VAL H 10 -73.44 -2.00 -16.50
N TYR H 11 -73.12 -0.77 -16.89
CA TYR H 11 -72.74 0.28 -15.95
C TYR H 11 -72.84 1.70 -16.51
N SER H 12 -73.13 2.65 -15.63
CA SER H 12 -73.09 4.05 -15.99
C SER H 12 -71.66 4.54 -16.18
N ARG H 13 -71.51 5.65 -16.90
CA ARG H 13 -70.19 6.23 -17.13
C ARG H 13 -69.71 7.02 -15.91
N HIS H 14 -70.55 7.94 -15.43
CA HIS H 14 -70.32 8.64 -14.14
C HIS H 14 -71.27 8.03 -13.07
N PRO H 15 -70.99 8.29 -11.77
CA PRO H 15 -71.84 7.62 -10.77
C PRO H 15 -73.27 8.09 -10.93
N ALA H 16 -74.23 7.24 -10.58
CA ALA H 16 -75.59 7.62 -10.84
C ALA H 16 -76.13 8.69 -9.83
N GLU H 17 -76.91 9.65 -10.33
CA GLU H 17 -77.45 10.69 -9.45
C GLU H 17 -78.96 10.94 -9.69
N ASN H 18 -79.78 10.05 -9.12
CA ASN H 18 -81.23 10.08 -9.36
C ASN H 18 -81.73 11.43 -9.89
N GLY H 19 -82.08 11.44 -11.18
CA GLY H 19 -82.45 12.65 -11.90
C GLY H 19 -81.33 13.30 -12.69
N LYS H 20 -80.05 13.01 -12.39
CA LYS H 20 -78.89 13.65 -13.13
C LYS H 20 -78.31 12.90 -14.37
N SER H 21 -78.49 13.46 -15.57
CA SER H 21 -78.03 12.82 -16.83
C SER H 21 -76.63 12.21 -16.82
N ASN H 22 -76.49 11.10 -17.56
CA ASN H 22 -75.31 10.24 -17.56
C ASN H 22 -75.28 9.40 -18.86
N PHE H 23 -74.28 8.54 -18.96
CA PHE H 23 -74.24 7.53 -20.02
C PHE H 23 -74.30 6.12 -19.45
N LEU H 24 -75.31 5.37 -19.89
CA LEU H 24 -75.42 3.94 -19.60
C LEU H 24 -74.59 3.08 -20.58
N ASN H 25 -73.69 2.26 -20.04
CA ASN H 25 -72.80 1.43 -20.88
C ASN H 25 -73.14 -0.07 -20.88
N CYS H 26 -73.00 -0.73 -22.02
CA CYS H 26 -73.01 -2.19 -22.06
C CYS H 26 -71.74 -2.66 -22.75
N TYR H 27 -70.95 -3.45 -22.05
CA TYR H 27 -69.63 -3.75 -22.54
C TYR H 27 -69.51 -5.21 -22.82
N VAL H 28 -69.60 -5.57 -24.09
CA VAL H 28 -69.46 -6.95 -24.50
C VAL H 28 -68.01 -7.20 -24.94
N SER H 29 -67.40 -8.23 -24.36
CA SER H 29 -66.06 -8.61 -24.74
C SER H 29 -65.87 -10.10 -24.69
N GLY H 30 -64.79 -10.55 -25.30
CA GLY H 30 -64.43 -11.96 -25.30
C GLY H 30 -65.21 -12.86 -26.26
N PHE H 31 -65.99 -12.25 -27.17
CA PHE H 31 -66.86 -13.01 -28.09
C PHE H 31 -66.23 -13.23 -29.44
N HIS H 32 -66.51 -14.39 -30.03
CA HIS H 32 -66.14 -14.73 -31.40
C HIS H 32 -67.15 -15.71 -31.96
N PRO H 33 -67.60 -15.50 -33.19
CA PRO H 33 -67.27 -14.46 -34.17
C PRO H 33 -67.93 -13.10 -33.92
N SER H 34 -67.72 -12.16 -34.84
CA SER H 34 -67.96 -10.75 -34.60
C SER H 34 -69.42 -10.37 -34.61
N ASP H 35 -70.23 -11.23 -35.20
CA ASP H 35 -71.64 -11.00 -35.34
C ASP H 35 -72.21 -11.02 -33.96
N ILE H 36 -73.06 -10.07 -33.60
CA ILE H 36 -73.61 -10.05 -32.22
C ILE H 36 -74.72 -9.04 -32.09
N GLU H 37 -75.90 -9.45 -31.65
CA GLU H 37 -77.02 -8.48 -31.45
C GLU H 37 -77.01 -7.91 -30.05
N VAL H 38 -76.91 -6.60 -29.92
CA VAL H 38 -76.90 -6.00 -28.60
C VAL H 38 -77.96 -4.92 -28.49
N ASP H 39 -78.62 -4.89 -27.35
CA ASP H 39 -79.68 -3.94 -27.12
C ASP H 39 -79.70 -3.40 -25.73
N LEU H 40 -79.96 -2.11 -25.62
CA LEU H 40 -80.21 -1.50 -24.35
C LEU H 40 -81.73 -1.45 -24.15
N LEU H 41 -82.18 -1.71 -22.94
CA LEU H 41 -83.60 -1.77 -22.66
C LEU H 41 -83.93 -0.79 -21.56
N LYS H 42 -85.07 -0.12 -21.65
CA LYS H 42 -85.53 0.67 -20.51
C LYS H 42 -86.81 0.03 -20.04
N ASN H 43 -86.82 -0.48 -18.82
CA ASN H 43 -87.96 -1.28 -18.35
C ASN H 43 -88.40 -2.26 -19.42
N GLY H 44 -87.47 -3.03 -19.99
CA GLY H 44 -87.78 -4.04 -21.01
C GLY H 44 -88.16 -3.56 -22.42
N GLU H 45 -88.29 -2.25 -22.57
CA GLU H 45 -88.48 -1.62 -23.88
C GLU H 45 -87.13 -1.49 -24.52
N ARG H 46 -87.07 -0.97 -25.73
CA ARG H 46 -85.79 -1.00 -26.45
C ARG H 46 -85.31 0.41 -26.75
N ILE H 47 -84.43 0.92 -25.90
CA ILE H 47 -83.79 2.22 -26.15
C ILE H 47 -83.24 2.19 -27.56
N GLU H 48 -83.58 3.19 -28.37
CA GLU H 48 -83.20 3.12 -29.76
C GLU H 48 -82.21 4.14 -30.33
N LYS H 49 -81.81 5.14 -29.57
CA LYS H 49 -80.74 5.94 -30.10
C LYS H 49 -79.42 5.46 -29.50
N VAL H 50 -78.89 4.35 -29.99
CA VAL H 50 -77.75 3.69 -29.35
C VAL H 50 -76.56 3.55 -30.29
N GLU H 51 -75.45 4.18 -29.92
CA GLU H 51 -74.24 4.10 -30.72
C GLU H 51 -73.41 2.98 -30.14
N HIS H 52 -72.47 2.48 -30.93
CA HIS H 52 -71.45 1.55 -30.42
C HIS H 52 -70.08 2.02 -30.79
N SER H 53 -69.07 1.40 -30.19
CA SER H 53 -67.69 1.60 -30.59
C SER H 53 -67.36 0.88 -31.91
N ASP H 54 -66.13 1.06 -32.37
CA ASP H 54 -65.65 0.42 -33.56
C ASP H 54 -65.07 -0.92 -33.20
N LEU H 55 -65.57 -1.96 -33.86
CA LEU H 55 -65.10 -3.30 -33.65
C LEU H 55 -63.58 -3.33 -33.58
N SER H 56 -63.05 -3.81 -32.45
CA SER H 56 -61.63 -4.05 -32.27
C SER H 56 -61.52 -5.42 -31.59
N PHE H 57 -60.30 -5.91 -31.33
CA PHE H 57 -60.09 -7.26 -30.71
C PHE H 57 -58.86 -7.49 -29.81
N SER H 58 -59.00 -8.32 -28.80
CA SER H 58 -57.95 -8.55 -27.82
C SER H 58 -56.91 -9.57 -28.27
N LYS H 59 -55.80 -9.64 -27.55
CA LYS H 59 -54.67 -10.49 -27.91
C LYS H 59 -55.05 -11.92 -28.31
N ASP H 60 -56.17 -12.44 -27.84
CA ASP H 60 -56.56 -13.83 -28.14
C ASP H 60 -57.50 -13.96 -29.34
N TRP H 61 -57.65 -12.85 -30.08
CA TRP H 61 -58.49 -12.76 -31.28
C TRP H 61 -59.97 -12.50 -31.01
N SER H 62 -60.35 -12.22 -29.78
CA SER H 62 -61.76 -12.04 -29.48
C SER H 62 -62.25 -10.59 -29.57
N PHE H 63 -63.52 -10.38 -29.85
CA PHE H 63 -63.92 -9.03 -30.13
C PHE H 63 -64.48 -8.36 -28.94
N TYR H 64 -64.45 -7.03 -28.95
CA TYR H 64 -65.12 -6.24 -27.94
C TYR H 64 -65.72 -4.94 -28.45
N LEU H 65 -66.95 -4.69 -28.05
CA LEU H 65 -67.63 -3.45 -28.38
C LEU H 65 -68.08 -2.77 -27.11
N LEU H 66 -68.06 -1.44 -27.08
CA LEU H 66 -68.85 -0.79 -26.06
C LEU H 66 -70.08 -0.24 -26.71
N TYR H 67 -71.23 -0.69 -26.23
CA TYR H 67 -72.51 -0.11 -26.62
C TYR H 67 -73.00 0.93 -25.57
N TYR H 68 -73.55 2.06 -26.00
CA TYR H 68 -73.95 3.10 -25.02
C TYR H 68 -74.98 4.13 -25.40
N THR H 69 -75.46 4.84 -24.37
CA THR H 69 -76.45 5.88 -24.62
C THR H 69 -76.46 7.01 -23.59
N GLU H 70 -77.09 8.12 -23.99
CA GLU H 70 -77.39 9.21 -23.06
C GLU H 70 -78.63 8.82 -22.31
N PHE H 71 -78.65 9.09 -21.03
CA PHE H 71 -79.84 8.75 -20.29
C PHE H 71 -79.85 9.41 -18.93
N THR H 72 -81.07 9.50 -18.37
CA THR H 72 -81.20 10.10 -17.05
C THR H 72 -81.86 9.21 -15.97
N PRO H 73 -81.03 8.62 -15.10
CA PRO H 73 -81.45 7.57 -14.19
C PRO H 73 -82.52 8.13 -13.25
N THR H 74 -83.31 7.28 -12.60
CA THR H 74 -84.36 7.80 -11.77
C THR H 74 -84.53 6.94 -10.58
N GLU H 75 -85.49 7.36 -9.76
CA GLU H 75 -86.15 6.57 -8.75
C GLU H 75 -86.21 5.08 -9.16
N LYS H 76 -87.12 4.71 -10.06
CA LYS H 76 -87.27 3.27 -10.38
C LYS H 76 -87.56 2.87 -11.84
N ASP H 77 -87.32 3.79 -12.79
CA ASP H 77 -87.01 3.40 -14.18
C ASP H 77 -85.86 2.32 -14.17
N GLU H 78 -86.12 1.14 -14.75
CA GLU H 78 -85.10 0.05 -14.79
C GLU H 78 -84.36 -0.20 -16.13
N TYR H 79 -83.05 -0.39 -16.03
CA TYR H 79 -82.19 -0.59 -17.19
C TYR H 79 -81.48 -1.96 -17.25
N ALA H 80 -81.46 -2.56 -18.44
CA ALA H 80 -80.82 -3.86 -18.66
C ALA H 80 -80.17 -3.88 -20.03
N CYS H 81 -79.09 -4.66 -20.15
CA CYS H 81 -78.48 -4.93 -21.48
C CYS H 81 -79.14 -6.17 -22.06
N ARG H 82 -79.22 -6.27 -23.38
CA ARG H 82 -79.74 -7.53 -23.97
C ARG H 82 -78.86 -8.04 -25.14
N VAL H 83 -78.30 -9.22 -24.94
CA VAL H 83 -77.24 -9.71 -25.82
C VAL H 83 -77.64 -11.02 -26.46
N ASN H 84 -77.37 -11.19 -27.76
CA ASN H 84 -77.43 -12.51 -28.36
C ASN H 84 -76.36 -12.73 -29.40
N HIS H 85 -75.92 -13.98 -29.49
CA HIS H 85 -74.68 -14.35 -30.16
C HIS H 85 -74.84 -15.83 -30.45
N VAL H 86 -73.99 -16.35 -31.32
CA VAL H 86 -74.03 -17.76 -31.72
C VAL H 86 -73.93 -18.68 -30.56
N THR H 87 -73.06 -18.38 -29.61
CA THR H 87 -72.81 -19.32 -28.50
C THR H 87 -73.84 -19.31 -27.35
N LEU H 88 -74.77 -18.35 -27.35
CA LEU H 88 -75.77 -18.19 -26.29
C LEU H 88 -77.03 -18.80 -26.78
N SER H 89 -77.53 -19.80 -26.03
CA SER H 89 -78.71 -20.58 -26.44
C SER H 89 -80.01 -19.79 -26.41
N GLN H 90 -79.94 -18.58 -25.90
CA GLN H 90 -81.06 -17.66 -25.82
C GLN H 90 -80.54 -16.36 -25.32
N PRO H 91 -81.19 -15.28 -25.74
CA PRO H 91 -80.74 -13.93 -25.50
C PRO H 91 -80.41 -13.74 -24.04
N LYS H 92 -79.20 -13.31 -23.74
CA LYS H 92 -78.84 -13.05 -22.36
C LYS H 92 -79.32 -11.66 -21.97
N ILE H 93 -79.89 -11.57 -20.77
CA ILE H 93 -80.36 -10.30 -20.21
C ILE H 93 -79.67 -10.04 -18.87
N VAL H 94 -79.08 -8.86 -18.71
CA VAL H 94 -78.30 -8.51 -17.53
C VAL H 94 -78.86 -7.17 -17.04
N LYS H 95 -79.53 -7.18 -15.89
CA LYS H 95 -80.06 -5.95 -15.28
C LYS H 95 -78.89 -5.03 -14.94
N TRP H 96 -79.12 -3.73 -14.91
CA TRP H 96 -78.12 -2.81 -14.38
C TRP H 96 -78.29 -2.63 -12.87
N ASP H 97 -77.18 -2.55 -12.16
CA ASP H 97 -77.24 -2.60 -10.71
C ASP H 97 -76.38 -1.51 -10.12
N ARG H 98 -76.95 -0.32 -10.13
CA ARG H 98 -76.27 0.91 -9.67
C ARG H 98 -75.69 0.84 -8.23
N ASP H 99 -76.45 0.30 -7.26
CA ASP H 99 -75.91 -0.10 -5.92
C ASP H 99 -74.98 -1.35 -6.09
N MET H 100 -73.66 -1.13 -6.16
CA MET H 100 -72.69 -2.24 -6.33
C MET H 100 -71.41 -2.02 -5.53
N SER I 1 24.56 -36.79 5.86
CA SER I 1 24.46 -36.77 7.32
C SER I 1 23.33 -35.83 7.78
N LEU I 2 22.41 -36.35 8.60
CA LEU I 2 21.15 -35.70 8.89
C LEU I 2 21.37 -34.59 9.85
N LEU I 3 20.46 -33.63 9.76
CA LEU I 3 20.36 -32.56 10.66
C LEU I 3 20.17 -33.13 12.04
N MET I 4 20.72 -32.48 13.05
CA MET I 4 20.59 -32.99 14.40
C MET I 4 19.39 -32.39 15.08
N TRP I 5 19.05 -31.14 14.71
CA TRP I 5 18.00 -30.30 15.32
C TRP I 5 16.85 -30.21 14.34
N ILE I 6 15.68 -30.69 14.76
CA ILE I 6 14.46 -30.57 13.95
C ILE I 6 13.51 -29.74 14.75
N THR I 7 13.08 -28.60 14.26
CA THR I 7 12.13 -27.83 15.03
C THR I 7 10.70 -28.32 14.79
N GLN I 8 9.93 -28.47 15.85
CA GLN I 8 8.49 -28.77 15.71
C GLN I 8 7.67 -27.63 15.10
N VAL I 9 6.57 -27.95 14.41
CA VAL I 9 5.74 -26.91 13.78
C VAL I 9 4.81 -26.22 14.80
N SER J 1 -19.74 15.28 12.76
CA SER J 1 -19.79 15.07 11.32
C SER J 1 -19.12 13.74 10.91
N LEU J 2 -19.89 12.85 10.32
CA LEU J 2 -19.46 11.50 10.07
C LEU J 2 -18.43 11.45 9.00
N LEU J 3 -17.63 10.40 9.11
CA LEU J 3 -16.66 10.02 8.15
C LEU J 3 -17.35 9.79 6.85
N MET J 4 -16.75 10.22 5.78
CA MET J 4 -17.35 10.01 4.51
C MET J 4 -16.99 8.64 3.91
N TRP J 5 -15.78 8.16 4.24
CA TRP J 5 -15.21 6.95 3.68
C TRP J 5 -15.33 5.87 4.74
N ILE J 6 -15.99 4.77 4.39
CA ILE J 6 -16.08 3.61 5.30
C ILE J 6 -15.51 2.38 4.63
N THR J 7 -14.38 1.86 5.12
CA THR J 7 -13.76 0.72 4.46
C THR J 7 -14.48 -0.57 4.82
N GLN J 8 -14.78 -1.40 3.82
CA GLN J 8 -15.35 -2.74 4.07
C GLN J 8 -14.36 -3.74 4.68
N VAL J 9 -14.83 -4.68 5.49
CA VAL J 9 -13.90 -5.62 6.15
C VAL J 9 -13.36 -6.73 5.25
N SER K 1 43.46 15.36 19.74
CA SER K 1 43.09 15.33 21.14
C SER K 1 42.38 16.61 21.53
N LEU K 2 41.14 16.47 21.96
CA LEU K 2 40.31 17.62 22.30
C LEU K 2 40.78 18.41 23.48
N LEU K 3 40.37 19.65 23.47
CA LEU K 3 40.51 20.56 24.60
C LEU K 3 39.88 19.96 25.85
N MET K 4 40.49 20.24 27.01
CA MET K 4 39.92 19.77 28.24
C MET K 4 39.04 20.80 28.89
N TRP K 5 39.38 22.06 28.70
CA TRP K 5 38.65 23.17 29.28
C TRP K 5 37.83 23.92 28.25
N ILE K 6 36.52 23.94 28.45
CA ILE K 6 35.64 24.64 27.57
C ILE K 6 34.95 25.67 28.43
N THR K 7 35.09 26.93 28.09
CA THR K 7 34.40 27.94 28.84
C THR K 7 33.02 28.16 28.25
N GLN K 8 32.03 28.32 29.12
CA GLN K 8 30.65 28.63 28.70
C GLN K 8 30.56 30.08 28.21
N VAL K 9 29.54 30.39 27.40
CA VAL K 9 29.40 31.77 26.89
C VAL K 9 28.68 32.65 27.86
N SER L 1 -49.34 5.35 -38.71
CA SER L 1 -49.12 5.28 -40.18
C SER L 1 -48.97 3.86 -40.66
N LEU L 2 -49.93 3.45 -41.46
CA LEU L 2 -50.02 2.09 -41.93
C LEU L 2 -48.87 1.69 -42.78
N LEU L 3 -48.64 0.40 -42.80
CA LEU L 3 -47.75 -0.27 -43.70
C LEU L 3 -48.15 0.01 -45.14
N MET L 4 -47.18 0.17 -46.02
CA MET L 4 -47.52 0.38 -47.39
C MET L 4 -47.64 -0.92 -48.16
N TRP L 5 -46.82 -1.90 -47.80
CA TRP L 5 -46.74 -3.14 -48.53
C TRP L 5 -47.40 -4.23 -47.74
N ILE L 6 -48.42 -4.87 -48.30
CA ILE L 6 -49.13 -5.94 -47.63
C ILE L 6 -48.99 -7.12 -48.52
N THR L 7 -48.34 -8.17 -48.05
CA THR L 7 -48.21 -9.36 -48.87
C THR L 7 -49.44 -10.27 -48.72
N GLN L 8 -49.88 -10.81 -49.85
CA GLN L 8 -51.01 -11.76 -49.86
C GLN L 8 -50.59 -13.12 -49.34
N VAL L 9 -51.53 -13.83 -48.74
CA VAL L 9 -51.21 -15.17 -48.19
C VAL L 9 -51.06 -16.22 -49.31
N GLN M 1 11.18 -20.51 25.68
CA GLN M 1 11.92 -21.82 25.76
C GLN M 1 11.26 -22.69 26.82
N SER M 2 12.01 -22.98 27.90
CA SER M 2 11.48 -23.13 29.31
C SER M 2 11.58 -24.49 30.00
N GLU M 3 12.19 -24.44 31.20
CA GLU M 3 11.68 -25.16 32.39
C GLU M 3 12.33 -26.48 32.81
N LEU M 4 11.67 -27.56 32.44
CA LEU M 4 11.68 -28.86 33.14
C LEU M 4 10.88 -28.98 34.51
N THR M 5 11.40 -28.64 35.67
CA THR M 5 10.53 -28.71 36.91
C THR M 5 10.75 -29.98 37.70
N GLN M 6 11.49 -29.83 38.80
CA GLN M 6 11.76 -30.89 39.74
C GLN M 6 11.37 -30.36 41.10
N PRO M 7 11.10 -31.27 42.08
CA PRO M 7 10.88 -30.78 43.41
C PRO M 7 12.11 -29.98 43.82
N ARG M 8 11.89 -28.92 44.60
CA ARG M 8 13.01 -28.14 45.10
C ARG M 8 14.06 -29.05 45.76
N SER M 9 13.60 -30.03 46.55
CA SER M 9 14.46 -30.82 47.42
C SER M 9 13.75 -32.11 47.90
N VAL M 10 14.39 -33.25 47.73
CA VAL M 10 13.90 -34.47 48.35
C VAL M 10 14.97 -35.05 49.30
N SER M 11 14.51 -35.66 50.40
CA SER M 11 15.42 -36.25 51.37
C SER M 11 15.04 -37.70 51.69
N GLY M 12 15.98 -38.49 52.20
CA GLY M 12 15.68 -39.80 52.78
C GLY M 12 16.76 -40.42 53.66
N SER M 13 16.41 -41.49 54.37
CA SER M 13 17.32 -42.21 55.25
C SER M 13 18.23 -43.23 54.54
N PRO M 14 19.34 -43.63 55.20
CA PRO M 14 20.24 -44.63 54.61
C PRO M 14 19.49 -45.93 54.33
N GLY M 15 19.74 -46.53 53.17
CA GLY M 15 19.07 -47.76 52.79
C GLY M 15 17.75 -47.56 52.08
N GLN M 16 17.11 -46.41 52.31
CA GLN M 16 15.77 -46.12 51.74
C GLN M 16 15.77 -45.85 50.24
N SER M 17 14.60 -45.89 49.61
CA SER M 17 14.44 -45.36 48.26
C SER M 17 14.11 -43.85 48.28
N VAL M 18 14.59 -43.09 47.28
CA VAL M 18 14.03 -41.76 46.99
C VAL M 18 13.83 -41.52 45.49
N THR M 19 12.80 -40.73 45.16
CA THR M 19 12.46 -40.45 43.76
C THR M 19 12.40 -38.94 43.44
N ILE M 20 12.98 -38.56 42.31
CA ILE M 20 12.96 -37.18 41.93
C ILE M 20 12.21 -37.10 40.64
N SER M 21 11.02 -36.49 40.69
CA SER M 21 10.20 -36.33 39.48
C SER M 21 10.84 -35.21 38.67
N CYS M 22 10.50 -35.15 37.39
CA CYS M 22 10.97 -34.11 36.49
C CYS M 22 9.96 -33.99 35.41
N THR M 23 9.23 -32.90 35.37
CA THR M 23 8.06 -32.87 34.50
C THR M 23 8.02 -31.85 33.35
N GLY M 24 7.56 -32.22 32.18
CA GLY M 24 7.67 -31.28 31.08
C GLY M 24 6.37 -31.28 30.34
N THR M 25 6.48 -31.37 29.01
CA THR M 25 5.35 -31.29 28.12
C THR M 25 5.45 -32.38 27.08
N SER M 26 4.38 -32.51 26.29
CA SER M 26 4.35 -33.54 25.26
C SER M 26 5.40 -33.28 24.18
N ARG M 27 6.12 -32.20 24.37
CA ARG M 27 6.90 -31.53 23.35
C ARG M 27 8.41 -31.80 23.57
N ASP M 28 8.79 -32.04 24.83
CA ASP M 28 10.18 -32.45 25.16
C ASP M 28 10.31 -33.90 25.69
N VAL M 29 10.06 -34.02 27.00
CA VAL M 29 10.09 -35.26 27.77
C VAL M 29 8.98 -36.23 27.37
N GLY M 30 7.91 -35.67 26.81
CA GLY M 30 6.77 -36.45 26.40
C GLY M 30 6.90 -36.65 24.93
N GLY M 31 7.81 -35.90 24.34
CA GLY M 31 7.98 -35.94 22.90
C GLY M 31 8.92 -37.03 22.49
N TYR M 32 9.92 -37.28 23.32
CA TYR M 32 11.06 -38.11 22.93
C TYR M 32 11.57 -38.93 24.11
N ASN M 33 12.23 -40.04 23.80
CA ASN M 33 12.89 -40.82 24.82
C ASN M 33 14.33 -40.38 24.92
N TYR M 34 14.57 -39.09 25.18
CA TYR M 34 15.92 -38.61 25.41
C TYR M 34 15.95 -37.76 26.65
N VAL M 35 15.88 -38.40 27.80
CA VAL M 35 16.03 -37.69 29.07
C VAL M 35 17.29 -38.20 29.65
N SER M 36 18.05 -37.33 30.28
CA SER M 36 19.21 -37.78 30.99
C SER M 36 19.24 -37.08 32.34
N TRP M 37 19.87 -37.73 33.30
CA TRP M 37 19.99 -37.09 34.55
C TRP M 37 21.45 -36.87 34.80
N TYR M 38 21.75 -35.74 35.45
CA TYR M 38 23.07 -35.48 35.98
C TYR M 38 23.13 -35.37 37.52
N GLN M 39 24.29 -35.72 38.09
CA GLN M 39 24.58 -35.53 39.51
C GLN M 39 25.68 -34.50 39.60
N GLN M 40 25.57 -33.56 40.56
CA GLN M 40 26.60 -32.55 40.78
C GLN M 40 26.84 -32.44 42.26
N HIS M 41 28.08 -32.69 42.68
CA HIS M 41 28.55 -32.56 44.03
C HIS M 41 29.18 -31.15 44.19
N PRO M 42 29.26 -30.65 45.44
CA PRO M 42 29.61 -29.25 45.69
C PRO M 42 30.93 -28.77 45.04
N GLY M 43 30.84 -27.74 44.20
CA GLY M 43 32.06 -27.21 43.54
C GLY M 43 32.83 -28.23 42.71
N LYS M 44 32.11 -29.06 41.96
CA LYS M 44 32.69 -30.10 41.11
C LYS M 44 31.80 -30.12 39.85
N ALA M 45 32.32 -30.46 38.69
CA ALA M 45 31.49 -30.45 37.47
C ALA M 45 30.39 -31.50 37.54
N PRO M 46 29.23 -31.25 36.93
CA PRO M 46 28.21 -32.30 36.74
C PRO M 46 28.71 -33.60 36.13
N LYS M 47 27.99 -34.68 36.42
CA LYS M 47 28.36 -36.00 35.94
C LYS M 47 27.10 -36.65 35.41
N LEU M 48 27.19 -37.35 34.29
CA LEU M 48 26.01 -37.95 33.72
C LEU M 48 25.73 -39.33 34.33
N ILE M 49 24.51 -39.51 34.89
CA ILE M 49 24.11 -40.77 35.60
C ILE M 49 23.05 -41.60 34.89
N ILE M 50 22.31 -40.96 33.99
CA ILE M 50 21.26 -41.62 33.20
C ILE M 50 21.23 -40.99 31.84
N HIS M 51 20.90 -41.77 30.83
CA HIS M 51 20.63 -41.19 29.53
C HIS M 51 19.63 -42.08 28.79
N ASP M 52 18.89 -41.49 27.87
CA ASP M 52 17.96 -42.27 27.05
C ASP M 52 16.86 -42.82 27.92
N VAL M 53 16.47 -42.02 28.90
CA VAL M 53 15.43 -42.34 29.89
C VAL M 53 15.83 -43.34 30.95
N ILE M 54 16.39 -44.47 30.51
CA ILE M 54 16.66 -45.62 31.37
C ILE M 54 18.13 -46.10 31.46
N ILE M 55 18.95 -45.94 30.41
CA ILE M 55 20.35 -46.47 30.41
C ILE M 55 21.31 -45.77 31.43
N ARG M 56 22.11 -46.53 32.17
CA ARG M 56 23.22 -45.92 32.92
C ARG M 56 24.54 -46.05 32.20
N PRO M 57 25.31 -44.95 32.11
CA PRO M 57 26.63 -45.08 31.53
C PRO M 57 27.47 -46.09 32.31
N SER M 58 28.27 -46.86 31.57
CA SER M 58 29.21 -47.78 32.19
C SER M 58 30.00 -46.93 33.14
N GLY M 59 30.11 -47.34 34.41
CA GLY M 59 30.68 -46.46 35.42
C GLY M 59 29.79 -46.34 36.65
N VAL M 60 28.64 -45.70 36.46
CA VAL M 60 27.61 -45.44 37.50
C VAL M 60 26.93 -46.64 38.15
N PRO M 61 26.78 -46.59 39.49
CA PRO M 61 26.20 -47.58 40.42
C PRO M 61 24.78 -48.09 40.13
N ASP M 62 24.55 -49.33 40.55
CA ASP M 62 23.35 -50.14 40.23
C ASP M 62 21.99 -49.62 40.78
N ARG M 63 22.05 -48.79 41.80
CA ARG M 63 20.86 -48.35 42.53
C ARG M 63 20.26 -47.04 41.98
N PHE M 64 20.78 -46.63 40.84
CA PHE M 64 20.22 -45.52 40.13
C PHE M 64 19.38 -46.06 38.97
N SER M 65 18.16 -45.54 38.84
CA SER M 65 17.37 -45.87 37.66
C SER M 65 16.52 -44.70 37.20
N GLY M 66 16.42 -44.60 35.87
CA GLY M 66 15.51 -43.72 35.19
C GLY M 66 14.26 -44.39 34.66
N SER M 67 13.26 -43.56 34.44
CA SER M 67 11.96 -43.95 33.97
C SER M 67 11.27 -42.64 33.60
N LYS M 68 10.11 -42.82 32.98
CA LYS M 68 9.29 -41.76 32.44
C LYS M 68 7.93 -42.35 32.11
N SER M 69 6.92 -41.51 32.25
CA SER M 69 5.55 -41.95 32.18
C SER M 69 4.85 -40.68 31.88
N GLY M 70 4.35 -40.59 30.65
CA GLY M 70 3.82 -39.34 30.13
C GLY M 70 4.90 -38.27 30.10
N ASN M 71 4.58 -37.11 30.66
CA ASN M 71 5.49 -36.00 30.63
C ASN M 71 6.30 -35.89 31.86
N THR M 72 6.21 -36.85 32.76
CA THR M 72 7.14 -36.86 33.88
C THR M 72 8.17 -37.97 33.83
N ALA M 73 9.40 -37.59 34.11
CA ALA M 73 10.49 -38.51 34.19
C ALA M 73 10.91 -38.65 35.64
N SER M 74 11.45 -39.80 35.99
CA SER M 74 11.80 -39.96 37.37
C SER M 74 13.15 -40.60 37.47
N LEU M 75 13.79 -40.33 38.61
CA LEU M 75 15.02 -40.97 38.98
C LEU M 75 14.81 -41.60 40.33
N THR M 76 14.87 -42.92 40.42
CA THR M 76 14.90 -43.52 41.74
C THR M 76 16.34 -43.82 42.15
N ILE M 77 16.69 -43.41 43.38
CA ILE M 77 17.88 -43.90 44.05
C ILE M 77 17.44 -44.88 45.14
N SER M 78 17.90 -46.12 45.08
CA SER M 78 17.53 -47.07 46.12
C SER M 78 18.77 -47.51 46.88
N GLY M 79 18.61 -47.90 48.14
CA GLY M 79 19.77 -48.05 49.02
C GLY M 79 20.62 -46.79 49.09
N LEU M 80 19.96 -45.66 49.38
CA LEU M 80 20.62 -44.37 49.54
C LEU M 80 21.90 -44.43 50.38
N GLN M 81 22.88 -43.60 50.02
CA GLN M 81 24.18 -43.51 50.73
C GLN M 81 24.63 -42.06 50.91
N ALA M 82 25.48 -41.83 51.93
CA ALA M 82 26.03 -40.50 52.23
C ALA M 82 26.50 -39.80 50.97
N GLU M 83 27.34 -40.50 50.20
CA GLU M 83 27.97 -39.92 49.00
C GLU M 83 26.99 -39.84 47.84
N ASP M 84 25.70 -39.79 48.16
CA ASP M 84 24.69 -39.66 47.13
C ASP M 84 24.01 -38.33 47.35
N GLU M 85 24.27 -37.73 48.52
CA GLU M 85 23.81 -36.40 48.87
C GLU M 85 24.45 -35.47 47.91
N ALA M 86 23.65 -34.80 47.08
CA ALA M 86 24.15 -33.96 46.00
C ALA M 86 22.97 -33.33 45.31
N HIS M 87 23.26 -32.57 44.26
CA HIS M 87 22.19 -31.97 43.48
C HIS M 87 21.99 -32.88 42.26
N TYR M 88 20.75 -33.04 41.82
CA TYR M 88 20.49 -33.76 40.58
C TYR M 88 19.74 -32.90 39.60
N TYR M 89 20.12 -32.99 38.34
CA TYR M 89 19.39 -32.33 37.27
C TYR M 89 18.88 -33.28 36.16
N CYS M 90 17.58 -33.20 35.86
CA CYS M 90 17.14 -33.84 34.61
C CYS M 90 17.42 -32.83 33.51
N TRP M 91 17.00 -33.16 32.28
CA TRP M 91 17.56 -32.57 31.07
C TRP M 91 16.91 -33.33 29.96
N SER M 92 16.35 -32.65 28.96
CA SER M 92 15.74 -33.38 27.83
C SER M 92 15.96 -32.74 26.51
N PHE M 93 15.97 -33.56 25.47
CA PHE M 93 15.92 -33.05 24.11
C PHE M 93 14.51 -32.51 23.95
N ALA M 94 14.39 -31.47 23.11
CA ALA M 94 13.13 -30.79 22.79
C ALA M 94 13.08 -30.43 21.31
N GLY M 95 13.76 -31.20 20.48
CA GLY M 95 13.64 -30.99 19.04
C GLY M 95 14.57 -29.93 18.52
N SER M 96 14.52 -28.74 19.10
CA SER M 96 15.33 -27.65 18.62
C SER M 96 16.28 -27.13 19.68
N TYR M 97 16.27 -27.74 20.84
CA TYR M 97 17.17 -27.30 21.90
C TYR M 97 17.22 -28.32 22.99
N TYR M 98 18.17 -28.17 23.89
CA TYR M 98 18.28 -28.97 25.07
C TYR M 98 17.86 -28.10 26.24
N VAL M 99 17.32 -28.72 27.26
CA VAL M 99 16.84 -27.97 28.38
C VAL M 99 17.01 -28.80 29.63
N PHE M 100 17.78 -28.24 30.55
CA PHE M 100 18.00 -28.78 31.86
C PHE M 100 16.79 -28.52 32.70
N GLY M 101 16.64 -29.29 33.77
CA GLY M 101 15.57 -29.15 34.75
C GLY M 101 16.11 -28.24 35.81
N THR M 102 15.24 -27.87 36.75
CA THR M 102 15.51 -26.78 37.71
C THR M 102 16.34 -27.27 38.84
N GLY M 103 16.53 -28.59 38.89
CA GLY M 103 17.49 -29.22 39.77
C GLY M 103 16.83 -29.49 41.09
N THR M 104 17.25 -30.58 41.73
CA THR M 104 16.76 -31.05 43.07
C THR M 104 17.89 -31.15 44.08
N ASP M 105 17.56 -31.06 45.36
CA ASP M 105 18.57 -31.16 46.42
C ASP M 105 18.39 -32.43 47.27
N VAL M 106 19.22 -33.45 47.01
CA VAL M 106 19.14 -34.70 47.78
C VAL M 106 20.01 -34.62 49.00
N THR M 107 19.39 -35.02 50.11
CA THR M 107 19.85 -34.91 51.49
C THR M 107 19.87 -36.34 52.02
N VAL M 108 20.64 -36.62 53.06
CA VAL M 108 20.51 -37.90 53.75
C VAL M 108 20.17 -37.68 55.23
N LEU M 109 18.98 -38.09 55.62
CA LEU M 109 18.47 -37.77 56.94
C LEU M 109 19.29 -38.35 58.08
N GLY M 110 19.01 -37.80 59.26
CA GLY M 110 19.58 -38.22 60.53
C GLY M 110 21.06 -38.46 60.47
N GLN M 111 21.83 -37.43 60.12
CA GLN M 111 23.28 -37.47 60.32
C GLN M 111 23.54 -36.97 61.73
N PRO M 112 24.71 -37.33 62.31
CA PRO M 112 24.98 -36.85 63.64
C PRO M 112 25.19 -35.36 63.57
N LYS M 113 24.71 -34.64 64.57
CA LYS M 113 25.04 -33.23 64.75
C LYS M 113 26.57 -33.13 64.96
N ALA M 114 27.19 -32.08 64.40
CA ALA M 114 28.64 -31.95 64.47
C ALA M 114 29.06 -30.53 64.85
N ASN M 115 29.81 -30.46 65.93
CA ASN M 115 30.16 -29.18 66.51
C ASN M 115 31.24 -28.46 65.76
N PRO M 116 31.13 -27.12 65.70
CA PRO M 116 32.02 -26.40 64.82
C PRO M 116 33.41 -26.31 65.43
N THR M 117 34.42 -26.47 64.60
CA THR M 117 35.75 -26.18 65.07
C THR M 117 36.04 -24.80 64.48
N VAL M 118 36.41 -23.88 65.36
CA VAL M 118 36.57 -22.47 65.09
C VAL M 118 38.04 -22.17 65.29
N THR M 119 38.65 -21.56 64.29
CA THR M 119 39.96 -20.96 64.43
C THR M 119 39.78 -19.50 64.21
N LEU M 120 40.57 -18.71 64.89
CA LEU M 120 40.54 -17.28 64.66
C LEU M 120 41.96 -16.74 64.65
N PHE M 121 42.27 -15.93 63.64
CA PHE M 121 43.53 -15.20 63.59
C PHE M 121 43.43 -13.68 63.88
N PRO M 122 44.48 -13.08 64.49
CA PRO M 122 44.62 -11.62 64.56
C PRO M 122 45.12 -11.00 63.23
N PRO M 123 45.16 -9.65 63.17
CA PRO M 123 45.77 -9.11 61.98
C PRO M 123 47.22 -9.54 61.88
N SER M 124 47.63 -9.80 60.65
CA SER M 124 48.99 -10.06 60.29
C SER M 124 49.87 -8.85 60.59
N SER M 125 51.03 -9.06 61.20
CA SER M 125 52.02 -7.96 61.35
C SER M 125 52.01 -7.04 60.12
N GLU M 126 52.12 -7.70 58.97
CA GLU M 126 52.26 -7.07 57.67
C GLU M 126 51.05 -6.23 57.25
N GLU M 127 49.85 -6.61 57.70
CA GLU M 127 48.64 -5.84 57.40
C GLU M 127 48.62 -4.56 58.22
N LEU M 128 48.83 -4.72 59.53
CA LEU M 128 49.06 -3.61 60.48
C LEU M 128 50.14 -2.64 60.04
N GLN M 129 51.07 -3.11 59.23
CA GLN M 129 52.15 -2.28 58.72
C GLN M 129 51.64 -1.51 57.52
N ALA M 130 50.59 -2.06 56.88
CA ALA M 130 49.94 -1.44 55.72
C ALA M 130 48.67 -0.65 56.11
N ASN M 131 48.68 -0.12 57.32
CA ASN M 131 47.59 0.69 57.90
C ASN M 131 46.14 0.15 57.78
N LYS M 132 46.03 -1.17 57.72
CA LYS M 132 44.73 -1.84 57.70
C LYS M 132 44.72 -3.00 58.71
N ALA M 133 43.56 -3.60 59.01
CA ALA M 133 43.49 -4.67 60.02
C ALA M 133 42.26 -5.55 60.02
N THR M 134 42.48 -6.85 59.85
CA THR M 134 41.40 -7.85 59.76
C THR M 134 41.55 -9.00 60.76
N LEU M 135 40.51 -9.20 61.55
CA LEU M 135 40.35 -10.40 62.33
C LEU M 135 39.63 -11.45 61.51
N VAL M 136 40.24 -12.62 61.37
CA VAL M 136 39.70 -13.70 60.52
C VAL M 136 39.10 -14.83 61.36
N CYS M 137 37.79 -15.08 61.26
CA CYS M 137 37.23 -16.19 62.00
C CYS M 137 36.94 -17.31 61.01
N LEU M 138 37.52 -18.49 61.20
CA LEU M 138 37.16 -19.62 60.32
C LEU M 138 36.43 -20.71 61.06
N ILE M 139 35.16 -20.93 60.71
CA ILE M 139 34.34 -21.99 61.33
C ILE M 139 34.16 -23.10 60.33
N SER M 140 34.41 -24.32 60.78
CA SER M 140 34.21 -25.47 59.88
C SER M 140 33.74 -26.76 60.57
N ASP M 141 33.55 -27.77 59.73
CA ASP M 141 33.11 -29.11 60.10
C ASP M 141 31.84 -29.15 60.92
N PHE M 142 30.90 -28.26 60.64
CA PHE M 142 29.69 -28.21 61.48
C PHE M 142 28.43 -28.68 60.75
N TYR M 143 27.59 -29.44 61.48
CA TYR M 143 26.32 -29.97 61.00
C TYR M 143 25.27 -29.87 62.10
N PRO M 144 24.02 -29.48 61.74
CA PRO M 144 23.56 -29.05 60.42
C PRO M 144 24.08 -27.66 60.09
N GLY M 145 23.69 -27.15 58.92
CA GLY M 145 24.34 -26.01 58.28
C GLY M 145 23.95 -24.61 58.69
N ALA M 146 23.74 -24.38 59.98
CA ALA M 146 23.37 -23.08 60.45
C ALA M 146 24.25 -22.63 61.60
N VAL M 147 24.71 -21.38 61.53
CA VAL M 147 25.53 -20.71 62.57
C VAL M 147 25.25 -19.22 62.59
N THR M 148 25.25 -18.63 63.78
CA THR M 148 25.41 -17.16 63.90
C THR M 148 26.75 -16.80 64.56
N VAL M 149 27.39 -15.76 64.02
CA VAL M 149 28.70 -15.36 64.45
C VAL M 149 28.62 -13.97 65.03
N ALA M 150 28.79 -13.88 66.34
CA ALA M 150 28.73 -12.60 67.06
C ALA M 150 30.13 -12.21 67.51
N TRP M 151 30.62 -11.05 67.09
CA TRP M 151 31.90 -10.56 67.59
C TRP M 151 31.69 -9.77 68.84
N LYS M 152 32.70 -9.80 69.71
CA LYS M 152 32.73 -9.01 70.96
C LYS M 152 34.13 -8.42 71.21
N ALA M 153 34.23 -7.10 71.34
CA ALA M 153 35.50 -6.49 71.65
C ALA M 153 35.51 -5.94 73.08
N ASP M 154 36.56 -6.26 73.82
CA ASP M 154 36.62 -5.97 75.25
C ASP M 154 35.58 -6.77 76.02
N GLY M 155 34.30 -6.55 75.72
CA GLY M 155 33.19 -7.33 76.29
C GLY M 155 31.89 -6.89 75.67
N SER M 156 31.91 -5.67 75.15
CA SER M 156 30.79 -5.11 74.43
C SER M 156 30.65 -5.74 73.02
N PRO M 157 29.42 -5.71 72.47
CA PRO M 157 29.27 -6.26 71.13
C PRO M 157 29.74 -5.28 70.05
N VAL M 158 30.25 -5.82 68.96
CA VAL M 158 30.61 -4.97 67.84
C VAL M 158 29.84 -5.37 66.53
N LYS M 159 28.89 -4.54 66.13
CA LYS M 159 28.07 -4.82 64.94
C LYS M 159 28.76 -4.50 63.57
N ALA M 160 29.77 -3.61 63.61
CA ALA M 160 30.37 -2.96 62.43
C ALA M 160 31.73 -3.49 61.98
N GLY M 161 31.88 -3.74 60.68
CA GLY M 161 33.11 -4.31 60.13
C GLY M 161 33.02 -5.83 60.06
N VAL M 162 31.81 -6.32 60.28
CA VAL M 162 31.53 -7.75 60.29
C VAL M 162 30.85 -8.23 59.01
N GLU M 163 31.54 -9.09 58.31
CA GLU M 163 31.03 -9.69 57.11
C GLU M 163 31.27 -11.18 57.29
N THR M 164 30.16 -11.91 57.36
CA THR M 164 30.15 -13.36 57.55
C THR M 164 29.65 -13.97 56.25
N THR M 165 29.97 -15.23 55.99
CA THR M 165 29.49 -15.87 54.79
C THR M 165 28.14 -16.56 55.02
N LYS M 166 27.54 -17.00 53.92
CA LYS M 166 26.62 -18.12 53.99
C LYS M 166 27.49 -19.38 54.22
N PRO M 167 26.91 -20.42 54.82
CA PRO M 167 27.68 -21.66 54.97
C PRO M 167 27.69 -22.51 53.70
N SER M 168 28.83 -23.06 53.32
CA SER M 168 28.92 -24.00 52.21
C SER M 168 28.94 -25.41 52.75
N LYS M 169 28.34 -26.34 52.03
CA LYS M 169 28.57 -27.75 52.25
C LYS M 169 30.03 -28.04 51.89
N GLN M 170 30.85 -28.51 52.82
CA GLN M 170 32.17 -28.97 52.44
C GLN M 170 32.00 -30.32 51.75
N SER M 171 33.03 -30.83 51.06
CA SER M 171 32.81 -32.08 50.35
C SER M 171 32.49 -33.29 51.27
N ASN M 172 32.77 -33.17 52.57
CA ASN M 172 32.44 -34.22 53.55
C ASN M 172 31.02 -34.09 54.05
N ASN M 173 30.27 -33.16 53.48
CA ASN M 173 28.86 -33.05 53.79
C ASN M 173 28.62 -32.37 55.10
N LYS M 174 29.70 -31.87 55.72
CA LYS M 174 29.56 -30.90 56.79
C LYS M 174 29.64 -29.52 56.17
N TYR M 175 29.74 -28.51 57.01
CA TYR M 175 29.64 -27.12 56.55
C TYR M 175 30.79 -26.29 56.99
N ALA M 176 31.01 -25.17 56.32
CA ALA M 176 32.05 -24.28 56.71
C ALA M 176 31.64 -22.91 56.36
N ALA M 177 32.08 -21.95 57.15
CA ALA M 177 31.72 -20.56 56.94
C ALA M 177 32.83 -19.75 57.56
N SER M 178 32.88 -18.45 57.24
CA SER M 178 33.85 -17.59 57.90
C SER M 178 33.38 -16.16 58.08
N SER M 179 33.97 -15.51 59.09
CA SER M 179 33.70 -14.11 59.38
C SER M 179 34.98 -13.25 59.43
N TYR M 180 34.97 -12.14 58.71
CA TYR M 180 36.05 -11.15 58.75
C TYR M 180 35.62 -9.89 59.47
N LEU M 181 36.44 -9.49 60.43
CA LEU M 181 36.21 -8.24 61.14
C LEU M 181 37.28 -7.25 60.69
N SER M 182 36.81 -6.13 60.11
CA SER M 182 37.70 -5.08 59.63
C SER M 182 37.82 -3.90 60.61
N LEU M 183 39.02 -3.77 61.16
CA LEU M 183 39.38 -2.61 61.98
C LEU M 183 40.49 -1.80 61.28
N THR M 184 40.87 -0.68 61.88
CA THR M 184 42.12 0.00 61.55
C THR M 184 43.11 -0.38 62.65
N PRO M 185 44.42 -0.18 62.43
CA PRO M 185 45.41 -0.47 63.47
C PRO M 185 45.11 0.19 64.82
N GLU M 186 44.52 1.38 64.80
CA GLU M 186 44.15 2.09 66.01
C GLU M 186 43.14 1.31 66.89
N GLN M 187 42.00 0.93 66.34
CA GLN M 187 40.93 0.25 67.09
C GLN M 187 41.42 -1.06 67.68
N TRP M 188 42.17 -1.80 66.86
CA TRP M 188 42.74 -3.10 67.21
C TRP M 188 43.50 -3.08 68.53
N LYS M 189 44.14 -1.94 68.80
CA LYS M 189 45.01 -1.81 69.98
C LYS M 189 44.31 -1.08 71.13
N SER M 190 43.24 -0.38 70.79
CA SER M 190 42.40 0.33 71.75
C SER M 190 41.64 -0.64 72.64
N HIS M 191 41.84 -1.93 72.41
CA HIS M 191 41.05 -2.95 73.08
C HIS M 191 41.95 -4.05 73.68
N ARG M 192 41.55 -4.58 74.83
CA ARG M 192 42.32 -5.59 75.55
C ARG M 192 42.38 -6.87 74.75
N SER M 193 41.23 -7.28 74.22
CA SER M 193 41.13 -8.39 73.25
C SER M 193 39.77 -8.43 72.50
N TYR M 194 39.64 -9.37 71.57
CA TYR M 194 38.46 -9.54 70.73
C TYR M 194 38.04 -10.99 70.62
N SER M 195 36.74 -11.22 70.74
CA SER M 195 36.20 -12.55 70.58
C SER M 195 35.30 -12.72 69.36
N CYS M 196 35.50 -13.83 68.70
CA CYS M 196 34.61 -14.30 67.68
C CYS M 196 33.78 -15.40 68.33
N GLN M 197 32.54 -15.09 68.72
CA GLN M 197 31.64 -16.13 69.24
C GLN M 197 30.79 -16.70 68.13
N VAL M 198 30.63 -18.02 68.14
CA VAL M 198 29.99 -18.82 67.08
C VAL M 198 28.92 -19.73 67.69
N THR M 199 27.66 -19.53 67.32
CA THR M 199 26.59 -20.27 67.95
C THR M 199 26.07 -21.25 66.95
N HIS M 200 25.89 -22.49 67.38
CA HIS M 200 25.42 -23.57 66.52
C HIS M 200 24.58 -24.56 67.34
N GLU M 201 23.28 -24.51 67.09
CA GLU M 201 22.27 -25.37 67.74
C GLU M 201 21.88 -25.02 69.20
N GLY M 202 22.20 -23.81 69.65
CA GLY M 202 21.86 -23.38 71.01
C GLY M 202 23.09 -23.35 71.90
N ASN M 203 24.14 -24.01 71.44
CA ASN M 203 25.45 -24.03 72.11
C ASN M 203 26.37 -23.02 71.44
N THR M 204 27.07 -22.24 72.27
CA THR M 204 28.07 -21.29 71.81
C THR M 204 29.49 -21.74 72.10
N VAL M 205 30.40 -21.27 71.25
CA VAL M 205 31.80 -21.60 71.33
C VAL M 205 32.50 -20.35 70.82
N GLU M 206 33.56 -19.93 71.50
CA GLU M 206 34.13 -18.61 71.20
C GLU M 206 35.65 -18.62 71.27
N LYS M 207 36.32 -17.77 70.50
CA LYS M 207 37.78 -17.60 70.62
C LYS M 207 38.25 -16.13 70.68
N THR M 208 39.38 -15.95 71.35
CA THR M 208 39.88 -14.64 71.74
C THR M 208 41.29 -14.45 71.25
N VAL M 209 41.57 -13.25 70.71
CA VAL M 209 42.95 -12.80 70.49
C VAL M 209 43.17 -11.37 70.96
N ALA M 210 44.37 -11.11 71.47
CA ALA M 210 44.80 -9.80 71.97
C ALA M 210 46.00 -9.19 71.22
N PRO M 211 46.03 -7.84 71.12
CA PRO M 211 47.22 -7.10 70.64
C PRO M 211 48.50 -7.51 71.37
N GLN N 1 -9.32 0.17 -8.32
CA GLN N 1 -8.87 -0.54 -7.10
C GLN N 1 -9.13 -2.04 -7.06
N SER N 2 -9.80 -2.63 -8.08
CA SER N 2 -9.82 -2.17 -9.50
C SER N 2 -11.13 -1.64 -10.16
N GLU N 3 -11.08 -1.59 -11.50
CA GLU N 3 -11.89 -0.74 -12.36
C GLU N 3 -13.20 -1.37 -12.86
N LEU N 4 -14.12 -0.54 -13.35
CA LEU N 4 -15.48 -0.98 -13.76
C LEU N 4 -15.59 -1.33 -15.26
N THR N 5 -16.13 -2.48 -15.64
CA THR N 5 -16.19 -2.85 -17.06
C THR N 5 -17.34 -2.20 -17.87
N GLN N 6 -16.97 -1.61 -19.03
CA GLN N 6 -17.90 -1.09 -19.99
C GLN N 6 -17.48 -1.62 -21.35
N PRO N 7 -18.38 -1.64 -22.34
CA PRO N 7 -17.98 -2.03 -23.69
C PRO N 7 -17.10 -0.95 -24.34
N ARG N 8 -16.39 -1.25 -25.42
CA ARG N 8 -15.42 -0.24 -25.94
C ARG N 8 -16.09 0.86 -26.80
N SER N 9 -16.95 0.40 -27.71
CA SER N 9 -17.85 1.20 -28.50
C SER N 9 -19.26 0.65 -28.35
N VAL N 10 -20.25 1.52 -28.40
CA VAL N 10 -21.52 1.11 -28.95
C VAL N 10 -21.79 2.01 -30.13
N SER N 11 -22.81 1.68 -30.91
CA SER N 11 -23.20 2.51 -32.03
C SER N 11 -24.70 2.47 -32.27
N GLY N 12 -25.18 3.36 -33.12
CA GLY N 12 -26.61 3.47 -33.37
C GLY N 12 -26.88 4.54 -34.39
N SER N 13 -27.91 4.31 -35.22
CA SER N 13 -28.52 5.30 -36.09
C SER N 13 -29.21 6.43 -35.30
N PRO N 14 -29.44 7.60 -35.95
CA PRO N 14 -30.05 8.72 -35.23
C PRO N 14 -31.53 8.55 -35.04
N GLY N 15 -32.00 8.96 -33.87
CA GLY N 15 -33.36 8.73 -33.47
C GLY N 15 -33.53 7.40 -32.79
N GLN N 16 -32.54 6.53 -32.94
CA GLN N 16 -32.57 5.25 -32.27
C GLN N 16 -31.97 5.36 -30.91
N SER N 17 -31.80 4.20 -30.28
CA SER N 17 -31.46 4.08 -28.85
C SER N 17 -30.35 3.07 -28.64
N VAL N 18 -29.52 3.32 -27.65
CA VAL N 18 -28.35 2.47 -27.36
C VAL N 18 -28.19 2.38 -25.87
N THR N 19 -27.77 1.22 -25.40
CA THR N 19 -27.60 1.02 -23.97
C THR N 19 -26.15 0.66 -23.61
N ILE N 20 -25.65 1.20 -22.49
CA ILE N 20 -24.22 1.05 -22.09
C ILE N 20 -24.11 0.34 -20.73
N SER N 21 -23.59 -0.90 -20.75
CA SER N 21 -23.49 -1.63 -19.48
C SER N 21 -22.30 -1.06 -18.68
N CYS N 22 -22.29 -1.25 -17.37
CA CYS N 22 -21.20 -0.81 -16.50
C CYS N 22 -21.27 -1.85 -15.42
N THR N 23 -20.45 -2.89 -15.48
CA THR N 23 -20.59 -3.90 -14.45
C THR N 23 -19.41 -3.86 -13.53
N GLY N 24 -19.68 -4.03 -12.25
CA GLY N 24 -18.65 -4.13 -11.25
C GLY N 24 -18.92 -5.28 -10.35
N THR N 25 -18.90 -5.03 -9.05
CA THR N 25 -19.08 -6.10 -8.09
C THR N 25 -20.11 -5.66 -7.03
N SER N 26 -20.31 -6.53 -6.03
CA SER N 26 -21.21 -6.33 -4.91
C SER N 26 -20.65 -5.41 -3.83
N ARG N 27 -19.39 -4.98 -3.99
CA ARG N 27 -18.79 -3.99 -3.08
C ARG N 27 -18.81 -2.57 -3.68
N ASP N 28 -18.94 -2.45 -5.00
CA ASP N 28 -19.01 -1.14 -5.59
C ASP N 28 -20.41 -0.94 -6.19
N VAL N 29 -20.53 -1.15 -7.50
CA VAL N 29 -21.82 -1.01 -8.11
C VAL N 29 -22.94 -1.68 -7.29
N GLY N 30 -22.71 -2.90 -6.82
CA GLY N 30 -23.79 -3.69 -6.26
C GLY N 30 -23.88 -3.48 -4.78
N GLY N 31 -22.85 -2.89 -4.20
CA GLY N 31 -22.87 -2.65 -2.75
C GLY N 31 -23.69 -1.45 -2.35
N TYR N 32 -23.69 -0.41 -3.18
CA TYR N 32 -24.37 0.88 -2.92
C TYR N 32 -25.11 1.36 -4.16
N ASN N 33 -25.84 2.47 -4.02
CA ASN N 33 -26.74 2.94 -5.05
C ASN N 33 -26.23 4.32 -5.39
N TYR N 34 -24.90 4.42 -5.53
CA TYR N 34 -24.21 5.67 -5.82
C TYR N 34 -23.48 5.63 -7.13
N VAL N 35 -24.17 5.21 -8.16
CA VAL N 35 -23.60 5.17 -9.47
C VAL N 35 -23.91 6.47 -10.15
N SER N 36 -22.90 6.93 -10.87
CA SER N 36 -23.00 8.17 -11.58
C SER N 36 -22.51 7.88 -12.96
N TRP N 37 -22.91 8.71 -13.94
CA TRP N 37 -22.42 8.56 -15.33
C TRP N 37 -21.97 9.92 -15.80
N TYR N 38 -20.80 9.95 -16.44
CA TYR N 38 -20.29 11.18 -17.07
C TYR N 38 -20.20 11.13 -18.59
N GLN N 39 -20.35 12.29 -19.22
CA GLN N 39 -20.25 12.46 -20.68
C GLN N 39 -19.11 13.40 -21.01
N GLN N 40 -18.15 12.95 -21.83
CA GLN N 40 -17.06 13.83 -22.25
C GLN N 40 -16.99 13.90 -23.74
N HIS N 41 -16.97 15.12 -24.26
CA HIS N 41 -16.74 15.39 -25.70
C HIS N 41 -15.26 15.71 -25.96
N PRO N 42 -14.76 15.32 -27.14
CA PRO N 42 -13.32 15.31 -27.28
C PRO N 42 -12.86 16.75 -27.08
N GLY N 43 -11.89 16.98 -26.20
CA GLY N 43 -11.40 18.34 -25.92
C GLY N 43 -12.06 19.15 -24.82
N LYS N 44 -13.22 18.70 -24.36
CA LYS N 44 -13.84 19.34 -23.20
C LYS N 44 -13.64 18.51 -21.91
N ALA N 45 -13.70 19.17 -20.76
CA ALA N 45 -13.90 18.50 -19.50
C ALA N 45 -15.12 17.56 -19.59
N PRO N 46 -15.19 16.55 -18.72
CA PRO N 46 -16.44 15.80 -18.71
C PRO N 46 -17.60 16.57 -18.06
N LYS N 47 -18.77 15.93 -18.10
CA LYS N 47 -20.01 16.47 -17.63
C LYS N 47 -20.78 15.40 -16.85
N LEU N 48 -21.23 15.68 -15.65
CA LEU N 48 -22.11 14.73 -15.03
C LEU N 48 -23.48 14.57 -15.75
N ILE N 49 -23.83 13.40 -16.29
CA ILE N 49 -25.19 13.18 -16.81
C ILE N 49 -26.19 12.37 -15.95
N ILE N 50 -25.70 11.60 -14.97
CA ILE N 50 -26.58 10.74 -14.11
C ILE N 50 -25.97 10.58 -12.71
N HIS N 51 -26.77 10.49 -11.66
CA HIS N 51 -26.20 10.34 -10.30
C HIS N 51 -27.25 9.62 -9.53
N ASP N 52 -26.84 9.01 -8.42
CA ASP N 52 -27.68 8.04 -7.71
C ASP N 52 -28.41 7.10 -8.66
N VAL N 53 -27.65 6.51 -9.60
CA VAL N 53 -28.15 5.49 -10.51
C VAL N 53 -29.21 5.96 -11.53
N ILE N 54 -30.33 6.45 -11.03
CA ILE N 54 -31.40 6.81 -11.96
C ILE N 54 -31.58 8.29 -12.36
N ILE N 55 -30.96 9.23 -11.61
CA ILE N 55 -31.34 10.69 -11.61
C ILE N 55 -30.51 11.69 -12.47
N ARG N 56 -31.13 12.34 -13.46
CA ARG N 56 -30.39 13.35 -14.28
C ARG N 56 -30.24 14.62 -13.50
N PRO N 57 -29.04 15.24 -13.53
CA PRO N 57 -28.89 16.53 -12.87
C PRO N 57 -29.59 17.65 -13.65
N SER N 58 -29.55 18.84 -13.08
CA SER N 58 -29.97 20.05 -13.71
C SER N 58 -29.39 20.10 -15.12
N GLY N 59 -30.24 20.33 -16.11
CA GLY N 59 -29.73 20.47 -17.47
C GLY N 59 -29.46 19.23 -18.32
N VAL N 60 -29.61 18.04 -17.78
CA VAL N 60 -29.38 16.88 -18.64
C VAL N 60 -30.65 16.52 -19.34
N PRO N 61 -30.62 16.47 -20.66
CA PRO N 61 -31.68 15.94 -21.52
C PRO N 61 -32.27 14.64 -20.98
N ASP N 62 -33.60 14.49 -21.06
CA ASP N 62 -34.25 13.30 -20.51
C ASP N 62 -34.41 12.07 -21.44
N ARG N 63 -33.62 12.03 -22.50
CA ARG N 63 -33.38 10.78 -23.24
C ARG N 63 -32.31 9.90 -22.53
N PHE N 64 -31.55 10.53 -21.64
CA PHE N 64 -30.60 9.80 -20.80
C PHE N 64 -31.26 9.20 -19.54
N SER N 65 -31.11 7.90 -19.42
CA SER N 65 -31.54 7.23 -18.22
C SER N 65 -30.49 6.26 -17.80
N GLY N 66 -30.53 5.94 -16.52
CA GLY N 66 -29.66 4.95 -15.96
C GLY N 66 -30.49 4.01 -15.12
N SER N 67 -30.13 2.76 -15.17
CA SER N 67 -30.60 1.86 -14.18
C SER N 67 -29.41 1.04 -13.70
N LYS N 68 -29.76 -0.03 -12.98
CA LYS N 68 -28.83 -0.90 -12.34
C LYS N 68 -29.72 -2.01 -11.88
N SER N 69 -29.27 -3.21 -12.17
CA SER N 69 -29.87 -4.44 -11.72
C SER N 69 -28.66 -5.36 -11.46
N GLY N 70 -28.56 -5.81 -10.21
CA GLY N 70 -27.41 -6.60 -9.72
C GLY N 70 -26.09 -5.86 -9.63
N ASN N 71 -25.01 -6.46 -10.07
CA ASN N 71 -23.78 -5.74 -10.05
C ASN N 71 -23.55 -4.88 -11.27
N THR N 72 -24.39 -5.02 -12.30
CA THR N 72 -24.34 -4.11 -13.45
C THR N 72 -25.32 -2.92 -13.45
N ALA N 73 -24.78 -1.70 -13.53
CA ALA N 73 -25.61 -0.54 -13.98
C ALA N 73 -25.53 -0.31 -15.52
N SER N 74 -26.51 0.42 -16.05
CA SER N 74 -26.57 0.69 -17.48
C SER N 74 -27.10 2.09 -17.68
N LEU N 75 -26.56 2.79 -18.67
CA LEU N 75 -27.11 4.04 -19.21
C LEU N 75 -27.82 3.75 -20.52
N THR N 76 -29.08 4.17 -20.63
CA THR N 76 -29.70 4.18 -21.93
C THR N 76 -29.72 5.58 -22.46
N ILE N 77 -29.39 5.70 -23.75
CA ILE N 77 -29.48 6.97 -24.47
C ILE N 77 -30.39 6.71 -25.65
N SER N 78 -31.49 7.44 -25.76
CA SER N 78 -32.38 7.21 -26.88
C SER N 78 -32.82 8.48 -27.54
N GLY N 79 -33.39 8.35 -28.72
CA GLY N 79 -33.65 9.50 -29.57
C GLY N 79 -32.36 10.14 -29.99
N LEU N 80 -31.34 9.31 -30.23
CA LEU N 80 -29.95 9.67 -30.56
C LEU N 80 -29.77 10.81 -31.59
N GLN N 81 -29.12 11.88 -31.14
CA GLN N 81 -28.70 12.97 -32.05
C GLN N 81 -27.24 12.77 -32.37
N ALA N 82 -26.79 13.21 -33.53
CA ALA N 82 -25.36 13.15 -33.84
C ALA N 82 -24.43 13.80 -32.78
N GLU N 83 -24.93 14.66 -31.91
CA GLU N 83 -24.01 15.32 -31.00
C GLU N 83 -23.82 14.49 -29.73
N ASP N 84 -24.54 13.37 -29.68
CA ASP N 84 -24.39 12.51 -28.55
C ASP N 84 -23.12 11.72 -28.73
N GLU N 85 -22.49 11.81 -29.89
CA GLU N 85 -21.19 11.21 -29.99
C GLU N 85 -20.22 11.82 -29.00
N ALA N 86 -19.81 11.00 -28.02
CA ALA N 86 -18.88 11.40 -26.97
C ALA N 86 -18.38 10.15 -26.26
N HIS N 87 -17.46 10.28 -25.31
CA HIS N 87 -17.13 9.11 -24.50
C HIS N 87 -17.97 9.11 -23.26
N TYR N 88 -18.42 7.93 -22.83
CA TYR N 88 -19.28 7.89 -21.64
C TYR N 88 -18.67 7.03 -20.50
N TYR N 89 -18.40 7.61 -19.35
CA TYR N 89 -17.86 6.82 -18.26
C TYR N 89 -18.84 6.77 -17.14
N CYS N 90 -19.07 5.55 -16.58
CA CYS N 90 -19.79 5.43 -15.31
C CYS N 90 -18.78 5.42 -14.17
N TRP N 91 -19.26 5.33 -12.92
CA TRP N 91 -18.49 5.65 -11.70
C TRP N 91 -19.30 5.07 -10.56
N SER N 92 -18.62 4.60 -9.52
CA SER N 92 -19.35 4.21 -8.31
C SER N 92 -18.63 4.55 -7.01
N PHE N 93 -19.38 4.69 -5.93
CA PHE N 93 -18.80 4.66 -4.61
C PHE N 93 -18.32 3.24 -4.43
N ALA N 94 -17.35 3.05 -3.56
CA ALA N 94 -16.87 1.70 -3.29
C ALA N 94 -16.41 1.61 -1.85
N GLY N 95 -16.94 2.49 -1.01
CA GLY N 95 -16.72 2.37 0.43
C GLY N 95 -15.61 3.28 0.87
N SER N 96 -14.48 3.10 0.23
CA SER N 96 -13.32 3.81 0.65
C SER N 96 -12.60 4.44 -0.54
N TYR N 97 -13.31 4.60 -1.66
CA TYR N 97 -12.76 5.19 -2.88
C TYR N 97 -13.88 5.15 -3.85
N TYR N 98 -13.66 5.74 -5.01
CA TYR N 98 -14.67 5.99 -6.03
C TYR N 98 -13.93 5.48 -7.17
N VAL N 99 -14.58 4.83 -8.13
CA VAL N 99 -13.84 4.43 -9.29
C VAL N 99 -14.64 4.68 -10.54
N PHE N 100 -13.93 4.90 -11.65
CA PHE N 100 -14.55 5.08 -12.94
C PHE N 100 -14.62 3.75 -13.69
N GLY N 101 -15.59 3.68 -14.64
CA GLY N 101 -15.63 2.71 -15.74
C GLY N 101 -14.52 2.96 -16.73
N THR N 102 -14.14 1.95 -17.51
CA THR N 102 -13.14 2.08 -18.57
C THR N 102 -13.53 3.08 -19.68
N GLY N 103 -14.82 3.44 -19.71
CA GLY N 103 -15.38 4.41 -20.65
C GLY N 103 -15.80 3.70 -21.89
N THR N 104 -16.81 4.25 -22.57
CA THR N 104 -17.39 3.74 -23.84
C THR N 104 -17.50 4.87 -24.85
N ASP N 105 -17.29 4.54 -26.11
CA ASP N 105 -17.31 5.51 -27.23
C ASP N 105 -18.63 5.39 -27.96
N VAL N 106 -19.31 6.51 -28.15
CA VAL N 106 -20.55 6.47 -28.93
C VAL N 106 -20.43 7.06 -30.35
N THR N 107 -20.98 6.32 -31.30
CA THR N 107 -20.89 6.61 -32.73
C THR N 107 -22.28 6.60 -33.27
N VAL N 108 -22.58 7.64 -34.03
CA VAL N 108 -23.87 7.78 -34.63
C VAL N 108 -23.72 7.52 -36.13
N LEU N 109 -24.63 6.74 -36.71
CA LEU N 109 -24.44 6.30 -38.10
C LEU N 109 -25.05 7.19 -39.21
N GLY N 110 -24.70 6.86 -40.45
CA GLY N 110 -25.07 7.66 -41.61
C GLY N 110 -25.15 9.15 -41.32
N GLN N 111 -24.12 9.71 -40.71
CA GLN N 111 -23.93 11.16 -40.73
C GLN N 111 -23.41 11.50 -42.13
N PRO N 112 -23.80 12.69 -42.67
CA PRO N 112 -23.28 13.17 -43.96
C PRO N 112 -21.78 13.04 -44.14
N LYS N 113 -21.41 12.31 -45.19
CA LYS N 113 -20.08 12.38 -45.79
C LYS N 113 -19.80 13.85 -46.06
N ALA N 114 -18.64 14.33 -45.65
CA ALA N 114 -18.27 15.74 -45.77
C ALA N 114 -16.81 15.91 -46.23
N ASN N 115 -16.65 16.64 -47.32
CA ASN N 115 -15.40 16.72 -48.08
C ASN N 115 -14.31 17.56 -47.41
N PRO N 116 -13.07 17.01 -47.33
CA PRO N 116 -11.98 17.67 -46.62
C PRO N 116 -11.67 18.99 -47.27
N THR N 117 -11.50 20.04 -46.50
CA THR N 117 -11.01 21.23 -47.12
C THR N 117 -9.57 21.34 -46.64
N VAL N 118 -8.67 21.51 -47.59
CA VAL N 118 -7.23 21.30 -47.40
C VAL N 118 -6.47 22.59 -47.58
N THR N 119 -5.44 22.83 -46.79
CA THR N 119 -4.65 24.03 -46.98
C THR N 119 -3.15 23.76 -46.93
N LEU N 120 -2.41 24.31 -47.91
CA LEU N 120 -0.93 24.20 -47.97
C LEU N 120 -0.15 25.54 -47.88
N PHE N 121 0.93 25.54 -47.10
CA PHE N 121 1.76 26.73 -46.83
C PHE N 121 3.22 26.46 -47.09
N PRO N 122 3.91 27.34 -47.81
CA PRO N 122 5.31 27.03 -48.07
C PRO N 122 6.20 27.50 -46.90
N PRO N 123 7.48 27.08 -46.86
CA PRO N 123 8.29 27.51 -45.74
C PRO N 123 8.26 29.01 -45.57
N SER N 124 8.09 29.46 -44.34
CA SER N 124 8.29 30.85 -44.02
C SER N 124 9.58 31.40 -44.60
N SER N 125 9.63 32.71 -44.73
CA SER N 125 10.88 33.41 -44.88
C SER N 125 11.73 33.24 -43.63
N GLU N 126 11.17 33.67 -42.49
CA GLU N 126 11.91 33.55 -41.24
C GLU N 126 12.48 32.12 -41.18
N GLU N 127 11.62 31.12 -41.34
CA GLU N 127 12.10 29.74 -41.28
C GLU N 127 13.28 29.41 -42.21
N LEU N 128 13.28 29.96 -43.41
CA LEU N 128 14.39 29.78 -44.33
C LEU N 128 15.63 30.56 -43.89
N GLN N 129 15.42 31.75 -43.33
CA GLN N 129 16.51 32.51 -42.71
C GLN N 129 17.23 31.66 -41.69
N ALA N 130 16.45 30.96 -40.88
CA ALA N 130 17.01 30.13 -39.83
C ALA N 130 17.47 28.82 -40.44
N ASN N 131 17.40 28.74 -41.78
CA ASN N 131 18.01 27.62 -42.51
C ASN N 131 17.30 26.27 -42.32
N LYS N 132 15.97 26.33 -42.13
CA LYS N 132 15.11 25.14 -42.02
C LYS N 132 13.97 25.24 -43.05
N ALA N 133 13.10 24.23 -43.12
CA ALA N 133 11.99 24.20 -44.09
C ALA N 133 10.94 23.16 -43.75
N THR N 134 9.81 23.65 -43.26
CA THR N 134 8.62 22.86 -43.05
C THR N 134 7.63 23.41 -44.04
N LEU N 135 7.09 22.56 -44.92
CA LEU N 135 5.81 22.94 -45.52
C LEU N 135 4.70 22.18 -44.86
N VAL N 136 3.56 22.85 -44.80
CA VAL N 136 2.53 22.51 -43.81
C VAL N 136 1.18 22.26 -44.45
N CYS N 137 0.65 21.06 -44.22
CA CYS N 137 -0.64 20.65 -44.78
C CYS N 137 -1.69 20.51 -43.69
N LEU N 138 -2.88 21.04 -43.94
CA LEU N 138 -3.88 21.18 -42.89
C LEU N 138 -5.24 20.91 -43.46
N ILE N 139 -5.91 19.90 -42.92
CA ILE N 139 -7.00 19.25 -43.60
C ILE N 139 -8.21 19.40 -42.73
N SER N 140 -9.09 20.34 -43.08
CA SER N 140 -10.24 20.63 -42.21
C SER N 140 -11.65 20.18 -42.68
N ASP N 141 -12.47 19.82 -41.68
CA ASP N 141 -13.89 19.54 -41.78
C ASP N 141 -14.29 18.30 -42.57
N PHE N 142 -13.41 17.30 -42.64
CA PHE N 142 -13.76 16.04 -43.32
C PHE N 142 -14.63 15.09 -42.45
N TYR N 143 -15.18 14.05 -43.09
CA TYR N 143 -15.97 13.00 -42.41
C TYR N 143 -16.26 11.81 -43.33
N PRO N 144 -16.07 10.55 -42.86
CA PRO N 144 -15.53 10.14 -41.56
C PRO N 144 -14.02 10.32 -41.49
N GLY N 145 -13.47 10.03 -40.31
CA GLY N 145 -12.09 10.36 -39.97
C GLY N 145 -11.10 9.36 -40.50
N ALA N 146 -10.85 9.47 -41.79
CA ALA N 146 -9.96 8.59 -42.49
C ALA N 146 -9.40 9.34 -43.69
N VAL N 147 -8.12 9.70 -43.62
CA VAL N 147 -7.45 10.37 -44.73
C VAL N 147 -6.13 9.69 -44.98
N THR N 148 -5.68 9.69 -46.23
CA THR N 148 -4.26 9.40 -46.52
C THR N 148 -3.65 10.68 -47.11
N VAL N 149 -2.41 10.95 -46.72
CA VAL N 149 -1.75 12.16 -47.16
C VAL N 149 -0.41 11.76 -47.77
N ALA N 150 -0.23 11.94 -49.07
CA ALA N 150 1.08 11.73 -49.72
C ALA N 150 1.72 13.02 -50.25
N TRP N 151 3.03 13.00 -50.48
CA TRP N 151 3.73 13.99 -51.34
C TRP N 151 4.94 13.25 -51.95
N LYS N 152 5.59 13.67 -53.06
CA LYS N 152 5.17 14.50 -54.23
C LYS N 152 6.10 15.67 -54.58
N ALA N 153 7.02 15.41 -55.52
CA ALA N 153 8.14 16.30 -55.83
C ALA N 153 9.04 15.73 -56.94
N ASP N 154 8.83 16.10 -58.20
CA ASP N 154 7.78 17.04 -58.60
C ASP N 154 6.47 16.28 -58.78
N GLY N 155 6.47 15.30 -59.68
CA GLY N 155 5.46 14.26 -59.63
C GLY N 155 6.06 12.95 -59.13
N SER N 156 6.68 12.98 -57.95
CA SER N 156 7.43 11.84 -57.42
C SER N 156 7.23 11.68 -55.91
N PRO N 157 7.04 10.44 -55.42
CA PRO N 157 6.78 10.27 -53.98
C PRO N 157 8.02 10.63 -53.19
N VAL N 158 7.84 11.10 -51.97
CA VAL N 158 8.96 11.32 -51.08
C VAL N 158 8.57 10.85 -49.67
N LYS N 159 9.48 10.10 -49.04
CA LYS N 159 9.21 9.47 -47.75
C LYS N 159 9.65 10.37 -46.58
N ALA N 160 10.95 10.62 -46.50
CA ALA N 160 11.55 11.24 -45.32
C ALA N 160 11.04 12.64 -45.03
N GLY N 161 10.79 12.89 -43.75
CA GLY N 161 10.46 14.23 -43.30
C GLY N 161 8.97 14.44 -43.17
N VAL N 162 8.22 13.35 -43.24
CA VAL N 162 6.76 13.43 -43.18
C VAL N 162 6.27 13.07 -41.78
N GLU N 163 5.37 13.88 -41.25
CA GLU N 163 4.76 13.65 -39.94
C GLU N 163 3.30 13.99 -40.04
N THR N 164 2.45 13.10 -39.53
CA THR N 164 1.04 13.27 -39.79
C THR N 164 0.27 12.81 -38.56
N THR N 165 -0.80 13.54 -38.24
CA THR N 165 -1.51 13.34 -37.02
C THR N 165 -2.67 12.43 -37.26
N LYS N 166 -2.96 11.55 -36.28
CA LYS N 166 -4.26 10.93 -36.14
C LYS N 166 -5.29 12.03 -36.39
N PRO N 167 -6.37 11.72 -37.14
CA PRO N 167 -7.43 12.72 -37.24
C PRO N 167 -8.11 12.90 -35.87
N SER N 168 -8.19 14.14 -35.40
CA SER N 168 -8.89 14.43 -34.13
C SER N 168 -10.23 15.06 -34.44
N LYS N 169 -11.26 14.50 -33.79
CA LYS N 169 -12.63 14.95 -33.92
C LYS N 169 -12.65 16.34 -33.35
N GLN N 170 -13.44 17.24 -33.94
CA GLN N 170 -13.59 18.55 -33.34
C GLN N 170 -15.02 19.02 -32.98
N SER N 171 -15.12 20.29 -32.58
CA SER N 171 -16.38 20.92 -32.21
C SER N 171 -17.56 20.43 -33.10
N ASN N 172 -17.59 20.85 -34.37
CA ASN N 172 -18.75 20.60 -35.25
C ASN N 172 -18.89 19.15 -35.74
N ASN N 173 -18.34 18.21 -34.97
CA ASN N 173 -18.48 16.75 -35.20
C ASN N 173 -17.66 16.19 -36.36
N LYS N 174 -17.16 17.07 -37.22
CA LYS N 174 -16.21 16.66 -38.26
C LYS N 174 -14.79 16.55 -37.65
N TYR N 175 -13.85 16.10 -38.48
CA TYR N 175 -12.51 15.74 -38.04
C TYR N 175 -11.48 16.78 -38.45
N ALA N 176 -10.20 16.42 -38.38
CA ALA N 176 -9.10 17.35 -38.60
C ALA N 176 -7.77 16.66 -38.35
N ALA N 177 -6.92 16.66 -39.37
CA ALA N 177 -5.56 16.16 -39.27
C ALA N 177 -4.64 17.18 -39.91
N SER N 178 -3.33 17.08 -39.65
CA SER N 178 -2.35 17.86 -40.42
C SER N 178 -1.04 17.15 -40.71
N SER N 179 -0.42 17.47 -41.82
CA SER N 179 0.82 16.81 -42.19
C SER N 179 1.95 17.80 -42.38
N TYR N 180 3.11 17.48 -41.84
CA TYR N 180 4.24 18.38 -41.99
C TYR N 180 5.44 17.69 -42.64
N LEU N 181 5.86 18.23 -43.78
CA LEU N 181 7.04 17.76 -44.48
C LEU N 181 8.27 18.57 -44.10
N SER N 182 9.32 17.90 -43.65
CA SER N 182 10.54 18.62 -43.30
C SER N 182 11.57 18.56 -44.39
N LEU N 183 12.12 19.71 -44.75
CA LEU N 183 13.09 19.80 -45.84
C LEU N 183 14.30 20.61 -45.41
N THR N 184 15.46 20.31 -46.02
CA THR N 184 16.55 21.29 -46.06
C THR N 184 16.13 22.43 -47.01
N PRO N 185 16.72 23.62 -46.83
CA PRO N 185 16.48 24.67 -47.82
C PRO N 185 16.88 24.33 -49.28
N GLU N 186 17.97 23.60 -49.48
CA GLU N 186 18.52 23.30 -50.84
C GLU N 186 17.53 22.58 -51.76
N GLN N 187 16.75 21.69 -51.14
CA GLN N 187 15.83 20.83 -51.86
C GLN N 187 14.46 21.51 -52.02
N TRP N 188 14.21 22.53 -51.21
CA TRP N 188 13.10 23.41 -51.46
C TRP N 188 13.35 24.32 -52.67
N LYS N 189 14.61 24.44 -53.09
CA LYS N 189 15.00 25.18 -54.31
C LYS N 189 15.20 24.28 -55.49
N SER N 190 15.78 23.11 -55.25
CA SER N 190 16.17 22.15 -56.29
C SER N 190 15.00 21.48 -57.03
N HIS N 191 13.77 21.79 -56.59
CA HIS N 191 12.54 21.26 -57.19
C HIS N 191 11.62 22.39 -57.66
N ARG N 192 10.85 22.13 -58.72
CA ARG N 192 9.84 23.10 -59.20
C ARG N 192 8.68 23.31 -58.21
N SER N 193 8.25 22.25 -57.54
CA SER N 193 7.01 22.30 -56.77
C SER N 193 6.74 21.09 -55.89
N TYR N 194 6.13 21.34 -54.74
CA TYR N 194 5.68 20.29 -53.84
C TYR N 194 4.17 20.19 -53.82
N SER N 195 3.67 18.98 -53.58
CA SER N 195 2.25 18.76 -53.57
C SER N 195 1.78 17.88 -52.39
N CYS N 196 0.85 18.43 -51.62
CA CYS N 196 0.13 17.71 -50.59
C CYS N 196 -1.11 17.10 -51.21
N GLN N 197 -1.29 15.79 -51.05
CA GLN N 197 -2.35 15.06 -51.76
C GLN N 197 -3.16 14.31 -50.73
N VAL N 198 -4.46 14.60 -50.66
CA VAL N 198 -5.27 14.13 -49.54
C VAL N 198 -6.38 13.21 -50.03
N THR N 199 -6.29 11.94 -49.66
CA THR N 199 -7.24 10.92 -50.09
C THR N 199 -8.27 10.65 -49.00
N HIS N 200 -9.54 10.85 -49.32
CA HIS N 200 -10.63 10.62 -48.38
C HIS N 200 -11.82 10.07 -49.13
N GLU N 201 -12.53 9.13 -48.50
CA GLU N 201 -13.53 8.29 -49.18
C GLU N 201 -13.31 8.32 -50.68
N GLY N 202 -12.20 7.74 -51.12
CA GLY N 202 -11.94 7.51 -52.54
C GLY N 202 -11.56 8.66 -53.47
N ASN N 203 -12.14 9.83 -53.27
CA ASN N 203 -11.76 11.00 -54.05
C ASN N 203 -10.61 11.73 -53.39
N THR N 204 -9.54 11.98 -54.15
CA THR N 204 -8.38 12.73 -53.64
C THR N 204 -8.55 14.21 -53.96
N VAL N 205 -7.94 15.07 -53.16
CA VAL N 205 -7.75 16.45 -53.59
C VAL N 205 -6.36 16.98 -53.36
N GLU N 206 -5.95 17.82 -54.29
CA GLU N 206 -4.57 18.23 -54.49
C GLU N 206 -4.31 19.69 -54.06
N LYS N 207 -3.21 19.94 -53.37
CA LYS N 207 -2.75 21.31 -53.17
C LYS N 207 -1.25 21.46 -53.42
N THR N 208 -0.85 22.56 -54.04
CA THR N 208 0.55 22.78 -54.43
C THR N 208 1.09 24.17 -54.11
N VAL N 209 2.41 24.25 -54.12
CA VAL N 209 3.16 25.49 -53.86
C VAL N 209 4.48 25.38 -54.61
N ALA N 210 5.04 26.52 -55.00
CA ALA N 210 6.36 26.55 -55.67
C ALA N 210 7.33 27.50 -54.92
N PRO N 211 8.66 27.21 -54.98
CA PRO N 211 9.57 28.19 -54.40
C PRO N 211 9.82 29.32 -55.39
N GLN O 1 34.54 33.49 40.16
CA GLN O 1 34.35 32.00 40.28
C GLN O 1 33.03 31.55 40.97
N SER O 2 33.02 31.46 42.32
CA SER O 2 31.83 31.05 43.16
C SER O 2 31.77 29.55 43.46
N GLU O 3 30.90 29.18 44.41
CA GLU O 3 31.18 28.04 45.28
C GLU O 3 29.96 27.15 45.62
N LEU O 4 30.19 25.85 45.85
CA LEU O 4 29.12 24.85 46.06
C LEU O 4 28.61 24.78 47.51
N THR O 5 27.35 25.17 47.71
CA THR O 5 26.86 25.30 49.05
C THR O 5 26.50 23.95 49.63
N GLN O 6 26.98 23.63 50.83
CA GLN O 6 26.75 22.32 51.48
C GLN O 6 26.29 22.63 52.89
N PRO O 7 25.40 21.81 53.46
CA PRO O 7 24.99 22.19 54.81
C PRO O 7 26.17 22.16 55.79
N ARG O 8 26.28 23.17 56.66
CA ARG O 8 27.32 23.14 57.69
C ARG O 8 27.46 21.70 58.24
N SER O 9 26.40 21.14 58.81
CA SER O 9 26.47 19.75 59.30
C SER O 9 25.15 18.95 59.17
N VAL O 10 25.26 17.62 59.11
CA VAL O 10 24.08 16.76 59.30
C VAL O 10 24.38 15.62 60.27
N SER O 11 23.36 15.14 60.95
CA SER O 11 23.55 14.01 61.82
C SER O 11 22.38 13.02 61.74
N GLY O 12 22.67 11.73 61.95
CA GLY O 12 21.64 10.69 62.21
C GLY O 12 22.09 9.72 63.31
N SER O 13 21.15 8.93 63.83
CA SER O 13 21.47 7.81 64.75
C SER O 13 21.87 6.57 63.93
N PRO O 14 22.51 5.55 64.54
CA PRO O 14 23.00 4.42 63.73
C PRO O 14 21.95 3.60 62.98
N GLY O 15 22.24 3.35 61.70
CA GLY O 15 21.37 2.56 60.81
C GLY O 15 20.48 3.39 59.91
N GLN O 16 20.37 4.67 60.23
CA GLN O 16 19.51 5.60 59.52
C GLN O 16 20.16 6.00 58.21
N SER O 17 19.34 6.40 57.24
CA SER O 17 19.86 7.07 56.07
C SER O 17 20.06 8.54 56.40
N VAL O 18 21.04 9.17 55.75
CA VAL O 18 21.34 10.59 55.92
C VAL O 18 21.71 11.07 54.56
N THR O 19 21.47 12.36 54.30
CA THR O 19 21.65 12.87 52.94
C THR O 19 22.34 14.21 52.96
N ILE O 20 23.29 14.39 52.06
CA ILE O 20 23.99 15.67 51.94
C ILE O 20 23.80 16.24 50.54
N SER O 21 23.29 17.48 50.52
CA SER O 21 22.99 18.18 49.29
C SER O 21 24.18 19.04 49.02
N CYS O 22 24.36 19.38 47.77
CA CYS O 22 25.47 20.14 47.32
C CYS O 22 24.84 20.89 46.22
N THR O 23 24.53 22.15 46.41
CA THR O 23 23.93 22.85 45.31
C THR O 23 24.88 23.90 44.77
N GLY O 24 24.90 24.00 43.45
CA GLY O 24 25.64 24.98 42.68
C GLY O 24 24.77 25.45 41.53
N THR O 25 25.39 25.89 40.44
CA THR O 25 24.61 26.42 39.35
C THR O 25 24.86 25.67 38.05
N SER O 26 24.38 26.30 36.96
CA SER O 26 24.40 25.70 35.64
C SER O 26 25.78 25.79 35.06
N ARG O 27 26.63 26.55 35.73
CA ARG O 27 28.01 26.75 35.38
C ARG O 27 28.83 25.53 35.89
N ASP O 28 28.21 24.71 36.75
CA ASP O 28 28.86 23.55 37.40
C ASP O 28 28.01 22.27 37.61
N VAL O 29 27.30 22.14 38.73
CA VAL O 29 26.47 20.96 38.96
C VAL O 29 25.42 20.76 37.85
N GLY O 30 24.70 21.84 37.52
CA GLY O 30 23.70 21.79 36.48
C GLY O 30 24.32 21.86 35.08
N GLY O 31 25.58 22.25 35.01
CA GLY O 31 26.26 22.29 33.75
C GLY O 31 26.67 20.93 33.23
N TYR O 32 27.21 20.11 34.10
CA TYR O 32 27.77 18.87 33.62
C TYR O 32 27.28 17.68 34.44
N ASN O 33 27.78 16.48 34.11
CA ASN O 33 27.47 15.26 34.82
C ASN O 33 28.76 14.83 35.49
N TYR O 34 29.44 15.80 36.11
CA TYR O 34 30.75 15.54 36.68
C TYR O 34 30.91 16.13 38.09
N VAL O 35 30.12 15.56 39.01
CA VAL O 35 30.25 15.71 40.46
C VAL O 35 30.94 14.45 41.03
N SER O 36 31.63 14.66 42.15
CA SER O 36 32.43 13.65 42.78
C SER O 36 32.35 13.94 44.25
N TRP O 37 32.28 12.90 45.08
CA TRP O 37 32.30 13.15 46.52
C TRP O 37 33.54 12.59 47.19
N TYR O 38 33.95 13.28 48.24
CA TYR O 38 35.11 12.89 48.98
C TYR O 38 34.72 12.87 50.41
N GLN O 39 35.40 12.03 51.18
CA GLN O 39 35.21 11.86 52.61
C GLN O 39 36.54 12.11 53.21
N GLN O 40 36.63 12.67 54.40
CA GLN O 40 37.94 12.96 54.98
C GLN O 40 37.83 12.90 56.49
N HIS O 41 38.65 12.03 57.08
CA HIS O 41 38.73 11.81 58.52
C HIS O 41 39.80 12.70 59.10
N PRO O 42 39.70 13.01 60.40
CA PRO O 42 40.50 14.12 60.89
C PRO O 42 42.00 13.94 60.72
N GLY O 43 42.67 15.03 60.32
CA GLY O 43 44.08 15.00 59.97
C GLY O 43 44.40 13.81 59.08
N LYS O 44 43.70 13.73 57.96
CA LYS O 44 43.78 12.56 57.09
C LYS O 44 43.39 12.99 55.68
N ALA O 45 44.12 12.53 54.68
CA ALA O 45 43.89 12.97 53.31
C ALA O 45 42.51 12.56 52.89
N PRO O 46 41.79 13.45 52.20
CA PRO O 46 40.50 13.10 51.65
C PRO O 46 40.55 11.75 50.89
N LYS O 47 39.41 11.08 50.78
CA LYS O 47 39.25 9.91 49.93
C LYS O 47 38.08 10.15 48.99
N LEU O 48 38.29 9.92 47.71
CA LEU O 48 37.20 9.98 46.78
C LEU O 48 36.29 8.78 46.96
N ILE O 49 34.98 9.03 47.01
CA ILE O 49 33.97 7.98 47.20
C ILE O 49 32.85 7.95 46.14
N ILE O 50 32.62 9.08 45.45
CA ILE O 50 31.78 9.09 44.24
C ILE O 50 32.40 9.88 43.10
N HIS O 51 32.28 9.37 41.88
CA HIS O 51 32.69 10.13 40.67
C HIS O 51 31.63 10.07 39.60
N ASP O 52 31.60 11.08 38.77
CA ASP O 52 30.62 11.07 37.70
C ASP O 52 29.21 10.91 38.27
N VAL O 53 28.93 11.73 39.30
CA VAL O 53 27.64 11.86 40.00
C VAL O 53 27.22 10.70 40.93
N ILE O 54 27.39 9.46 40.47
CA ILE O 54 26.72 8.27 41.03
C ILE O 54 27.57 7.01 41.04
N ILE O 55 28.82 7.09 40.60
CA ILE O 55 29.65 5.89 40.50
C ILE O 55 30.62 5.74 41.69
N ARG O 56 30.53 4.61 42.39
CA ARG O 56 31.50 4.35 43.43
C ARG O 56 32.72 3.81 42.75
N PRO O 57 33.90 4.34 43.08
CA PRO O 57 35.18 3.72 42.72
C PRO O 57 35.34 2.35 43.41
N SER O 58 36.21 1.49 42.87
CA SER O 58 36.29 0.13 43.44
C SER O 58 36.67 0.29 44.89
N GLY O 59 36.15 -0.56 45.77
CA GLY O 59 36.55 -0.51 47.18
C GLY O 59 35.56 0.14 48.13
N VAL O 60 34.93 1.22 47.70
CA VAL O 60 33.97 1.90 48.59
C VAL O 60 32.72 1.08 48.76
N PRO O 61 32.15 1.08 49.98
CA PRO O 61 30.92 0.30 50.23
C PRO O 61 29.62 0.78 49.55
N ASP O 62 28.99 -0.17 48.87
CA ASP O 62 27.54 -0.27 48.70
C ASP O 62 26.66 0.96 49.06
N ARG O 63 26.79 1.45 50.29
CA ARG O 63 25.69 2.16 50.92
C ARG O 63 25.88 3.66 50.82
N PHE O 64 26.87 4.04 50.00
CA PHE O 64 27.06 5.41 49.55
C PHE O 64 26.50 5.49 48.13
N SER O 65 25.49 6.32 47.96
CA SER O 65 24.93 6.59 46.65
C SER O 65 24.99 8.08 46.44
N GLY O 66 25.25 8.48 45.21
CA GLY O 66 25.22 9.89 44.86
C GLY O 66 24.22 10.02 43.77
N SER O 67 23.36 11.03 43.85
CA SER O 67 22.42 11.30 42.77
C SER O 67 22.67 12.71 42.36
N LYS O 68 21.76 13.28 41.57
CA LYS O 68 21.61 14.75 41.35
C LYS O 68 20.39 15.11 40.50
N SER O 69 19.75 16.23 40.85
CA SER O 69 18.50 16.69 40.21
C SER O 69 18.40 18.23 40.08
N GLY O 70 18.38 18.70 38.81
CA GLY O 70 18.58 20.11 38.47
C GLY O 70 19.98 20.56 38.86
N ASN O 71 20.04 21.64 39.64
CA ASN O 71 21.30 22.25 40.10
C ASN O 71 21.73 21.77 41.48
N THR O 72 21.17 20.64 41.95
CA THR O 72 21.66 20.07 43.20
C THR O 72 22.07 18.59 43.11
N ALA O 73 23.28 18.26 43.59
CA ALA O 73 23.70 16.86 43.73
C ALA O 73 23.52 16.50 45.18
N SER O 74 23.30 15.22 45.43
CA SER O 74 23.19 14.78 46.82
C SER O 74 23.80 13.39 47.01
N LEU O 75 24.47 13.28 48.16
CA LEU O 75 25.13 12.07 48.67
C LEU O 75 24.28 11.45 49.77
N THR O 76 24.09 10.14 49.71
CA THR O 76 23.27 9.47 50.67
C THR O 76 24.05 8.36 51.26
N ILE O 77 24.00 8.28 52.59
CA ILE O 77 24.58 7.18 53.31
C ILE O 77 23.49 6.45 54.04
N SER O 78 23.14 5.26 53.56
CA SER O 78 22.14 4.44 54.25
C SER O 78 22.82 3.56 55.27
N GLY O 79 22.04 2.93 56.14
CA GLY O 79 22.63 2.11 57.18
C GLY O 79 23.84 2.73 57.89
N LEU O 80 23.85 4.06 58.00
CA LEU O 80 24.87 4.84 58.73
C LEU O 80 25.59 4.10 59.87
N GLN O 81 26.89 4.31 59.93
CA GLN O 81 27.77 3.67 60.90
C GLN O 81 28.64 4.65 61.65
N ALA O 82 28.99 4.29 62.88
CA ALA O 82 29.85 5.09 63.75
C ALA O 82 31.14 5.60 63.06
N GLU O 83 31.73 4.77 62.20
CA GLU O 83 32.95 5.18 61.51
C GLU O 83 32.75 6.10 60.30
N ASP O 84 31.50 6.39 59.91
CA ASP O 84 31.18 7.35 58.80
C ASP O 84 31.25 8.84 59.23
N GLU O 85 31.40 9.10 60.52
CA GLU O 85 31.65 10.42 61.02
C GLU O 85 32.94 10.92 60.44
N ALA O 86 32.86 12.03 59.73
CA ALA O 86 33.94 12.50 58.88
C ALA O 86 33.32 13.62 58.08
N HIS O 87 34.14 14.51 57.54
CA HIS O 87 33.60 15.59 56.74
C HIS O 87 33.46 15.05 55.32
N TYR O 88 32.39 15.45 54.62
CA TYR O 88 32.18 15.15 53.21
C TYR O 88 32.15 16.42 52.34
N TYR O 89 32.70 16.27 51.12
CA TYR O 89 32.92 17.37 50.20
C TYR O 89 32.49 16.92 48.82
N CYS O 90 31.58 17.68 48.23
CA CYS O 90 31.19 17.48 46.87
C CYS O 90 32.20 18.22 46.00
N TRP O 91 32.06 18.11 44.68
CA TRP O 91 33.07 18.60 43.74
C TRP O 91 32.49 18.65 42.35
N SER O 92 32.64 19.77 41.64
CA SER O 92 32.27 19.76 40.21
C SER O 92 33.23 20.32 39.16
N PHE O 93 33.39 19.61 38.06
CA PHE O 93 33.94 20.25 36.87
C PHE O 93 33.13 21.52 36.61
N ALA O 94 33.79 22.63 36.47
CA ALA O 94 33.06 23.85 36.26
C ALA O 94 33.50 24.51 34.96
N GLY O 95 33.75 23.68 33.95
CA GLY O 95 34.12 24.20 32.67
C GLY O 95 35.55 24.63 32.57
N SER O 96 35.89 25.75 33.21
CA SER O 96 37.28 26.23 33.13
C SER O 96 38.12 25.97 34.40
N TYR O 97 37.49 25.51 35.48
CA TYR O 97 38.20 25.19 36.71
C TYR O 97 37.58 23.98 37.39
N TYR O 98 37.97 23.72 38.63
CA TYR O 98 37.27 22.80 39.50
C TYR O 98 36.99 23.56 40.80
N VAL O 99 36.06 23.07 41.59
CA VAL O 99 35.69 23.78 42.80
C VAL O 99 35.06 22.80 43.76
N PHE O 100 35.26 23.02 45.05
CA PHE O 100 34.80 22.14 46.14
C PHE O 100 33.61 22.71 46.86
N GLY O 101 32.81 21.82 47.41
CA GLY O 101 31.76 22.20 48.34
C GLY O 101 32.30 22.76 49.63
N THR O 102 31.48 23.54 50.31
CA THR O 102 31.89 24.15 51.53
C THR O 102 32.07 23.08 52.61
N GLY O 103 31.73 21.83 52.26
CA GLY O 103 31.91 20.69 53.13
C GLY O 103 30.88 20.48 54.20
N THR O 104 30.62 19.24 54.56
CA THR O 104 29.67 18.98 55.65
C THR O 104 30.21 18.12 56.79
N ASP O 105 29.97 18.55 58.02
CA ASP O 105 30.33 17.81 59.23
C ASP O 105 29.31 16.67 59.39
N VAL O 106 29.71 15.41 59.21
CA VAL O 106 28.71 14.33 59.42
C VAL O 106 28.93 13.57 60.69
N THR O 107 27.87 13.47 61.48
CA THR O 107 27.97 13.10 62.89
C THR O 107 26.99 11.95 63.24
N VAL O 108 27.43 11.02 64.12
CA VAL O 108 26.58 9.91 64.55
C VAL O 108 26.13 10.02 66.01
N LEU O 109 24.82 10.21 66.20
CA LEU O 109 24.21 10.50 67.49
C LEU O 109 24.16 9.29 68.39
N GLY O 110 23.79 9.50 69.65
CA GLY O 110 23.43 8.40 70.55
C GLY O 110 24.58 7.54 71.08
N GLN O 111 25.82 8.02 71.00
CA GLN O 111 26.86 7.50 71.87
C GLN O 111 26.64 8.09 73.28
N PRO O 112 27.07 7.40 74.37
CA PRO O 112 26.78 7.87 75.74
C PRO O 112 27.79 8.86 76.34
N LYS O 113 27.42 9.50 77.45
CA LYS O 113 28.37 10.29 78.24
C LYS O 113 29.51 9.39 78.70
N ALA O 114 30.71 9.62 78.15
CA ALA O 114 31.91 8.93 78.59
C ALA O 114 32.87 9.92 79.27
N ASN O 115 33.25 9.59 80.51
CA ASN O 115 33.90 10.56 81.38
C ASN O 115 35.38 10.66 81.21
N PRO O 116 35.89 11.90 81.22
CA PRO O 116 37.29 12.20 80.89
C PRO O 116 38.21 11.48 81.84
N THR O 117 39.21 10.80 81.30
CA THR O 117 40.26 10.37 82.16
C THR O 117 41.32 11.47 82.12
N VAL O 118 41.65 11.99 83.31
CA VAL O 118 42.53 13.15 83.52
C VAL O 118 43.86 12.71 84.13
N THR O 119 44.96 13.22 83.56
CA THR O 119 46.32 12.98 84.07
C THR O 119 47.07 14.31 84.28
N LEU O 120 47.90 14.41 85.33
CA LEU O 120 48.69 15.62 85.58
C LEU O 120 50.11 15.27 86.04
N PHE O 121 51.13 15.95 85.48
CA PHE O 121 52.58 15.70 85.75
C PHE O 121 53.33 16.88 86.42
N PRO O 122 54.22 16.59 87.40
CA PRO O 122 55.06 17.69 87.88
C PRO O 122 55.97 18.25 86.77
N PRO O 123 56.68 19.35 87.05
CA PRO O 123 57.70 19.74 86.09
C PRO O 123 58.86 18.79 86.19
N SER O 124 59.64 18.68 85.12
CA SER O 124 60.71 17.70 85.02
C SER O 124 61.93 18.01 85.89
N SER O 125 62.84 17.03 86.00
CA SER O 125 64.14 17.23 86.62
C SER O 125 65.01 18.14 85.76
N GLU O 126 65.16 17.77 84.49
CA GLU O 126 65.95 18.58 83.57
C GLU O 126 65.28 19.93 83.28
N GLU O 127 63.95 19.98 83.39
CA GLU O 127 63.16 21.23 83.28
C GLU O 127 63.53 22.28 84.36
N LEU O 128 63.49 21.89 85.63
CA LEU O 128 63.85 22.84 86.67
C LEU O 128 65.35 23.20 86.63
N GLN O 129 66.09 22.57 85.71
CA GLN O 129 67.52 22.86 85.57
C GLN O 129 67.75 23.92 84.52
N ALA O 130 67.14 23.72 83.36
CA ALA O 130 66.97 24.76 82.34
C ALA O 130 66.15 25.94 82.92
N ASN O 131 66.15 26.04 84.26
CA ASN O 131 65.48 27.10 85.03
C ASN O 131 64.19 27.68 84.42
N LYS O 132 63.22 26.79 84.18
CA LYS O 132 61.88 27.15 83.74
C LYS O 132 60.92 26.03 84.11
N ALA O 133 59.89 26.33 84.92
CA ALA O 133 58.89 25.30 85.28
C ALA O 133 57.57 25.38 84.46
N THR O 134 57.01 24.18 84.17
CA THR O 134 55.79 23.98 83.36
C THR O 134 54.92 22.83 83.90
N LEU O 135 53.69 23.15 84.30
CA LEU O 135 52.75 22.13 84.80
C LEU O 135 51.87 21.64 83.69
N VAL O 136 51.61 20.33 83.65
CA VAL O 136 50.91 19.72 82.51
C VAL O 136 49.65 18.96 82.87
N CYS O 137 48.61 19.14 82.06
CA CYS O 137 47.31 18.56 82.33
C CYS O 137 46.67 17.98 81.09
N LEU O 138 46.47 16.66 81.11
CA LEU O 138 46.01 15.95 79.92
C LEU O 138 44.67 15.22 80.04
N ILE O 139 43.72 15.70 79.25
CA ILE O 139 42.35 15.38 79.43
C ILE O 139 41.92 14.58 78.19
N SER O 140 41.56 13.33 78.39
CA SER O 140 41.27 12.53 77.21
C SER O 140 40.14 11.59 77.39
N ASP O 141 39.57 11.23 76.24
CA ASP O 141 38.46 10.32 76.10
C ASP O 141 37.26 10.88 76.79
N PHE O 142 36.60 11.86 76.17
CA PHE O 142 35.41 12.39 76.79
C PHE O 142 34.31 12.77 75.81
N TYR O 143 33.06 12.73 76.29
CA TYR O 143 31.90 13.08 75.49
C TYR O 143 30.81 13.68 76.38
N PRO O 144 30.16 14.76 75.90
CA PRO O 144 30.50 15.53 74.70
C PRO O 144 31.76 16.38 74.88
N GLY O 145 32.37 16.78 73.78
CA GLY O 145 33.66 17.43 73.82
C GLY O 145 33.70 18.90 74.19
N ALA O 146 33.29 19.21 75.43
CA ALA O 146 33.52 20.52 76.05
C ALA O 146 33.93 20.33 77.52
N VAL O 147 35.02 20.99 77.93
CA VAL O 147 35.54 20.89 79.30
C VAL O 147 35.98 22.22 79.89
N THR O 148 35.87 22.35 81.21
CA THR O 148 36.52 23.43 81.92
C THR O 148 37.82 22.88 82.51
N VAL O 149 38.80 23.74 82.66
CA VAL O 149 40.02 23.41 83.40
C VAL O 149 40.25 24.57 84.36
N ALA O 150 40.80 24.31 85.54
CA ALA O 150 41.20 25.41 86.44
C ALA O 150 42.18 24.94 87.47
N TRP O 151 42.97 25.88 87.99
CA TRP O 151 43.94 25.64 89.07
C TRP O 151 43.85 26.92 89.92
N LYS O 152 44.04 26.91 91.24
CA LYS O 152 44.21 25.81 92.25
C LYS O 152 45.63 25.60 92.83
N ALA O 153 46.02 26.54 93.71
CA ALA O 153 47.29 26.50 94.43
C ALA O 153 47.30 27.53 95.57
N ASP O 154 47.38 27.14 96.85
CA ASP O 154 47.19 25.77 97.34
C ASP O 154 45.69 25.52 97.42
N GLY O 155 44.97 26.52 97.94
CA GLY O 155 43.52 26.57 97.82
C GLY O 155 42.98 27.39 96.65
N SER O 156 43.54 28.59 96.40
CA SER O 156 42.91 29.62 95.53
C SER O 156 43.22 29.61 94.00
N PRO O 157 42.35 30.26 93.17
CA PRO O 157 42.45 30.16 91.73
C PRO O 157 43.50 31.06 91.06
N VAL O 158 44.36 30.41 90.28
CA VAL O 158 45.41 31.06 89.47
C VAL O 158 45.03 31.14 87.97
N LYS O 159 45.09 32.35 87.43
CA LYS O 159 44.88 32.62 85.99
C LYS O 159 46.21 32.90 85.26
N ALA O 160 47.17 33.48 86.00
CA ALA O 160 48.54 33.76 85.54
C ALA O 160 49.28 32.53 84.92
N GLY O 161 49.23 32.38 83.59
CA GLY O 161 50.00 31.33 82.92
C GLY O 161 49.28 30.08 82.41
N VAL O 162 47.96 30.05 82.53
CA VAL O 162 47.12 28.93 82.04
C VAL O 162 47.02 28.94 80.50
N GLU O 163 47.55 27.92 79.83
CA GLU O 163 47.39 27.81 78.38
C GLU O 163 46.69 26.50 78.07
N THR O 164 45.41 26.60 77.73
CA THR O 164 44.52 25.46 77.52
C THR O 164 44.11 25.30 76.05
N THR O 165 44.34 24.11 75.49
CA THR O 165 43.94 23.85 74.10
C THR O 165 42.45 23.83 73.89
N LYS O 166 42.08 23.91 72.61
CA LYS O 166 40.78 23.48 72.13
C LYS O 166 40.54 22.04 72.60
N PRO O 167 39.27 21.66 72.82
CA PRO O 167 38.94 20.23 72.69
C PRO O 167 38.98 19.75 71.21
N SER O 168 39.68 18.66 70.96
CA SER O 168 39.83 18.06 69.65
C SER O 168 39.34 16.61 69.66
N LYS O 169 38.46 16.25 68.72
CA LYS O 169 38.06 14.85 68.45
C LYS O 169 39.29 13.99 68.26
N GLN O 170 39.36 12.91 69.01
CA GLN O 170 40.35 11.86 68.81
C GLN O 170 39.72 10.96 67.77
N SER O 171 40.48 10.00 67.26
CA SER O 171 39.99 9.10 66.20
C SER O 171 38.94 8.09 66.63
N ASN O 172 38.64 8.01 67.92
CA ASN O 172 37.52 7.19 68.36
C ASN O 172 36.29 8.07 68.69
N ASN O 173 36.32 9.33 68.25
CA ASN O 173 35.14 10.23 68.29
C ASN O 173 34.80 10.78 69.66
N LYS O 174 35.61 10.41 70.67
CA LYS O 174 35.61 11.15 71.92
C LYS O 174 36.57 12.31 71.72
N TYR O 175 36.92 13.02 72.80
CA TYR O 175 37.72 14.21 72.66
C TYR O 175 38.85 14.27 73.67
N ALA O 176 39.85 15.08 73.32
CA ALA O 176 41.05 15.32 74.11
C ALA O 176 41.32 16.83 74.23
N ALA O 177 41.87 17.21 75.38
CA ALA O 177 42.28 18.58 75.67
C ALA O 177 43.59 18.49 76.44
N SER O 178 44.42 19.52 76.32
CA SER O 178 45.58 19.69 77.19
C SER O 178 45.51 21.07 77.83
N SER O 179 46.08 21.22 79.03
CA SER O 179 46.25 22.57 79.60
C SER O 179 47.59 22.71 80.29
N TYR O 180 48.38 23.68 79.83
CA TYR O 180 49.73 23.94 80.32
C TYR O 180 49.85 25.24 81.14
N LEU O 181 50.21 25.12 82.42
CA LEU O 181 50.52 26.29 83.28
C LEU O 181 52.04 26.48 83.53
N SER O 182 52.60 27.54 82.96
CA SER O 182 53.99 27.93 83.18
C SER O 182 54.19 28.64 84.51
N LEU O 183 55.35 28.43 85.12
CA LEU O 183 55.70 29.01 86.40
C LEU O 183 57.20 29.04 86.46
N THR O 184 57.76 30.12 87.01
CA THR O 184 59.17 30.15 87.33
C THR O 184 59.47 29.12 88.42
N PRO O 185 60.61 28.42 88.30
CA PRO O 185 61.05 27.45 89.31
C PRO O 185 60.75 27.97 90.71
N GLU O 186 60.39 29.25 90.78
CA GLU O 186 60.16 29.96 92.04
C GLU O 186 58.80 29.63 92.65
N GLN O 187 57.76 30.04 91.95
CA GLN O 187 56.38 29.86 92.35
C GLN O 187 56.07 28.39 92.55
N TRP O 188 56.78 27.52 91.84
CA TRP O 188 56.61 26.07 91.94
C TRP O 188 56.95 25.56 93.31
N LYS O 189 58.03 26.08 93.89
CA LYS O 189 58.49 25.66 95.22
C LYS O 189 57.79 26.39 96.36
N SER O 190 56.98 27.40 96.03
CA SER O 190 56.39 28.27 97.05
C SER O 190 55.27 27.55 97.79
N HIS O 191 54.15 27.41 97.08
CA HIS O 191 53.00 26.70 97.56
C HIS O 191 53.35 25.23 97.83
N ARG O 192 52.62 24.62 98.75
CA ARG O 192 52.78 23.21 99.10
C ARG O 192 52.27 22.23 98.02
N SER O 193 51.15 22.58 97.35
CA SER O 193 50.51 21.72 96.34
C SER O 193 49.65 22.46 95.32
N TYR O 194 49.65 21.95 94.10
CA TYR O 194 48.89 22.49 92.97
C TYR O 194 47.81 21.48 92.58
N SER O 195 46.77 21.90 91.88
CA SER O 195 45.77 20.96 91.30
C SER O 195 45.07 21.42 90.04
N CYS O 196 45.11 20.56 89.02
CA CYS O 196 44.37 20.75 87.76
C CYS O 196 43.02 20.01 87.87
N GLN O 197 41.95 20.73 88.21
CA GLN O 197 40.62 20.13 88.15
C GLN O 197 39.93 20.47 86.84
N VAL O 198 39.22 19.46 86.36
CA VAL O 198 38.61 19.41 85.03
C VAL O 198 37.11 19.15 85.23
N THR O 199 36.27 20.13 84.89
CA THR O 199 34.83 19.98 84.99
C THR O 199 34.26 19.51 83.63
N HIS O 200 33.38 18.49 83.69
CA HIS O 200 32.78 17.91 82.50
C HIS O 200 31.31 17.65 82.75
N GLU O 201 30.46 18.33 81.98
CA GLU O 201 29.02 18.14 82.13
C GLU O 201 28.56 18.33 83.57
N GLY O 202 29.02 19.40 84.24
CA GLY O 202 28.74 19.59 85.68
C GLY O 202 29.06 18.38 86.55
N ASN O 203 30.36 18.07 86.65
CA ASN O 203 30.86 16.83 87.24
C ASN O 203 32.39 16.89 87.22
N THR O 204 33.02 16.76 88.37
CA THR O 204 34.44 17.12 88.50
C THR O 204 35.33 15.95 88.91
N VAL O 205 36.54 15.91 88.35
CA VAL O 205 37.58 15.02 88.80
C VAL O 205 38.87 15.84 88.84
N GLU O 206 39.48 15.92 90.02
CA GLU O 206 40.64 16.80 90.28
C GLU O 206 41.90 15.98 90.48
N LYS O 207 43.03 16.46 89.95
CA LYS O 207 44.33 15.85 90.26
C LYS O 207 45.35 16.78 91.01
N THR O 208 45.80 16.36 92.21
CA THR O 208 46.87 17.05 92.98
C THR O 208 48.24 16.52 92.59
N VAL O 209 49.26 17.38 92.68
CA VAL O 209 50.69 17.00 92.68
C VAL O 209 51.52 18.01 93.51
N ALA O 210 52.32 17.51 94.47
CA ALA O 210 53.20 18.38 95.27
C ALA O 210 54.65 18.40 94.72
N PRO O 211 55.40 19.52 94.93
CA PRO O 211 56.86 19.44 94.81
C PRO O 211 57.46 18.49 95.83
N GLN P 1 -44.92 -13.29 -59.03
CA GLN P 1 -44.55 -12.02 -59.75
C GLN P 1 -44.44 -12.34 -61.25
N SER P 2 -45.56 -12.23 -61.95
CA SER P 2 -45.56 -12.43 -63.42
C SER P 2 -45.52 -11.07 -64.11
N GLU P 3 -46.57 -10.73 -64.85
CA GLU P 3 -46.43 -9.81 -65.99
C GLU P 3 -47.75 -9.58 -66.71
N LEU P 4 -48.25 -8.36 -66.64
CA LEU P 4 -49.51 -8.01 -67.25
C LEU P 4 -49.39 -8.19 -68.76
N THR P 5 -50.45 -8.65 -69.41
CA THR P 5 -50.39 -9.06 -70.82
C THR P 5 -51.19 -8.12 -71.69
N GLN P 6 -50.51 -7.38 -72.56
CA GLN P 6 -51.20 -6.42 -73.43
C GLN P 6 -51.18 -6.96 -74.82
N PRO P 7 -52.04 -6.44 -75.70
CA PRO P 7 -51.86 -6.84 -77.10
C PRO P 7 -50.69 -6.06 -77.71
N ARG P 8 -49.91 -6.75 -78.54
CA ARG P 8 -48.71 -6.20 -79.15
C ARG P 8 -48.97 -4.86 -79.86
N SER P 9 -50.14 -4.76 -80.49
CA SER P 9 -50.38 -3.85 -81.59
C SER P 9 -51.87 -3.53 -81.76
N VAL P 10 -52.22 -2.25 -81.76
CA VAL P 10 -53.57 -1.84 -82.13
C VAL P 10 -53.51 -0.68 -83.12
N SER P 11 -54.61 -0.47 -83.86
CA SER P 11 -54.75 0.66 -84.79
C SER P 11 -56.20 1.12 -84.95
N GLY P 12 -56.36 2.35 -85.42
CA GLY P 12 -57.67 2.94 -85.81
C GLY P 12 -57.54 4.19 -86.68
N SER P 13 -58.64 4.64 -87.29
CA SER P 13 -58.67 5.92 -88.05
C SER P 13 -58.99 7.10 -87.12
N PRO P 14 -58.60 8.34 -87.51
CA PRO P 14 -58.82 9.50 -86.63
C PRO P 14 -60.31 9.72 -86.36
N GLY P 15 -60.66 10.31 -85.22
CA GLY P 15 -62.07 10.34 -84.78
C GLY P 15 -62.70 8.98 -84.39
N GLN P 16 -62.09 7.88 -84.85
CA GLN P 16 -62.45 6.55 -84.39
C GLN P 16 -61.99 6.27 -82.95
N SER P 17 -61.97 5.00 -82.57
CA SER P 17 -61.98 4.66 -81.15
C SER P 17 -61.24 3.38 -80.92
N VAL P 18 -60.31 3.37 -79.94
CA VAL P 18 -59.53 2.15 -79.62
C VAL P 18 -59.50 1.70 -78.16
N THR P 19 -59.47 0.38 -77.96
CA THR P 19 -59.38 -0.23 -76.64
C THR P 19 -58.09 -1.06 -76.52
N ILE P 20 -57.40 -0.97 -75.38
CA ILE P 20 -56.21 -1.78 -75.12
C ILE P 20 -56.32 -2.60 -73.80
N SER P 21 -56.65 -3.88 -73.91
CA SER P 21 -56.76 -4.78 -72.77
C SER P 21 -55.42 -5.01 -72.15
N CYS P 22 -55.45 -5.24 -70.84
CA CYS P 22 -54.27 -5.42 -70.02
C CYS P 22 -54.68 -6.45 -69.00
N THR P 23 -54.26 -7.68 -69.25
CA THR P 23 -54.77 -8.76 -68.44
C THR P 23 -53.70 -9.48 -67.59
N GLY P 24 -53.90 -9.39 -66.28
CA GLY P 24 -53.02 -9.97 -65.28
C GLY P 24 -53.79 -11.03 -64.54
N THR P 25 -53.56 -11.14 -63.22
CA THR P 25 -54.19 -12.19 -62.38
C THR P 25 -54.83 -11.60 -61.16
N SER P 26 -55.74 -12.35 -60.55
CA SER P 26 -56.26 -11.95 -59.23
C SER P 26 -55.21 -11.49 -58.15
N ARG P 27 -53.93 -11.82 -58.29
CA ARG P 27 -52.93 -11.31 -57.34
C ARG P 27 -52.66 -9.83 -57.60
N ASP P 28 -52.97 -9.36 -58.82
CA ASP P 28 -52.73 -7.95 -59.25
C ASP P 28 -53.98 -7.19 -59.76
N VAL P 29 -54.07 -6.99 -61.07
CA VAL P 29 -55.21 -6.27 -61.68
C VAL P 29 -56.55 -6.51 -60.97
N GLY P 30 -56.87 -7.78 -60.74
CA GLY P 30 -58.17 -8.16 -60.21
C GLY P 30 -58.21 -8.22 -58.70
N GLY P 31 -57.11 -7.89 -58.06
CA GLY P 31 -57.10 -7.88 -56.63
C GLY P 31 -56.84 -6.55 -55.98
N TYR P 32 -56.76 -5.48 -56.77
CA TYR P 32 -56.65 -4.10 -56.26
C TYR P 32 -57.22 -3.07 -57.22
N ASN P 33 -57.42 -1.85 -56.71
CA ASN P 33 -57.87 -0.76 -57.53
C ASN P 33 -56.74 0.19 -57.86
N TYR P 34 -55.57 -0.38 -58.10
CA TYR P 34 -54.40 0.44 -58.37
C TYR P 34 -53.76 0.06 -59.70
N VAL P 35 -54.56 0.19 -60.74
CA VAL P 35 -54.13 0.15 -62.13
C VAL P 35 -53.82 1.57 -62.59
N SER P 36 -52.73 1.71 -63.31
CA SER P 36 -52.34 2.96 -63.89
C SER P 36 -51.85 2.73 -65.29
N TRP P 37 -52.13 3.70 -66.16
CA TRP P 37 -51.73 3.62 -67.54
C TRP P 37 -50.75 4.71 -67.88
N TYR P 38 -49.73 4.37 -68.67
CA TYR P 38 -48.76 5.33 -69.12
C TYR P 38 -48.69 5.40 -70.65
N GLN P 39 -48.51 6.63 -71.15
CA GLN P 39 -48.26 6.92 -72.56
C GLN P 39 -46.80 7.18 -72.80
N GLN P 40 -46.19 6.54 -73.81
CA GLN P 40 -44.79 6.83 -74.15
C GLN P 40 -44.48 7.15 -75.64
N HIS P 41 -44.00 8.38 -75.89
CA HIS P 41 -43.55 8.77 -77.24
C HIS P 41 -42.06 8.53 -77.43
N PRO P 42 -41.57 8.60 -78.69
CA PRO P 42 -40.16 8.29 -78.94
C PRO P 42 -39.13 9.23 -78.30
N GLY P 43 -38.16 8.67 -77.60
CA GLY P 43 -37.08 9.46 -76.99
C GLY P 43 -37.50 10.25 -75.78
N LYS P 44 -38.77 10.14 -75.43
CA LYS P 44 -39.26 10.70 -74.19
C LYS P 44 -39.60 9.66 -73.10
N ALA P 45 -39.66 10.19 -71.89
CA ALA P 45 -40.06 9.50 -70.69
C ALA P 45 -41.53 9.16 -70.83
N PRO P 46 -42.02 8.11 -70.16
CA PRO P 46 -43.44 7.86 -70.18
C PRO P 46 -44.17 8.87 -69.31
N LYS P 47 -45.43 9.12 -69.57
CA LYS P 47 -46.16 10.00 -68.69
C LYS P 47 -47.45 9.33 -68.29
N LEU P 48 -47.92 9.68 -67.10
CA LEU P 48 -49.05 9.02 -66.48
C LEU P 48 -50.34 9.65 -66.97
N ILE P 49 -51.24 8.82 -67.49
CA ILE P 49 -52.47 9.27 -68.15
C ILE P 49 -53.76 8.71 -67.50
N ILE P 50 -53.59 7.68 -66.67
CA ILE P 50 -54.67 7.09 -65.84
C ILE P 50 -54.11 6.52 -64.54
N HIS P 51 -54.64 6.93 -63.40
CA HIS P 51 -54.32 6.29 -62.11
C HIS P 51 -55.58 5.78 -61.40
N ASP P 52 -55.49 4.69 -60.65
CA ASP P 52 -56.63 4.20 -59.89
C ASP P 52 -57.72 3.67 -60.77
N VAL P 53 -57.33 2.85 -61.76
CA VAL P 53 -58.26 2.29 -62.77
C VAL P 53 -58.95 3.30 -63.70
N ILE P 54 -59.55 4.35 -63.11
CA ILE P 54 -60.53 5.20 -63.78
C ILE P 54 -60.20 6.69 -63.72
N ILE P 55 -59.54 7.15 -62.69
CA ILE P 55 -59.28 8.56 -62.54
C ILE P 55 -58.28 9.00 -63.59
N ARG P 56 -58.33 10.26 -63.95
CA ARG P 56 -57.59 10.79 -65.09
C ARG P 56 -56.94 12.10 -64.63
N PRO P 57 -55.60 12.19 -64.76
CA PRO P 57 -54.83 13.28 -64.14
C PRO P 57 -55.17 14.66 -64.71
N SER P 58 -54.64 15.71 -64.10
CA SER P 58 -54.90 17.06 -64.58
C SER P 58 -54.24 17.24 -65.95
N GLY P 59 -54.94 17.89 -66.88
CA GLY P 59 -54.44 18.08 -68.23
C GLY P 59 -54.36 16.80 -69.05
N VAL P 60 -55.27 15.87 -68.79
CA VAL P 60 -55.34 14.66 -69.60
C VAL P 60 -56.74 14.59 -70.18
N PRO P 61 -56.83 14.60 -71.54
CA PRO P 61 -58.02 14.56 -72.40
C PRO P 61 -59.00 13.43 -72.06
N ASP P 62 -60.28 13.70 -72.17
CA ASP P 62 -61.30 12.68 -71.83
C ASP P 62 -61.46 11.55 -72.85
N ARG P 63 -60.83 11.66 -74.00
CA ARG P 63 -60.89 10.52 -74.90
C ARG P 63 -60.13 9.30 -74.28
N PHE P 64 -59.23 9.58 -73.34
CA PHE P 64 -58.59 8.56 -72.55
C PHE P 64 -59.48 8.18 -71.37
N SER P 65 -59.61 6.89 -71.13
CA SER P 65 -60.40 6.44 -70.03
C SER P 65 -60.01 5.00 -69.80
N GLY P 66 -60.30 4.51 -68.60
CA GLY P 66 -60.02 3.17 -68.23
C GLY P 66 -61.03 2.58 -67.29
N SER P 67 -61.08 1.27 -67.32
CA SER P 67 -61.83 0.47 -66.42
C SER P 67 -61.08 -0.84 -66.24
N LYS P 68 -61.56 -1.68 -65.33
CA LYS P 68 -61.17 -3.05 -65.31
C LYS P 68 -62.42 -3.84 -64.99
N SER P 69 -62.40 -5.10 -65.36
CA SER P 69 -63.33 -6.03 -64.75
C SER P 69 -62.71 -7.43 -64.79
N GLY P 70 -62.87 -8.13 -63.67
CA GLY P 70 -62.07 -9.31 -63.41
C GLY P 70 -60.60 -8.91 -63.30
N ASN P 71 -59.73 -9.66 -63.97
CA ASN P 71 -58.29 -9.39 -63.98
C ASN P 71 -57.83 -8.73 -65.27
N THR P 72 -58.74 -8.01 -65.93
CA THR P 72 -58.44 -7.29 -67.16
C THR P 72 -58.90 -5.85 -67.07
N ALA P 73 -57.89 -4.99 -67.22
CA ALA P 73 -58.05 -3.56 -67.18
C ALA P 73 -57.92 -3.11 -68.62
N SER P 74 -58.52 -1.98 -68.95
CA SER P 74 -58.64 -1.63 -70.32
C SER P 74 -58.50 -0.15 -70.44
N LEU P 75 -57.69 0.30 -71.39
CA LEU P 75 -57.64 1.71 -71.78
C LEU P 75 -58.39 1.93 -73.11
N THR P 76 -59.19 2.97 -73.15
CA THR P 76 -59.91 3.36 -74.34
C THR P 76 -59.49 4.79 -74.70
N ILE P 77 -58.93 4.95 -75.90
CA ILE P 77 -58.70 6.27 -76.50
C ILE P 77 -59.80 6.50 -77.51
N SER P 78 -60.65 7.48 -77.25
CA SER P 78 -61.86 7.63 -78.06
C SER P 78 -61.73 8.90 -78.84
N GLY P 79 -62.16 8.91 -80.11
CA GLY P 79 -61.96 10.11 -80.98
C GLY P 79 -60.47 10.33 -81.14
N LEU P 80 -59.81 9.20 -81.50
CA LEU P 80 -58.37 9.06 -81.71
C LEU P 80 -57.79 10.17 -82.60
N GLN P 81 -56.60 10.66 -82.24
CA GLN P 81 -55.99 11.77 -82.96
C GLN P 81 -54.59 11.47 -83.39
N ALA P 82 -53.82 12.53 -83.63
CA ALA P 82 -52.62 12.45 -84.43
C ALA P 82 -51.49 11.95 -83.58
N GLU P 83 -51.23 12.67 -82.49
CA GLU P 83 -50.10 12.33 -81.61
C GLU P 83 -50.50 11.48 -80.39
N ASP P 84 -51.56 10.70 -80.54
CA ASP P 84 -51.86 9.60 -79.62
C ASP P 84 -51.14 8.34 -80.15
N GLU P 85 -50.23 8.55 -81.11
CA GLU P 85 -49.37 7.49 -81.60
C GLU P 85 -48.17 7.30 -80.68
N ALA P 86 -48.33 6.40 -79.72
CA ALA P 86 -47.27 6.11 -78.79
C ALA P 86 -47.32 4.65 -78.38
N HIS P 87 -46.48 4.31 -77.41
CA HIS P 87 -46.63 3.08 -76.67
C HIS P 87 -47.40 3.35 -75.40
N TYR P 88 -48.38 2.50 -75.13
CA TYR P 88 -49.12 2.58 -73.89
C TYR P 88 -48.87 1.34 -73.05
N TYR P 89 -48.50 1.55 -71.79
CA TYR P 89 -48.23 0.47 -70.87
C TYR P 89 -49.18 0.56 -69.70
N CYS P 90 -49.73 -0.55 -69.25
CA CYS P 90 -50.44 -0.53 -67.98
C CYS P 90 -49.48 -0.89 -66.88
N TRP P 91 -49.93 -0.72 -65.63
CA TRP P 91 -49.09 -0.88 -64.44
C TRP P 91 -50.07 -1.11 -63.32
N SER P 92 -49.69 -1.85 -62.29
CA SER P 92 -50.66 -2.33 -61.29
C SER P 92 -49.95 -2.64 -59.99
N PHE P 93 -50.62 -2.40 -58.86
CA PHE P 93 -50.11 -2.74 -57.52
C PHE P 93 -50.28 -4.23 -57.38
N ALA P 94 -49.28 -4.91 -56.82
CA ALA P 94 -49.41 -6.38 -56.58
C ALA P 94 -49.35 -6.82 -55.08
N GLY P 95 -49.23 -5.83 -54.21
CA GLY P 95 -49.24 -6.02 -52.79
C GLY P 95 -47.85 -5.76 -52.25
N SER P 96 -46.88 -6.45 -52.83
CA SER P 96 -45.52 -6.37 -52.33
C SER P 96 -44.59 -5.79 -53.39
N TYR P 97 -45.17 -5.56 -54.57
CA TYR P 97 -44.46 -5.08 -55.74
C TYR P 97 -45.39 -4.34 -56.72
N TYR P 98 -44.77 -3.62 -57.66
CA TYR P 98 -45.47 -3.08 -58.81
C TYR P 98 -45.09 -3.89 -60.01
N VAL P 99 -45.92 -3.83 -61.04
CA VAL P 99 -45.58 -4.43 -62.33
C VAL P 99 -46.20 -3.67 -63.51
N PHE P 100 -45.43 -3.54 -64.59
CA PHE P 100 -45.92 -3.04 -65.87
C PHE P 100 -46.44 -4.19 -66.72
N GLY P 101 -47.35 -3.86 -67.62
CA GLY P 101 -47.77 -4.74 -68.70
C GLY P 101 -46.76 -4.66 -69.85
N THR P 102 -46.95 -5.52 -70.85
CA THR P 102 -45.97 -5.79 -71.90
C THR P 102 -45.79 -4.67 -72.95
N GLY P 103 -46.68 -3.69 -72.93
CA GLY P 103 -46.66 -2.59 -73.90
C GLY P 103 -47.55 -2.78 -75.12
N THR P 104 -47.91 -1.67 -75.75
CA THR P 104 -48.73 -1.69 -76.94
C THR P 104 -48.49 -0.45 -77.77
N ASP P 105 -48.11 -0.72 -79.02
CA ASP P 105 -48.03 0.26 -80.13
C ASP P 105 -49.39 0.74 -80.61
N VAL P 106 -49.73 2.01 -80.39
CA VAL P 106 -50.93 2.54 -81.04
C VAL P 106 -50.53 3.24 -82.34
N THR P 107 -51.00 2.71 -83.46
CA THR P 107 -50.85 3.36 -84.76
C THR P 107 -52.18 4.04 -85.10
N VAL P 108 -52.09 5.23 -85.69
CA VAL P 108 -53.25 5.97 -86.23
C VAL P 108 -53.21 5.96 -87.78
N LEU P 109 -54.10 5.20 -88.42
CA LEU P 109 -54.11 5.12 -89.87
C LEU P 109 -54.53 6.46 -90.54
N GLY P 110 -54.56 6.43 -91.87
CA GLY P 110 -54.87 7.62 -92.65
C GLY P 110 -53.53 8.07 -93.12
N GLN P 111 -53.03 9.10 -92.47
CA GLN P 111 -51.85 9.86 -92.93
C GLN P 111 -51.19 9.71 -94.30
N PRO P 112 -50.76 10.87 -94.80
CA PRO P 112 -50.19 10.99 -96.11
C PRO P 112 -48.85 10.29 -96.14
N LYS P 113 -48.60 9.62 -97.26
CA LYS P 113 -47.26 9.21 -97.61
C LYS P 113 -46.39 10.49 -97.51
N ALA P 114 -45.14 10.39 -97.05
CA ALA P 114 -44.19 11.51 -97.04
C ALA P 114 -42.89 11.02 -97.66
N ASN P 115 -42.36 11.76 -98.62
CA ASN P 115 -41.21 11.32 -99.40
C ASN P 115 -39.91 11.62 -98.66
N PRO P 116 -38.93 10.71 -98.77
CA PRO P 116 -37.62 10.85 -98.16
C PRO P 116 -36.95 12.14 -98.53
N THR P 117 -36.43 12.90 -97.58
CA THR P 117 -35.42 13.86 -97.97
C THR P 117 -34.04 13.28 -97.63
N VAL P 118 -33.15 13.31 -98.61
CA VAL P 118 -31.85 12.65 -98.53
C VAL P 118 -30.74 13.66 -98.54
N THR P 119 -29.79 13.51 -97.62
CA THR P 119 -28.63 14.36 -97.54
C THR P 119 -27.43 13.41 -97.61
N LEU P 120 -26.37 13.79 -98.32
CA LEU P 120 -25.24 12.93 -98.55
C LEU P 120 -23.91 13.66 -98.39
N PHE P 121 -23.10 13.21 -97.46
CA PHE P 121 -21.80 13.84 -97.29
C PHE P 121 -20.64 12.99 -97.79
N PRO P 122 -19.64 13.65 -98.40
CA PRO P 122 -18.39 13.03 -98.79
C PRO P 122 -17.46 12.97 -97.59
N PRO P 123 -16.41 12.13 -97.67
CA PRO P 123 -15.39 12.10 -96.66
C PRO P 123 -14.94 13.49 -96.21
N SER P 124 -14.80 13.67 -94.91
CA SER P 124 -14.18 14.83 -94.34
C SER P 124 -12.74 15.01 -94.81
N SER P 125 -12.28 16.28 -94.91
CA SER P 125 -10.83 16.53 -95.09
C SER P 125 -10.16 15.81 -93.96
N GLU P 126 -10.44 16.32 -92.75
CA GLU P 126 -9.84 15.79 -91.56
C GLU P 126 -9.83 14.24 -91.49
N GLU P 127 -10.86 13.58 -92.04
CA GLU P 127 -10.90 12.11 -92.00
C GLU P 127 -9.97 11.44 -93.02
N LEU P 128 -9.78 12.05 -94.18
CA LEU P 128 -8.87 11.51 -95.18
C LEU P 128 -7.41 11.52 -94.67
N GLN P 129 -7.03 12.62 -94.02
CA GLN P 129 -5.69 12.77 -93.44
C GLN P 129 -5.36 11.65 -92.46
N ALA P 130 -6.39 11.07 -91.84
CA ALA P 130 -6.26 9.86 -91.00
C ALA P 130 -6.35 8.51 -91.76
N ASN P 131 -6.39 8.59 -93.08
CA ASN P 131 -6.46 7.45 -94.02
C ASN P 131 -7.67 6.52 -93.86
N LYS P 132 -8.74 7.06 -93.26
CA LYS P 132 -10.09 6.46 -93.34
C LYS P 132 -10.99 7.27 -94.30
N ALA P 133 -12.13 6.71 -94.67
CA ALA P 133 -13.15 7.47 -95.41
C ALA P 133 -14.57 6.94 -95.31
N THR P 134 -15.48 7.82 -94.85
CA THR P 134 -16.90 7.50 -94.63
C THR P 134 -17.87 8.42 -95.40
N LEU P 135 -18.76 7.84 -96.20
CA LEU P 135 -19.87 8.60 -96.76
C LEU P 135 -21.11 8.42 -95.92
N VAL P 136 -21.76 9.54 -95.65
CA VAL P 136 -22.96 9.57 -94.83
C VAL P 136 -24.15 9.90 -95.70
N CYS P 137 -25.12 9.01 -95.76
CA CYS P 137 -26.35 9.28 -96.45
C CYS P 137 -27.49 9.40 -95.44
N LEU P 138 -28.09 10.58 -95.32
CA LEU P 138 -29.08 10.85 -94.28
C LEU P 138 -30.50 11.04 -94.75
N ILE P 139 -31.33 10.08 -94.42
CA ILE P 139 -32.69 10.03 -94.88
C ILE P 139 -33.61 10.55 -93.79
N SER P 140 -34.53 11.45 -94.13
CA SER P 140 -35.41 12.04 -93.10
C SER P 140 -36.82 12.39 -93.53
N ASP P 141 -37.71 12.41 -92.57
CA ASP P 141 -39.09 12.83 -92.77
C ASP P 141 -39.86 11.98 -93.75
N PHE P 142 -39.60 10.66 -93.77
CA PHE P 142 -40.35 9.78 -94.68
C PHE P 142 -41.36 8.94 -93.95
N TYR P 143 -42.32 8.40 -94.68
CA TYR P 143 -43.46 7.71 -94.08
C TYR P 143 -44.22 7.08 -95.19
N PRO P 144 -44.68 5.83 -95.01
CA PRO P 144 -44.40 4.93 -93.86
C PRO P 144 -42.91 4.66 -93.74
N GLY P 145 -42.43 4.21 -92.57
CA GLY P 145 -41.01 3.96 -92.36
C GLY P 145 -40.56 2.62 -92.87
N ALA P 146 -40.23 2.56 -94.16
CA ALA P 146 -39.51 1.44 -94.76
C ALA P 146 -38.67 2.11 -95.80
N VAL P 147 -37.47 1.59 -96.08
CA VAL P 147 -36.55 2.22 -97.01
C VAL P 147 -35.40 1.33 -97.40
N THR P 148 -35.14 1.22 -98.69
CA THR P 148 -34.03 0.42 -99.17
C THR P 148 -32.96 1.40 -99.55
N VAL P 149 -31.86 1.39 -98.84
CA VAL P 149 -30.71 2.12 -99.30
C VAL P 149 -29.87 1.21 -100.23
N ALA P 150 -29.24 1.83 -101.24
CA ALA P 150 -28.37 1.15 -102.19
C ALA P 150 -27.27 2.13 -102.54
N TRP P 151 -26.02 1.66 -102.47
CA TRP P 151 -24.91 2.51 -102.90
C TRP P 151 -24.45 2.15 -104.30
N LYS P 152 -23.65 3.07 -104.87
CA LYS P 152 -23.07 2.94 -106.22
C LYS P 152 -21.70 3.62 -106.29
N ALA P 153 -20.82 2.99 -107.04
CA ALA P 153 -19.63 3.66 -107.49
C ALA P 153 -19.72 3.62 -109.01
N ASP P 154 -19.65 4.81 -109.62
CA ASP P 154 -19.81 4.97 -111.06
C ASP P 154 -21.06 4.12 -111.35
N GLY P 155 -20.96 3.19 -112.30
CA GLY P 155 -22.12 2.32 -112.57
C GLY P 155 -22.46 1.44 -111.39
N SER P 156 -21.44 0.88 -110.77
CA SER P 156 -21.63 -0.37 -110.02
C SER P 156 -22.13 -0.32 -108.58
N PRO P 157 -23.11 -1.19 -108.28
CA PRO P 157 -23.59 -1.42 -106.92
C PRO P 157 -22.40 -1.77 -106.07
N VAL P 158 -22.32 -1.20 -104.87
CA VAL P 158 -21.37 -1.69 -103.87
C VAL P 158 -22.11 -2.19 -102.62
N LYS P 159 -21.89 -3.46 -102.27
CA LYS P 159 -22.50 -4.06 -101.07
C LYS P 159 -21.53 -4.09 -99.84
N ALA P 160 -20.26 -3.71 -100.06
CA ALA P 160 -19.18 -3.87 -99.04
C ALA P 160 -18.99 -2.63 -98.15
N GLY P 161 -19.07 -2.83 -96.82
CA GLY P 161 -18.89 -1.75 -95.84
C GLY P 161 -20.06 -0.77 -95.73
N VAL P 162 -21.26 -1.26 -96.00
CA VAL P 162 -22.44 -0.47 -95.91
C VAL P 162 -23.02 -0.74 -94.57
N GLU P 163 -23.12 0.28 -93.73
CA GLU P 163 -23.90 0.18 -92.51
C GLU P 163 -25.14 1.03 -92.62
N THR P 164 -26.30 0.35 -92.60
CA THR P 164 -27.58 1.05 -92.67
C THR P 164 -28.35 0.85 -91.38
N THR P 165 -28.95 1.91 -90.86
CA THR P 165 -29.80 1.76 -89.68
C THR P 165 -31.17 1.17 -90.03
N LYS P 166 -31.89 0.78 -89.00
CA LYS P 166 -33.30 0.55 -89.15
C LYS P 166 -33.99 1.93 -89.12
N PRO P 167 -35.18 2.04 -89.77
CA PRO P 167 -35.99 3.25 -89.67
C PRO P 167 -36.42 3.51 -88.22
N SER P 168 -36.58 4.78 -87.82
CA SER P 168 -37.12 5.07 -86.49
C SER P 168 -37.94 6.34 -86.38
N LYS P 169 -39.08 6.24 -85.69
CA LYS P 169 -40.02 7.33 -85.46
C LYS P 169 -39.47 8.60 -84.89
N GLN P 170 -39.73 9.69 -85.60
CA GLN P 170 -39.42 11.02 -85.12
C GLN P 170 -40.60 11.48 -84.31
N SER P 171 -40.43 12.59 -83.61
CA SER P 171 -41.55 13.21 -82.91
C SER P 171 -42.67 13.67 -83.83
N ASN P 172 -42.38 14.16 -85.02
CA ASN P 172 -43.53 14.49 -85.93
C ASN P 172 -44.08 13.27 -86.66
N ASN P 173 -43.87 12.10 -86.05
CA ASN P 173 -44.44 10.82 -86.52
C ASN P 173 -44.01 10.38 -87.95
N LYS P 174 -43.02 11.10 -88.50
CA LYS P 174 -42.35 10.65 -89.69
C LYS P 174 -41.11 9.86 -89.29
N TYR P 175 -40.39 9.30 -90.24
CA TYR P 175 -39.23 8.51 -89.91
C TYR P 175 -37.92 9.16 -90.29
N ALA P 176 -36.85 8.48 -89.92
CA ALA P 176 -35.46 8.81 -90.25
C ALA P 176 -34.69 7.50 -90.32
N ALA P 177 -33.65 7.51 -91.15
CA ALA P 177 -32.72 6.40 -91.27
C ALA P 177 -31.43 7.03 -91.71
N SER P 178 -30.33 6.31 -91.58
CA SER P 178 -29.01 6.78 -91.94
C SER P 178 -28.21 5.62 -92.52
N SER P 179 -27.35 5.89 -93.48
CA SER P 179 -26.50 4.82 -93.96
C SER P 179 -25.07 5.27 -94.05
N TYR P 180 -24.16 4.31 -93.87
CA TYR P 180 -22.77 4.66 -93.78
C TYR P 180 -21.99 3.84 -94.71
N LEU P 181 -21.17 4.49 -95.52
CA LEU P 181 -20.29 3.75 -96.42
C LEU P 181 -18.81 3.97 -96.10
N SER P 182 -18.11 2.87 -95.84
CA SER P 182 -16.71 2.90 -95.45
C SER P 182 -15.81 2.46 -96.59
N LEU P 183 -14.77 3.24 -96.87
CA LEU P 183 -13.82 2.88 -97.91
C LEU P 183 -12.47 3.37 -97.50
N THR P 184 -11.46 3.00 -98.28
CA THR P 184 -10.16 3.62 -98.14
C THR P 184 -10.15 4.88 -98.99
N PRO P 185 -9.45 5.91 -98.52
CA PRO P 185 -9.32 7.12 -99.33
C PRO P 185 -8.85 6.72 -100.71
N GLU P 186 -8.04 5.68 -100.70
CA GLU P 186 -7.52 5.09 -101.90
C GLU P 186 -8.62 4.72 -102.90
N GLN P 187 -9.64 3.98 -102.44
CA GLN P 187 -10.77 3.62 -103.32
C GLN P 187 -11.87 4.70 -103.32
N TRP P 188 -11.69 5.69 -102.44
CA TRP P 188 -12.47 6.90 -102.56
C TRP P 188 -11.99 7.54 -103.83
N LYS P 189 -10.69 7.88 -103.83
CA LYS P 189 -10.07 8.68 -104.90
C LYS P 189 -10.15 8.06 -106.30
N SER P 190 -10.32 6.75 -106.37
CA SER P 190 -10.24 6.01 -107.63
C SER P 190 -11.59 5.55 -108.20
N HIS P 191 -12.65 6.32 -107.96
CA HIS P 191 -13.87 6.18 -108.77
C HIS P 191 -14.29 7.59 -109.15
N ARG P 192 -15.06 7.68 -110.23
CA ARG P 192 -15.40 8.99 -110.75
C ARG P 192 -16.37 9.69 -109.78
N SER P 193 -17.44 8.99 -109.37
CA SER P 193 -18.36 9.51 -108.33
C SER P 193 -19.07 8.40 -107.54
N TYR P 194 -19.68 8.77 -106.41
CA TYR P 194 -20.41 7.81 -105.60
C TYR P 194 -21.83 8.25 -105.46
N SER P 195 -22.74 7.27 -105.40
CA SER P 195 -24.19 7.51 -105.27
C SER P 195 -24.91 6.77 -104.13
N CYS P 196 -25.94 7.43 -103.58
CA CYS P 196 -26.76 6.86 -102.54
C CYS P 196 -28.16 6.85 -103.07
N GLN P 197 -28.78 5.68 -103.16
CA GLN P 197 -30.18 5.69 -103.55
C GLN P 197 -31.15 5.11 -102.53
N VAL P 198 -32.14 5.92 -102.23
CA VAL P 198 -33.18 5.57 -101.29
C VAL P 198 -34.36 5.21 -102.15
N THR P 199 -35.04 4.12 -101.83
CA THR P 199 -36.23 3.72 -102.54
C THR P 199 -37.26 3.69 -101.43
N HIS P 200 -38.22 4.61 -101.45
CA HIS P 200 -39.31 4.60 -100.46
C HIS P 200 -40.61 4.44 -101.18
N GLU P 201 -41.35 3.39 -100.83
CA GLU P 201 -42.62 3.11 -101.48
C GLU P 201 -42.59 3.28 -103.03
N GLY P 202 -41.88 2.37 -103.69
CA GLY P 202 -41.76 2.31 -105.16
C GLY P 202 -41.15 3.48 -105.96
N ASN P 203 -40.34 4.34 -105.33
CA ASN P 203 -39.74 5.49 -105.99
C ASN P 203 -38.39 5.86 -105.39
N THR P 204 -37.36 5.73 -106.21
CA THR P 204 -35.97 5.91 -105.86
C THR P 204 -35.50 7.34 -105.99
N VAL P 205 -35.30 8.02 -104.86
CA VAL P 205 -34.52 9.27 -104.75
C VAL P 205 -33.02 8.91 -104.64
N GLU P 206 -32.14 9.81 -105.13
CA GLU P 206 -30.72 9.53 -105.36
C GLU P 206 -29.91 10.80 -105.23
N LYS P 207 -28.78 10.70 -104.53
CA LYS P 207 -27.83 11.79 -104.47
C LYS P 207 -26.43 11.26 -104.67
N THR P 208 -25.50 12.17 -105.02
CA THR P 208 -24.21 11.85 -105.60
C THR P 208 -23.17 12.75 -105.02
N VAL P 209 -22.00 12.18 -104.77
CA VAL P 209 -20.83 12.99 -104.43
C VAL P 209 -19.67 12.43 -105.22
N ALA P 210 -18.57 13.18 -105.22
CA ALA P 210 -17.45 12.93 -106.10
C ALA P 210 -16.18 13.61 -105.58
N PRO P 211 -15.03 12.90 -105.62
CA PRO P 211 -13.74 13.48 -105.16
C PRO P 211 -13.24 14.63 -106.02
N GLU Q 1 42.36 -40.27 29.68
CA GLU Q 1 42.94 -39.03 30.26
C GLU Q 1 42.20 -37.87 29.56
N VAL Q 2 40.88 -38.09 29.41
CA VAL Q 2 39.88 -37.15 28.92
C VAL Q 2 40.15 -35.80 29.54
N GLN Q 3 40.03 -34.71 28.79
CA GLN Q 3 40.30 -33.41 29.40
C GLN Q 3 39.80 -32.25 28.51
N LEU Q 4 38.86 -31.48 29.03
CA LEU Q 4 38.39 -30.31 28.33
C LEU Q 4 38.90 -29.22 29.19
N LEU Q 5 39.47 -28.21 28.55
CA LEU Q 5 40.16 -27.24 29.34
C LEU Q 5 39.84 -25.89 28.80
N GLU Q 6 39.12 -25.13 29.63
CA GLU Q 6 38.44 -23.92 29.20
C GLU Q 6 39.40 -22.76 29.34
N SER Q 7 39.34 -21.83 28.38
CA SER Q 7 40.13 -20.60 28.47
C SER Q 7 39.38 -19.44 27.79
N GLY Q 8 39.87 -18.21 28.00
CA GLY Q 8 39.43 -17.06 27.22
C GLY Q 8 38.27 -16.37 27.90
N GLY Q 9 38.20 -16.53 29.21
CA GLY Q 9 37.08 -15.96 29.93
C GLY Q 9 37.46 -15.28 31.23
N GLY Q 10 37.15 -14.00 31.32
CA GLY Q 10 37.45 -13.34 32.57
C GLY Q 10 36.37 -12.41 33.05
N LEU Q 11 36.71 -11.13 32.97
CA LEU Q 11 35.83 -10.01 33.22
C LEU Q 11 35.61 -9.28 31.90
N VAL Q 12 34.40 -8.82 31.64
CA VAL Q 12 34.12 -7.99 30.44
C VAL Q 12 33.01 -6.98 30.74
N GLN Q 13 33.07 -5.79 30.13
CA GLN Q 13 32.03 -4.76 30.33
C GLN Q 13 30.69 -5.17 29.72
N PRO Q 14 29.57 -4.64 30.27
CA PRO Q 14 28.27 -4.81 29.60
C PRO Q 14 28.33 -4.35 28.15
N GLY Q 15 27.78 -5.16 27.25
CA GLY Q 15 27.87 -4.96 25.81
C GLY Q 15 29.17 -5.45 25.16
N GLY Q 16 30.07 -6.06 25.94
CA GLY Q 16 31.36 -6.46 25.41
C GLY Q 16 31.30 -7.76 24.66
N SER Q 17 32.42 -8.09 24.02
CA SER Q 17 32.66 -9.44 23.49
C SER Q 17 33.55 -10.27 24.44
N LEU Q 18 33.49 -11.59 24.28
CA LEU Q 18 34.46 -12.51 24.86
C LEU Q 18 34.38 -13.72 23.97
N ARG Q 19 35.47 -14.45 23.86
CA ARG Q 19 35.40 -15.66 23.06
C ARG Q 19 36.13 -16.79 23.77
N LEU Q 20 35.40 -17.84 24.15
CA LEU Q 20 35.96 -18.95 24.95
C LEU Q 20 36.45 -20.07 24.06
N SER Q 21 37.61 -20.63 24.44
CA SER Q 21 38.25 -21.73 23.75
C SER Q 21 38.29 -22.89 24.70
N CYS Q 22 38.26 -24.09 24.11
CA CYS Q 22 38.25 -25.32 24.88
C CYS Q 22 39.14 -26.39 24.23
N ALA Q 23 40.40 -26.49 24.66
CA ALA Q 23 41.33 -27.50 24.16
C ALA Q 23 40.97 -28.84 24.75
N ALA Q 24 40.85 -29.82 23.88
CA ALA Q 24 40.29 -31.15 24.22
C ALA Q 24 41.30 -32.22 23.97
N SER Q 25 41.31 -33.27 24.80
CA SER Q 25 42.34 -34.34 24.73
C SER Q 25 41.84 -35.66 25.29
N GLY Q 26 42.42 -36.77 24.79
CA GLY Q 26 42.05 -38.15 25.16
C GLY Q 26 40.60 -38.66 25.00
N PHE Q 27 39.96 -38.30 23.88
CA PHE Q 27 38.79 -39.03 23.35
C PHE Q 27 38.71 -38.59 21.90
N THR Q 28 38.07 -39.36 21.02
CA THR Q 28 38.09 -38.95 19.61
C THR Q 28 37.13 -37.79 19.41
N PHE Q 29 37.68 -36.59 19.41
CA PHE Q 29 36.91 -35.34 19.48
C PHE Q 29 35.83 -35.24 18.37
N SER Q 30 36.15 -35.73 17.20
CA SER Q 30 35.21 -35.59 16.09
C SER Q 30 34.02 -36.55 16.20
N ALA Q 31 34.04 -37.45 17.19
CA ALA Q 31 32.86 -38.29 17.40
C ALA Q 31 31.83 -37.58 18.29
N TYR Q 32 32.22 -36.48 18.94
CA TYR Q 32 31.40 -35.90 20.00
C TYR Q 32 30.72 -34.62 19.65
N GLY Q 33 29.44 -34.58 19.96
CA GLY Q 33 28.71 -33.37 20.00
C GLY Q 33 29.41 -32.57 21.06
N MET Q 34 29.64 -31.30 20.78
CA MET Q 34 30.29 -30.44 21.74
C MET Q 34 29.35 -29.34 22.22
N GLY Q 35 29.48 -28.92 23.48
CA GLY Q 35 28.53 -27.95 24.00
C GLY Q 35 28.99 -27.09 25.13
N TRP Q 36 28.23 -26.02 25.38
CA TRP Q 36 28.44 -25.19 26.56
C TRP Q 36 27.26 -25.22 27.48
N VAL Q 37 27.56 -25.25 28.78
CA VAL Q 37 26.54 -25.25 29.82
C VAL Q 37 27.16 -24.37 30.84
N ARG Q 38 26.35 -23.46 31.36
CA ARG Q 38 26.83 -22.48 32.30
C ARG Q 38 26.04 -22.54 33.58
N GLN Q 39 26.58 -21.92 34.61
CA GLN Q 39 26.06 -22.02 35.95
C GLN Q 39 26.43 -20.84 36.85
N ALA Q 40 25.57 -19.83 36.77
CA ALA Q 40 25.57 -18.69 37.67
C ALA Q 40 25.68 -19.11 39.15
N PRO Q 41 26.41 -18.34 39.98
CA PRO Q 41 26.55 -18.73 41.39
C PRO Q 41 25.21 -18.85 42.13
N GLY Q 42 25.16 -19.81 43.06
CA GLY Q 42 23.95 -20.17 43.77
C GLY Q 42 23.06 -21.06 42.91
N LYS Q 43 23.06 -20.82 41.60
CA LYS Q 43 22.01 -21.29 40.68
C LYS Q 43 22.26 -22.60 39.93
N GLY Q 44 21.25 -23.01 39.16
CA GLY Q 44 21.25 -24.28 38.47
C GLY Q 44 21.89 -24.29 37.10
N LEU Q 45 22.10 -25.49 36.57
CA LEU Q 45 22.64 -25.67 35.24
C LEU Q 45 21.77 -25.06 34.12
N GLU Q 46 22.41 -24.41 33.15
CA GLU Q 46 21.67 -23.88 32.00
C GLU Q 46 21.71 -24.62 30.67
N TRP Q 47 22.72 -24.43 29.84
CA TRP Q 47 22.71 -24.93 28.40
C TRP Q 47 22.54 -23.79 27.53
N VAL Q 48 23.57 -23.61 26.74
CA VAL Q 48 23.85 -22.36 26.11
C VAL Q 48 23.72 -22.64 24.64
N SER Q 49 24.41 -23.68 24.23
CA SER Q 49 24.52 -24.00 22.86
C SER Q 49 25.20 -25.37 22.76
N SER Q 50 24.96 -26.04 21.65
CA SER Q 50 25.54 -27.33 21.35
C SER Q 50 25.79 -27.38 19.84
N ILE Q 51 26.79 -28.16 19.43
CA ILE Q 51 27.13 -28.36 18.01
C ILE Q 51 27.33 -29.88 17.87
N GLY Q 52 27.10 -30.47 16.71
CA GLY Q 52 27.17 -31.94 16.63
C GLY Q 52 28.45 -32.51 16.01
N SER Q 53 28.54 -33.83 16.06
CA SER Q 53 29.26 -34.72 15.13
C SER Q 53 30.43 -34.38 14.12
N SER Q 54 30.39 -34.49 12.76
CA SER Q 54 29.37 -34.90 11.72
C SER Q 54 28.40 -33.79 11.25
N GLY Q 55 27.33 -34.16 10.52
CA GLY Q 55 26.16 -33.27 10.42
C GLY Q 55 25.58 -32.85 11.78
N GLY Q 56 24.46 -32.14 11.74
CA GLY Q 56 23.83 -31.69 12.98
C GLY Q 56 24.58 -30.52 13.52
N GLY Q 57 24.36 -30.18 14.80
CA GLY Q 57 24.80 -28.89 15.45
C GLY Q 57 24.31 -27.86 14.47
N THR Q 58 24.39 -26.57 14.71
CA THR Q 58 24.48 -25.93 15.97
C THR Q 58 23.04 -25.64 16.42
N ALA Q 59 22.84 -25.46 17.73
CA ALA Q 59 21.63 -24.79 18.20
C ALA Q 59 21.94 -23.90 19.41
N TYR Q 60 21.06 -22.97 19.78
CA TYR Q 60 21.36 -22.10 20.92
C TYR Q 60 20.17 -21.91 21.82
N ALA Q 61 20.43 -21.71 23.11
CA ALA Q 61 19.35 -21.43 24.05
C ALA Q 61 18.70 -20.09 23.75
N ASP Q 62 17.42 -20.02 24.06
CA ASP Q 62 16.66 -18.82 23.76
C ASP Q 62 17.20 -17.57 24.39
N SER Q 63 17.88 -17.72 25.52
CA SER Q 63 18.51 -16.59 26.19
C SER Q 63 19.79 -16.10 25.49
N VAL Q 64 20.26 -16.80 24.46
CA VAL Q 64 21.47 -16.35 23.74
C VAL Q 64 21.30 -16.23 22.20
N LYS Q 65 20.08 -16.47 21.72
CA LYS Q 65 19.68 -16.17 20.36
C LYS Q 65 20.41 -14.99 19.68
N GLY Q 66 21.42 -15.34 18.89
CA GLY Q 66 22.01 -14.39 17.95
C GLY Q 66 23.03 -13.47 18.57
N ARG Q 67 23.32 -13.61 19.85
CA ARG Q 67 24.44 -12.94 20.49
C ARG Q 67 25.64 -13.86 20.40
N PHE Q 68 25.36 -15.15 20.60
CA PHE Q 68 26.36 -16.18 20.76
C PHE Q 68 26.55 -16.97 19.50
N THR Q 69 27.80 -17.37 19.23
CA THR Q 69 28.10 -18.22 18.08
C THR Q 69 29.07 -19.33 18.44
N ILE Q 70 28.62 -20.57 18.32
CA ILE Q 70 29.47 -21.73 18.53
C ILE Q 70 30.23 -22.12 17.26
N SER Q 71 31.43 -22.67 17.40
CA SER Q 71 32.19 -23.22 16.24
C SER Q 71 33.20 -24.30 16.67
N ARG Q 72 33.63 -25.16 15.73
CA ARG Q 72 34.61 -26.19 16.07
C ARG Q 72 35.69 -26.36 15.01
N ASP Q 73 36.91 -26.66 15.44
CA ASP Q 73 38.03 -26.92 14.52
C ASP Q 73 38.67 -28.26 14.96
N ASN Q 74 38.33 -29.37 14.29
CA ASN Q 74 38.83 -30.71 14.71
C ASN Q 74 40.32 -30.86 14.47
N SER Q 75 40.79 -30.28 13.37
CA SER Q 75 42.21 -30.30 13.11
C SER Q 75 42.95 -29.61 14.27
N LYS Q 76 42.22 -29.23 15.29
CA LYS Q 76 42.80 -28.57 16.43
C LYS Q 76 42.21 -29.09 17.76
N ASN Q 77 41.19 -29.94 17.68
CA ASN Q 77 40.52 -30.49 18.86
C ASN Q 77 40.09 -29.36 19.75
N THR Q 78 39.54 -28.30 19.18
CA THR Q 78 39.18 -27.14 19.96
C THR Q 78 37.75 -26.77 19.66
N LEU Q 79 37.05 -26.28 20.68
CA LEU Q 79 35.72 -25.74 20.52
C LEU Q 79 35.65 -24.25 20.87
N TYR Q 80 34.86 -23.50 20.11
CA TYR Q 80 34.78 -22.04 20.30
C TYR Q 80 33.37 -21.56 20.68
N LEU Q 81 33.30 -20.50 21.49
CA LEU Q 81 32.04 -19.80 21.69
C LEU Q 81 32.23 -18.30 21.67
N GLN Q 82 31.85 -17.68 20.56
CA GLN Q 82 31.80 -16.22 20.49
C GLN Q 82 30.59 -15.67 21.23
N MET Q 83 30.86 -14.70 22.10
CA MET Q 83 29.88 -14.18 22.98
C MET Q 83 29.88 -12.68 22.85
N ASN Q 84 28.89 -12.11 22.17
CA ASN Q 84 28.84 -10.64 22.06
C ASN Q 84 27.68 -9.99 22.83
N SER Q 85 27.75 -8.66 23.02
CA SER Q 85 26.66 -7.89 23.64
C SER Q 85 26.29 -8.50 24.98
N LEU Q 86 27.30 -8.79 25.78
CA LEU Q 86 27.10 -9.52 27.03
C LEU Q 86 26.39 -8.69 28.08
N ARG Q 87 25.26 -9.17 28.55
CA ARG Q 87 24.63 -8.53 29.67
C ARG Q 87 24.99 -9.24 30.98
N ALA Q 88 24.73 -8.54 32.09
CA ALA Q 88 24.96 -9.05 33.45
C ALA Q 88 24.40 -10.45 33.66
N GLU Q 89 23.18 -10.67 33.18
CA GLU Q 89 22.56 -11.99 33.11
C GLU Q 89 23.53 -13.14 32.75
N ASP Q 90 24.56 -12.82 31.96
CA ASP Q 90 25.40 -13.85 31.36
C ASP Q 90 26.56 -14.27 32.26
N THR Q 91 26.54 -13.78 33.50
CA THR Q 91 27.60 -13.98 34.48
C THR Q 91 27.53 -15.35 35.13
N ALA Q 92 28.52 -16.18 34.88
CA ALA Q 92 28.44 -17.56 35.31
C ALA Q 92 29.74 -18.31 35.11
N VAL Q 93 29.79 -19.52 35.66
CA VAL Q 93 30.84 -20.41 35.20
C VAL Q 93 30.37 -21.02 33.88
N TYR Q 94 31.25 -21.00 32.89
CA TYR Q 94 30.95 -21.68 31.64
C TYR Q 94 31.78 -22.95 31.58
N TYR Q 95 31.07 -24.05 31.35
CA TYR Q 95 31.64 -25.37 31.22
C TYR Q 95 31.68 -25.85 29.78
N CYS Q 96 32.80 -26.41 29.40
CA CYS Q 96 32.96 -27.06 28.11
C CYS Q 96 32.50 -28.51 28.29
N ALA Q 97 31.69 -29.05 27.38
CA ALA Q 97 31.17 -30.41 27.56
C ALA Q 97 30.86 -31.14 26.29
N GLY Q 98 31.04 -32.47 26.33
CA GLY Q 98 30.77 -33.33 25.17
C GLY Q 98 29.61 -34.31 25.36
N GLU Q 99 28.96 -34.67 24.25
CA GLU Q 99 28.08 -35.84 24.25
C GLU Q 99 28.66 -36.99 23.36
N LEU Q 100 28.69 -38.21 23.92
CA LEU Q 100 29.18 -39.41 23.23
C LEU Q 100 28.47 -39.77 21.92
N LEU Q 101 27.28 -39.22 21.73
CA LEU Q 101 26.44 -39.52 20.58
C LEU Q 101 25.31 -38.53 20.74
N PRO Q 102 24.54 -38.31 19.65
CA PRO Q 102 23.37 -37.45 19.66
C PRO Q 102 22.33 -37.76 20.76
N TYR Q 103 22.04 -36.74 21.56
CA TYR Q 103 20.87 -36.71 22.43
C TYR Q 103 21.13 -37.54 23.67
N TYR Q 104 22.34 -38.08 23.73
CA TYR Q 104 22.91 -38.74 24.89
C TYR Q 104 22.94 -37.88 26.12
N GLY Q 105 23.27 -36.61 25.94
CA GLY Q 105 23.57 -35.77 27.11
C GLY Q 105 25.08 -35.65 27.34
N MET Q 106 25.47 -34.74 28.23
CA MET Q 106 26.86 -34.38 28.39
C MET Q 106 27.58 -35.35 29.31
N ASP Q 107 28.50 -36.13 28.76
CA ASP Q 107 29.17 -37.19 29.52
C ASP Q 107 30.62 -36.92 29.67
N VAL Q 108 31.10 -35.81 29.14
CA VAL Q 108 32.48 -35.36 29.32
C VAL Q 108 32.49 -33.85 29.59
N TRP Q 109 32.90 -33.47 30.78
CA TRP Q 109 32.87 -32.08 31.19
C TRP Q 109 34.24 -31.50 31.48
N GLY Q 110 34.33 -30.18 31.41
CA GLY Q 110 35.54 -29.47 31.74
C GLY Q 110 35.42 -29.13 33.19
N GLN Q 111 36.33 -28.31 33.69
CA GLN Q 111 36.36 -27.92 35.08
C GLN Q 111 35.54 -26.64 35.22
N GLY Q 112 35.38 -25.89 34.13
CA GLY Q 112 34.57 -24.68 34.15
C GLY Q 112 35.41 -23.41 34.09
N THR Q 113 34.86 -22.35 33.51
CA THR Q 113 35.55 -21.07 33.54
C THR Q 113 34.59 -19.91 33.79
N THR Q 114 35.14 -18.84 34.33
CA THR Q 114 34.36 -17.80 34.97
C THR Q 114 34.27 -16.58 34.09
N VAL Q 115 33.04 -16.11 33.92
CA VAL Q 115 32.75 -14.96 33.11
C VAL Q 115 32.01 -13.94 33.98
N THR Q 116 32.64 -12.81 34.26
CA THR Q 116 31.93 -11.77 34.96
C THR Q 116 31.70 -10.65 33.98
N VAL Q 117 30.44 -10.23 33.87
CA VAL Q 117 30.07 -9.07 33.07
C VAL Q 117 29.75 -7.89 33.98
N SER Q 118 30.61 -6.89 33.97
CA SER Q 118 30.52 -5.82 34.95
C SER Q 118 31.21 -4.56 34.49
N SER Q 119 30.80 -3.44 35.06
CA SER Q 119 31.49 -2.18 34.79
C SER Q 119 32.52 -1.87 35.86
N ALA Q 120 32.48 -2.62 36.95
CA ALA Q 120 33.40 -2.43 38.08
C ALA Q 120 34.84 -2.85 37.75
N SER Q 121 35.81 -2.19 38.40
CA SER Q 121 37.23 -2.36 38.07
C SER Q 121 37.76 -3.67 38.64
N THR Q 122 38.66 -4.28 37.87
CA THR Q 122 39.34 -5.52 38.29
C THR Q 122 40.43 -5.22 39.31
N LYS Q 123 40.24 -5.61 40.57
CA LYS Q 123 41.26 -5.30 41.58
C LYS Q 123 42.05 -6.52 41.99
N GLY Q 124 43.35 -6.31 42.15
CA GLY Q 124 44.28 -7.35 42.56
C GLY Q 124 44.34 -7.47 44.07
N PRO Q 125 44.43 -8.72 44.56
CA PRO Q 125 44.39 -9.03 46.00
C PRO Q 125 45.64 -8.63 46.71
N SER Q 126 45.52 -8.45 48.02
CA SER Q 126 46.66 -8.41 48.93
C SER Q 126 46.77 -9.77 49.61
N VAL Q 127 47.98 -10.27 49.80
CA VAL Q 127 48.16 -11.58 50.44
C VAL Q 127 48.90 -11.38 51.75
N PHE Q 128 48.26 -11.75 52.85
CA PHE Q 128 48.90 -11.65 54.16
C PHE Q 128 49.02 -13.03 54.79
N PRO Q 129 50.12 -13.26 55.53
CA PRO Q 129 50.33 -14.53 56.18
C PRO Q 129 49.55 -14.63 57.49
N LEU Q 130 48.75 -15.69 57.65
CA LEU Q 130 48.10 -15.91 58.94
C LEU Q 130 48.98 -16.88 59.71
N ALA Q 131 49.60 -16.38 60.77
CA ALA Q 131 50.66 -17.09 61.42
C ALA Q 131 50.15 -17.89 62.62
N PRO Q 132 50.84 -18.99 62.98
CA PRO Q 132 50.36 -19.97 63.98
C PRO Q 132 50.47 -19.55 65.44
N SER Q 133 49.54 -20.08 66.25
CA SER Q 133 49.44 -19.78 67.69
C SER Q 133 50.30 -20.74 68.51
N SER Q 134 50.63 -20.31 69.71
CA SER Q 134 51.57 -21.04 70.56
C SER Q 134 50.93 -22.14 71.46
N LYS Q 135 49.65 -21.97 71.82
CA LYS Q 135 48.88 -22.93 72.68
C LYS Q 135 48.39 -24.14 71.87
N SER Q 136 47.72 -23.86 70.73
CA SER Q 136 47.64 -24.81 69.60
C SER Q 136 48.78 -25.89 69.79
N THR Q 137 50.00 -25.38 70.09
CA THR Q 137 51.28 -26.16 70.31
C THR Q 137 51.27 -26.99 71.62
N SER Q 138 50.36 -27.96 71.67
CA SER Q 138 50.43 -29.03 72.70
C SER Q 138 51.01 -30.32 72.00
N GLY Q 139 50.24 -31.42 72.01
CA GLY Q 139 50.41 -32.43 70.98
C GLY Q 139 49.46 -31.89 69.92
N GLY Q 140 48.46 -32.69 69.53
CA GLY Q 140 47.52 -32.15 68.59
C GLY Q 140 48.28 -31.35 67.54
N THR Q 141 47.96 -30.06 67.42
CA THR Q 141 47.74 -29.46 66.07
C THR Q 141 47.91 -27.95 65.94
N ALA Q 142 48.24 -27.47 64.75
CA ALA Q 142 48.41 -26.04 64.56
C ALA Q 142 47.72 -25.41 63.32
N ALA Q 143 47.20 -24.19 63.49
CA ALA Q 143 46.53 -23.54 62.37
C ALA Q 143 47.35 -22.45 61.75
N LEU Q 144 47.60 -22.55 60.45
CA LEU Q 144 48.33 -21.53 59.72
C LEU Q 144 47.64 -21.31 58.37
N GLY Q 145 47.72 -20.10 57.85
CA GLY Q 145 46.88 -19.69 56.72
C GLY Q 145 47.40 -18.62 55.77
N CYS Q 146 46.54 -18.22 54.84
CA CYS Q 146 46.80 -17.10 53.97
C CYS Q 146 45.54 -16.30 53.89
N LEU Q 147 45.64 -15.00 54.15
CA LEU Q 147 44.51 -14.15 53.94
C LEU Q 147 44.75 -13.51 52.61
N VAL Q 148 43.87 -13.84 51.68
CA VAL Q 148 43.84 -13.24 50.36
C VAL Q 148 42.74 -12.19 50.45
N LYS Q 149 43.19 -10.95 50.43
CA LYS Q 149 42.39 -9.80 50.80
C LYS Q 149 41.98 -9.01 49.56
N ASP Q 150 40.69 -8.68 49.49
CA ASP Q 150 40.12 -7.68 48.55
C ASP Q 150 40.51 -7.87 47.07
N TYR Q 151 39.77 -8.73 46.38
CA TYR Q 151 40.02 -8.97 44.97
C TYR Q 151 38.72 -8.93 44.15
N PHE Q 152 38.79 -8.40 42.92
CA PHE Q 152 37.67 -8.52 41.95
C PHE Q 152 38.03 -9.33 40.68
N PRO Q 153 36.98 -9.97 40.08
CA PRO Q 153 36.40 -11.29 40.00
C PRO Q 153 36.95 -12.46 40.81
N GLU Q 154 36.02 -13.26 41.32
CA GLU Q 154 36.22 -14.67 41.51
C GLU Q 154 36.65 -15.24 40.16
N PRO Q 155 37.54 -16.23 40.14
CA PRO Q 155 38.12 -16.85 41.29
C PRO Q 155 39.56 -16.43 41.55
N VAL Q 156 40.03 -16.79 42.74
CA VAL Q 156 41.41 -16.87 43.08
C VAL Q 156 41.76 -18.35 43.22
N THR Q 157 43.00 -18.72 42.90
CA THR Q 157 43.52 -20.08 43.15
C THR Q 157 44.57 -20.10 44.25
N VAL Q 158 44.45 -21.00 45.22
CA VAL Q 158 45.49 -21.18 46.26
C VAL Q 158 45.90 -22.63 46.36
N SER Q 159 47.19 -22.86 46.09
CA SER Q 159 47.91 -24.07 46.46
C SER Q 159 48.84 -23.76 47.62
N TRP Q 160 49.42 -24.79 48.24
CA TRP Q 160 50.51 -24.63 49.21
C TRP Q 160 51.80 -25.38 48.78
N ASN Q 161 52.94 -24.68 48.86
CA ASN Q 161 54.23 -25.28 48.58
C ASN Q 161 54.26 -25.89 47.21
N SER Q 162 53.79 -25.08 46.25
CA SER Q 162 53.47 -25.50 44.89
C SER Q 162 52.73 -26.84 44.85
N GLY Q 163 51.55 -26.85 45.48
CA GLY Q 163 50.70 -28.03 45.52
C GLY Q 163 51.32 -29.38 45.81
N ALA Q 164 52.28 -29.42 46.74
CA ALA Q 164 52.84 -30.69 47.19
C ALA Q 164 52.17 -31.07 48.49
N LEU Q 165 51.90 -30.07 49.31
CA LEU Q 165 51.08 -30.13 50.53
C LEU Q 165 49.55 -30.13 50.27
N THR Q 166 48.93 -31.27 50.54
CA THR Q 166 47.54 -31.53 50.20
C THR Q 166 46.71 -31.80 51.45
N SER Q 167 47.34 -32.46 52.42
CA SER Q 167 46.63 -32.97 53.57
C SER Q 167 46.29 -31.87 54.60
N GLY Q 168 45.01 -31.84 54.99
CA GLY Q 168 44.50 -30.83 55.90
C GLY Q 168 44.74 -29.41 55.46
N VAL Q 169 44.56 -29.16 54.17
CA VAL Q 169 44.47 -27.82 53.63
C VAL Q 169 42.99 -27.64 53.50
N HIS Q 170 42.53 -26.45 53.88
CA HIS Q 170 41.15 -26.05 53.68
C HIS Q 170 41.10 -24.62 53.15
N THR Q 171 40.87 -24.48 51.84
CA THR Q 171 40.67 -23.14 51.32
C THR Q 171 39.23 -22.78 51.49
N PHE Q 172 38.97 -21.59 52.01
CA PHE Q 172 37.63 -21.36 52.43
C PHE Q 172 36.83 -20.70 51.34
N PRO Q 173 35.55 -21.01 51.22
CA PRO Q 173 34.72 -20.18 50.36
C PRO Q 173 34.92 -18.75 50.76
N ALA Q 174 34.95 -17.92 49.74
CA ALA Q 174 35.26 -16.51 49.82
C ALA Q 174 34.06 -15.72 50.36
N VAL Q 175 34.30 -14.49 50.78
CA VAL Q 175 33.19 -13.63 51.16
C VAL Q 175 33.11 -12.47 50.18
N LEU Q 176 31.89 -11.97 50.05
CA LEU Q 176 31.60 -10.81 49.24
C LEU Q 176 31.03 -9.78 50.16
N GLN Q 177 31.90 -8.85 50.54
CA GLN Q 177 31.56 -7.74 51.41
C GLN Q 177 30.85 -6.65 50.58
N SER Q 178 30.26 -5.64 51.23
CA SER Q 178 29.55 -4.59 50.48
C SER Q 178 30.45 -3.70 49.58
N SER Q 179 31.74 -3.67 49.83
CA SER Q 179 32.70 -2.98 48.95
C SER Q 179 32.64 -3.54 47.53
N GLY Q 180 32.05 -4.73 47.40
CA GLY Q 180 31.93 -5.37 46.13
C GLY Q 180 33.21 -6.12 45.81
N LEU Q 181 34.06 -6.28 46.82
CA LEU Q 181 35.26 -7.09 46.67
C LEU Q 181 35.27 -8.34 47.57
N TYR Q 182 36.10 -9.30 47.18
CA TYR Q 182 36.20 -10.57 47.92
C TYR Q 182 37.48 -10.70 48.72
N SER Q 183 37.34 -11.39 49.84
CA SER Q 183 38.44 -11.95 50.59
C SER Q 183 38.16 -13.45 50.72
N LEU Q 184 39.21 -14.26 50.68
CA LEU Q 184 39.11 -15.62 51.18
C LEU Q 184 40.34 -15.89 52.05
N SER Q 185 40.50 -17.13 52.50
CA SER Q 185 41.67 -17.57 53.24
C SER Q 185 41.74 -19.06 53.11
N SER Q 186 42.91 -19.57 52.74
CA SER Q 186 43.17 -20.97 52.74
C SER Q 186 43.88 -21.23 54.04
N VAL Q 187 43.54 -22.34 54.73
CA VAL Q 187 44.32 -22.74 55.94
C VAL Q 187 44.82 -24.20 55.99
N VAL Q 188 45.99 -24.41 56.53
CA VAL Q 188 46.49 -25.74 56.60
C VAL Q 188 46.61 -26.08 58.07
N THR Q 189 46.22 -27.29 58.46
CA THR Q 189 46.34 -27.57 59.85
C THR Q 189 47.28 -28.74 59.99
N VAL Q 190 48.37 -28.49 60.69
CA VAL Q 190 49.48 -29.41 60.69
C VAL Q 190 49.82 -29.71 62.11
N PRO Q 191 50.56 -30.81 62.35
CA PRO Q 191 51.08 -31.14 63.68
C PRO Q 191 51.96 -30.02 64.24
N SER Q 192 51.74 -29.69 65.51
CA SER Q 192 52.54 -28.68 66.23
C SER Q 192 54.05 -28.86 66.18
N SER Q 193 54.53 -30.10 66.20
CA SER Q 193 55.98 -30.30 66.23
C SER Q 193 56.69 -30.04 64.90
N SER Q 194 55.90 -29.78 63.85
CA SER Q 194 56.46 -29.52 62.54
C SER Q 194 56.35 -28.05 62.11
N LEU Q 195 55.81 -27.21 62.99
CA LEU Q 195 55.96 -25.77 62.85
C LEU Q 195 57.41 -25.33 62.83
N GLY Q 196 58.24 -26.07 63.55
CA GLY Q 196 59.64 -25.79 63.64
C GLY Q 196 60.50 -26.64 62.74
N THR Q 197 59.88 -27.48 61.92
CA THR Q 197 60.62 -28.29 60.96
C THR Q 197 60.24 -28.07 59.49
N GLN Q 198 58.96 -27.84 59.19
CA GLN Q 198 58.53 -27.71 57.79
C GLN Q 198 58.43 -26.27 57.37
N THR Q 199 58.44 -26.06 56.06
CA THR Q 199 58.38 -24.74 55.52
C THR Q 199 57.02 -24.58 54.84
N TYR Q 200 56.34 -23.46 55.09
CA TYR Q 200 54.99 -23.26 54.52
C TYR Q 200 54.82 -22.01 53.67
N ILE Q 201 54.65 -22.21 52.37
CA ILE Q 201 54.39 -21.15 51.39
C ILE Q 201 53.02 -21.35 50.72
N CYS Q 202 52.23 -20.28 50.63
CA CYS Q 202 50.98 -20.35 49.84
C CYS Q 202 51.06 -19.55 48.55
N ASN Q 203 50.60 -20.19 47.49
CA ASN Q 203 50.74 -19.67 46.15
C ASN Q 203 49.36 -19.21 45.69
N VAL Q 204 49.23 -17.88 45.59
CA VAL Q 204 47.97 -17.25 45.25
C VAL Q 204 47.95 -16.82 43.80
N ASN Q 205 46.93 -17.28 43.10
CA ASN Q 205 46.79 -16.96 41.69
C ASN Q 205 45.48 -16.25 41.41
N HIS Q 206 45.57 -15.14 40.68
CA HIS Q 206 44.41 -14.35 40.29
C HIS Q 206 44.55 -13.95 38.82
N LYS Q 207 44.23 -14.90 37.94
CA LYS Q 207 44.45 -14.75 36.49
C LYS Q 207 43.99 -13.41 35.91
N PRO Q 208 42.80 -12.91 36.30
CA PRO Q 208 42.35 -11.64 35.77
C PRO Q 208 43.10 -10.39 36.20
N SER Q 209 44.02 -10.45 37.15
CA SER Q 209 44.86 -9.27 37.43
C SER Q 209 46.36 -9.56 37.39
N ASN Q 210 46.71 -10.73 36.86
CA ASN Q 210 48.09 -11.20 36.76
C ASN Q 210 48.83 -11.23 38.06
N THR Q 211 48.10 -11.59 39.12
CA THR Q 211 48.55 -11.48 40.49
C THR Q 211 48.90 -12.89 40.99
N LYS Q 212 50.15 -13.27 40.75
CA LYS Q 212 50.74 -14.50 41.24
C LYS Q 212 51.62 -14.10 42.42
N VAL Q 213 51.48 -14.76 43.58
CA VAL Q 213 52.21 -14.39 44.80
C VAL Q 213 52.47 -15.65 45.66
N ASP Q 214 53.70 -15.80 46.11
CA ASP Q 214 54.10 -16.93 46.96
C ASP Q 214 54.36 -16.33 48.37
N LYS Q 215 53.56 -16.70 49.36
CA LYS Q 215 53.72 -16.10 50.68
C LYS Q 215 54.23 -17.11 51.67
N LYS Q 216 55.31 -16.76 52.37
CA LYS Q 216 55.88 -17.63 53.39
C LYS Q 216 55.13 -17.44 54.67
N VAL Q 217 54.60 -18.51 55.22
CA VAL Q 217 54.00 -18.42 56.53
C VAL Q 217 54.92 -19.01 57.56
N GLU Q 218 55.34 -18.12 58.45
CA GLU Q 218 56.42 -18.37 59.36
C GLU Q 218 55.96 -17.87 60.70
N PRO Q 219 56.25 -18.63 61.76
CA PRO Q 219 55.91 -18.25 63.13
C PRO Q 219 56.42 -16.87 63.50
N LYS Q 220 55.48 -16.02 63.96
CA LYS Q 220 55.73 -14.62 64.34
C LYS Q 220 56.70 -14.62 65.51
N GLU R 1 -20.81 32.59 -13.42
CA GLU R 1 -20.08 31.38 -13.88
C GLU R 1 -19.41 30.66 -12.72
N VAL R 2 -19.53 29.34 -12.76
CA VAL R 2 -18.80 28.38 -11.95
C VAL R 2 -17.36 28.23 -12.50
N GLN R 3 -16.39 28.68 -11.74
CA GLN R 3 -15.00 28.63 -12.11
C GLN R 3 -14.26 27.75 -11.13
N LEU R 4 -13.48 26.82 -11.67
CA LEU R 4 -12.40 26.17 -10.98
C LEU R 4 -11.17 26.37 -11.84
N LEU R 5 -9.99 26.44 -11.27
CA LEU R 5 -8.91 27.07 -12.03
C LEU R 5 -7.57 26.49 -11.61
N GLU R 6 -7.23 25.37 -12.21
CA GLU R 6 -6.04 24.58 -11.85
C GLU R 6 -4.76 25.29 -12.09
N SER R 7 -3.77 25.03 -11.26
CA SER R 7 -2.54 25.79 -11.32
C SER R 7 -1.37 24.99 -10.73
N GLY R 8 -0.15 25.26 -11.18
CA GLY R 8 1.00 24.54 -10.65
C GLY R 8 1.24 23.21 -11.35
N GLY R 9 0.60 23.00 -12.48
CA GLY R 9 0.95 21.82 -13.27
C GLY R 9 2.38 21.93 -13.82
N GLY R 10 2.75 21.07 -14.75
CA GLY R 10 4.00 21.30 -15.42
C GLY R 10 4.87 20.09 -15.64
N LEU R 11 6.16 20.38 -15.71
CA LEU R 11 7.17 19.43 -16.03
C LEU R 11 7.93 19.26 -14.76
N VAL R 12 8.14 17.99 -14.41
CA VAL R 12 8.94 17.59 -13.29
C VAL R 12 9.60 16.27 -13.66
N GLN R 13 10.78 16.06 -13.09
CA GLN R 13 11.53 14.81 -13.22
C GLN R 13 10.96 13.68 -12.38
N PRO R 14 11.09 12.43 -12.86
CA PRO R 14 10.67 11.28 -12.09
C PRO R 14 11.31 11.28 -10.72
N GLY R 15 10.46 11.24 -9.69
CA GLY R 15 10.88 11.38 -8.34
C GLY R 15 10.49 12.72 -7.73
N GLY R 16 10.11 13.68 -8.58
CA GLY R 16 9.88 15.06 -8.13
C GLY R 16 8.54 15.35 -7.52
N SER R 17 8.36 16.62 -7.14
CA SER R 17 7.10 17.04 -6.56
C SER R 17 6.43 18.25 -7.21
N LEU R 18 5.09 18.26 -7.15
CA LEU R 18 4.24 19.41 -7.50
C LEU R 18 3.10 19.61 -6.49
N ARG R 19 2.77 20.88 -6.24
CA ARG R 19 1.59 21.26 -5.42
C ARG R 19 0.49 21.78 -6.36
N LEU R 20 -0.23 20.86 -6.98
CA LEU R 20 -1.38 21.28 -7.78
C LEU R 20 -2.29 22.15 -6.91
N SER R 21 -2.88 23.16 -7.51
CA SER R 21 -3.72 24.12 -6.79
C SER R 21 -4.95 24.63 -7.59
N CYS R 22 -6.12 24.53 -6.98
CA CYS R 22 -7.37 24.86 -7.65
C CYS R 22 -8.15 25.97 -6.95
N ALA R 23 -8.73 26.89 -7.70
CA ALA R 23 -9.29 28.15 -7.11
C ALA R 23 -10.73 28.30 -7.52
N ALA R 24 -11.63 28.32 -6.54
CA ALA R 24 -13.04 28.27 -6.86
C ALA R 24 -13.81 29.57 -6.66
N SER R 25 -14.83 29.74 -7.50
CA SER R 25 -15.79 30.87 -7.42
C SER R 25 -17.07 30.50 -8.15
N GLY R 26 -18.20 31.06 -7.72
CA GLY R 26 -19.50 30.62 -8.24
C GLY R 26 -20.23 29.97 -7.11
N PHE R 27 -20.32 28.65 -7.13
CA PHE R 27 -21.02 27.88 -6.08
C PHE R 27 -20.45 28.08 -4.69
N THR R 28 -21.06 27.43 -3.70
CA THR R 28 -20.63 27.51 -2.29
C THR R 28 -19.56 26.46 -1.97
N PHE R 29 -18.31 26.89 -2.07
CA PHE R 29 -17.18 25.98 -1.81
C PHE R 29 -17.53 25.16 -0.57
N SER R 30 -17.77 25.82 0.56
CA SER R 30 -18.27 25.23 1.83
C SER R 30 -18.91 23.85 1.80
N ALA R 31 -20.03 23.74 1.07
CA ALA R 31 -20.73 22.46 0.89
C ALA R 31 -19.76 21.62 0.08
N TYR R 32 -20.17 20.92 -0.94
CA TYR R 32 -19.13 20.53 -1.88
C TYR R 32 -17.90 19.61 -1.50
N GLY R 33 -17.87 18.43 -2.12
CA GLY R 33 -16.78 17.51 -1.91
C GLY R 33 -15.79 17.73 -3.02
N MET R 34 -14.74 18.49 -2.80
CA MET R 34 -13.81 18.72 -3.91
C MET R 34 -13.00 17.44 -4.28
N GLY R 35 -12.39 17.39 -5.45
CA GLY R 35 -11.60 16.21 -5.78
C GLY R 35 -10.77 16.40 -7.03
N TRP R 36 -9.88 15.47 -7.31
CA TRP R 36 -9.05 15.50 -8.48
C TRP R 36 -9.34 14.23 -9.27
N VAL R 37 -9.45 14.42 -10.59
CA VAL R 37 -9.62 13.35 -11.53
C VAL R 37 -8.59 13.59 -12.57
N ARG R 38 -7.88 12.56 -12.98
CA ARG R 38 -6.82 12.78 -13.92
C ARG R 38 -7.08 12.00 -15.11
N GLN R 39 -6.40 12.35 -16.21
CA GLN R 39 -6.63 11.75 -17.54
C GLN R 39 -5.41 11.78 -18.47
N ALA R 40 -4.79 10.62 -18.69
CA ALA R 40 -3.57 10.53 -19.51
C ALA R 40 -3.93 10.67 -20.99
N PRO R 41 -3.01 11.22 -21.82
CA PRO R 41 -3.35 11.51 -23.22
C PRO R 41 -3.91 10.29 -23.95
N GLY R 42 -5.12 10.40 -24.48
CA GLY R 42 -5.71 9.34 -25.31
C GLY R 42 -6.34 8.21 -24.48
N LYS R 43 -6.40 8.38 -23.16
CA LYS R 43 -6.77 7.30 -22.24
C LYS R 43 -8.00 7.70 -21.44
N GLY R 44 -8.55 6.79 -20.63
CA GLY R 44 -9.77 7.07 -19.86
C GLY R 44 -9.53 7.87 -18.61
N LEU R 45 -10.53 8.03 -17.77
CA LEU R 45 -10.35 8.91 -16.63
C LEU R 45 -10.05 8.18 -15.28
N GLU R 46 -9.38 8.88 -14.35
CA GLU R 46 -8.94 8.22 -13.15
C GLU R 46 -9.57 8.45 -11.79
N TRP R 47 -9.63 9.65 -11.28
CA TRP R 47 -9.95 9.78 -9.83
C TRP R 47 -8.73 9.47 -8.99
N VAL R 48 -8.15 10.55 -8.51
CA VAL R 48 -6.94 10.57 -7.81
C VAL R 48 -7.18 10.73 -6.32
N SER R 49 -8.20 11.54 -5.97
CA SER R 49 -8.77 11.52 -4.63
C SER R 49 -9.79 12.63 -4.41
N SER R 50 -10.39 12.66 -3.22
CA SER R 50 -11.51 13.51 -2.93
C SER R 50 -11.45 13.80 -1.45
N ILE R 51 -12.10 14.88 -1.05
CA ILE R 51 -12.05 15.34 0.35
C ILE R 51 -13.39 15.91 0.63
N GLY R 52 -14.14 15.26 1.51
CA GLY R 52 -15.53 15.60 1.67
C GLY R 52 -15.72 17.02 2.17
N SER R 53 -16.90 17.57 2.04
CA SER R 53 -17.15 18.80 2.78
C SER R 53 -17.30 18.46 4.25
N SER R 54 -17.41 19.49 5.07
CA SER R 54 -17.64 19.39 6.50
C SER R 54 -17.02 18.14 7.13
N GLY R 55 -15.75 17.96 6.88
CA GLY R 55 -15.15 16.72 7.37
C GLY R 55 -15.81 15.34 7.12
N GLY R 56 -16.01 14.98 5.85
CA GLY R 56 -16.02 13.56 5.50
C GLY R 56 -14.57 13.17 5.79
N GLY R 57 -13.79 12.97 4.77
CA GLY R 57 -12.40 13.05 5.02
C GLY R 57 -11.81 12.85 3.68
N THR R 58 -10.56 12.43 3.67
CA THR R 58 -9.85 12.28 2.44
C THR R 58 -9.65 10.79 2.12
N ALA R 59 -9.92 10.41 0.88
CA ALA R 59 -9.57 9.10 0.39
C ALA R 59 -8.70 9.28 -0.88
N TYR R 60 -7.98 8.22 -1.28
CA TYR R 60 -7.04 8.30 -2.40
C TYR R 60 -7.09 7.11 -3.35
N ALA R 61 -6.94 7.36 -4.65
CA ALA R 61 -6.84 6.24 -5.59
C ALA R 61 -5.68 5.35 -5.20
N ASP R 62 -5.91 4.05 -5.29
CA ASP R 62 -4.90 3.06 -4.96
C ASP R 62 -3.58 3.26 -5.67
N SER R 63 -3.60 3.76 -6.88
CA SER R 63 -2.36 3.99 -7.56
C SER R 63 -1.58 5.21 -7.01
N VAL R 64 -2.21 6.12 -6.24
CA VAL R 64 -1.45 7.28 -5.74
C VAL R 64 -1.21 7.29 -4.22
N LYS R 65 -1.59 6.18 -3.55
CA LYS R 65 -1.47 6.02 -2.09
C LYS R 65 -0.10 6.38 -1.62
N GLY R 66 0.00 6.98 -0.42
CA GLY R 66 1.29 7.30 0.24
C GLY R 66 2.12 8.43 -0.36
N ARG R 67 1.69 8.93 -1.54
CA ARG R 67 2.47 9.90 -2.32
C ARG R 67 1.73 11.22 -2.54
N PHE R 68 0.44 11.28 -2.25
CA PHE R 68 -0.32 12.45 -2.57
C PHE R 68 -1.05 12.88 -1.37
N THR R 69 -1.08 14.17 -1.10
CA THR R 69 -1.90 14.63 -0.01
C THR R 69 -2.82 15.63 -0.61
N ILE R 70 -4.11 15.48 -0.33
CA ILE R 70 -5.13 16.41 -0.81
C ILE R 70 -5.42 17.30 0.33
N SER R 71 -5.65 18.59 0.07
CA SER R 71 -6.20 19.46 1.13
C SER R 71 -7.11 20.60 0.66
N ARG R 72 -7.74 21.29 1.61
CA ARG R 72 -8.56 22.45 1.29
C ARG R 72 -8.49 23.58 2.27
N ASP R 73 -8.36 24.79 1.77
CA ASP R 73 -8.48 25.91 2.66
C ASP R 73 -9.70 26.71 2.24
N ASN R 74 -10.78 26.51 2.98
CA ASN R 74 -12.05 27.20 2.71
C ASN R 74 -12.06 28.73 2.73
N SER R 75 -11.28 29.30 3.64
CA SER R 75 -11.21 30.73 3.82
C SER R 75 -10.63 31.44 2.60
N LYS R 76 -10.26 30.65 1.60
CA LYS R 76 -9.80 31.25 0.36
C LYS R 76 -10.23 30.34 -0.83
N ASN R 77 -11.34 29.64 -0.59
CA ASN R 77 -11.95 28.73 -1.56
C ASN R 77 -10.97 28.00 -2.42
N THR R 78 -9.92 27.47 -1.82
CA THR R 78 -8.91 26.79 -2.62
C THR R 78 -8.82 25.29 -2.28
N LEU R 79 -8.42 24.50 -3.27
CA LEU R 79 -8.13 23.06 -3.13
C LEU R 79 -6.71 22.77 -3.56
N TYR R 80 -6.05 21.86 -2.86
CA TYR R 80 -4.68 21.47 -3.22
C TYR R 80 -4.46 19.97 -3.43
N LEU R 81 -3.40 19.64 -4.16
CA LEU R 81 -2.95 18.29 -4.21
C LEU R 81 -1.45 18.34 -4.21
N GLN R 82 -0.86 17.90 -3.11
CA GLN R 82 0.59 17.79 -3.03
C GLN R 82 0.99 16.42 -3.53
N MET R 83 1.78 16.40 -4.60
CA MET R 83 2.21 15.16 -5.22
C MET R 83 3.73 14.96 -5.05
N ASN R 84 4.12 14.02 -4.20
CA ASN R 84 5.51 13.68 -4.03
C ASN R 84 5.81 12.42 -4.75
N SER R 85 7.07 12.18 -5.14
CA SER R 85 7.49 10.87 -5.70
C SER R 85 6.86 10.50 -7.02
N LEU R 86 6.62 11.50 -7.87
CA LEU R 86 5.94 11.30 -9.13
C LEU R 86 6.67 10.31 -10.03
N ARG R 87 5.91 9.58 -10.83
CA ARG R 87 6.47 8.66 -11.81
C ARG R 87 5.93 9.03 -13.20
N ALA R 88 6.57 8.51 -14.25
CA ALA R 88 5.99 8.73 -15.60
C ALA R 88 4.46 8.44 -15.62
N GLU R 89 4.02 7.30 -15.07
CA GLU R 89 2.59 6.93 -15.02
C GLU R 89 1.68 8.00 -14.45
N ASP R 90 2.21 9.01 -13.77
CA ASP R 90 1.41 10.12 -13.26
C ASP R 90 1.28 11.26 -14.27
N THR R 91 1.94 11.12 -15.46
CA THR R 91 1.88 12.10 -16.55
C THR R 91 0.45 12.13 -16.91
N ALA R 92 -0.19 13.30 -16.83
CA ALA R 92 -1.58 13.48 -17.34
C ALA R 92 -2.19 14.91 -17.23
N VAL R 93 -3.49 15.02 -17.53
CA VAL R 93 -4.26 16.24 -17.25
C VAL R 93 -4.96 16.14 -15.91
N TYR R 94 -4.73 17.06 -15.01
CA TYR R 94 -5.45 16.96 -13.76
C TYR R 94 -6.64 17.95 -13.80
N TYR R 95 -7.85 17.41 -13.65
CA TYR R 95 -9.00 18.24 -13.45
C TYR R 95 -9.31 18.41 -11.99
N CYS R 96 -9.43 19.64 -11.54
CA CYS R 96 -10.12 19.97 -10.31
C CYS R 96 -11.64 19.73 -10.51
N ALA R 97 -12.33 19.09 -9.57
CA ALA R 97 -13.78 18.86 -9.70
C ALA R 97 -14.42 18.71 -8.35
N GLY R 98 -15.75 18.88 -8.29
CA GLY R 98 -16.49 18.88 -6.98
C GLY R 98 -17.83 18.17 -7.00
N GLU R 99 -18.30 17.76 -5.82
CA GLU R 99 -19.65 17.20 -5.74
C GLU R 99 -20.70 17.96 -4.88
N LEU R 100 -21.91 18.07 -5.40
CA LEU R 100 -22.91 18.86 -4.73
C LEU R 100 -23.18 18.25 -3.33
N LEU R 101 -23.21 16.93 -3.29
CA LEU R 101 -23.44 16.17 -2.06
C LEU R 101 -22.44 15.05 -2.07
N PRO R 102 -22.25 14.41 -0.88
CA PRO R 102 -21.40 13.22 -0.85
C PRO R 102 -21.99 12.16 -1.73
N TYR R 103 -21.16 11.58 -2.60
CA TYR R 103 -21.42 10.38 -3.38
C TYR R 103 -22.26 10.69 -4.56
N TYR R 104 -22.42 11.99 -4.76
CA TYR R 104 -23.23 12.55 -5.85
C TYR R 104 -22.58 12.34 -7.23
N GLY R 105 -21.25 12.34 -7.25
CA GLY R 105 -20.52 12.49 -8.48
C GLY R 105 -20.16 13.96 -8.73
N MET R 106 -19.07 14.16 -9.46
CA MET R 106 -18.55 15.46 -9.76
C MET R 106 -19.47 16.27 -10.71
N ASP R 107 -20.26 17.19 -10.13
CA ASP R 107 -21.15 18.02 -11.01
C ASP R 107 -20.39 19.19 -11.60
N VAL R 108 -19.43 19.70 -10.86
CA VAL R 108 -18.72 20.88 -11.24
C VAL R 108 -17.24 20.52 -11.57
N TRP R 109 -16.74 21.03 -12.70
CA TRP R 109 -15.41 20.68 -13.21
C TRP R 109 -14.62 21.89 -13.72
N GLY R 110 -13.31 21.88 -13.50
CA GLY R 110 -12.38 22.83 -14.09
C GLY R 110 -12.04 22.42 -15.51
N GLN R 111 -11.13 23.14 -16.17
CA GLN R 111 -10.78 22.84 -17.57
C GLN R 111 -9.47 22.02 -17.63
N GLY R 112 -8.97 21.62 -16.47
CA GLY R 112 -7.76 20.83 -16.44
C GLY R 112 -6.43 21.58 -16.58
N THR R 113 -5.39 20.96 -16.03
CA THR R 113 -4.00 21.37 -16.18
C THR R 113 -3.07 20.13 -16.43
N THR R 114 -1.99 20.32 -17.22
CA THR R 114 -1.15 19.19 -17.61
C THR R 114 0.00 18.95 -16.67
N VAL R 115 0.23 17.69 -16.33
CA VAL R 115 1.37 17.33 -15.52
C VAL R 115 2.23 16.36 -16.28
N THR R 116 3.48 16.75 -16.47
CA THR R 116 4.37 15.93 -17.24
C THR R 116 5.47 15.43 -16.35
N VAL R 117 5.55 14.11 -16.21
CA VAL R 117 6.63 13.58 -15.41
C VAL R 117 7.57 12.95 -16.38
N SER R 118 8.74 13.56 -16.55
CA SER R 118 9.67 13.11 -17.59
C SER R 118 11.07 13.62 -17.27
N SER R 119 12.08 13.04 -17.86
CA SER R 119 13.35 13.64 -17.58
C SER R 119 13.90 14.35 -18.79
N ALA R 120 13.09 14.45 -19.85
CA ALA R 120 13.46 15.35 -20.94
C ALA R 120 13.30 16.83 -20.50
N SER R 121 14.21 17.68 -20.96
CA SER R 121 14.23 19.12 -20.70
C SER R 121 13.08 19.79 -21.40
N THR R 122 12.51 20.83 -20.81
CA THR R 122 11.55 21.64 -21.54
C THR R 122 12.25 22.22 -22.75
N LYS R 123 11.47 22.56 -23.79
CA LYS R 123 11.96 23.33 -24.98
C LYS R 123 10.94 24.36 -25.49
N GLY R 124 11.32 25.62 -25.61
CA GLY R 124 10.40 26.59 -26.17
C GLY R 124 10.19 26.33 -27.67
N PRO R 125 9.05 26.78 -28.22
CA PRO R 125 8.88 26.69 -29.65
C PRO R 125 9.48 27.87 -30.37
N SER R 126 9.89 27.65 -31.62
CA SER R 126 10.19 28.72 -32.51
C SER R 126 8.84 29.04 -33.09
N VAL R 127 8.60 30.30 -33.41
CA VAL R 127 7.34 30.65 -34.06
C VAL R 127 7.53 31.41 -35.39
N PHE R 128 7.11 30.76 -36.47
CA PHE R 128 7.26 31.32 -37.82
C PHE R 128 5.87 31.64 -38.41
N PRO R 129 5.73 32.73 -39.20
CA PRO R 129 4.43 33.06 -39.78
C PRO R 129 4.11 32.30 -41.03
N LEU R 130 2.85 31.94 -41.20
CA LEU R 130 2.43 31.39 -42.48
C LEU R 130 1.61 32.45 -43.15
N ALA R 131 2.22 33.09 -44.15
CA ALA R 131 1.64 34.24 -44.81
C ALA R 131 0.64 33.75 -45.84
N PRO R 132 -0.38 34.58 -46.16
CA PRO R 132 -1.43 34.12 -47.06
C PRO R 132 -0.99 34.26 -48.52
N SER R 133 -1.48 33.41 -49.41
CA SER R 133 -1.15 33.56 -50.84
C SER R 133 -2.11 34.51 -51.56
N SER R 134 -1.93 34.60 -52.87
CA SER R 134 -2.86 35.31 -53.74
C SER R 134 -3.46 34.41 -54.87
N LYS R 135 -3.69 33.13 -54.54
CA LYS R 135 -4.44 32.15 -55.41
C LYS R 135 -5.84 31.67 -54.85
N SER R 136 -6.01 31.70 -53.52
CA SER R 136 -7.34 31.85 -52.86
C SER R 136 -7.64 33.36 -52.50
N THR R 137 -7.53 34.23 -53.52
CA THR R 137 -7.98 35.63 -53.55
C THR R 137 -9.02 35.78 -54.69
N SER R 138 -9.32 34.62 -55.33
CA SER R 138 -10.49 34.42 -56.19
C SER R 138 -11.77 34.31 -55.34
N GLY R 139 -11.85 33.25 -54.51
CA GLY R 139 -13.00 32.98 -53.63
C GLY R 139 -13.02 33.77 -52.33
N GLY R 140 -12.71 35.07 -52.47
CA GLY R 140 -12.69 36.10 -51.40
C GLY R 140 -12.60 35.73 -49.93
N THR R 141 -11.58 34.95 -49.58
CA THR R 141 -11.39 34.38 -48.24
C THR R 141 -10.02 33.72 -48.16
N ALA R 142 -9.16 34.18 -47.27
CA ALA R 142 -7.82 33.58 -47.15
C ALA R 142 -7.41 33.26 -45.71
N ALA R 143 -6.28 32.57 -45.57
CA ALA R 143 -5.65 32.25 -44.27
C ALA R 143 -4.24 31.75 -44.58
N LEU R 144 -3.12 32.09 -43.90
CA LEU R 144 -2.88 32.88 -42.65
C LEU R 144 -3.35 32.19 -41.40
N GLY R 145 -2.46 31.80 -40.46
CA GLY R 145 -1.07 32.24 -40.30
C GLY R 145 -0.06 31.44 -39.42
N CYS R 146 -0.20 31.36 -38.08
CA CYS R 146 0.97 30.94 -37.22
C CYS R 146 1.52 29.50 -37.12
N LEU R 147 2.82 29.31 -37.34
CA LEU R 147 3.45 28.00 -37.15
C LEU R 147 4.29 27.85 -35.88
N VAL R 148 4.01 26.82 -35.08
CA VAL R 148 4.73 26.61 -33.82
C VAL R 148 5.63 25.38 -33.81
N LYS R 149 6.94 25.62 -33.84
CA LYS R 149 7.90 24.57 -34.17
C LYS R 149 8.66 24.10 -32.94
N ASP R 150 8.70 22.78 -32.75
CA ASP R 150 9.66 22.09 -31.87
C ASP R 150 9.65 22.51 -30.43
N TYR R 151 8.59 22.16 -29.71
CA TYR R 151 8.43 22.51 -28.27
C TYR R 151 8.18 21.25 -27.39
N PHE R 152 8.43 21.34 -26.07
CA PHE R 152 8.14 20.21 -25.16
C PHE R 152 7.99 20.56 -23.69
N PRO R 153 6.96 20.04 -23.06
CA PRO R 153 5.85 19.27 -23.57
C PRO R 153 4.63 20.14 -24.01
N GLU R 154 3.50 19.48 -24.31
CA GLU R 154 2.23 20.16 -24.47
C GLU R 154 2.00 20.80 -23.12
N PRO R 155 1.16 21.85 -23.04
CA PRO R 155 0.31 22.42 -24.05
C PRO R 155 0.85 23.76 -24.48
N VAL R 156 0.20 24.34 -25.48
CA VAL R 156 0.52 25.67 -25.93
C VAL R 156 -0.81 26.32 -26.22
N THR R 157 -1.04 27.54 -25.69
CA THR R 157 -2.11 28.39 -26.22
C THR R 157 -1.69 29.35 -27.35
N VAL R 158 -2.58 29.48 -28.34
CA VAL R 158 -2.46 30.50 -29.38
C VAL R 158 -3.74 31.31 -29.37
N SER R 159 -3.61 32.63 -29.19
CA SER R 159 -4.71 33.55 -29.41
C SER R 159 -4.30 34.47 -30.55
N TRP R 160 -5.28 35.14 -31.14
CA TRP R 160 -5.06 36.04 -32.25
C TRP R 160 -5.56 37.47 -31.94
N ASN R 161 -4.72 38.44 -32.26
CA ASN R 161 -4.88 39.83 -31.81
C ASN R 161 -5.18 39.98 -30.32
N SER R 162 -4.32 39.35 -29.53
CA SER R 162 -4.45 39.25 -28.08
C SER R 162 -5.90 38.93 -27.65
N GLY R 163 -6.41 37.80 -28.17
CA GLY R 163 -7.73 37.33 -27.85
C GLY R 163 -8.88 38.11 -28.47
N ALA R 164 -8.61 39.12 -29.28
CA ALA R 164 -9.70 39.93 -29.89
C ALA R 164 -10.23 39.30 -31.17
N LEU R 165 -9.41 38.48 -31.83
CA LEU R 165 -9.82 37.83 -33.06
C LEU R 165 -10.02 36.36 -32.87
N THR R 166 -11.27 35.98 -33.06
CA THR R 166 -11.82 34.77 -32.48
C THR R 166 -12.59 33.98 -33.57
N SER R 167 -13.29 34.70 -34.46
CA SER R 167 -14.07 34.12 -35.56
C SER R 167 -13.24 33.42 -36.67
N GLY R 168 -13.47 32.12 -36.86
CA GLY R 168 -12.79 31.34 -37.90
C GLY R 168 -11.33 31.05 -37.58
N VAL R 169 -11.03 30.89 -36.32
CA VAL R 169 -9.72 30.48 -35.90
C VAL R 169 -9.78 28.97 -35.72
N HIS R 170 -8.76 28.25 -36.19
CA HIS R 170 -8.73 26.84 -35.92
C HIS R 170 -7.35 26.49 -35.48
N THR R 171 -7.14 26.10 -34.22
CA THR R 171 -5.78 25.78 -33.77
C THR R 171 -5.61 24.29 -33.84
N PHE R 172 -4.86 23.80 -34.82
CA PHE R 172 -4.74 22.34 -35.01
C PHE R 172 -4.03 21.67 -33.87
N PRO R 173 -4.49 20.47 -33.46
CA PRO R 173 -3.79 19.65 -32.48
C PRO R 173 -2.40 19.30 -32.97
N ALA R 174 -1.43 19.26 -32.05
CA ALA R 174 -0.02 19.13 -32.40
C ALA R 174 0.29 17.77 -32.97
N VAL R 175 1.39 17.69 -33.68
CA VAL R 175 1.94 16.41 -34.05
C VAL R 175 3.13 16.17 -33.15
N LEU R 176 3.31 14.91 -32.75
CA LEU R 176 4.47 14.48 -32.00
C LEU R 176 5.37 13.87 -33.04
N GLN R 177 6.59 14.38 -33.13
CA GLN R 177 7.54 13.90 -34.13
C GLN R 177 8.48 12.89 -33.51
N SER R 178 8.96 11.92 -34.28
CA SER R 178 9.97 10.98 -33.71
C SER R 178 11.32 11.68 -33.35
N SER R 179 11.25 12.63 -32.44
CA SER R 179 12.39 13.33 -31.84
C SER R 179 11.83 13.82 -30.51
N GLY R 180 10.55 13.56 -30.33
CA GLY R 180 9.88 13.83 -29.11
C GLY R 180 9.46 15.28 -29.04
N LEU R 181 9.78 16.08 -30.05
CA LEU R 181 9.30 17.46 -30.03
C LEU R 181 7.98 17.60 -30.76
N TYR R 182 7.11 18.41 -30.17
CA TYR R 182 5.79 18.74 -30.71
C TYR R 182 5.83 19.96 -31.61
N SER R 183 5.10 19.88 -32.72
CA SER R 183 4.80 21.05 -33.53
C SER R 183 3.28 21.14 -33.78
N LEU R 184 2.78 22.35 -34.00
CA LEU R 184 1.38 22.60 -34.39
C LEU R 184 1.23 23.92 -35.15
N SER R 185 0.05 24.15 -35.75
CA SER R 185 -0.23 25.38 -36.51
C SER R 185 -1.56 26.01 -36.13
N SER R 186 -1.65 27.31 -36.21
CA SER R 186 -2.92 27.95 -36.05
C SER R 186 -3.31 28.67 -37.30
N VAL R 187 -4.50 28.43 -37.84
CA VAL R 187 -4.95 29.18 -39.01
C VAL R 187 -6.22 29.99 -38.84
N VAL R 188 -6.29 31.11 -39.52
CA VAL R 188 -7.49 31.93 -39.47
C VAL R 188 -7.94 32.39 -40.86
N THR R 189 -9.14 31.96 -41.21
CA THR R 189 -9.74 32.26 -42.49
C THR R 189 -10.33 33.68 -42.41
N VAL R 190 -9.94 34.58 -43.32
CA VAL R 190 -10.39 35.99 -43.20
C VAL R 190 -10.94 36.59 -44.48
N PRO R 191 -11.78 37.64 -44.37
CA PRO R 191 -12.21 38.31 -45.60
C PRO R 191 -10.99 38.85 -46.37
N SER R 192 -10.84 38.44 -47.62
CA SER R 192 -9.68 38.81 -48.44
C SER R 192 -9.42 40.32 -48.48
N SER R 193 -10.48 41.09 -48.32
CA SER R 193 -10.42 42.55 -48.23
C SER R 193 -9.70 43.08 -46.98
N SER R 194 -9.48 42.22 -46.01
CA SER R 194 -8.78 42.66 -44.81
C SER R 194 -7.27 42.69 -45.05
N LEU R 195 -6.85 42.02 -46.12
CA LEU R 195 -5.44 41.79 -46.38
C LEU R 195 -4.68 43.08 -46.69
N GLY R 196 -3.64 43.36 -45.92
CA GLY R 196 -2.86 44.58 -46.08
C GLY R 196 -3.39 45.76 -45.27
N THR R 197 -4.65 45.70 -44.82
CA THR R 197 -5.29 46.81 -44.07
C THR R 197 -5.61 46.45 -42.61
N GLN R 198 -5.99 45.21 -42.36
CA GLN R 198 -6.16 44.72 -40.99
C GLN R 198 -4.88 43.99 -40.54
N THR R 199 -4.68 43.94 -39.23
CA THR R 199 -3.43 43.45 -38.71
C THR R 199 -3.61 42.13 -37.98
N TYR R 200 -2.76 41.16 -38.29
CA TYR R 200 -2.91 39.82 -37.74
C TYR R 200 -1.70 39.41 -36.96
N ILE R 201 -1.84 39.48 -35.65
CA ILE R 201 -0.78 39.10 -34.73
C ILE R 201 -1.23 37.82 -34.06
N CYS R 202 -0.39 36.81 -34.08
CA CYS R 202 -0.73 35.66 -33.30
C CYS R 202 0.12 35.68 -32.03
N ASN R 203 -0.48 35.20 -30.93
CA ASN R 203 0.12 35.21 -29.62
C ASN R 203 0.25 33.79 -29.18
N VAL R 204 1.50 33.32 -29.11
CA VAL R 204 1.83 31.97 -28.66
C VAL R 204 2.27 32.05 -27.24
N ASN R 205 1.85 31.08 -26.47
CA ASN R 205 2.31 30.95 -25.09
C ASN R 205 2.65 29.49 -24.71
N HIS R 206 3.84 29.26 -24.15
CA HIS R 206 4.23 27.92 -23.72
C HIS R 206 4.78 27.99 -22.31
N LYS R 207 3.91 27.79 -21.31
CA LYS R 207 4.26 28.02 -19.90
C LYS R 207 5.53 27.35 -19.39
N PRO R 208 5.70 26.03 -19.66
CA PRO R 208 6.89 25.31 -19.25
C PRO R 208 8.20 26.04 -19.57
N SER R 209 8.40 26.45 -20.82
CA SER R 209 9.61 27.21 -21.16
C SER R 209 9.55 28.73 -20.97
N ASN R 210 8.48 29.24 -20.34
CA ASN R 210 8.18 30.68 -20.23
C ASN R 210 8.27 31.43 -21.49
N THR R 211 7.50 31.01 -22.48
CA THR R 211 7.59 31.55 -23.82
C THR R 211 6.28 32.30 -24.14
N LYS R 212 6.41 33.59 -24.42
CA LYS R 212 5.30 34.31 -25.07
C LYS R 212 5.88 35.11 -26.23
N VAL R 213 5.48 34.72 -27.43
CA VAL R 213 6.01 35.22 -28.71
C VAL R 213 4.85 35.78 -29.51
N ASP R 214 5.04 36.97 -30.07
CA ASP R 214 3.97 37.64 -30.84
C ASP R 214 4.36 37.89 -32.29
N LYS R 215 3.94 37.01 -33.20
CA LYS R 215 4.36 37.19 -34.59
C LYS R 215 3.34 37.98 -35.45
N LYS R 216 3.84 38.82 -36.35
CA LYS R 216 2.95 39.48 -37.24
C LYS R 216 2.91 38.67 -38.53
N VAL R 217 1.73 38.12 -38.83
CA VAL R 217 1.44 37.49 -40.15
C VAL R 217 1.03 38.52 -41.28
N GLU R 218 1.94 38.74 -42.22
CA GLU R 218 1.76 39.76 -43.25
C GLU R 218 1.66 39.13 -44.64
N PRO R 219 0.82 39.70 -45.54
CA PRO R 219 0.84 39.22 -46.94
C PRO R 219 2.25 39.39 -47.48
N LYS R 220 2.73 38.51 -48.36
CA LYS R 220 4.21 38.52 -48.65
C LYS R 220 4.70 39.59 -49.66
N GLU S 1 52.45 1.01 47.31
CA GLU S 1 52.06 1.16 45.89
C GLU S 1 50.98 2.23 45.80
N VAL S 2 51.28 3.28 45.02
CA VAL S 2 50.62 4.61 45.04
C VAL S 2 51.13 5.37 46.23
N GLN S 3 52.12 6.21 45.96
CA GLN S 3 52.67 7.10 46.95
C GLN S 3 52.84 8.47 46.27
N LEU S 4 52.41 9.51 46.94
CA LEU S 4 52.75 10.82 46.45
C LEU S 4 53.38 11.49 47.65
N LEU S 5 54.29 12.42 47.42
CA LEU S 5 55.24 12.73 48.48
C LEU S 5 55.76 14.16 48.39
N GLU S 6 55.00 15.06 49.01
CA GLU S 6 55.32 16.48 49.04
C GLU S 6 56.59 16.80 49.85
N SER S 7 57.37 17.72 49.31
CA SER S 7 58.51 18.26 49.98
C SER S 7 58.65 19.73 49.58
N GLY S 8 59.47 20.46 50.32
CA GLY S 8 59.77 21.83 49.95
C GLY S 8 58.64 22.80 50.25
N GLY S 9 57.92 22.51 51.35
CA GLY S 9 57.00 23.44 51.98
C GLY S 9 57.71 24.07 53.15
N GLY S 10 57.07 24.11 54.31
CA GLY S 10 57.65 24.73 55.50
C GLY S 10 57.41 26.24 55.64
N LEU S 11 58.18 26.90 56.53
CA LEU S 11 57.97 28.33 56.79
C LEU S 11 58.52 29.31 55.75
N VAL S 12 57.72 30.36 55.46
CA VAL S 12 58.09 31.37 54.46
C VAL S 12 57.66 32.84 54.71
N GLN S 13 58.59 33.77 54.46
CA GLN S 13 58.36 35.21 54.53
C GLN S 13 57.16 35.67 53.69
N PRO S 14 56.20 36.38 54.30
CA PRO S 14 55.22 37.00 53.40
C PRO S 14 55.89 37.78 52.25
N GLY S 15 55.52 37.43 51.03
CA GLY S 15 56.11 38.02 49.81
C GLY S 15 56.97 37.02 49.06
N GLY S 16 57.28 35.91 49.71
CA GLY S 16 58.30 34.98 49.26
C GLY S 16 57.89 33.87 48.30
N SER S 17 58.77 32.87 48.18
CA SER S 17 58.60 31.77 47.25
C SER S 17 58.79 30.42 47.91
N LEU S 18 58.02 29.46 47.43
CA LEU S 18 58.31 28.05 47.61
C LEU S 18 58.06 27.36 46.28
N ARG S 19 58.90 26.39 46.00
CA ARG S 19 58.66 25.47 44.90
C ARG S 19 58.44 24.07 45.52
N LEU S 20 57.19 23.65 45.65
CA LEU S 20 56.89 22.32 46.19
C LEU S 20 57.10 21.24 45.13
N SER S 21 57.63 20.10 45.56
CA SER S 21 57.77 18.92 44.71
C SER S 21 56.86 17.85 45.23
N CYS S 22 56.53 16.91 44.37
CA CYS S 22 55.76 15.76 44.78
C CYS S 22 56.28 14.57 44.04
N ALA S 23 56.77 13.58 44.77
CA ALA S 23 57.39 12.40 44.17
C ALA S 23 56.39 11.24 44.06
N ALA S 24 56.12 10.81 42.84
CA ALA S 24 55.16 9.72 42.60
C ALA S 24 55.88 8.39 42.50
N SER S 25 55.16 7.32 42.83
CA SER S 25 55.66 5.96 42.69
C SER S 25 54.51 4.97 42.58
N GLY S 26 54.79 3.81 42.01
CA GLY S 26 53.84 2.72 41.93
C GLY S 26 52.53 3.15 41.32
N PHE S 27 52.55 3.39 40.01
CA PHE S 27 51.36 3.65 39.18
C PHE S 27 51.83 4.53 38.03
N THR S 28 51.33 4.28 36.82
CA THR S 28 51.78 5.02 35.64
C THR S 28 51.45 6.49 35.78
N PHE S 29 52.50 7.27 35.91
CA PHE S 29 52.36 8.67 36.21
C PHE S 29 52.05 9.42 34.95
N SER S 30 52.56 8.90 33.84
CA SER S 30 52.43 9.57 32.59
C SER S 30 50.99 9.58 32.10
N ALA S 31 50.12 8.76 32.69
CA ALA S 31 48.71 8.75 32.25
C ALA S 31 47.87 9.73 33.05
N TYR S 32 48.21 9.84 34.32
CA TYR S 32 47.42 10.61 35.24
C TYR S 32 47.38 12.11 34.96
N GLY S 33 46.21 12.70 35.16
CA GLY S 33 46.16 14.13 35.33
C GLY S 33 46.56 14.30 36.77
N MET S 34 47.40 15.31 37.06
CA MET S 34 47.80 15.62 38.44
C MET S 34 47.35 17.03 38.82
N GLY S 35 47.43 17.39 40.09
CA GLY S 35 47.12 18.74 40.52
C GLY S 35 47.21 18.87 42.02
N TRP S 36 47.04 20.08 42.56
CA TRP S 36 47.18 20.34 43.98
C TRP S 36 45.89 20.84 44.62
N VAL S 37 45.65 20.48 45.89
CA VAL S 37 44.56 21.05 46.66
C VAL S 37 45.04 21.47 48.04
N ARG S 38 44.39 22.47 48.63
CA ARG S 38 44.89 22.95 49.93
C ARG S 38 43.80 23.00 50.99
N GLN S 39 44.18 23.26 52.24
CA GLN S 39 43.24 23.23 53.37
C GLN S 39 43.79 24.08 54.51
N ALA S 40 43.28 25.30 54.65
CA ALA S 40 43.62 26.12 55.83
C ALA S 40 43.17 25.48 57.19
N PRO S 41 44.01 25.56 58.22
CA PRO S 41 43.60 24.94 59.47
C PRO S 41 42.14 25.29 59.84
N GLY S 42 41.27 24.27 59.90
CA GLY S 42 39.88 24.46 60.33
C GLY S 42 38.91 24.73 59.17
N LYS S 43 39.47 25.08 58.02
CA LYS S 43 38.69 25.37 56.84
C LYS S 43 38.53 24.12 55.97
N GLY S 44 37.72 24.21 54.92
CA GLY S 44 37.59 23.09 53.99
C GLY S 44 38.64 23.12 52.92
N LEU S 45 38.45 22.30 51.90
CA LEU S 45 39.47 22.08 50.88
C LEU S 45 39.30 22.99 49.70
N GLU S 46 40.41 23.47 49.13
CA GLU S 46 40.32 24.48 48.08
C GLU S 46 40.40 24.05 46.60
N TRP S 47 41.49 23.37 46.24
CA TRP S 47 41.84 23.13 44.81
C TRP S 47 42.53 24.34 44.22
N VAL S 48 43.82 24.13 43.97
CA VAL S 48 44.74 25.14 43.55
C VAL S 48 45.03 25.05 42.06
N SER S 49 45.30 23.84 41.59
CA SER S 49 45.78 23.71 40.24
C SER S 49 45.53 22.35 39.69
N SER S 50 45.34 22.24 38.38
CA SER S 50 45.50 20.95 37.71
C SER S 50 46.32 21.09 36.45
N ILE S 51 46.89 19.96 36.01
CA ILE S 51 47.76 19.89 34.85
C ILE S 51 47.46 18.61 34.10
N GLY S 52 47.26 18.73 32.79
CA GLY S 52 46.82 17.63 31.93
C GLY S 52 47.90 16.58 31.83
N SER S 53 47.46 15.36 31.49
CA SER S 53 48.30 14.12 31.43
C SER S 53 49.76 14.22 30.95
N SER S 54 50.01 14.71 29.76
CA SER S 54 51.41 14.81 29.27
C SER S 54 51.99 16.23 29.40
N GLY S 55 51.68 16.91 30.51
CA GLY S 55 52.01 18.34 30.64
C GLY S 55 51.04 19.24 29.87
N GLY S 56 51.33 20.54 29.84
CA GLY S 56 50.48 21.48 29.09
C GLY S 56 49.13 21.95 29.65
N GLY S 57 48.21 21.04 29.97
CA GLY S 57 46.80 21.45 30.09
C GLY S 57 46.56 22.13 31.41
N THR S 58 47.04 23.35 31.60
CA THR S 58 47.05 23.93 32.95
C THR S 58 45.90 24.87 33.31
N ALA S 59 45.55 24.85 34.59
CA ALA S 59 44.40 25.55 35.14
C ALA S 59 44.64 26.03 36.57
N TYR S 60 44.10 27.21 36.92
CA TYR S 60 44.32 27.80 38.23
C TYR S 60 43.07 28.36 38.90
N ALA S 61 43.08 28.33 40.22
CA ALA S 61 41.99 28.86 41.00
C ALA S 61 42.17 30.37 41.11
N ASP S 62 41.11 31.12 40.77
CA ASP S 62 41.13 32.58 40.88
C ASP S 62 42.08 33.08 41.97
N SER S 63 42.01 32.49 43.17
CA SER S 63 42.73 33.05 44.31
C SER S 63 44.25 32.80 44.29
N VAL S 64 44.76 32.11 43.28
CA VAL S 64 46.21 32.04 43.09
C VAL S 64 46.68 32.48 41.72
N LYS S 65 45.81 32.36 40.74
CA LYS S 65 46.09 32.77 39.36
C LYS S 65 46.99 34.01 39.31
N GLY S 66 48.10 33.85 38.57
CA GLY S 66 49.10 34.91 38.42
C GLY S 66 50.24 34.94 39.42
N ARG S 67 50.19 34.05 40.40
CA ARG S 67 51.22 33.96 41.43
C ARG S 67 51.74 32.52 41.48
N PHE S 68 50.92 31.59 41.02
CA PHE S 68 51.22 30.17 41.10
C PHE S 68 51.35 29.57 39.71
N THR S 69 52.34 28.69 39.54
CA THR S 69 52.51 27.93 38.31
C THR S 69 52.82 26.47 38.60
N ILE S 70 51.90 25.62 38.16
CA ILE S 70 52.05 24.17 38.24
C ILE S 70 52.91 23.68 37.07
N SER S 71 53.77 22.70 37.32
CA SER S 71 54.55 22.05 36.25
C SER S 71 54.71 20.57 36.58
N ARG S 72 55.38 19.83 35.71
CA ARG S 72 55.72 18.44 35.98
C ARG S 72 56.80 17.96 35.04
N ASP S 73 57.63 17.05 35.50
CA ASP S 73 58.58 16.37 34.65
C ASP S 73 58.39 14.87 34.76
N ASN S 74 58.04 14.25 33.64
CA ASN S 74 57.69 12.82 33.59
C ASN S 74 58.85 11.79 33.66
N SER S 75 60.04 12.21 33.22
CA SER S 75 61.24 11.38 33.27
C SER S 75 61.72 11.21 34.70
N LYS S 76 61.13 12.01 35.59
CA LYS S 76 61.47 12.05 37.02
C LYS S 76 60.27 11.71 37.94
N ASN S 77 59.12 11.42 37.34
CA ASN S 77 57.86 11.23 38.08
C ASN S 77 57.66 12.30 39.19
N THR S 78 57.73 13.58 38.83
CA THR S 78 57.53 14.67 39.81
C THR S 78 56.66 15.84 39.33
N LEU S 79 55.68 16.18 40.15
CA LEU S 79 54.83 17.33 39.91
C LEU S 79 55.41 18.50 40.70
N TYR S 80 55.67 19.61 40.06
CA TYR S 80 56.10 20.79 40.79
C TYR S 80 54.93 21.76 41.03
N LEU S 81 55.07 22.65 42.01
CA LEU S 81 54.17 23.82 42.14
C LEU S 81 54.85 25.11 42.61
N GLN S 82 55.14 26.00 41.67
CA GLN S 82 55.81 27.26 42.03
C GLN S 82 54.85 28.29 42.61
N MET S 83 55.23 28.79 43.78
CA MET S 83 54.38 29.78 44.44
C MET S 83 55.14 31.08 44.69
N ASN S 84 54.58 32.20 44.22
CA ASN S 84 55.20 33.51 44.38
C ASN S 84 54.28 34.48 45.10
N SER S 85 54.75 35.72 45.33
CA SER S 85 53.93 36.79 45.95
C SER S 85 52.97 36.31 47.05
N LEU S 86 53.48 35.46 47.94
CA LEU S 86 52.69 34.73 48.91
C LEU S 86 52.12 35.58 50.04
N ARG S 87 50.88 35.27 50.39
CA ARG S 87 50.13 36.02 51.37
C ARG S 87 49.97 35.17 52.64
N ALA S 88 49.53 35.80 53.74
CA ALA S 88 49.18 35.08 54.99
C ALA S 88 48.04 34.08 54.78
N GLU S 89 47.19 34.41 53.81
CA GLU S 89 46.03 33.61 53.44
C GLU S 89 46.46 32.34 52.74
N ASP S 90 47.73 32.23 52.42
CA ASP S 90 48.15 31.11 51.63
C ASP S 90 48.56 29.97 52.56
N THR S 91 48.77 30.31 53.83
CA THR S 91 49.11 29.32 54.87
C THR S 91 48.10 28.21 54.77
N ALA S 92 48.57 26.97 54.69
CA ALA S 92 47.73 25.76 54.57
C ALA S 92 48.58 24.52 54.41
N VAL S 93 47.89 23.39 54.18
CA VAL S 93 48.46 22.07 53.88
C VAL S 93 48.23 21.80 52.39
N TYR S 94 49.30 21.64 51.64
CA TYR S 94 49.16 21.42 50.25
C TYR S 94 49.22 19.95 50.12
N TYR S 95 48.17 19.38 49.54
CA TYR S 95 48.18 18.01 49.17
C TYR S 95 48.48 17.89 47.74
N CYS S 96 49.41 17.00 47.45
CA CYS S 96 49.66 16.56 46.12
C CYS S 96 48.59 15.54 45.85
N ALA S 97 48.06 15.51 44.63
CA ALA S 97 47.02 14.56 44.22
C ALA S 97 46.83 14.45 42.68
N GLY S 98 46.31 13.30 42.21
CA GLY S 98 46.17 13.04 40.76
C GLY S 98 44.90 12.32 40.33
N GLU S 99 44.45 12.56 39.11
CA GLU S 99 43.17 12.00 38.72
C GLU S 99 43.24 11.07 37.53
N LEU S 100 42.68 9.88 37.68
CA LEU S 100 42.72 8.82 36.67
C LEU S 100 42.30 9.26 35.26
N LEU S 101 41.23 10.03 35.15
CA LEU S 101 40.75 10.47 33.83
C LEU S 101 40.26 11.91 33.87
N PRO S 102 40.15 12.56 32.69
CA PRO S 102 39.63 13.93 32.70
C PRO S 102 38.25 14.05 33.36
N TYR S 103 38.15 15.00 34.29
CA TYR S 103 36.95 15.34 35.08
C TYR S 103 36.49 14.32 36.13
N TYR S 104 37.26 13.27 36.31
CA TYR S 104 37.00 12.20 37.27
C TYR S 104 36.93 12.67 38.72
N GLY S 105 37.73 13.67 39.05
CA GLY S 105 37.98 14.00 40.44
C GLY S 105 39.25 13.29 40.92
N MET S 106 39.92 13.88 41.89
CA MET S 106 41.19 13.41 42.30
C MET S 106 41.07 12.07 43.03
N ASP S 107 41.54 10.99 42.43
CA ASP S 107 41.45 9.71 43.11
C ASP S 107 42.68 9.30 43.88
N VAL S 108 43.81 9.95 43.63
CA VAL S 108 45.08 9.62 44.33
C VAL S 108 45.66 10.82 45.07
N TRP S 109 45.84 10.69 46.39
CA TRP S 109 46.34 11.79 47.26
C TRP S 109 47.57 11.48 48.08
N GLY S 110 48.38 12.51 48.31
CA GLY S 110 49.45 12.45 49.28
C GLY S 110 48.93 12.69 50.69
N GLN S 111 49.81 12.58 51.68
CA GLN S 111 49.38 12.81 53.05
C GLN S 111 49.47 14.31 53.32
N GLY S 112 50.18 15.00 52.42
CA GLY S 112 50.23 16.46 52.37
C GLY S 112 51.28 17.07 53.27
N THR S 113 51.72 18.29 52.91
CA THR S 113 52.72 19.04 53.71
C THR S 113 52.22 20.43 54.11
N THR S 114 52.73 20.97 55.21
CA THR S 114 52.35 22.33 55.59
C THR S 114 53.28 23.48 55.10
N VAL S 115 52.67 24.36 54.31
CA VAL S 115 53.21 25.68 54.02
C VAL S 115 52.60 26.68 54.99
N THR S 116 53.43 27.58 55.54
CA THR S 116 53.00 28.64 56.47
C THR S 116 53.67 29.95 56.13
N VAL S 117 52.90 31.03 56.12
CA VAL S 117 53.45 32.33 55.80
C VAL S 117 53.61 33.14 57.05
N SER S 118 54.87 33.44 57.42
CA SER S 118 55.16 34.13 58.69
C SER S 118 56.46 34.94 58.77
N SER S 119 56.43 35.97 59.59
CA SER S 119 57.60 36.75 59.90
C SER S 119 58.60 35.88 60.65
N ALA S 120 58.09 34.76 61.17
CA ALA S 120 58.79 33.97 62.17
C ALA S 120 60.00 33.16 61.65
N SER S 121 60.72 32.57 62.59
CA SER S 121 61.86 31.71 62.33
C SER S 121 61.38 30.34 62.69
N THR S 122 61.92 29.33 62.01
CA THR S 122 61.58 27.94 62.30
C THR S 122 62.46 27.44 63.42
N LYS S 123 61.85 26.99 64.51
CA LYS S 123 62.57 26.67 65.77
C LYS S 123 62.42 25.20 66.26
N GLY S 124 63.54 24.59 66.68
CA GLY S 124 63.56 23.23 67.25
C GLY S 124 63.15 23.10 68.73
N PRO S 125 62.47 22.00 69.07
CA PRO S 125 61.90 21.80 70.40
C PRO S 125 62.91 21.33 71.47
N SER S 126 62.66 21.67 72.73
CA SER S 126 63.36 21.09 73.89
C SER S 126 62.50 19.95 74.46
N VAL S 127 63.10 18.78 74.66
CA VAL S 127 62.31 17.60 75.05
C VAL S 127 62.55 17.29 76.52
N PHE S 128 61.48 16.92 77.24
CA PHE S 128 61.55 16.65 78.69
C PHE S 128 60.89 15.36 79.10
N PRO S 129 61.50 14.63 80.07
CA PRO S 129 60.81 13.46 80.61
C PRO S 129 59.58 13.87 81.41
N LEU S 130 58.49 13.14 81.16
CA LEU S 130 57.28 13.22 81.98
C LEU S 130 57.22 11.94 82.86
N ALA S 131 57.87 12.03 84.03
CA ALA S 131 58.02 10.91 84.93
C ALA S 131 56.70 10.46 85.53
N PRO S 132 56.46 9.13 85.52
CA PRO S 132 55.32 8.41 86.11
C PRO S 132 55.04 8.73 87.57
N SER S 133 53.75 8.75 87.89
CA SER S 133 53.30 8.94 89.27
C SER S 133 53.37 7.63 90.10
N SER S 134 53.79 7.76 91.37
CA SER S 134 53.86 6.64 92.33
C SER S 134 52.58 6.56 93.22
N LYS S 135 51.51 7.23 92.79
CA LYS S 135 50.18 7.14 93.45
C LYS S 135 49.15 6.39 92.58
N SER S 136 49.41 6.35 91.26
CA SER S 136 48.76 5.41 90.31
C SER S 136 49.18 3.94 90.61
N THR S 137 50.19 3.80 91.50
CA THR S 137 50.69 2.52 92.05
C THR S 137 49.56 1.72 92.73
N SER S 138 48.32 2.25 92.61
CA SER S 138 47.09 1.54 93.00
C SER S 138 46.23 1.19 91.77
N GLY S 139 45.45 2.18 91.30
CA GLY S 139 44.56 2.00 90.15
C GLY S 139 45.22 1.37 88.94
N GLY S 140 45.34 0.02 89.00
CA GLY S 140 45.83 -0.85 87.92
C GLY S 140 47.17 -0.60 87.26
N THR S 141 47.32 0.57 86.63
CA THR S 141 48.36 0.86 85.63
C THR S 141 49.09 2.19 85.90
N ALA S 142 49.87 2.65 84.90
CA ALA S 142 50.67 3.89 85.04
C ALA S 142 50.98 4.65 83.75
N ALA S 143 51.09 5.98 83.87
CA ALA S 143 51.22 6.88 82.74
C ALA S 143 52.51 7.71 82.68
N LEU S 144 53.13 7.67 81.52
CA LEU S 144 54.22 8.57 81.15
C LEU S 144 54.01 8.78 79.66
N GLY S 145 54.60 9.80 79.03
CA GLY S 145 55.39 10.85 79.67
C GLY S 145 56.49 11.49 78.85
N CYS S 146 56.15 12.19 77.77
CA CYS S 146 57.13 13.00 76.99
C CYS S 146 56.66 14.43 76.62
N LEU S 147 57.27 15.45 77.25
CA LEU S 147 57.02 16.88 76.95
C LEU S 147 57.88 17.46 75.80
N VAL S 148 57.21 18.03 74.81
CA VAL S 148 57.87 18.69 73.68
C VAL S 148 57.48 20.18 73.68
N LYS S 149 58.49 21.02 73.70
CA LYS S 149 58.34 22.37 74.21
C LYS S 149 59.00 23.37 73.26
N ASP S 150 58.29 24.46 73.00
CA ASP S 150 58.82 25.62 72.33
C ASP S 150 59.31 25.44 70.89
N TYR S 151 58.43 24.92 70.02
CA TYR S 151 58.75 24.73 68.60
C TYR S 151 57.85 25.52 67.67
N PHE S 152 58.34 25.75 66.44
CA PHE S 152 57.60 26.37 65.34
C PHE S 152 58.29 25.99 64.02
N PRO S 153 57.52 25.66 62.97
CA PRO S 153 56.08 25.51 62.82
C PRO S 153 55.70 24.10 63.12
N GLU S 154 54.48 23.74 62.75
CA GLU S 154 54.04 22.37 62.85
C GLU S 154 54.62 21.57 61.69
N PRO S 155 54.54 20.21 61.75
CA PRO S 155 54.16 19.37 62.89
C PRO S 155 55.35 18.70 63.59
N VAL S 156 55.10 18.18 64.79
CA VAL S 156 56.06 17.39 65.55
C VAL S 156 55.63 15.91 65.55
N THR S 157 56.60 15.01 65.51
CA THR S 157 56.28 13.58 65.65
C THR S 157 56.89 12.90 66.88
N VAL S 158 56.02 12.32 67.69
CA VAL S 158 56.45 11.41 68.72
C VAL S 158 56.22 9.97 68.25
N SER S 159 57.06 9.07 68.77
CA SER S 159 56.95 7.63 68.55
C SER S 159 57.76 7.07 69.68
N TRP S 160 57.43 5.86 70.14
CA TRP S 160 58.10 5.32 71.31
C TRP S 160 58.86 4.05 71.00
N ASN S 161 59.95 3.86 71.74
CA ASN S 161 60.86 2.73 71.55
C ASN S 161 61.15 2.45 70.09
N SER S 162 61.78 3.40 69.40
CA SER S 162 61.86 3.36 67.95
C SER S 162 60.43 3.31 67.41
N GLY S 163 59.91 2.11 67.15
CA GLY S 163 58.51 2.00 66.73
C GLY S 163 57.80 0.79 67.32
N ALA S 164 58.49 0.08 68.23
CA ALA S 164 57.99 -1.13 68.91
C ALA S 164 56.72 -0.87 69.77
N LEU S 165 56.88 -0.08 70.83
CA LEU S 165 55.77 0.30 71.68
C LEU S 165 54.85 1.20 70.89
N THR S 166 53.57 0.88 70.89
CA THR S 166 52.63 1.57 70.01
C THR S 166 51.23 1.62 70.67
N SER S 167 50.88 0.49 71.27
CA SER S 167 49.74 0.31 72.14
C SER S 167 49.73 1.31 73.30
N GLY S 168 48.63 2.07 73.40
CA GLY S 168 48.41 2.93 74.58
C GLY S 168 49.17 4.23 74.47
N VAL S 169 49.54 4.56 73.22
CA VAL S 169 50.26 5.81 72.91
C VAL S 169 49.26 6.88 72.50
N HIS S 170 49.25 7.97 73.23
CA HIS S 170 48.32 9.04 72.95
C HIS S 170 49.03 10.37 72.76
N THR S 171 49.33 10.74 71.52
CA THR S 171 50.02 12.01 71.27
C THR S 171 49.03 13.15 71.08
N PHE S 172 49.05 14.09 72.02
CA PHE S 172 48.03 15.13 72.13
C PHE S 172 48.18 16.20 71.09
N PRO S 173 47.05 16.82 70.68
CA PRO S 173 47.14 18.01 69.83
C PRO S 173 47.72 19.19 70.60
N ALA S 174 48.63 19.90 69.93
CA ALA S 174 49.50 20.89 70.51
C ALA S 174 48.81 22.19 70.94
N VAL S 175 49.44 22.91 71.88
CA VAL S 175 48.98 24.25 72.29
C VAL S 175 49.80 25.40 71.71
N LEU S 176 49.08 26.36 71.13
CA LEU S 176 49.67 27.56 70.60
C LEU S 176 49.85 28.49 71.77
N GLN S 177 51.10 28.68 72.19
CA GLN S 177 51.46 29.58 73.28
C GLN S 177 51.43 31.05 72.85
N SER S 178 51.00 31.94 73.76
CA SER S 178 50.86 33.38 73.49
C SER S 178 52.19 34.09 73.20
N SER S 179 53.23 33.30 72.94
CA SER S 179 54.51 33.78 72.40
C SER S 179 54.64 33.45 70.89
N GLY S 180 53.75 32.64 70.38
CA GLY S 180 53.79 32.23 68.99
C GLY S 180 54.27 30.81 68.77
N LEU S 181 54.76 30.15 69.83
CA LEU S 181 55.38 28.82 69.74
C LEU S 181 54.47 27.72 70.28
N TYR S 182 54.73 26.51 69.82
CA TYR S 182 53.84 25.37 70.00
C TYR S 182 54.42 24.38 71.02
N SER S 183 53.56 23.52 71.56
CA SER S 183 53.95 22.57 72.60
C SER S 183 52.90 21.48 72.78
N LEU S 184 53.20 20.26 72.34
CA LEU S 184 52.31 19.12 72.61
C LEU S 184 52.92 18.23 73.69
N SER S 185 52.17 17.24 74.14
CA SER S 185 52.72 16.21 74.98
C SER S 185 52.26 14.82 74.60
N SER S 186 53.20 13.89 74.48
CA SER S 186 52.91 12.52 74.10
C SER S 186 52.95 11.68 75.33
N VAL S 187 51.93 10.85 75.53
CA VAL S 187 51.91 9.99 76.72
C VAL S 187 51.41 8.60 76.42
N VAL S 188 52.09 7.64 77.02
CA VAL S 188 51.81 6.25 76.83
C VAL S 188 51.39 5.65 78.17
N THR S 189 50.24 5.00 78.21
CA THR S 189 49.87 4.30 79.44
C THR S 189 50.21 2.82 79.35
N VAL S 190 50.97 2.37 80.34
CA VAL S 190 51.62 1.05 80.35
C VAL S 190 51.37 0.31 81.66
N PRO S 191 51.35 -1.03 81.62
CA PRO S 191 50.84 -1.88 82.70
C PRO S 191 51.52 -1.65 84.04
N SER S 192 50.76 -1.81 85.11
CA SER S 192 51.23 -1.65 86.49
C SER S 192 52.74 -1.83 86.62
N SER S 193 53.14 -3.10 86.62
CA SER S 193 54.49 -3.54 87.01
C SER S 193 55.40 -3.78 85.80
N SER S 194 55.62 -2.72 85.02
CA SER S 194 56.57 -2.79 83.92
C SER S 194 57.69 -1.76 84.10
N LEU S 195 57.47 -0.76 84.96
CA LEU S 195 58.50 0.21 85.34
C LEU S 195 59.79 -0.48 85.79
N GLY S 196 59.64 -1.55 86.57
CA GLY S 196 60.74 -2.41 86.96
C GLY S 196 61.61 -2.79 85.79
N THR S 197 61.07 -3.58 84.87
CA THR S 197 61.85 -4.29 83.83
C THR S 197 62.00 -3.57 82.48
N GLN S 198 60.90 -3.03 81.96
CA GLN S 198 60.84 -2.46 80.61
C GLN S 198 61.32 -1.00 80.49
N THR S 199 62.21 -0.74 79.54
CA THR S 199 62.72 0.60 79.26
C THR S 199 61.77 1.31 78.31
N TYR S 200 61.67 2.64 78.45
CA TYR S 200 60.93 3.47 77.48
C TYR S 200 61.77 4.66 77.03
N ILE S 201 61.93 4.80 75.71
CA ILE S 201 62.62 5.97 75.12
C ILE S 201 61.65 6.68 74.19
N CYS S 202 61.63 8.00 74.21
CA CYS S 202 60.68 8.68 73.32
C CYS S 202 61.38 9.39 72.16
N ASN S 203 60.97 9.08 70.95
CA ASN S 203 61.62 9.56 69.76
C ASN S 203 60.83 10.73 69.17
N VAL S 204 61.38 11.94 69.35
CA VAL S 204 60.77 13.17 68.82
C VAL S 204 61.42 13.48 67.50
N ASN S 205 60.71 14.20 66.67
CA ASN S 205 61.11 14.45 65.30
C ASN S 205 60.43 15.74 64.86
N HIS S 206 61.20 16.77 64.54
CA HIS S 206 60.61 18.00 63.98
C HIS S 206 61.28 18.32 62.64
N LYS S 207 60.74 17.77 61.55
CA LYS S 207 61.36 17.84 60.20
C LYS S 207 61.75 19.24 59.67
N PRO S 208 60.95 20.28 59.98
CA PRO S 208 61.28 21.65 59.56
C PRO S 208 62.62 22.13 60.09
N SER S 209 62.88 21.79 61.35
CA SER S 209 64.10 22.19 62.06
C SER S 209 65.14 21.08 62.05
N ASN S 210 64.90 20.04 61.24
CA ASN S 210 65.75 18.85 61.22
C ASN S 210 66.23 18.34 62.59
N THR S 211 65.40 18.57 63.62
CA THR S 211 65.64 18.09 64.99
C THR S 211 64.99 16.70 65.22
N LYS S 212 65.83 15.70 65.49
CA LYS S 212 65.38 14.36 65.90
C LYS S 212 65.93 14.05 67.32
N VAL S 213 65.06 14.07 68.33
CA VAL S 213 65.49 13.90 69.72
C VAL S 213 64.90 12.66 70.32
N ASP S 214 65.73 11.89 71.02
CA ASP S 214 65.33 10.67 71.72
C ASP S 214 65.52 10.85 73.26
N LYS S 215 64.52 10.48 74.06
CA LYS S 215 64.57 10.76 75.50
C LYS S 215 64.17 9.58 76.38
N LYS S 216 65.03 9.30 77.37
CA LYS S 216 64.77 8.29 78.40
C LYS S 216 63.79 8.79 79.47
N VAL S 217 62.74 8.00 79.71
CA VAL S 217 61.73 8.31 80.73
C VAL S 217 61.65 7.23 81.84
N GLU S 218 62.39 7.40 82.93
CA GLU S 218 62.32 6.43 84.03
C GLU S 218 61.62 6.96 85.31
N PRO S 219 60.93 6.08 86.04
CA PRO S 219 60.23 6.45 87.26
C PRO S 219 61.04 7.37 88.16
N LYS S 220 60.36 8.43 88.60
CA LYS S 220 60.89 9.62 89.33
C LYS S 220 62.44 9.83 89.32
N GLU T 1 -41.00 23.85 -64.06
CA GLU T 1 -39.88 22.85 -64.07
C GLU T 1 -39.71 22.12 -62.71
N VAL T 2 -40.52 21.07 -62.55
CA VAL T 2 -40.21 19.96 -61.66
C VAL T 2 -39.16 19.14 -62.37
N GLN T 3 -38.20 18.58 -61.63
CA GLN T 3 -37.05 17.98 -62.33
C GLN T 3 -36.24 16.93 -61.57
N LEU T 4 -36.02 15.79 -62.22
CA LEU T 4 -35.16 14.75 -61.69
C LEU T 4 -33.98 14.48 -62.63
N LEU T 5 -32.80 14.26 -62.08
CA LEU T 5 -31.64 14.24 -62.93
C LEU T 5 -30.62 13.16 -62.63
N GLU T 6 -30.79 12.02 -63.31
CA GLU T 6 -29.95 10.87 -63.09
C GLU T 6 -28.46 11.17 -63.24
N SER T 7 -27.63 10.22 -62.81
CA SER T 7 -26.16 10.35 -62.88
C SER T 7 -25.53 9.02 -62.53
N GLY T 8 -24.23 8.93 -62.80
CA GLY T 8 -23.44 7.77 -62.44
C GLY T 8 -23.67 6.53 -63.29
N GLY T 9 -24.50 6.63 -64.34
CA GLY T 9 -24.66 5.54 -65.31
C GLY T 9 -23.34 5.26 -66.02
N GLY T 10 -23.34 4.33 -66.96
CA GLY T 10 -22.11 4.04 -67.70
C GLY T 10 -21.78 2.58 -67.97
N LEU T 11 -20.49 2.35 -68.18
CA LEU T 11 -20.01 1.04 -68.65
C LEU T 11 -19.44 0.15 -67.53
N VAL T 12 -20.01 -1.04 -67.37
CA VAL T 12 -19.50 -1.91 -66.35
C VAL T 12 -19.38 -3.37 -66.78
N GLN T 13 -18.29 -3.97 -66.31
CA GLN T 13 -17.98 -5.38 -66.47
C GLN T 13 -19.03 -6.28 -65.85
N PRO T 14 -19.44 -7.37 -66.55
CA PRO T 14 -20.37 -8.30 -65.96
C PRO T 14 -19.86 -8.81 -64.64
N GLY T 15 -20.76 -8.82 -63.65
CA GLY T 15 -20.44 -9.08 -62.26
C GLY T 15 -20.08 -7.83 -61.46
N GLY T 16 -19.81 -6.73 -62.16
CA GLY T 16 -19.40 -5.50 -61.49
C GLY T 16 -20.56 -4.75 -60.85
N SER T 17 -20.23 -3.54 -60.40
CA SER T 17 -21.09 -2.73 -59.58
C SER T 17 -21.08 -1.30 -60.02
N LEU T 18 -22.22 -0.66 -59.85
CA LEU T 18 -22.37 0.72 -60.22
C LEU T 18 -23.40 1.32 -59.31
N ARG T 19 -23.38 2.64 -59.20
CA ARG T 19 -24.25 3.36 -58.27
C ARG T 19 -24.79 4.53 -59.04
N LEU T 20 -26.09 4.76 -58.90
CA LEU T 20 -26.74 5.86 -59.60
C LEU T 20 -27.27 6.86 -58.58
N SER T 21 -27.09 8.15 -58.88
CA SER T 21 -27.71 9.24 -58.15
C SER T 21 -28.92 9.71 -58.92
N CYS T 22 -29.82 10.41 -58.23
CA CYS T 22 -30.84 11.17 -58.90
C CYS T 22 -31.10 12.35 -58.04
N ALA T 23 -30.76 13.53 -58.53
CA ALA T 23 -30.96 14.77 -57.78
C ALA T 23 -32.33 15.33 -58.05
N ALA T 24 -32.96 15.79 -56.98
CA ALA T 24 -34.33 16.28 -57.07
C ALA T 24 -34.42 17.79 -56.93
N SER T 25 -35.38 18.39 -57.63
CA SER T 25 -35.58 19.85 -57.55
C SER T 25 -36.95 20.35 -57.96
N GLY T 26 -37.43 21.32 -57.18
CA GLY T 26 -38.60 22.15 -57.53
C GLY T 26 -39.89 21.45 -57.20
N PHE T 27 -39.85 20.59 -56.18
CA PHE T 27 -41.04 19.98 -55.57
C PHE T 27 -40.55 19.47 -54.23
N THR T 28 -41.48 19.12 -53.34
CA THR T 28 -41.09 18.69 -52.00
C THR T 28 -40.75 17.18 -51.96
N PHE T 29 -39.46 16.90 -52.16
CA PHE T 29 -38.91 15.55 -52.27
C PHE T 29 -39.44 14.65 -51.17
N SER T 30 -39.29 15.10 -49.94
CA SER T 30 -39.62 14.27 -48.77
C SER T 30 -41.09 13.79 -48.65
N ALA T 31 -42.01 14.45 -49.35
CA ALA T 31 -43.39 13.96 -49.39
C ALA T 31 -43.58 12.86 -50.42
N TYR T 32 -42.65 12.75 -51.36
CA TYR T 32 -42.78 11.82 -52.51
C TYR T 32 -42.11 10.47 -52.25
N GLY T 33 -42.83 9.39 -52.56
CA GLY T 33 -42.25 8.06 -52.67
C GLY T 33 -41.51 8.03 -53.99
N MET T 34 -40.42 7.29 -54.08
CA MET T 34 -39.58 7.33 -55.27
C MET T 34 -39.18 5.95 -55.70
N GLY T 35 -38.72 5.82 -56.94
CA GLY T 35 -38.42 4.51 -57.48
C GLY T 35 -37.57 4.52 -58.71
N TRP T 36 -37.29 3.34 -59.23
CA TRP T 36 -36.55 3.19 -60.47
C TRP T 36 -37.29 2.27 -61.39
N VAL T 37 -37.45 2.73 -62.63
CA VAL T 37 -37.97 1.93 -63.72
C VAL T 37 -36.89 1.89 -64.80
N ARG T 38 -36.68 0.73 -65.42
CA ARG T 38 -35.73 0.66 -66.52
C ARG T 38 -36.37 0.19 -67.82
N GLN T 39 -35.65 0.45 -68.92
CA GLN T 39 -36.04 0.02 -70.26
C GLN T 39 -34.85 -0.48 -71.08
N ALA T 40 -34.76 -1.80 -71.31
CA ALA T 40 -33.77 -2.32 -72.30
C ALA T 40 -34.09 -1.82 -73.73
N PRO T 41 -33.04 -1.53 -74.54
CA PRO T 41 -33.23 -0.81 -75.80
C PRO T 41 -34.17 -1.62 -76.65
N GLY T 42 -35.28 -1.03 -77.07
CA GLY T 42 -36.25 -1.75 -77.86
C GLY T 42 -37.27 -2.51 -77.04
N LYS T 43 -37.06 -2.70 -75.75
CA LYS T 43 -38.03 -3.47 -74.96
C LYS T 43 -38.91 -2.52 -74.19
N GLY T 44 -39.76 -3.09 -73.31
CA GLY T 44 -40.69 -2.31 -72.49
C GLY T 44 -40.13 -1.77 -71.19
N LEU T 45 -41.02 -1.27 -70.34
CA LEU T 45 -40.63 -0.71 -69.03
C LEU T 45 -40.66 -1.78 -67.95
N GLU T 46 -39.71 -1.72 -67.02
CA GLU T 46 -39.73 -2.65 -65.90
C GLU T 46 -40.24 -2.18 -64.55
N TRP T 47 -39.43 -1.49 -63.82
CA TRP T 47 -39.69 -1.31 -62.35
C TRP T 47 -38.84 -2.26 -61.60
N VAL T 48 -37.96 -1.62 -60.86
CA VAL T 48 -36.78 -2.17 -60.32
C VAL T 48 -36.98 -2.16 -58.79
N SER T 49 -37.55 -1.07 -58.28
CA SER T 49 -37.47 -0.80 -56.88
C SER T 49 -38.24 0.43 -56.60
N SER T 50 -38.69 0.55 -55.36
CA SER T 50 -39.36 1.72 -54.86
C SER T 50 -38.93 1.92 -53.41
N ILE T 51 -39.02 3.14 -52.92
CA ILE T 51 -38.74 3.44 -51.54
C ILE T 51 -39.85 4.40 -51.13
N GLY T 52 -40.05 4.56 -49.82
CA GLY T 52 -41.11 5.43 -49.33
C GLY T 52 -40.58 6.74 -48.83
N SER T 53 -41.50 7.69 -48.65
CA SER T 53 -41.28 9.07 -48.12
C SER T 53 -40.09 9.38 -47.16
N SER T 54 -39.59 8.36 -46.40
CA SER T 54 -38.36 8.52 -45.58
C SER T 54 -37.70 7.20 -45.13
N GLY T 55 -37.06 6.50 -46.07
CA GLY T 55 -36.66 5.09 -45.85
C GLY T 55 -37.87 4.14 -45.75
N GLY T 56 -37.60 2.88 -45.44
CA GLY T 56 -38.70 1.95 -45.12
C GLY T 56 -39.34 1.35 -46.36
N GLY T 57 -39.98 2.19 -47.17
CA GLY T 57 -40.59 1.72 -48.42
C GLY T 57 -39.98 0.43 -48.96
N THR T 58 -38.67 0.46 -49.20
CA THR T 58 -37.91 -0.55 -49.94
C THR T 58 -38.60 -1.88 -50.43
N ALA T 59 -39.02 -1.85 -51.71
CA ALA T 59 -39.53 -3.00 -52.42
C ALA T 59 -38.67 -3.15 -53.65
N TYR T 60 -38.43 -4.38 -54.07
CA TYR T 60 -37.53 -4.67 -55.19
C TYR T 60 -38.21 -5.72 -55.99
N ALA T 61 -37.82 -5.86 -57.24
CA ALA T 61 -38.42 -6.82 -58.15
C ALA T 61 -37.66 -8.10 -58.02
N ASP T 62 -38.35 -9.22 -58.00
CA ASP T 62 -37.67 -10.51 -57.97
C ASP T 62 -36.43 -10.50 -58.82
N SER T 63 -36.56 -9.98 -60.03
CA SER T 63 -35.47 -10.00 -60.98
C SER T 63 -34.28 -9.15 -60.60
N VAL T 64 -34.25 -8.56 -59.40
CA VAL T 64 -33.08 -7.79 -58.92
C VAL T 64 -32.67 -8.07 -57.47
N LYS T 65 -33.54 -8.76 -56.71
CA LYS T 65 -33.41 -8.87 -55.25
C LYS T 65 -32.05 -9.37 -54.74
N GLY T 66 -31.61 -8.87 -53.59
CA GLY T 66 -30.31 -9.25 -53.10
C GLY T 66 -29.12 -8.68 -53.86
N ARG T 67 -29.34 -8.14 -55.06
CA ARG T 67 -28.26 -7.53 -55.84
C ARG T 67 -28.31 -6.00 -55.85
N PHE T 68 -29.51 -5.46 -55.98
CA PHE T 68 -29.66 -4.00 -56.02
C PHE T 68 -30.11 -3.58 -54.66
N THR T 69 -29.71 -2.38 -54.25
CA THR T 69 -30.19 -1.80 -53.02
C THR T 69 -30.55 -0.33 -53.21
N ILE T 70 -31.70 0.06 -52.65
CA ILE T 70 -32.23 1.42 -52.79
C ILE T 70 -32.30 2.28 -51.51
N SER T 71 -31.53 3.35 -51.48
CA SER T 71 -31.54 4.32 -50.38
C SER T 71 -32.00 5.72 -50.84
N ARG T 72 -32.12 6.67 -49.92
CA ARG T 72 -32.28 8.08 -50.30
C ARG T 72 -31.66 8.98 -49.25
N ASP T 73 -31.37 10.23 -49.61
CA ASP T 73 -30.90 11.22 -48.64
C ASP T 73 -31.77 12.48 -48.67
N ASN T 74 -32.89 12.43 -47.95
CA ASN T 74 -33.91 13.45 -48.04
C ASN T 74 -33.52 14.89 -47.71
N SER T 75 -32.22 15.11 -47.56
CA SER T 75 -31.68 16.34 -47.06
C SER T 75 -30.63 16.83 -48.05
N LYS T 76 -30.27 15.94 -48.99
CA LYS T 76 -29.60 16.35 -50.23
C LYS T 76 -30.56 16.16 -51.43
N ASN T 77 -31.79 15.76 -51.14
CA ASN T 77 -32.76 15.50 -52.19
C ASN T 77 -32.17 14.64 -53.28
N THR T 78 -31.52 13.55 -52.86
CA THR T 78 -30.98 12.55 -53.78
C THR T 78 -31.52 11.15 -53.49
N LEU T 79 -31.76 10.40 -54.57
CA LEU T 79 -32.06 8.98 -54.55
C LEU T 79 -30.84 8.22 -55.09
N TYR T 80 -30.60 7.02 -54.56
CA TYR T 80 -29.48 6.17 -54.95
C TYR T 80 -30.01 4.81 -55.32
N LEU T 81 -29.25 4.10 -56.12
CA LEU T 81 -29.50 2.70 -56.41
C LEU T 81 -28.19 2.01 -56.51
N GLN T 82 -27.81 1.28 -55.46
CA GLN T 82 -26.62 0.46 -55.54
C GLN T 82 -26.97 -0.75 -56.34
N MET T 83 -26.01 -1.19 -57.15
CA MET T 83 -26.16 -2.31 -58.03
C MET T 83 -24.92 -3.18 -57.89
N ASN T 84 -25.10 -4.45 -57.57
CA ASN T 84 -23.97 -5.36 -57.52
C ASN T 84 -24.32 -6.58 -58.33
N SER T 85 -23.31 -7.38 -58.65
CA SER T 85 -23.47 -8.58 -59.47
C SER T 85 -24.34 -8.30 -60.71
N LEU T 86 -23.98 -7.22 -61.43
CA LEU T 86 -24.67 -6.83 -62.63
C LEU T 86 -24.59 -7.87 -63.77
N ARG T 87 -25.69 -8.08 -64.47
CA ARG T 87 -25.71 -9.05 -65.56
C ARG T 87 -26.00 -8.37 -66.86
N ALA T 88 -25.74 -9.07 -67.96
CA ALA T 88 -25.98 -8.54 -69.32
C ALA T 88 -27.44 -8.14 -69.57
N GLU T 89 -28.36 -8.72 -68.78
CA GLU T 89 -29.78 -8.33 -68.83
C GLU T 89 -30.06 -7.09 -67.98
N ASP T 90 -29.08 -6.62 -67.22
CA ASP T 90 -29.28 -5.42 -66.45
C ASP T 90 -28.99 -4.19 -67.26
N THR T 91 -28.66 -4.41 -68.53
CA THR T 91 -28.29 -3.36 -69.48
C THR T 91 -29.55 -2.65 -69.90
N ALA T 92 -29.61 -1.35 -69.66
CA ALA T 92 -30.84 -0.58 -69.86
C ALA T 92 -30.70 0.89 -69.58
N VAL T 93 -31.72 1.65 -69.93
CA VAL T 93 -31.80 3.04 -69.52
C VAL T 93 -32.61 3.07 -68.28
N TYR T 94 -32.02 3.57 -67.22
CA TYR T 94 -32.63 3.51 -65.92
C TYR T 94 -33.21 4.86 -65.66
N TYR T 95 -34.49 4.88 -65.32
CA TYR T 95 -35.19 6.13 -65.06
C TYR T 95 -35.37 6.30 -63.59
N CYS T 96 -35.21 7.53 -63.16
CA CYS T 96 -35.54 7.94 -61.84
C CYS T 96 -36.98 8.45 -61.87
N ALA T 97 -37.76 8.11 -60.84
CA ALA T 97 -39.20 8.42 -60.88
C ALA T 97 -39.83 8.50 -59.48
N GLY T 98 -40.90 9.31 -59.35
CA GLY T 98 -41.64 9.46 -58.09
C GLY T 98 -43.15 9.36 -58.21
N GLU T 99 -43.81 8.81 -57.18
CA GLU T 99 -45.30 8.87 -57.00
C GLU T 99 -45.67 9.77 -55.84
N LEU T 100 -46.69 10.58 -56.10
CA LEU T 100 -47.16 11.60 -55.16
C LEU T 100 -47.91 10.99 -53.97
N LEU T 101 -48.43 9.80 -54.17
CA LEU T 101 -49.28 9.16 -53.22
C LEU T 101 -49.19 7.67 -53.42
N PRO T 102 -49.38 6.93 -52.35
CA PRO T 102 -49.17 5.49 -52.48
C PRO T 102 -50.04 4.79 -53.52
N TYR T 103 -49.38 3.99 -54.34
CA TYR T 103 -50.01 3.09 -55.32
C TYR T 103 -50.47 3.78 -56.60
N TYR T 104 -50.20 5.07 -56.65
CA TYR T 104 -50.68 5.99 -57.66
C TYR T 104 -50.11 5.75 -59.01
N GLY T 105 -48.87 5.30 -59.00
CA GLY T 105 -48.15 5.22 -60.21
C GLY T 105 -47.23 6.38 -60.25
N MET T 106 -46.25 6.25 -61.13
CA MET T 106 -45.08 7.06 -61.20
C MET T 106 -45.40 8.23 -62.10
N ASP T 107 -45.62 9.38 -61.52
CA ASP T 107 -46.01 10.60 -62.27
C ASP T 107 -44.96 11.70 -62.36
N VAL T 108 -43.73 11.43 -61.93
CA VAL T 108 -42.64 12.38 -62.13
C VAL T 108 -41.40 11.61 -62.59
N TRP T 109 -40.83 12.01 -63.74
CA TRP T 109 -39.74 11.28 -64.39
C TRP T 109 -38.49 12.10 -64.75
N GLY T 110 -37.34 11.45 -64.67
CA GLY T 110 -36.11 12.09 -65.06
C GLY T 110 -35.95 11.85 -66.54
N GLN T 111 -34.80 12.22 -67.10
CA GLN T 111 -34.58 11.84 -68.49
C GLN T 111 -33.90 10.43 -68.65
N GLY T 112 -33.20 9.97 -67.61
CA GLY T 112 -32.70 8.61 -67.63
C GLY T 112 -31.19 8.55 -67.63
N THR T 113 -30.67 7.36 -67.38
CA THR T 113 -29.24 7.13 -67.50
C THR T 113 -28.98 5.70 -67.96
N THR T 114 -27.94 5.54 -68.75
CA THR T 114 -27.74 4.32 -69.52
C THR T 114 -26.77 3.41 -68.82
N VAL T 115 -27.12 2.14 -68.69
CA VAL T 115 -26.19 1.23 -68.07
C VAL T 115 -25.90 0.16 -69.05
N THR T 116 -24.64 0.03 -69.40
CA THR T 116 -24.17 -1.03 -70.29
C THR T 116 -23.26 -1.97 -69.55
N VAL T 117 -23.70 -3.21 -69.43
CA VAL T 117 -22.90 -4.26 -68.77
C VAL T 117 -22.12 -5.06 -69.83
N SER T 118 -20.84 -4.76 -70.00
CA SER T 118 -20.09 -5.36 -71.10
C SER T 118 -18.62 -5.57 -70.77
N SER T 119 -18.06 -6.64 -71.36
CA SER T 119 -16.67 -6.98 -71.10
C SER T 119 -15.80 -6.21 -72.07
N ALA T 120 -16.46 -5.45 -72.95
CA ALA T 120 -15.77 -4.60 -73.93
C ALA T 120 -15.30 -3.31 -73.28
N SER T 121 -14.23 -2.76 -73.83
CA SER T 121 -13.63 -1.53 -73.33
C SER T 121 -14.43 -0.36 -73.84
N THR T 122 -14.42 0.74 -73.09
CA THR T 122 -14.99 1.95 -73.62
C THR T 122 -14.22 2.30 -74.88
N LYS T 123 -14.92 2.81 -75.87
CA LYS T 123 -14.22 3.52 -76.90
C LYS T 123 -14.87 4.88 -77.11
N GLY T 124 -14.02 5.87 -77.32
CA GLY T 124 -14.46 7.25 -77.62
C GLY T 124 -14.43 7.54 -79.11
N PRO T 125 -15.41 8.34 -79.57
CA PRO T 125 -15.58 8.54 -81.01
C PRO T 125 -14.58 9.53 -81.60
N SER T 126 -14.43 9.46 -82.90
CA SER T 126 -13.81 10.55 -83.66
C SER T 126 -14.89 11.55 -84.09
N VAL T 127 -14.60 12.82 -84.04
CA VAL T 127 -15.55 13.79 -84.52
C VAL T 127 -15.01 14.42 -85.77
N PHE T 128 -15.73 14.22 -86.85
CA PHE T 128 -15.41 14.92 -88.07
C PHE T 128 -16.42 15.98 -88.46
N PRO T 129 -16.00 16.97 -89.24
CA PRO T 129 -17.00 17.93 -89.71
C PRO T 129 -17.55 17.55 -91.08
N LEU T 130 -18.87 17.53 -91.17
CA LEU T 130 -19.56 17.46 -92.45
C LEU T 130 -19.70 18.88 -92.99
N ALA T 131 -18.74 19.24 -93.87
CA ALA T 131 -18.68 20.53 -94.57
C ALA T 131 -19.89 20.75 -95.45
N PRO T 132 -20.57 21.89 -95.25
CA PRO T 132 -21.81 22.35 -95.88
C PRO T 132 -21.65 22.52 -97.38
N SER T 133 -22.58 21.93 -98.15
CA SER T 133 -22.54 21.82 -99.65
C SER T 133 -22.44 23.14 -100.46
N SER T 134 -22.68 22.99 -101.77
CA SER T 134 -22.88 24.13 -102.68
C SER T 134 -23.84 23.89 -103.91
N LYS T 135 -24.64 22.79 -103.85
CA LYS T 135 -25.65 22.48 -104.94
C LYS T 135 -27.12 22.89 -104.54
N SER T 136 -27.62 22.26 -103.45
CA SER T 136 -28.79 22.74 -102.64
C SER T 136 -28.87 24.31 -102.45
N THR T 137 -27.75 24.98 -102.88
CA THR T 137 -27.59 26.42 -103.20
C THR T 137 -28.73 26.76 -104.17
N SER T 138 -29.78 25.93 -104.15
CA SER T 138 -31.08 26.26 -104.76
C SER T 138 -32.13 26.60 -103.71
N GLY T 139 -33.31 25.93 -103.66
CA GLY T 139 -34.33 26.27 -102.63
C GLY T 139 -33.59 26.60 -101.31
N GLY T 140 -33.48 27.91 -100.98
CA GLY T 140 -32.29 28.58 -100.35
C GLY T 140 -31.53 28.15 -99.09
N THR T 141 -31.39 26.84 -98.90
CA THR T 141 -30.99 26.29 -97.61
C THR T 141 -29.68 25.52 -97.73
N ALA T 142 -28.86 25.55 -96.68
CA ALA T 142 -27.61 24.77 -96.64
C ALA T 142 -27.68 23.75 -95.51
N ALA T 143 -27.15 22.53 -95.72
CA ALA T 143 -27.10 21.50 -94.64
C ALA T 143 -25.68 21.23 -94.23
N LEU T 144 -25.40 21.26 -92.94
CA LEU T 144 -24.03 21.09 -92.43
C LEU T 144 -24.04 20.17 -91.21
N GLY T 145 -22.89 19.62 -90.83
CA GLY T 145 -22.96 18.63 -89.76
C GLY T 145 -21.75 18.16 -89.01
N CYS T 146 -22.00 17.20 -88.12
CA CYS T 146 -20.99 16.55 -87.27
C CYS T 146 -21.08 15.08 -87.45
N LEU T 147 -20.00 14.44 -87.88
CA LEU T 147 -19.95 12.98 -87.83
C LEU T 147 -19.28 12.51 -86.54
N VAL T 148 -19.95 11.62 -85.82
CA VAL T 148 -19.46 11.09 -84.55
C VAL T 148 -19.20 9.58 -84.68
N LYS T 149 -17.94 9.28 -85.01
CA LYS T 149 -17.51 8.03 -85.63
C LYS T 149 -16.91 7.09 -84.62
N ASP T 150 -17.51 5.89 -84.49
CA ASP T 150 -16.89 4.75 -83.81
C ASP T 150 -16.72 4.96 -82.29
N TYR T 151 -17.74 4.61 -81.52
CA TYR T 151 -17.67 4.74 -80.06
C TYR T 151 -18.49 3.66 -79.34
N PHE T 152 -18.20 3.52 -78.04
CA PHE T 152 -18.83 2.56 -77.17
C PHE T 152 -18.73 2.92 -75.68
N PRO T 153 -19.84 2.73 -74.94
CA PRO T 153 -21.15 2.45 -75.55
C PRO T 153 -21.94 3.75 -75.75
N GLU T 154 -23.25 3.60 -75.96
CA GLU T 154 -24.17 4.70 -76.00
C GLU T 154 -24.21 5.19 -74.58
N PRO T 155 -24.73 6.43 -74.35
CA PRO T 155 -25.17 7.35 -75.39
C PRO T 155 -24.05 8.35 -75.70
N VAL T 156 -24.27 9.15 -76.75
CA VAL T 156 -23.46 10.35 -77.03
C VAL T 156 -24.28 11.64 -76.81
N THR T 157 -23.57 12.76 -76.63
CA THR T 157 -24.20 14.08 -76.48
C THR T 157 -23.71 15.14 -77.45
N VAL T 158 -24.61 15.56 -78.32
CA VAL T 158 -24.31 16.57 -79.30
C VAL T 158 -25.28 17.74 -79.12
N SER T 159 -24.70 18.92 -78.98
CA SER T 159 -25.42 20.17 -78.96
C SER T 159 -24.58 21.05 -79.83
N TRP T 160 -25.18 22.11 -80.35
CA TRP T 160 -24.46 23.06 -81.24
C TRP T 160 -24.28 24.48 -80.69
N ASN T 161 -23.13 25.07 -80.97
CA ASN T 161 -22.84 26.45 -80.53
C ASN T 161 -23.02 26.55 -79.04
N SER T 162 -22.22 25.74 -78.36
CA SER T 162 -22.54 25.15 -77.05
C SER T 162 -23.98 25.35 -76.59
N GLY T 163 -24.94 24.74 -77.29
CA GLY T 163 -26.32 24.75 -76.85
C GLY T 163 -27.10 25.98 -77.28
N ALA T 164 -26.41 27.03 -77.74
CA ALA T 164 -27.09 28.23 -78.27
C ALA T 164 -27.95 28.00 -79.55
N LEU T 165 -27.68 26.92 -80.30
CA LEU T 165 -28.51 26.56 -81.46
C LEU T 165 -29.42 25.40 -81.14
N THR T 166 -30.66 25.49 -81.60
CA THR T 166 -31.69 24.50 -81.30
C THR T 166 -32.53 24.38 -82.54
N SER T 167 -32.47 25.42 -83.36
CA SER T 167 -33.37 25.62 -84.50
C SER T 167 -32.97 24.88 -85.79
N GLY T 168 -33.73 23.85 -86.15
CA GLY T 168 -33.44 23.04 -87.35
C GLY T 168 -32.33 21.98 -87.23
N VAL T 169 -31.89 21.70 -86.00
CA VAL T 169 -30.95 20.62 -85.69
C VAL T 169 -31.65 19.27 -85.70
N HIS T 170 -31.08 18.33 -86.43
CA HIS T 170 -31.47 16.95 -86.37
C HIS T 170 -30.25 16.14 -85.93
N THR T 171 -30.39 15.40 -84.82
CA THR T 171 -29.35 14.49 -84.36
C THR T 171 -29.87 13.08 -84.65
N PHE T 172 -29.15 12.30 -85.41
CA PHE T 172 -29.76 11.07 -85.87
C PHE T 172 -29.59 9.92 -84.88
N PRO T 173 -30.57 9.04 -84.79
CA PRO T 173 -30.38 7.81 -84.07
C PRO T 173 -29.08 7.18 -84.52
N ALA T 174 -28.34 6.51 -83.64
CA ALA T 174 -27.04 5.92 -84.00
C ALA T 174 -27.18 4.64 -84.77
N VAL T 175 -26.18 4.30 -85.55
CA VAL T 175 -26.14 2.95 -86.11
C VAL T 175 -25.14 2.09 -85.34
N LEU T 176 -25.46 0.81 -85.26
CA LEU T 176 -24.57 -0.15 -84.61
C LEU T 176 -23.89 -0.94 -85.69
N GLN T 177 -22.66 -0.54 -86.01
CA GLN T 177 -21.84 -1.24 -87.00
C GLN T 177 -21.60 -2.70 -86.56
N SER T 178 -21.10 -3.53 -87.47
CA SER T 178 -20.74 -4.91 -87.14
C SER T 178 -19.57 -5.08 -86.15
N SER T 179 -18.73 -4.06 -86.09
CA SER T 179 -17.59 -4.05 -85.19
C SER T 179 -18.04 -3.98 -83.75
N GLY T 180 -19.35 -3.87 -83.52
CA GLY T 180 -19.85 -3.60 -82.19
C GLY T 180 -19.66 -2.16 -81.80
N LEU T 181 -19.28 -1.29 -82.73
CA LEU T 181 -19.20 0.15 -82.41
C LEU T 181 -20.31 1.03 -83.05
N TYR T 182 -20.68 2.09 -82.34
CA TYR T 182 -21.77 2.98 -82.71
C TYR T 182 -21.27 4.19 -83.47
N SER T 183 -22.09 4.73 -84.36
CA SER T 183 -21.86 6.11 -84.82
C SER T 183 -23.14 6.86 -85.17
N LEU T 184 -23.10 8.18 -85.07
CA LEU T 184 -24.25 8.98 -85.38
C LEU T 184 -23.82 10.26 -86.08
N SER T 185 -24.81 10.92 -86.65
CA SER T 185 -24.63 12.25 -87.19
C SER T 185 -25.71 13.23 -86.71
N SER T 186 -25.27 14.44 -86.42
CA SER T 186 -26.13 15.58 -86.14
C SER T 186 -25.96 16.53 -87.31
N VAL T 187 -27.08 17.01 -87.84
CA VAL T 187 -27.08 17.93 -88.97
C VAL T 187 -28.09 19.01 -88.78
N VAL T 188 -27.61 20.23 -88.80
CA VAL T 188 -28.53 21.35 -88.82
C VAL T 188 -28.68 21.92 -90.21
N THR T 189 -29.92 21.96 -90.68
CA THR T 189 -30.17 22.63 -91.92
C THR T 189 -30.48 24.09 -91.59
N VAL T 190 -29.82 25.01 -92.31
CA VAL T 190 -29.91 26.44 -92.02
C VAL T 190 -29.80 27.39 -93.24
N PRO T 191 -30.43 28.61 -93.17
CA PRO T 191 -30.25 29.66 -94.21
C PRO T 191 -28.86 29.66 -94.87
N SER T 192 -28.80 29.81 -96.19
CA SER T 192 -27.50 29.72 -96.89
C SER T 192 -26.70 30.96 -96.63
N SER T 193 -27.41 32.09 -96.65
CA SER T 193 -26.83 33.40 -96.44
C SER T 193 -26.02 33.48 -95.15
N SER T 194 -26.35 32.66 -94.16
CA SER T 194 -25.69 32.70 -92.88
C SER T 194 -24.34 31.93 -92.77
N LEU T 195 -23.96 31.27 -93.87
CA LEU T 195 -22.72 30.54 -93.91
C LEU T 195 -21.52 31.42 -93.76
N GLY T 196 -21.69 32.73 -93.94
CA GLY T 196 -20.59 33.69 -93.79
C GLY T 196 -20.88 34.82 -92.80
N THR T 197 -21.98 34.68 -92.07
CA THR T 197 -22.37 35.59 -91.01
C THR T 197 -22.54 34.85 -89.68
N GLN T 198 -22.81 33.55 -89.75
CA GLN T 198 -22.87 32.73 -88.56
C GLN T 198 -21.73 31.74 -88.57
N THR T 199 -21.24 31.37 -87.40
CA THR T 199 -20.12 30.41 -87.30
C THR T 199 -20.52 29.15 -86.50
N TYR T 200 -20.37 27.97 -87.08
CA TYR T 200 -21.13 26.76 -86.61
C TYR T 200 -20.31 25.65 -85.94
N ILE T 201 -20.23 25.63 -84.60
CA ILE T 201 -19.34 24.71 -83.88
C ILE T 201 -20.17 23.59 -83.28
N CYS T 202 -19.66 22.36 -83.27
CA CYS T 202 -20.43 21.34 -82.57
C CYS T 202 -19.72 20.75 -81.37
N ASN T 203 -20.52 20.46 -80.35
CA ASN T 203 -20.02 20.03 -79.05
C ASN T 203 -20.53 18.62 -78.80
N VAL T 204 -19.56 17.69 -78.89
CA VAL T 204 -19.79 16.26 -78.68
C VAL T 204 -19.21 15.91 -77.33
N ASN T 205 -20.06 15.36 -76.50
CA ASN T 205 -19.61 14.84 -75.23
C ASN T 205 -20.00 13.37 -75.13
N HIS T 206 -19.01 12.51 -74.89
CA HIS T 206 -19.20 11.06 -74.63
C HIS T 206 -18.47 10.83 -73.31
N LYS T 207 -19.26 10.64 -72.26
CA LYS T 207 -18.72 10.57 -70.88
C LYS T 207 -17.98 9.24 -70.60
N PRO T 208 -18.54 8.10 -71.01
CA PRO T 208 -17.84 6.88 -70.66
C PRO T 208 -16.38 6.79 -71.10
N SER T 209 -15.89 7.73 -71.91
CA SER T 209 -14.42 7.78 -72.19
C SER T 209 -13.83 9.13 -71.85
N ASN T 210 -14.72 9.99 -71.35
CA ASN T 210 -14.49 11.43 -71.11
C ASN T 210 -13.89 12.11 -72.35
N THR T 211 -14.62 12.00 -73.46
CA THR T 211 -14.34 12.76 -74.68
C THR T 211 -15.23 13.97 -74.59
N LYS T 212 -14.61 15.14 -74.74
CA LYS T 212 -15.32 16.42 -74.87
C LYS T 212 -14.60 17.03 -76.04
N VAL T 213 -15.12 16.76 -77.25
CA VAL T 213 -14.64 17.42 -78.46
C VAL T 213 -15.57 18.59 -78.78
N ASP T 214 -14.95 19.71 -79.17
CA ASP T 214 -15.60 20.79 -79.94
C ASP T 214 -15.05 20.83 -81.37
N LYS T 215 -15.94 20.76 -82.35
CA LYS T 215 -15.52 20.65 -83.74
C LYS T 215 -16.16 21.72 -84.58
N LYS T 216 -15.29 22.60 -85.12
CA LYS T 216 -15.65 23.70 -86.06
C LYS T 216 -16.16 23.19 -87.42
N VAL T 217 -17.37 23.62 -87.79
CA VAL T 217 -17.91 23.27 -89.10
C VAL T 217 -17.95 24.53 -89.94
N GLU T 218 -17.21 24.47 -91.03
CA GLU T 218 -17.10 25.63 -91.89
C GLU T 218 -17.03 25.19 -93.35
N PRO T 219 -17.52 26.05 -94.27
CA PRO T 219 -17.65 25.79 -95.71
C PRO T 219 -16.32 25.34 -96.35
N LYS T 220 -16.34 24.87 -97.59
CA LYS T 220 -15.12 24.32 -98.22
C LYS T 220 -14.82 24.99 -99.57
#